data_1ZM4
#
_entry.id   1ZM4
#
_cell.length_a   326.950
_cell.length_b   68.580
_cell.length_c   190.200
_cell.angle_alpha   90.00
_cell.angle_beta   103.42
_cell.angle_gamma   90.00
#
_symmetry.space_group_name_H-M   'C 1 2 1'
#
loop_
_entity.id
_entity.type
_entity.pdbx_description
1 polymer 'Elongation factor 2'
2 polymer 'exotoxin A'
3 non-polymer 'BETA-METHYLENE-THIAZOLE-4-CARBOXYAMIDE-ADENINE DINUCLEOTIDE'
#
loop_
_entity_poly.entity_id
_entity_poly.type
_entity_poly.pdbx_seq_one_letter_code
_entity_poly.pdbx_strand_id
1 'polypeptide(L)'
;MVAFTVDQMRSLMDKVTNVRNMSVIAHVDHGKSTLTDSLVQRAGIISAAKAGEARFTDTRKDEQERGITIKSTAISLYSE
MSDEDVKEIKQKTDGNSFLINLIDSPGHVDFSSEVTAALRVTDGALVVVDTIEGVCVQTETVLRQALGERIKPVVVINKV
DRALLELQVSKEDLYQTFARTVESVNVIVSTYADEVLGDVQVYPARGTVAFGSGLHGWAFTIRQFATRYAKKFGVDKAKM
MDRLWGDSFFNPKTKKWTNKDTDAEGKPLERAFNMFILDPIFRLFTAIMNFKKDEIPVLLEKLEIVLKGDEKDLEGKALL
KVVMRKFLPAADALLEMIVLHLPSPVTAQAYRAEQLYEGPADDANCIAIKNCDPKADLMLYVSKMVPTSDKGRFYAFGRV
FAGTVKSGQKVRIQGPNYVPGKKDDLFIKAIQRVVLMMGRFVEPIDDCPAGNIIGLVGIDQFLLKTGTLTTSETAHNMKV
MKFSVSPVVQVAVEVKNANDLPKLVEGLKRLSKSDPCVLTYMSESGEHIVAGTGELHLEICLQDLEHDHAGVPLKISPPV
VAYRETVESESSQTALSKSPNKHNRIYLKAEPIDEEVSLAIENGIINPRDDFKARARIMADDYGWDVTDARKIWCFGPDG
NGPNLVIDQTKAVQYLHEIKDSVVAAFQWATKEGPIFGEEMRSVRVNILDVTLHADAI(DDE)RGGGQIIPTMRRATYAG
FLLADPKIQEPVFLVEIQCPEQAVGGIYSVLNKKRGQVVSEEQRPGTPLFTVKAYLPVNESFGFTGELRQATGGQAFPQM
VFDHWSTLGSDPLDPTSKAGEIVLAARKRHGMKEEVPGWQEYYDKL
;
A,C,E
2 'polypeptide(L)'
;EFLGDGGDVSFSTRGTQNWTVERLLQAHRQLEERGYVFVGYHGTFLEAAQSIVFGGVRARSQDLDAIWRGFYIAGDPALA
YGYAQDQEPDARGRIRNGALLRVYVPRSSLPGFYRTSLTLAAPEAAGEVERLIGHPLPLRLDAITGPEEEGGRLETILGW
PLAERTVVIPSAIPTDPRNVGGDLDPSSIPDKEQAISALPDYASQPG
;
B,D,F
#
loop_
_chem_comp.id
_chem_comp.type
_chem_comp.name
_chem_comp.formula
TAD non-polymer 'BETA-METHYLENE-THIAZOLE-4-CARBOXYAMIDE-ADENINE DINUCLEOTIDE' 'C20 H27 N7 O13 P2 S'
#
# COMPACT_ATOMS: atom_id res chain seq x y z
N VAL A 2 -2.78 29.17 -18.83
CA VAL A 2 -2.71 29.34 -20.30
C VAL A 2 -2.48 27.99 -20.95
N ALA A 3 -2.78 27.88 -22.24
CA ALA A 3 -2.60 26.63 -22.97
C ALA A 3 -1.26 26.67 -23.70
N PHE A 4 -0.67 25.51 -23.90
CA PHE A 4 0.61 25.39 -24.60
C PHE A 4 0.72 24.11 -25.44
N THR A 5 1.53 24.19 -26.49
CA THR A 5 1.77 23.05 -27.38
C THR A 5 2.98 22.27 -26.85
N VAL A 6 3.09 20.99 -27.21
CA VAL A 6 4.20 20.18 -26.75
C VAL A 6 5.55 20.86 -27.04
N ASP A 7 5.60 21.63 -28.13
CA ASP A 7 6.83 22.34 -28.51
C ASP A 7 7.18 23.40 -27.48
N GLN A 8 6.17 24.20 -27.13
CA GLN A 8 6.34 25.27 -26.15
C GLN A 8 6.86 24.73 -24.82
N MET A 9 6.19 23.70 -24.30
CA MET A 9 6.61 23.07 -23.05
C MET A 9 8.04 22.53 -23.18
N ARG A 10 8.30 21.77 -24.24
CA ARG A 10 9.63 21.20 -24.43
C ARG A 10 10.67 22.32 -24.48
N SER A 11 10.38 23.35 -25.28
CA SER A 11 11.28 24.50 -25.44
C SER A 11 11.48 25.19 -24.10
N LEU A 12 10.38 25.36 -23.38
CA LEU A 12 10.40 25.97 -22.07
C LEU A 12 11.20 25.09 -21.10
N MET A 13 11.10 23.77 -21.28
CA MET A 13 11.78 22.80 -20.44
C MET A 13 13.27 22.74 -20.70
N ASP A 14 13.70 23.29 -21.84
CA ASP A 14 15.11 23.32 -22.19
C ASP A 14 15.83 24.39 -21.41
N LYS A 15 15.13 25.48 -21.11
CA LYS A 15 15.71 26.58 -20.35
C LYS A 15 15.54 26.31 -18.85
N VAL A 16 16.25 25.29 -18.39
CA VAL A 16 16.21 24.87 -16.99
C VAL A 16 16.45 26.03 -16.04
N THR A 17 17.41 26.89 -16.39
CA THR A 17 17.72 28.06 -15.57
C THR A 17 16.44 28.85 -15.24
N ASN A 18 15.38 28.60 -16.02
CA ASN A 18 14.11 29.29 -15.82
C ASN A 18 12.98 28.40 -15.33
N VAL A 19 13.36 27.32 -14.66
CA VAL A 19 12.41 26.37 -14.11
C VAL A 19 12.50 26.43 -12.58
N ARG A 20 11.40 26.12 -11.92
CA ARG A 20 11.38 26.13 -10.48
C ARG A 20 10.69 24.88 -9.94
N ASN A 21 11.45 23.96 -9.37
CA ASN A 21 10.88 22.76 -8.80
C ASN A 21 10.61 23.01 -7.34
N MET A 22 9.34 23.22 -6.99
CA MET A 22 8.99 23.48 -5.60
C MET A 22 7.75 22.76 -5.06
N SER A 23 7.63 22.77 -3.75
CA SER A 23 6.50 22.14 -3.07
C SER A 23 5.91 23.18 -2.13
N VAL A 24 4.74 22.91 -1.56
CA VAL A 24 4.17 23.87 -0.62
C VAL A 24 4.02 23.28 0.78
N ILE A 25 4.91 23.71 1.67
CA ILE A 25 4.87 23.23 3.04
C ILE A 25 3.84 23.98 3.87
N ALA A 26 2.67 23.38 4.08
CA ALA A 26 1.64 24.04 4.86
C ALA A 26 0.66 23.07 5.51
N HIS A 27 0.20 23.42 6.70
CA HIS A 27 -0.78 22.61 7.42
C HIS A 27 -2.04 22.73 6.57
N VAL A 28 -2.86 21.68 6.53
CA VAL A 28 -4.09 21.74 5.73
C VAL A 28 -5.07 22.84 6.19
N ASP A 29 -5.11 23.08 7.50
CA ASP A 29 -5.99 24.09 8.08
C ASP A 29 -5.46 25.51 7.98
N HIS A 30 -4.47 25.72 7.11
CA HIS A 30 -3.89 27.03 6.90
C HIS A 30 -3.99 27.40 5.42
N GLY A 31 -5.07 26.97 4.79
CA GLY A 31 -5.28 27.28 3.39
C GLY A 31 -4.22 26.78 2.40
N LYS A 32 -3.48 25.74 2.77
CA LYS A 32 -2.49 25.21 1.84
C LYS A 32 -3.17 25.01 0.50
N SER A 33 -4.34 24.37 0.57
CA SER A 33 -5.17 24.07 -0.59
C SER A 33 -5.62 25.32 -1.35
N THR A 34 -6.19 26.27 -0.59
CA THR A 34 -6.67 27.53 -1.16
C THR A 34 -5.59 28.35 -1.84
N LEU A 35 -4.41 28.48 -1.22
CA LEU A 35 -3.34 29.25 -1.86
C LEU A 35 -2.84 28.54 -3.12
N THR A 36 -2.55 27.25 -3.03
CA THR A 36 -2.09 26.47 -4.19
C THR A 36 -3.07 26.60 -5.36
N ASP A 37 -4.37 26.55 -5.05
CA ASP A 37 -5.40 26.69 -6.08
C ASP A 37 -5.16 27.98 -6.84
N SER A 38 -5.11 29.07 -6.09
CA SER A 38 -4.91 30.40 -6.65
C SER A 38 -3.80 30.42 -7.71
N LEU A 39 -2.69 29.73 -7.46
CA LEU A 39 -1.62 29.75 -8.46
C LEU A 39 -2.09 29.00 -9.71
N VAL A 40 -2.88 27.96 -9.50
CA VAL A 40 -3.38 27.15 -10.60
C VAL A 40 -4.35 28.00 -11.43
N GLN A 41 -5.26 28.67 -10.73
CA GLN A 41 -6.26 29.52 -11.36
C GLN A 41 -5.61 30.74 -11.98
N ARG A 42 -4.31 30.92 -11.74
CA ARG A 42 -3.57 32.05 -12.27
C ARG A 42 -2.56 31.66 -13.32
N ALA A 43 -1.60 30.83 -12.92
CA ALA A 43 -0.54 30.41 -13.84
C ALA A 43 -0.57 28.93 -14.23
N GLY A 44 -1.71 28.28 -14.00
CA GLY A 44 -1.81 26.87 -14.35
C GLY A 44 -1.66 26.60 -15.85
N ILE A 45 -0.78 25.66 -16.21
CA ILE A 45 -0.56 25.31 -17.62
C ILE A 45 -1.52 24.22 -18.09
N ILE A 46 -2.08 24.43 -19.27
CA ILE A 46 -3.01 23.48 -19.87
C ILE A 46 -2.48 23.17 -21.28
N SER A 47 -2.70 21.97 -21.80
CA SER A 47 -2.20 21.67 -23.14
C SER A 47 -3.12 22.21 -24.22
N ALA A 48 -2.53 22.51 -25.37
CA ALA A 48 -3.28 23.03 -26.51
C ALA A 48 -3.95 21.87 -27.25
N GLY A 67 -6.72 10.16 -23.95
CA GLY A 67 -7.81 9.98 -23.01
C GLY A 67 -7.34 9.26 -21.75
N ILE A 68 -6.05 9.36 -21.46
CA ILE A 68 -5.51 8.71 -20.27
C ILE A 68 -5.33 9.70 -19.13
N THR A 69 -6.11 9.54 -18.07
CA THR A 69 -5.99 10.43 -16.92
C THR A 69 -5.15 9.80 -15.81
N ILE A 70 -4.55 10.63 -14.97
CA ILE A 70 -3.71 10.16 -13.88
C ILE A 70 -4.07 10.86 -12.60
N LYS A 71 -3.52 10.36 -11.50
CA LYS A 71 -3.74 10.95 -10.19
C LYS A 71 -2.80 12.15 -10.18
N SER A 72 -3.37 13.33 -9.96
CA SER A 72 -2.57 14.55 -9.95
C SER A 72 -1.42 14.52 -8.94
N THR A 73 -0.20 14.58 -9.45
CA THR A 73 0.99 14.55 -8.59
C THR A 73 1.77 15.86 -8.70
N ALA A 74 1.51 16.64 -9.74
CA ALA A 74 2.22 17.89 -9.89
C ALA A 74 1.47 18.81 -10.84
N ILE A 75 1.75 20.10 -10.73
CA ILE A 75 1.11 21.10 -11.56
C ILE A 75 2.15 21.99 -12.20
N SER A 76 1.97 22.26 -13.48
CA SER A 76 2.88 23.11 -14.22
C SER A 76 2.36 24.54 -14.17
N LEU A 77 3.23 25.46 -13.79
CA LEU A 77 2.89 26.88 -13.69
C LEU A 77 3.79 27.81 -14.50
N TYR A 78 3.18 28.63 -15.35
CA TYR A 78 3.94 29.58 -16.18
C TYR A 78 3.90 30.99 -15.61
N SER A 79 5.03 31.70 -15.69
CA SER A 79 5.10 33.08 -15.20
C SER A 79 6.12 33.88 -16.01
N GLU A 80 5.71 35.09 -16.43
CA GLU A 80 6.60 35.96 -17.18
C GLU A 80 6.92 37.21 -16.36
N MET A 81 8.13 37.73 -16.48
CA MET A 81 8.53 38.91 -15.73
C MET A 81 9.23 39.96 -16.59
N SER A 82 9.24 41.21 -16.12
CA SER A 82 9.87 42.32 -16.83
C SER A 82 11.40 42.14 -16.84
N ASP A 83 12.02 42.52 -17.96
CA ASP A 83 13.46 42.41 -18.13
C ASP A 83 14.22 42.99 -16.95
N GLU A 84 13.61 43.96 -16.27
CA GLU A 84 14.24 44.60 -15.12
C GLU A 84 14.25 43.61 -13.97
N ASP A 85 13.16 42.87 -13.85
CA ASP A 85 12.99 41.87 -12.79
C ASP A 85 13.98 40.71 -12.94
N VAL A 86 14.08 40.18 -14.15
CA VAL A 86 15.00 39.06 -14.42
C VAL A 86 16.41 39.38 -13.96
N LYS A 87 16.68 40.67 -13.75
CA LYS A 87 17.99 41.12 -13.30
C LYS A 87 18.12 41.00 -11.80
N GLU A 88 16.99 41.09 -11.10
CA GLU A 88 17.00 41.00 -9.64
C GLU A 88 17.29 39.56 -9.20
N ILE A 89 17.30 38.65 -10.16
CA ILE A 89 17.55 37.25 -9.84
C ILE A 89 19.03 36.94 -9.65
N LYS A 90 19.42 36.69 -8.41
CA LYS A 90 20.80 36.37 -8.07
C LYS A 90 21.17 34.92 -8.39
N GLN A 91 20.94 34.55 -9.64
CA GLN A 91 21.26 33.21 -10.14
C GLN A 91 21.02 33.24 -11.64
N LYS A 92 21.95 32.65 -12.38
CA LYS A 92 21.87 32.62 -13.84
C LYS A 92 20.46 32.33 -14.36
N THR A 93 20.02 33.14 -15.32
CA THR A 93 18.71 32.95 -15.95
C THR A 93 18.85 33.23 -17.45
N ASP A 94 17.75 33.05 -18.18
CA ASP A 94 17.73 33.27 -19.63
C ASP A 94 16.32 33.42 -20.15
N GLY A 95 15.92 34.65 -20.41
CA GLY A 95 14.58 34.89 -20.91
C GLY A 95 13.71 35.35 -19.77
N ASN A 96 12.53 35.85 -20.11
CA ASN A 96 11.60 36.35 -19.12
C ASN A 96 10.53 35.32 -18.75
N SER A 97 10.60 34.14 -19.37
CA SER A 97 9.64 33.08 -19.09
C SER A 97 10.14 32.13 -18.01
N PHE A 98 9.21 31.62 -17.20
CA PHE A 98 9.55 30.70 -16.12
C PHE A 98 8.55 29.56 -15.92
N LEU A 99 9.08 28.34 -15.87
CA LEU A 99 8.28 27.14 -15.68
C LEU A 99 8.38 26.74 -14.21
N ILE A 100 7.22 26.65 -13.57
CA ILE A 100 7.14 26.30 -12.15
C ILE A 100 6.47 24.94 -11.93
N ASN A 101 7.20 24.02 -11.31
CA ASN A 101 6.64 22.69 -11.04
C ASN A 101 6.17 22.62 -9.60
N LEU A 102 4.85 22.73 -9.42
CA LEU A 102 4.28 22.65 -8.09
C LEU A 102 4.06 21.19 -7.77
N ILE A 103 5.00 20.61 -7.03
CA ILE A 103 4.91 19.21 -6.67
C ILE A 103 4.04 19.01 -5.44
N ASP A 104 2.97 18.25 -5.63
CA ASP A 104 2.01 17.96 -4.59
C ASP A 104 2.61 17.33 -3.31
N SER A 105 1.95 17.59 -2.18
CA SER A 105 2.42 17.10 -0.88
C SER A 105 1.30 16.39 -0.12
N PRO A 106 1.66 15.72 0.98
CA PRO A 106 0.68 15.02 1.80
C PRO A 106 -0.18 16.02 2.57
N GLY A 107 -1.26 15.53 3.19
CA GLY A 107 -2.14 16.39 3.95
C GLY A 107 -1.72 16.46 5.41
N HIS A 108 -1.40 15.31 5.99
CA HIS A 108 -0.95 15.26 7.37
C HIS A 108 0.54 15.02 7.28
N VAL A 109 1.17 14.69 8.39
CA VAL A 109 2.60 14.44 8.36
C VAL A 109 2.91 12.98 8.46
N ASP A 110 2.01 12.26 9.11
CA ASP A 110 2.21 10.84 9.29
C ASP A 110 2.69 10.18 7.99
N PHE A 111 2.31 10.76 6.85
CA PHE A 111 2.71 10.21 5.56
C PHE A 111 4.21 10.34 5.30
N SER A 112 4.96 10.49 6.38
CA SER A 112 6.42 10.62 6.41
C SER A 112 7.14 10.26 5.12
N SER A 113 7.13 8.96 4.82
CA SER A 113 7.79 8.41 3.64
C SER A 113 7.52 9.21 2.36
N GLU A 114 6.27 9.57 2.13
CA GLU A 114 5.92 10.31 0.92
C GLU A 114 6.08 11.82 1.02
N VAL A 115 6.36 12.31 2.22
CA VAL A 115 6.60 13.72 2.44
C VAL A 115 8.01 13.86 1.87
N THR A 116 8.92 13.08 2.44
CA THR A 116 10.31 13.07 2.01
C THR A 116 10.38 12.97 0.48
N ALA A 117 9.49 12.16 -0.07
CA ALA A 117 9.44 11.93 -1.50
C ALA A 117 9.28 13.20 -2.31
N ALA A 118 8.25 13.98 -1.99
CA ALA A 118 7.98 15.22 -2.69
C ALA A 118 9.16 16.16 -2.53
N LEU A 119 9.61 16.31 -1.29
CA LEU A 119 10.73 17.19 -1.00
C LEU A 119 11.96 16.80 -1.80
N ARG A 120 12.28 15.51 -1.78
CA ARG A 120 13.45 15.03 -2.49
C ARG A 120 13.56 15.49 -3.93
N VAL A 121 12.44 15.75 -4.58
CA VAL A 121 12.52 16.21 -5.97
C VAL A 121 12.33 17.72 -6.12
N THR A 122 12.20 18.44 -5.01
CA THR A 122 12.05 19.90 -5.07
C THR A 122 13.31 20.63 -4.59
N ASP A 123 13.51 21.86 -5.06
CA ASP A 123 14.66 22.67 -4.69
C ASP A 123 14.18 23.85 -3.85
N GLY A 124 12.96 24.31 -4.16
CA GLY A 124 12.39 25.43 -3.44
C GLY A 124 11.18 24.97 -2.65
N ALA A 125 10.73 25.80 -1.72
CA ALA A 125 9.59 25.46 -0.91
C ALA A 125 8.85 26.68 -0.39
N LEU A 126 7.59 26.85 -0.80
CA LEU A 126 6.76 27.96 -0.34
C LEU A 126 6.13 27.56 1.00
N VAL A 127 6.70 28.04 2.11
CA VAL A 127 6.17 27.70 3.42
C VAL A 127 5.04 28.62 3.88
N VAL A 128 3.88 28.05 4.18
CA VAL A 128 2.75 28.83 4.65
C VAL A 128 2.62 28.78 6.18
N VAL A 129 2.55 29.97 6.76
CA VAL A 129 2.42 30.15 8.21
C VAL A 129 1.17 30.98 8.46
N ASP A 130 0.62 30.86 9.66
CA ASP A 130 -0.59 31.58 10.03
C ASP A 130 -0.31 32.87 10.79
N THR A 131 -1.12 33.90 10.56
CA THR A 131 -0.93 35.19 11.24
C THR A 131 -1.11 35.08 12.75
N ILE A 132 -2.25 34.53 13.14
CA ILE A 132 -2.58 34.35 14.54
C ILE A 132 -1.70 33.30 15.21
N GLU A 133 -1.82 32.06 14.75
CA GLU A 133 -1.09 30.94 15.31
C GLU A 133 0.39 30.85 14.97
N GLY A 134 0.83 31.61 13.98
CA GLY A 134 2.23 31.58 13.59
C GLY A 134 2.64 30.25 12.97
N VAL A 135 3.80 29.73 13.36
CA VAL A 135 4.27 28.45 12.83
C VAL A 135 3.79 27.33 13.74
N CYS A 136 3.08 26.36 13.18
CA CYS A 136 2.57 25.24 13.98
C CYS A 136 3.59 24.10 14.02
N VAL A 137 3.53 23.32 15.09
CA VAL A 137 4.47 22.21 15.30
C VAL A 137 4.73 21.37 14.07
N GLN A 138 3.65 21.03 13.37
CA GLN A 138 3.75 20.24 12.17
C GLN A 138 4.58 20.93 11.09
N THR A 139 4.12 22.09 10.61
CA THR A 139 4.86 22.80 9.55
C THR A 139 6.33 22.97 9.94
N GLU A 140 6.56 23.14 11.24
CA GLU A 140 7.91 23.31 11.75
C GLU A 140 8.77 22.10 11.43
N THR A 141 8.19 20.90 11.62
CA THR A 141 8.89 19.65 11.37
C THR A 141 9.18 19.44 9.90
N VAL A 142 8.15 19.53 9.07
CA VAL A 142 8.36 19.37 7.65
C VAL A 142 9.51 20.29 7.19
N LEU A 143 9.49 21.53 7.68
CA LEU A 143 10.53 22.48 7.31
C LEU A 143 11.89 21.93 7.68
N ARG A 144 12.01 21.35 8.87
CA ARG A 144 13.30 20.76 9.27
C ARG A 144 13.76 19.81 8.16
N GLN A 145 12.83 18.95 7.75
CA GLN A 145 13.05 17.97 6.70
C GLN A 145 13.43 18.63 5.39
N ALA A 146 12.69 19.66 5.01
CA ALA A 146 12.98 20.37 3.78
C ALA A 146 14.39 20.95 3.88
N LEU A 147 14.75 21.48 5.04
CA LEU A 147 16.07 22.06 5.20
C LEU A 147 17.15 20.99 5.11
N GLY A 148 16.83 19.80 5.62
CA GLY A 148 17.78 18.72 5.57
C GLY A 148 18.02 18.26 4.15
N GLU A 149 17.13 18.65 3.23
CA GLU A 149 17.26 18.29 1.81
C GLU A 149 17.89 19.49 1.09
N ARG A 150 18.17 20.53 1.87
CA ARG A 150 18.75 21.77 1.36
C ARG A 150 17.77 22.48 0.44
N ILE A 151 16.52 22.53 0.88
CA ILE A 151 15.46 23.21 0.16
C ILE A 151 15.47 24.65 0.67
N LYS A 152 15.42 25.61 -0.23
CA LYS A 152 15.39 27.01 0.17
C LYS A 152 13.96 27.39 0.46
N PRO A 153 13.70 28.06 1.58
CA PRO A 153 12.32 28.43 1.88
C PRO A 153 11.97 29.87 1.47
N VAL A 154 10.68 30.10 1.36
CA VAL A 154 10.11 31.39 1.00
C VAL A 154 8.82 31.35 1.85
N VAL A 155 8.60 32.35 2.70
CA VAL A 155 7.42 32.35 3.56
C VAL A 155 6.25 33.21 3.09
N VAL A 156 5.07 32.89 3.62
CA VAL A 156 3.83 33.58 3.31
C VAL A 156 3.00 33.48 4.57
N ILE A 157 2.67 34.63 5.15
CA ILE A 157 1.87 34.65 6.35
C ILE A 157 0.44 34.77 5.83
N ASN A 158 -0.29 33.68 6.00
CA ASN A 158 -1.66 33.57 5.52
C ASN A 158 -2.69 33.87 6.59
N LYS A 159 -3.95 33.92 6.18
CA LYS A 159 -5.04 34.19 7.10
C LYS A 159 -4.85 35.49 7.85
N VAL A 160 -4.55 36.57 7.14
CA VAL A 160 -4.36 37.86 7.76
C VAL A 160 -5.72 38.45 8.07
N ASP A 161 -6.67 38.24 7.18
CA ASP A 161 -8.03 38.72 7.35
C ASP A 161 -8.56 38.36 8.72
N ARG A 162 -8.30 37.14 9.18
CA ARG A 162 -8.76 36.71 10.48
C ARG A 162 -8.29 37.67 11.56
N ALA A 163 -7.12 38.24 11.38
CA ALA A 163 -6.56 39.18 12.34
C ALA A 163 -7.34 40.49 12.35
N LEU A 164 -7.72 40.98 11.18
CA LEU A 164 -8.45 42.23 11.10
C LEU A 164 -9.90 42.12 11.52
N LEU A 165 -10.63 41.25 10.83
CA LEU A 165 -12.04 41.03 11.10
C LEU A 165 -12.33 40.54 12.52
N GLU A 166 -11.63 39.49 12.94
CA GLU A 166 -11.83 38.90 14.26
C GLU A 166 -11.21 39.67 15.41
N LEU A 167 -9.88 39.70 15.45
CA LEU A 167 -9.17 40.39 16.51
C LEU A 167 -9.24 41.90 16.46
N GLN A 168 -9.54 42.44 15.28
CA GLN A 168 -9.61 43.89 15.08
C GLN A 168 -8.33 44.48 15.69
N VAL A 169 -7.21 43.98 15.22
CA VAL A 169 -5.91 44.38 15.71
C VAL A 169 -5.40 45.69 15.06
N SER A 170 -4.56 46.42 15.78
CA SER A 170 -3.99 47.68 15.29
C SER A 170 -2.93 47.42 14.23
N LYS A 171 -2.59 48.45 13.47
CA LYS A 171 -1.58 48.27 12.43
C LYS A 171 -0.28 47.81 13.08
N GLU A 172 0.09 48.42 14.20
CA GLU A 172 1.34 48.07 14.87
C GLU A 172 1.31 46.70 15.54
N ASP A 173 0.18 46.31 16.11
CA ASP A 173 0.10 45.00 16.75
C ASP A 173 0.26 43.91 15.70
N LEU A 174 -0.32 44.15 14.53
CA LEU A 174 -0.26 43.20 13.41
C LEU A 174 1.15 43.11 12.89
N TYR A 175 1.84 44.25 12.85
CA TYR A 175 3.22 44.32 12.38
C TYR A 175 4.12 43.56 13.33
N GLN A 176 3.92 43.78 14.63
CA GLN A 176 4.71 43.09 15.63
C GLN A 176 4.53 41.58 15.51
N THR A 177 3.31 41.16 15.19
CA THR A 177 3.02 39.74 15.03
C THR A 177 3.82 39.19 13.87
N PHE A 178 3.69 39.79 12.69
CA PHE A 178 4.44 39.31 11.54
C PHE A 178 5.90 39.21 11.93
N ALA A 179 6.35 40.17 12.74
CA ALA A 179 7.73 40.20 13.18
C ALA A 179 8.11 38.98 14.02
N ARG A 180 7.26 38.63 15.00
CA ARG A 180 7.53 37.46 15.84
C ARG A 180 7.48 36.19 14.99
N THR A 181 6.43 36.10 14.19
CA THR A 181 6.22 34.97 13.29
C THR A 181 7.46 34.76 12.42
N VAL A 182 7.86 35.81 11.69
CA VAL A 182 9.05 35.74 10.83
C VAL A 182 10.29 35.39 11.65
N GLU A 183 10.30 35.86 12.90
CA GLU A 183 11.40 35.61 13.83
C GLU A 183 11.43 34.13 14.16
N SER A 184 10.25 33.56 14.40
CA SER A 184 10.14 32.14 14.72
C SER A 184 10.71 31.30 13.58
N VAL A 185 10.19 31.53 12.37
CA VAL A 185 10.63 30.80 11.19
C VAL A 185 12.15 30.79 11.08
N ASN A 186 12.75 31.97 11.14
CA ASN A 186 14.18 32.02 11.00
C ASN A 186 14.96 31.34 12.13
N VAL A 187 14.33 31.18 13.31
CA VAL A 187 15.00 30.45 14.39
C VAL A 187 15.17 29.01 13.88
N ILE A 188 14.15 28.51 13.18
CA ILE A 188 14.16 27.17 12.60
C ILE A 188 15.10 27.15 11.42
N VAL A 189 14.88 28.05 10.47
CA VAL A 189 15.74 28.13 9.30
C VAL A 189 17.22 28.18 9.66
N SER A 190 17.62 29.13 10.49
CA SER A 190 19.03 29.21 10.85
C SER A 190 19.51 28.01 11.65
N THR A 191 18.68 27.50 12.55
CA THR A 191 19.07 26.36 13.37
C THR A 191 19.29 25.06 12.57
N TYR A 192 18.51 24.87 11.50
CA TYR A 192 18.60 23.64 10.72
C TYR A 192 19.05 23.70 9.27
N ALA A 193 19.19 24.88 8.68
CA ALA A 193 19.64 24.96 7.29
C ALA A 193 21.10 24.58 7.26
N ASP A 194 21.50 23.89 6.20
CA ASP A 194 22.89 23.46 6.04
C ASP A 194 23.80 24.68 5.88
N GLU A 195 24.92 24.66 6.61
CA GLU A 195 25.89 25.74 6.59
C GLU A 195 26.35 26.06 5.16
N VAL A 196 26.61 25.01 4.39
CA VAL A 196 27.07 25.15 3.02
C VAL A 196 26.07 25.86 2.08
N LEU A 197 25.00 26.39 2.64
CA LEU A 197 23.98 27.08 1.84
C LEU A 197 24.03 28.59 2.00
N GLY A 198 24.66 29.05 3.08
CA GLY A 198 24.73 30.47 3.34
C GLY A 198 23.46 30.86 4.08
N ASP A 199 23.31 32.15 4.41
CA ASP A 199 22.12 32.59 5.13
C ASP A 199 20.89 32.39 4.28
N VAL A 200 20.03 31.50 4.72
CA VAL A 200 18.81 31.21 3.97
C VAL A 200 17.59 31.79 4.64
N GLN A 201 17.79 32.52 5.73
CA GLN A 201 16.69 33.13 6.46
C GLN A 201 15.85 34.02 5.55
N VAL A 202 14.57 34.14 5.88
CA VAL A 202 13.69 34.99 5.10
C VAL A 202 13.64 36.39 5.70
N TYR A 203 13.59 37.38 4.81
CA TYR A 203 13.55 38.77 5.21
C TYR A 203 12.49 39.46 4.37
N PRO A 204 11.43 39.99 5.01
CA PRO A 204 10.35 40.67 4.29
C PRO A 204 10.87 41.81 3.40
N ALA A 205 11.91 42.48 3.90
CA ALA A 205 12.53 43.59 3.23
C ALA A 205 13.16 43.13 1.94
N ARG A 206 13.55 41.84 1.88
CA ARG A 206 14.20 41.28 0.71
C ARG A 206 13.24 40.59 -0.23
N GLY A 207 11.94 40.75 0.02
CA GLY A 207 10.94 40.13 -0.83
C GLY A 207 10.80 38.62 -0.73
N THR A 208 11.25 38.03 0.37
CA THR A 208 11.11 36.59 0.53
C THR A 208 10.04 36.26 1.57
N VAL A 209 9.16 37.23 1.84
CA VAL A 209 8.08 37.04 2.79
C VAL A 209 6.86 37.83 2.32
N ALA A 210 5.78 37.11 2.01
CA ALA A 210 4.56 37.75 1.57
C ALA A 210 3.53 37.62 2.69
N PHE A 211 2.51 38.47 2.62
CA PHE A 211 1.47 38.46 3.62
C PHE A 211 0.17 38.42 2.82
N GLY A 212 -0.85 37.75 3.35
CA GLY A 212 -2.09 37.69 2.60
C GLY A 212 -3.19 36.81 3.14
N SER A 213 -4.27 36.75 2.37
CA SER A 213 -5.42 35.96 2.72
C SER A 213 -5.86 35.06 1.59
N GLY A 214 -5.71 33.74 1.77
CA GLY A 214 -6.12 32.81 0.75
C GLY A 214 -7.62 32.91 0.58
N LEU A 215 -8.31 33.06 1.70
CA LEU A 215 -9.77 33.18 1.69
C LEU A 215 -10.21 34.24 0.67
N HIS A 216 -9.93 35.51 1.00
CA HIS A 216 -10.29 36.63 0.12
C HIS A 216 -9.50 36.64 -1.19
N GLY A 217 -8.40 35.90 -1.24
CA GLY A 217 -7.61 35.85 -2.45
C GLY A 217 -6.61 36.97 -2.71
N TRP A 218 -6.03 37.54 -1.65
CA TRP A 218 -5.06 38.61 -1.80
C TRP A 218 -3.76 38.31 -1.05
N ALA A 219 -2.69 38.97 -1.46
CA ALA A 219 -1.38 38.77 -0.84
C ALA A 219 -0.40 39.74 -1.48
N PHE A 220 0.64 40.08 -0.73
CA PHE A 220 1.63 41.05 -1.20
C PHE A 220 3.00 40.81 -0.61
N THR A 221 3.98 41.46 -1.22
CA THR A 221 5.36 41.39 -0.77
C THR A 221 5.83 42.82 -0.64
N ILE A 222 6.77 43.08 0.26
CA ILE A 222 7.26 44.43 0.43
C ILE A 222 7.70 44.98 -0.93
N ARG A 223 8.30 44.11 -1.73
CA ARG A 223 8.77 44.48 -3.06
C ARG A 223 7.66 44.93 -4.00
N GLN A 224 6.42 44.55 -3.69
CA GLN A 224 5.30 44.96 -4.53
C GLN A 224 4.85 46.37 -4.22
N PHE A 225 4.87 46.75 -2.95
CA PHE A 225 4.51 48.10 -2.54
C PHE A 225 5.67 49.03 -2.81
N ALA A 226 6.87 48.47 -2.85
CA ALA A 226 8.06 49.25 -3.11
C ALA A 226 8.12 49.64 -4.59
N THR A 227 7.49 48.85 -5.44
CA THR A 227 7.51 49.13 -6.86
C THR A 227 6.53 50.26 -7.19
N ARG A 228 5.49 50.38 -6.38
CA ARG A 228 4.47 51.40 -6.57
C ARG A 228 4.90 52.75 -5.99
N TYR A 229 5.24 52.77 -4.72
CA TYR A 229 5.68 54.00 -4.08
C TYR A 229 7.05 54.37 -4.65
N ALA A 230 7.54 53.50 -5.53
CA ALA A 230 8.85 53.66 -6.17
C ALA A 230 9.28 55.06 -6.55
N LYS A 231 8.44 55.79 -7.27
CA LYS A 231 8.81 57.12 -7.70
C LYS A 231 8.17 58.29 -6.94
N LYS A 232 7.00 58.05 -6.36
CA LYS A 232 6.31 59.08 -5.58
C LYS A 232 7.25 59.69 -4.54
N PHE A 233 8.42 59.05 -4.33
CA PHE A 233 9.41 59.57 -3.38
C PHE A 233 10.77 59.78 -4.01
N GLY A 234 10.93 59.34 -5.25
CA GLY A 234 12.21 59.50 -5.91
C GLY A 234 13.18 58.55 -5.24
N VAL A 235 12.95 57.26 -5.46
CA VAL A 235 13.79 56.23 -4.87
C VAL A 235 13.96 55.07 -5.82
N ASP A 236 15.06 54.36 -5.67
CA ASP A 236 15.29 53.16 -6.45
C ASP A 236 14.64 52.21 -5.46
N LYS A 237 13.64 51.45 -5.91
CA LYS A 237 12.93 50.54 -5.02
C LYS A 237 13.81 49.77 -4.02
N ALA A 238 15.08 49.60 -4.35
CA ALA A 238 16.00 48.89 -3.48
C ALA A 238 15.91 49.46 -2.07
N LYS A 239 16.01 50.79 -1.97
CA LYS A 239 15.95 51.46 -0.67
C LYS A 239 14.53 51.78 -0.25
N MET A 240 13.59 51.64 -1.17
CA MET A 240 12.20 51.89 -0.82
C MET A 240 11.66 50.68 -0.08
N MET A 241 11.91 49.48 -0.59
CA MET A 241 11.41 48.29 0.07
C MET A 241 12.21 48.03 1.34
N ASP A 242 13.42 48.55 1.36
CA ASP A 242 14.28 48.39 2.51
C ASP A 242 13.71 49.23 3.67
N ARG A 243 12.95 50.26 3.32
CA ARG A 243 12.34 51.15 4.30
C ARG A 243 10.97 50.67 4.71
N LEU A 244 10.26 50.01 3.79
CA LEU A 244 8.92 49.53 4.08
C LEU A 244 8.86 48.47 5.17
N TRP A 245 10.02 48.13 5.72
CA TRP A 245 10.07 47.17 6.82
C TRP A 245 11.04 47.64 7.89
N GLY A 246 10.76 47.26 9.14
CA GLY A 246 11.61 47.63 10.23
C GLY A 246 11.37 49.01 10.82
N ASP A 247 12.43 49.59 11.38
CA ASP A 247 12.32 50.91 11.98
C ASP A 247 12.70 52.06 11.04
N SER A 248 11.78 52.38 10.13
CA SER A 248 11.93 53.50 9.19
C SER A 248 10.65 54.29 9.39
N PHE A 249 10.76 55.60 9.48
CA PHE A 249 9.60 56.43 9.71
C PHE A 249 9.53 57.65 8.81
N PHE A 250 8.33 57.99 8.37
CA PHE A 250 8.13 59.14 7.52
C PHE A 250 7.25 60.14 8.27
N ASN A 251 7.87 61.20 8.78
CA ASN A 251 7.16 62.22 9.52
C ASN A 251 6.22 62.86 8.48
N PRO A 252 4.91 62.87 8.74
CA PRO A 252 3.96 63.46 7.78
C PRO A 252 4.12 64.96 7.72
N LYS A 253 4.49 65.55 8.87
CA LYS A 253 4.71 66.98 8.99
C LYS A 253 5.99 67.41 8.31
N THR A 254 7.12 66.96 8.83
CA THR A 254 8.40 67.33 8.26
C THR A 254 8.60 66.78 6.84
N LYS A 255 7.90 65.70 6.52
CA LYS A 255 8.04 65.07 5.20
C LYS A 255 9.45 64.54 5.02
N LYS A 256 10.06 64.15 6.14
CA LYS A 256 11.42 63.61 6.14
C LYS A 256 11.43 62.19 6.67
N TRP A 257 12.41 61.42 6.25
CA TRP A 257 12.57 60.04 6.68
C TRP A 257 13.50 60.06 7.89
N THR A 258 13.13 59.30 8.93
CA THR A 258 13.91 59.25 10.15
C THR A 258 14.14 57.81 10.58
N ASN A 259 15.02 57.61 11.55
CA ASN A 259 15.28 56.29 12.06
C ASN A 259 14.85 56.16 13.49
N LYS A 260 14.14 57.16 14.01
CA LYS A 260 13.66 57.12 15.38
C LYS A 260 12.15 57.29 15.41
N ASP A 261 11.49 56.48 16.23
CA ASP A 261 10.03 56.50 16.36
C ASP A 261 9.42 57.73 17.00
N THR A 262 10.19 58.82 17.05
CA THR A 262 9.69 60.06 17.63
C THR A 262 10.25 61.28 16.96
N ASP A 263 9.46 62.36 16.94
CA ASP A 263 9.91 63.62 16.38
C ASP A 263 10.50 64.44 17.52
N ALA A 264 11.12 65.56 17.20
CA ALA A 264 11.74 66.42 18.18
C ALA A 264 11.00 66.57 19.51
N GLU A 265 9.67 66.75 19.49
CA GLU A 265 8.93 66.92 20.72
C GLU A 265 8.65 65.62 21.47
N GLY A 266 9.12 64.50 20.92
CA GLY A 266 8.90 63.24 21.57
C GLY A 266 7.60 62.59 21.18
N LYS A 267 6.94 63.09 20.15
CA LYS A 267 5.70 62.50 19.69
C LYS A 267 6.04 61.25 18.85
N PRO A 268 5.17 60.23 18.89
CA PRO A 268 5.33 58.98 18.16
C PRO A 268 5.16 59.06 16.65
N LEU A 269 5.96 58.30 15.92
CA LEU A 269 5.89 58.27 14.46
C LEU A 269 5.54 56.86 13.97
N GLU A 270 4.55 56.78 13.09
CA GLU A 270 4.11 55.51 12.54
C GLU A 270 5.16 54.96 11.59
N ARG A 271 5.38 53.65 11.70
CA ARG A 271 6.35 52.92 10.88
C ARG A 271 5.99 52.94 9.39
N ALA A 272 6.99 52.99 8.52
CA ALA A 272 6.73 53.03 7.09
C ALA A 272 5.80 51.92 6.63
N PHE A 273 6.00 50.72 7.17
CA PHE A 273 5.19 49.54 6.86
C PHE A 273 3.73 49.80 7.23
N ASN A 274 3.50 50.23 8.47
CA ASN A 274 2.16 50.54 8.93
C ASN A 274 1.59 51.66 8.09
N MET A 275 2.43 52.61 7.71
CA MET A 275 1.98 53.76 6.94
C MET A 275 1.56 53.54 5.48
N PHE A 276 2.47 53.00 4.68
CA PHE A 276 2.24 52.78 3.25
C PHE A 276 1.69 51.42 2.84
N ILE A 277 1.80 50.43 3.72
CA ILE A 277 1.25 49.12 3.41
C ILE A 277 -0.02 48.86 4.24
N LEU A 278 0.12 48.58 5.52
CA LEU A 278 -1.04 48.30 6.34
C LEU A 278 -2.17 49.32 6.28
N ASP A 279 -1.84 50.61 6.28
CA ASP A 279 -2.88 51.64 6.28
C ASP A 279 -3.85 51.59 5.10
N PRO A 280 -3.32 51.55 3.85
CA PRO A 280 -4.24 51.50 2.70
C PRO A 280 -5.23 50.34 2.86
N ILE A 281 -4.68 49.16 3.17
CA ILE A 281 -5.45 47.96 3.36
C ILE A 281 -6.45 48.13 4.50
N PHE A 282 -5.97 48.52 5.68
CA PHE A 282 -6.85 48.73 6.83
C PHE A 282 -8.01 49.69 6.54
N ARG A 283 -7.81 50.64 5.64
CA ARG A 283 -8.84 51.60 5.31
C ARG A 283 -9.97 50.96 4.53
N LEU A 284 -9.57 50.19 3.52
CA LEU A 284 -10.52 49.49 2.67
C LEU A 284 -11.37 48.55 3.52
N PHE A 285 -10.75 47.91 4.50
CA PHE A 285 -11.50 47.02 5.37
C PHE A 285 -12.50 47.83 6.19
N THR A 286 -12.04 48.91 6.81
CA THR A 286 -12.89 49.76 7.64
C THR A 286 -14.00 50.38 6.79
N ALA A 287 -13.62 50.94 5.65
CA ALA A 287 -14.59 51.57 4.76
C ALA A 287 -15.68 50.63 4.27
N ILE A 288 -15.27 49.51 3.69
CA ILE A 288 -16.21 48.53 3.14
C ILE A 288 -17.06 47.73 4.10
N MET A 289 -16.46 47.27 5.20
CA MET A 289 -17.19 46.49 6.18
C MET A 289 -18.14 47.33 7.03
N ASN A 290 -18.02 48.65 6.93
CA ASN A 290 -18.88 49.56 7.67
C ASN A 290 -19.84 50.23 6.71
N PHE A 291 -19.91 49.70 5.49
CA PHE A 291 -20.80 50.18 4.46
C PHE A 291 -20.81 51.68 4.29
N LYS A 292 -19.69 52.32 4.55
CA LYS A 292 -19.62 53.77 4.39
C LYS A 292 -19.53 54.05 2.89
N LYS A 293 -20.68 53.97 2.23
CA LYS A 293 -20.83 54.17 0.79
C LYS A 293 -20.26 55.47 0.23
N ASP A 294 -20.12 56.50 1.05
CA ASP A 294 -19.58 57.76 0.58
C ASP A 294 -18.07 57.64 0.41
N GLU A 295 -17.42 56.98 1.37
CA GLU A 295 -15.98 56.79 1.37
C GLU A 295 -15.46 55.76 0.37
N ILE A 296 -16.06 54.56 0.40
CA ILE A 296 -15.65 53.47 -0.47
C ILE A 296 -15.28 53.93 -1.89
N PRO A 297 -16.22 54.58 -2.61
CA PRO A 297 -15.86 55.01 -3.97
C PRO A 297 -14.61 55.90 -4.03
N VAL A 298 -14.53 56.88 -3.14
CA VAL A 298 -13.39 57.79 -3.09
C VAL A 298 -12.11 57.04 -2.77
N LEU A 299 -12.20 56.18 -1.77
CA LEU A 299 -11.06 55.39 -1.33
C LEU A 299 -10.52 54.51 -2.45
N LEU A 300 -11.42 53.85 -3.18
CA LEU A 300 -11.05 52.97 -4.29
C LEU A 300 -10.36 53.68 -5.45
N GLU A 301 -10.93 54.79 -5.90
CA GLU A 301 -10.34 55.54 -7.00
C GLU A 301 -8.92 55.98 -6.70
N LYS A 302 -8.64 56.18 -5.41
CA LYS A 302 -7.32 56.61 -4.95
C LYS A 302 -6.27 55.52 -5.17
N LEU A 303 -6.65 54.26 -4.94
CA LEU A 303 -5.73 53.14 -5.12
C LEU A 303 -5.88 52.62 -6.54
N GLU A 304 -6.71 53.32 -7.32
CA GLU A 304 -6.97 52.96 -8.71
C GLU A 304 -7.50 51.54 -8.88
N ILE A 305 -8.56 51.24 -8.14
CA ILE A 305 -9.22 49.93 -8.20
C ILE A 305 -10.58 50.12 -8.83
N VAL A 306 -10.73 49.69 -10.09
CA VAL A 306 -11.99 49.84 -10.83
C VAL A 306 -12.93 48.63 -10.80
N LEU A 307 -14.10 48.81 -10.20
CA LEU A 307 -15.09 47.74 -10.14
C LEU A 307 -15.72 47.62 -11.52
N LYS A 308 -16.25 46.44 -11.85
CA LYS A 308 -16.83 46.22 -13.18
C LYS A 308 -18.28 45.73 -13.23
N GLY A 309 -19.21 46.64 -13.46
CA GLY A 309 -20.61 46.26 -13.56
C GLY A 309 -21.26 45.65 -12.33
N ASP A 310 -21.60 44.37 -12.41
CA ASP A 310 -22.23 43.66 -11.30
C ASP A 310 -21.49 43.78 -9.98
N GLU A 311 -20.22 44.14 -10.06
CA GLU A 311 -19.36 44.27 -8.88
C GLU A 311 -19.65 45.52 -8.06
N LYS A 312 -19.99 46.61 -8.75
CA LYS A 312 -20.26 47.89 -8.12
C LYS A 312 -21.34 47.90 -7.04
N ASP A 313 -22.27 46.95 -7.10
CA ASP A 313 -23.37 46.91 -6.12
C ASP A 313 -23.08 46.03 -4.91
N LEU A 314 -21.98 45.27 -4.95
CA LEU A 314 -21.62 44.39 -3.85
C LEU A 314 -21.32 45.17 -2.58
N GLU A 315 -21.53 44.53 -1.43
CA GLU A 315 -21.26 45.15 -0.15
C GLU A 315 -20.97 44.10 0.89
N GLY A 316 -20.28 44.50 1.96
CA GLY A 316 -19.94 43.56 3.00
C GLY A 316 -18.76 42.76 2.52
N LYS A 317 -18.63 41.53 3.02
CA LYS A 317 -17.53 40.66 2.62
C LYS A 317 -17.54 40.46 1.11
N ALA A 318 -18.70 40.25 0.55
CA ALA A 318 -18.82 40.05 -0.89
C ALA A 318 -17.99 41.08 -1.64
N LEU A 319 -18.15 42.35 -1.27
CA LEU A 319 -17.43 43.46 -1.89
C LEU A 319 -15.95 43.44 -1.57
N LEU A 320 -15.63 43.51 -0.29
CA LEU A 320 -14.25 43.49 0.17
C LEU A 320 -13.45 42.43 -0.56
N LYS A 321 -14.02 41.25 -0.68
CA LYS A 321 -13.36 40.14 -1.36
C LYS A 321 -12.98 40.47 -2.78
N VAL A 322 -13.86 41.14 -3.52
CA VAL A 322 -13.57 41.48 -4.90
C VAL A 322 -12.47 42.55 -5.03
N VAL A 323 -12.60 43.60 -4.21
CA VAL A 323 -11.65 44.71 -4.20
C VAL A 323 -10.23 44.24 -3.87
N MET A 324 -10.11 43.47 -2.80
CA MET A 324 -8.82 42.96 -2.37
C MET A 324 -8.14 42.11 -3.43
N ARG A 325 -8.93 41.32 -4.16
CA ARG A 325 -8.39 40.47 -5.22
C ARG A 325 -7.83 41.28 -6.38
N LYS A 326 -8.56 42.33 -6.76
CA LYS A 326 -8.14 43.19 -7.85
C LYS A 326 -6.97 44.08 -7.42
N PHE A 327 -6.97 44.43 -6.13
CA PHE A 327 -5.91 45.26 -5.57
C PHE A 327 -4.62 44.46 -5.49
N LEU A 328 -4.60 43.46 -4.63
CA LEU A 328 -3.41 42.63 -4.45
C LEU A 328 -3.60 41.15 -4.76
N PRO A 329 -3.64 40.80 -6.05
CA PRO A 329 -3.80 39.42 -6.53
C PRO A 329 -2.83 38.49 -5.81
N ALA A 330 -3.35 37.62 -4.95
CA ALA A 330 -2.55 36.68 -4.17
C ALA A 330 -1.49 35.89 -4.93
N ALA A 331 -1.93 35.20 -5.98
CA ALA A 331 -1.07 34.38 -6.80
C ALA A 331 0.18 35.11 -7.27
N ASP A 332 0.04 36.37 -7.65
CA ASP A 332 1.18 37.13 -8.14
C ASP A 332 2.28 37.37 -7.11
N ALA A 333 1.88 37.60 -5.86
CA ALA A 333 2.81 37.83 -4.79
C ALA A 333 3.69 36.60 -4.64
N LEU A 334 3.03 35.44 -4.69
CA LEU A 334 3.71 34.16 -4.55
C LEU A 334 4.59 33.86 -5.75
N LEU A 335 4.02 33.95 -6.95
CA LEU A 335 4.78 33.70 -8.18
C LEU A 335 6.05 34.54 -8.19
N GLU A 336 5.94 35.75 -7.68
CA GLU A 336 7.08 36.68 -7.60
C GLU A 336 8.19 36.15 -6.70
N MET A 337 7.85 35.67 -5.51
CA MET A 337 8.83 35.14 -4.59
C MET A 337 9.40 33.83 -5.14
N ILE A 338 8.54 33.04 -5.76
CA ILE A 338 8.93 31.74 -6.34
C ILE A 338 9.97 31.95 -7.44
N VAL A 339 9.66 32.83 -8.39
CA VAL A 339 10.56 33.12 -9.50
C VAL A 339 11.86 33.85 -9.10
N LEU A 340 11.74 34.88 -8.27
CA LEU A 340 12.88 35.70 -7.87
C LEU A 340 13.78 35.15 -6.78
N HIS A 341 13.28 34.23 -5.95
CA HIS A 341 14.09 33.72 -4.86
C HIS A 341 14.31 32.23 -4.79
N LEU A 342 13.42 31.44 -5.39
CA LEU A 342 13.59 29.99 -5.38
C LEU A 342 14.61 29.53 -6.41
N PRO A 343 15.49 28.57 -6.04
CA PRO A 343 16.51 28.07 -6.94
C PRO A 343 16.00 27.24 -8.11
N SER A 344 16.60 27.45 -9.29
CA SER A 344 16.27 26.71 -10.49
C SER A 344 16.89 25.33 -10.34
N PRO A 345 16.57 24.40 -11.24
CA PRO A 345 17.16 23.07 -11.11
C PRO A 345 18.69 23.15 -11.22
N VAL A 346 19.20 24.26 -11.75
CA VAL A 346 20.64 24.43 -11.92
C VAL A 346 21.40 24.85 -10.67
N THR A 347 20.87 25.83 -9.94
CA THR A 347 21.50 26.35 -8.72
C THR A 347 21.53 25.33 -7.57
N ALA A 348 20.41 24.65 -7.38
CA ALA A 348 20.24 23.68 -6.30
C ALA A 348 20.97 22.35 -6.43
N GLN A 349 21.00 21.78 -7.63
CA GLN A 349 21.65 20.49 -7.81
C GLN A 349 23.14 20.52 -7.50
N ALA A 350 23.76 21.68 -7.70
CA ALA A 350 25.18 21.84 -7.44
C ALA A 350 25.48 21.56 -5.97
N TYR A 351 24.58 21.97 -5.08
CA TYR A 351 24.80 21.74 -3.65
C TYR A 351 23.92 20.62 -3.07
N ARG A 352 23.06 20.04 -3.91
CA ARG A 352 22.17 18.98 -3.48
C ARG A 352 22.59 17.63 -4.06
N ALA A 353 23.32 17.66 -5.18
CA ALA A 353 23.79 16.46 -5.84
C ALA A 353 24.44 15.44 -4.90
N GLU A 354 25.56 15.82 -4.29
CA GLU A 354 26.27 14.92 -3.37
C GLU A 354 25.30 14.25 -2.39
N GLN A 355 24.37 15.04 -1.90
CA GLN A 355 23.38 14.55 -0.94
C GLN A 355 22.46 13.49 -1.53
N LEU A 356 22.15 13.60 -2.82
CA LEU A 356 21.25 12.66 -3.48
C LEU A 356 21.91 11.55 -4.30
N TYR A 357 23.16 11.21 -3.98
CA TYR A 357 23.88 10.16 -4.70
C TYR A 357 24.69 9.29 -3.73
N GLU A 358 24.25 8.05 -3.54
CA GLU A 358 24.95 7.14 -2.64
C GLU A 358 26.16 6.54 -3.34
N GLY A 359 26.62 7.28 -4.34
CA GLY A 359 27.79 6.88 -5.10
C GLY A 359 28.93 7.80 -4.72
N PRO A 360 30.07 7.77 -5.43
CA PRO A 360 31.25 8.62 -5.16
C PRO A 360 30.97 10.07 -5.53
N ALA A 361 31.44 11.01 -4.70
CA ALA A 361 31.22 12.44 -4.97
C ALA A 361 31.73 12.87 -6.35
N ASP A 362 32.96 12.46 -6.67
CA ASP A 362 33.58 12.78 -7.94
C ASP A 362 33.07 11.92 -9.08
N ASP A 363 32.33 10.86 -8.76
CA ASP A 363 31.79 9.96 -9.78
C ASP A 363 31.34 10.73 -11.02
N ALA A 364 31.44 10.09 -12.17
CA ALA A 364 31.04 10.72 -13.43
C ALA A 364 29.60 11.23 -13.39
N ASN A 365 28.71 10.45 -12.76
CA ASN A 365 27.30 10.81 -12.65
C ASN A 365 27.01 11.89 -11.59
N CYS A 366 27.64 11.78 -10.41
CA CYS A 366 27.42 12.78 -9.37
C CYS A 366 27.79 14.17 -9.91
N ILE A 367 28.85 14.21 -10.70
CA ILE A 367 29.30 15.46 -11.30
C ILE A 367 28.23 15.89 -12.31
N ALA A 368 27.73 14.93 -13.08
CA ALA A 368 26.72 15.22 -14.09
C ALA A 368 25.46 15.76 -13.42
N ILE A 369 25.28 15.41 -12.14
CA ILE A 369 24.13 15.90 -11.37
C ILE A 369 24.37 17.35 -10.94
N LYS A 370 25.57 17.63 -10.42
CA LYS A 370 25.93 18.98 -9.98
C LYS A 370 25.80 19.97 -11.13
N ASN A 371 26.24 19.56 -12.31
CA ASN A 371 26.19 20.41 -13.48
C ASN A 371 24.88 20.29 -14.24
N CYS A 372 23.90 19.59 -13.68
CA CYS A 372 22.60 19.43 -14.34
C CYS A 372 22.82 19.31 -15.85
N ASP A 373 23.80 18.47 -16.20
CA ASP A 373 24.21 18.24 -17.59
C ASP A 373 23.31 17.29 -18.39
N PRO A 374 22.59 17.83 -19.41
CA PRO A 374 21.69 17.06 -20.27
C PRO A 374 22.36 16.13 -21.29
N LYS A 375 23.69 16.19 -21.36
CA LYS A 375 24.47 15.35 -22.28
C LYS A 375 25.03 14.10 -21.60
N ALA A 376 25.18 14.14 -20.28
CA ALA A 376 25.73 13.01 -19.52
C ALA A 376 24.78 11.83 -19.38
N ASP A 377 25.31 10.69 -18.92
CA ASP A 377 24.50 9.50 -18.74
C ASP A 377 23.23 9.86 -17.98
N LEU A 378 22.13 9.19 -18.29
CA LEU A 378 20.85 9.46 -17.64
C LEU A 378 20.94 9.24 -16.13
N MET A 379 20.24 10.09 -15.40
CA MET A 379 20.16 10.02 -13.94
C MET A 379 18.79 10.51 -13.53
N LEU A 380 17.75 9.75 -13.90
CA LEU A 380 16.35 10.10 -13.60
C LEU A 380 15.89 9.47 -12.28
N TYR A 381 15.21 10.26 -11.45
CA TYR A 381 14.71 9.79 -10.15
C TYR A 381 13.21 9.55 -10.16
N VAL A 382 12.82 8.34 -9.77
CA VAL A 382 11.40 8.02 -9.71
C VAL A 382 10.97 8.13 -8.26
N SER A 383 10.33 9.25 -7.93
CA SER A 383 9.88 9.50 -6.57
C SER A 383 8.65 8.67 -6.20
N LYS A 384 7.83 8.34 -7.19
CA LYS A 384 6.63 7.55 -6.93
C LYS A 384 5.94 7.04 -8.20
N MET A 385 5.06 6.06 -8.01
CA MET A 385 4.28 5.48 -9.13
C MET A 385 2.86 6.03 -8.99
N VAL A 386 2.31 6.57 -10.06
CA VAL A 386 0.97 7.16 -10.00
C VAL A 386 -0.08 6.49 -10.88
N PRO A 387 -1.26 6.19 -10.30
CA PRO A 387 -2.39 5.54 -10.98
C PRO A 387 -2.87 6.26 -12.24
N THR A 388 -3.10 5.49 -13.31
CA THR A 388 -3.57 6.03 -14.59
C THR A 388 -4.89 5.35 -15.00
N SER A 389 -5.60 5.96 -15.94
CA SER A 389 -6.86 5.39 -16.42
C SER A 389 -6.60 4.29 -17.43
N ASP A 390 -5.40 4.28 -17.98
CA ASP A 390 -4.99 3.28 -18.96
C ASP A 390 -4.72 1.93 -18.28
N LYS A 391 -5.79 1.15 -18.09
CA LYS A 391 -5.71 -0.14 -17.41
C LYS A 391 -5.27 0.13 -15.98
N GLY A 392 -4.78 -0.90 -15.29
CA GLY A 392 -4.33 -0.72 -13.92
C GLY A 392 -2.87 -0.32 -13.91
N ARG A 393 -2.46 0.26 -15.02
CA ARG A 393 -1.09 0.70 -15.21
C ARG A 393 -0.75 1.92 -14.36
N PHE A 394 0.52 1.99 -14.00
CA PHE A 394 1.06 3.07 -13.17
C PHE A 394 2.17 3.76 -13.94
N TYR A 395 2.18 5.09 -13.92
CA TYR A 395 3.23 5.85 -14.58
C TYR A 395 4.24 6.32 -13.53
N ALA A 396 5.53 6.18 -13.84
CA ALA A 396 6.57 6.60 -12.91
C ALA A 396 6.71 8.11 -12.91
N PHE A 397 6.61 8.71 -11.73
CA PHE A 397 6.74 10.16 -11.57
C PHE A 397 8.11 10.48 -11.00
N GLY A 398 8.78 11.46 -11.58
CA GLY A 398 10.10 11.80 -11.08
C GLY A 398 10.79 13.01 -11.68
N ARG A 399 12.11 13.03 -11.51
CA ARG A 399 12.93 14.13 -11.97
C ARG A 399 14.20 13.70 -12.68
N VAL A 400 14.50 14.36 -13.79
CA VAL A 400 15.71 14.07 -14.55
C VAL A 400 16.89 14.90 -13.99
N PHE A 401 17.71 14.30 -13.13
CA PHE A 401 18.85 15.01 -12.55
C PHE A 401 20.09 15.08 -13.45
N ALA A 402 20.10 14.34 -14.55
CA ALA A 402 21.22 14.34 -15.50
C ALA A 402 20.81 13.66 -16.80
N GLY A 403 21.48 14.01 -17.89
CA GLY A 403 21.14 13.43 -19.18
C GLY A 403 19.71 13.74 -19.58
N THR A 404 19.24 13.17 -20.68
CA THR A 404 17.85 13.41 -21.08
C THR A 404 17.13 12.09 -21.42
N VAL A 405 15.91 11.94 -20.91
CA VAL A 405 15.10 10.75 -21.14
C VAL A 405 14.29 10.93 -22.43
N LYS A 406 14.17 9.87 -23.23
CA LYS A 406 13.43 9.94 -24.50
C LYS A 406 12.50 8.74 -24.72
N SER A 407 11.35 8.96 -25.34
CA SER A 407 10.42 7.88 -25.62
C SER A 407 11.15 6.85 -26.47
N GLY A 408 10.99 5.58 -26.12
CA GLY A 408 11.67 4.54 -26.85
C GLY A 408 13.01 4.24 -26.20
N GLN A 409 13.76 5.27 -25.84
CA GLN A 409 15.06 5.07 -25.20
C GLN A 409 15.04 3.87 -24.26
N LYS A 410 16.10 3.07 -24.31
CA LYS A 410 16.22 1.90 -23.44
C LYS A 410 17.06 2.31 -22.24
N VAL A 411 16.53 2.02 -21.04
CA VAL A 411 17.18 2.40 -19.79
C VAL A 411 17.37 1.27 -18.77
N ARG A 412 18.35 1.46 -17.88
CA ARG A 412 18.63 0.50 -16.82
C ARG A 412 17.77 0.93 -15.64
N ILE A 413 16.81 0.09 -15.26
CA ILE A 413 15.93 0.41 -14.13
C ILE A 413 16.52 -0.22 -12.86
N GLN A 414 17.23 0.58 -12.08
CA GLN A 414 17.88 0.10 -10.86
C GLN A 414 17.01 0.27 -9.61
N GLY A 415 16.42 -0.83 -9.17
CA GLY A 415 15.58 -0.80 -7.99
C GLY A 415 16.34 -0.62 -6.68
N PRO A 416 15.61 -0.62 -5.55
CA PRO A 416 16.15 -0.46 -4.20
C PRO A 416 17.40 -1.29 -3.88
N ASN A 417 17.34 -2.59 -4.13
CA ASN A 417 18.44 -3.47 -3.82
C ASN A 417 19.65 -3.40 -4.75
N TYR A 418 19.48 -2.78 -5.90
CA TYR A 418 20.59 -2.70 -6.86
C TYR A 418 21.91 -2.17 -6.28
N VAL A 419 22.98 -2.63 -6.88
CA VAL A 419 24.34 -2.25 -6.53
C VAL A 419 25.11 -2.48 -7.82
N PRO A 420 25.88 -1.48 -8.28
CA PRO A 420 26.66 -1.59 -9.52
C PRO A 420 27.42 -2.91 -9.67
N GLY A 421 27.85 -3.48 -8.53
CA GLY A 421 28.55 -4.74 -8.56
C GLY A 421 27.72 -5.87 -9.13
N LYS A 422 26.73 -6.32 -8.37
CA LYS A 422 25.85 -7.41 -8.82
C LYS A 422 24.83 -6.97 -9.87
N LYS A 423 24.00 -7.91 -10.30
CA LYS A 423 22.96 -7.64 -11.28
C LYS A 423 21.58 -7.73 -10.64
N ASP A 424 21.56 -7.88 -9.31
CA ASP A 424 20.31 -7.98 -8.56
C ASP A 424 19.48 -6.71 -8.68
N ASP A 425 18.17 -6.88 -8.85
CA ASP A 425 17.22 -5.77 -8.95
C ASP A 425 17.45 -4.84 -10.14
N LEU A 426 17.95 -5.40 -11.24
CA LEU A 426 18.20 -4.62 -12.44
C LEU A 426 17.20 -5.02 -13.52
N PHE A 427 16.79 -4.07 -14.35
CA PHE A 427 15.83 -4.36 -15.41
C PHE A 427 16.12 -3.56 -16.66
N ILE A 428 17.08 -3.98 -17.47
CA ILE A 428 17.39 -3.23 -18.68
C ILE A 428 16.21 -3.26 -19.64
N LYS A 429 15.35 -2.26 -19.56
CA LYS A 429 14.17 -2.18 -20.41
C LYS A 429 14.09 -0.87 -21.20
N ALA A 430 13.05 -0.74 -22.03
CA ALA A 430 12.89 0.45 -22.86
C ALA A 430 11.70 1.30 -22.42
N ILE A 431 11.92 2.61 -22.33
CA ILE A 431 10.88 3.54 -21.92
C ILE A 431 9.85 3.68 -23.05
N GLN A 432 8.69 3.05 -22.88
CA GLN A 432 7.64 3.11 -23.89
C GLN A 432 7.28 4.55 -24.29
N ARG A 433 6.88 5.37 -23.32
CA ARG A 433 6.53 6.78 -23.57
C ARG A 433 6.93 7.72 -22.44
N VAL A 434 7.30 8.95 -22.80
CA VAL A 434 7.66 9.96 -21.81
C VAL A 434 6.51 10.94 -21.84
N VAL A 435 5.96 11.30 -20.68
CA VAL A 435 4.86 12.25 -20.67
C VAL A 435 4.94 13.33 -19.61
N LEU A 436 4.30 14.46 -19.90
CA LEU A 436 4.26 15.59 -18.99
C LEU A 436 3.09 15.36 -18.04
N MET A 437 3.36 15.47 -16.74
CA MET A 437 2.35 15.27 -15.71
C MET A 437 1.51 16.53 -15.51
N MET A 438 0.77 16.92 -16.54
CA MET A 438 -0.10 18.11 -16.49
C MET A 438 -1.23 17.91 -15.47
N GLY A 439 -0.87 17.79 -14.20
CA GLY A 439 -1.88 17.60 -13.17
C GLY A 439 -2.60 16.27 -13.29
N ARG A 440 -3.79 16.29 -13.88
CA ARG A 440 -4.60 15.08 -14.05
C ARG A 440 -4.39 14.37 -15.40
N PHE A 441 -4.04 15.15 -16.43
CA PHE A 441 -3.84 14.61 -17.77
C PHE A 441 -2.36 14.48 -18.11
N VAL A 442 -2.04 13.70 -19.14
CA VAL A 442 -0.65 13.52 -19.55
C VAL A 442 -0.48 13.95 -20.99
N GLU A 443 0.71 14.44 -21.33
CA GLU A 443 1.00 14.90 -22.69
C GLU A 443 2.34 14.36 -23.20
N PRO A 444 2.29 13.37 -24.11
CA PRO A 444 3.48 12.76 -24.68
C PRO A 444 4.50 13.79 -25.16
N ILE A 445 5.77 13.50 -24.91
CA ILE A 445 6.83 14.40 -25.30
C ILE A 445 7.99 13.50 -25.73
N ASP A 446 8.71 13.89 -26.77
CA ASP A 446 9.84 13.10 -27.26
C ASP A 446 10.84 12.86 -26.16
N ASP A 447 11.56 13.90 -25.78
CA ASP A 447 12.54 13.77 -24.72
C ASP A 447 12.27 14.75 -23.59
N CYS A 448 13.23 14.82 -22.67
CA CYS A 448 13.14 15.68 -21.50
C CYS A 448 14.54 15.80 -20.90
N PRO A 449 15.17 16.99 -21.01
CA PRO A 449 16.51 17.24 -20.48
C PRO A 449 16.55 17.38 -18.96
N ALA A 450 17.73 17.21 -18.38
CA ALA A 450 17.89 17.30 -16.92
C ALA A 450 17.34 18.61 -16.36
N GLY A 451 16.75 18.51 -15.17
CA GLY A 451 16.20 19.67 -14.49
C GLY A 451 14.69 19.68 -14.42
N ASN A 452 14.03 18.87 -15.23
CA ASN A 452 12.59 18.87 -15.19
C ASN A 452 11.93 17.65 -14.55
N ILE A 453 10.72 17.87 -14.06
CA ILE A 453 9.92 16.83 -13.43
C ILE A 453 9.18 16.20 -14.61
N ILE A 454 9.27 14.88 -14.74
CA ILE A 454 8.59 14.22 -15.86
C ILE A 454 7.99 12.89 -15.42
N GLY A 455 7.17 12.31 -16.31
CA GLY A 455 6.54 11.03 -16.02
C GLY A 455 6.89 10.02 -17.10
N LEU A 456 7.04 8.75 -16.70
CA LEU A 456 7.38 7.70 -17.65
C LEU A 456 6.28 6.64 -17.74
N VAL A 457 6.15 6.04 -18.92
CA VAL A 457 5.13 5.03 -19.17
C VAL A 457 5.74 3.67 -19.48
N GLY A 458 5.40 2.66 -18.71
CA GLY A 458 5.92 1.33 -18.97
C GLY A 458 7.00 0.82 -18.02
N ILE A 459 6.95 1.25 -16.77
CA ILE A 459 7.93 0.79 -15.80
C ILE A 459 7.23 0.16 -14.59
N ASP A 460 5.92 0.37 -14.49
CA ASP A 460 5.10 -0.16 -13.41
C ASP A 460 5.44 -1.59 -12.98
N GLN A 461 5.88 -2.43 -13.91
CA GLN A 461 6.23 -3.81 -13.59
C GLN A 461 7.71 -4.06 -13.23
N PHE A 462 8.48 -2.99 -13.08
CA PHE A 462 9.90 -3.12 -12.74
C PHE A 462 10.20 -2.32 -11.47
N LEU A 463 9.44 -1.27 -11.25
CA LEU A 463 9.60 -0.41 -10.09
C LEU A 463 8.33 -0.43 -9.25
N LEU A 464 8.43 -0.93 -8.02
CA LEU A 464 7.26 -0.99 -7.16
C LEU A 464 6.78 0.44 -6.90
N LYS A 465 7.67 1.26 -6.32
CA LYS A 465 7.31 2.65 -6.01
C LYS A 465 8.41 3.66 -6.29
N THR A 466 9.62 3.37 -5.81
CA THR A 466 10.78 4.24 -5.96
C THR A 466 11.87 3.54 -6.72
N GLY A 467 12.77 4.32 -7.31
CA GLY A 467 13.87 3.74 -8.04
C GLY A 467 14.65 4.75 -8.87
N THR A 468 15.80 4.31 -9.37
CA THR A 468 16.68 5.15 -10.18
C THR A 468 16.86 4.58 -11.59
N LEU A 469 16.81 5.45 -12.59
CA LEU A 469 17.01 5.05 -13.98
C LEU A 469 18.36 5.61 -14.39
N THR A 470 19.14 4.81 -15.10
CA THR A 470 20.46 5.25 -15.54
C THR A 470 20.84 4.72 -16.92
N THR A 471 22.03 5.09 -17.35
CA THR A 471 22.56 4.66 -18.63
C THR A 471 24.01 4.24 -18.38
N SER A 472 24.58 4.77 -17.31
CA SER A 472 25.96 4.43 -16.95
C SER A 472 25.93 3.09 -16.23
N GLU A 473 26.67 2.13 -16.75
CA GLU A 473 26.71 0.79 -16.17
C GLU A 473 27.37 0.82 -14.81
N THR A 474 27.99 1.93 -14.47
CA THR A 474 28.64 2.07 -13.17
C THR A 474 27.98 3.19 -12.41
N ALA A 475 26.67 3.28 -12.53
CA ALA A 475 25.92 4.32 -11.83
C ALA A 475 25.22 3.78 -10.60
N HIS A 476 25.51 4.36 -9.43
CA HIS A 476 24.87 3.94 -8.20
C HIS A 476 23.45 4.48 -8.19
N ASN A 477 22.67 4.11 -7.19
CA ASN A 477 21.30 4.61 -7.10
C ASN A 477 21.32 5.94 -6.35
N MET A 478 20.27 6.73 -6.53
CA MET A 478 20.22 7.99 -5.82
C MET A 478 19.47 7.75 -4.53
N LYS A 479 19.78 8.56 -3.51
CA LYS A 479 19.16 8.42 -2.20
C LYS A 479 17.80 7.75 -2.31
N VAL A 480 17.80 6.44 -2.04
CA VAL A 480 16.60 5.64 -2.11
C VAL A 480 15.66 5.97 -0.95
N MET A 481 14.36 5.83 -1.22
CA MET A 481 13.36 6.07 -0.21
C MET A 481 12.82 4.72 0.17
N LYS A 482 13.28 4.21 1.32
CA LYS A 482 12.83 2.91 1.78
C LYS A 482 11.30 2.85 1.87
N PHE A 483 10.76 1.73 1.43
CA PHE A 483 9.33 1.48 1.47
C PHE A 483 9.27 -0.04 1.50
N SER A 484 8.07 -0.60 1.43
CA SER A 484 7.96 -2.05 1.46
C SER A 484 6.54 -2.40 1.07
N VAL A 485 6.42 -3.43 0.25
CA VAL A 485 5.13 -3.87 -0.20
C VAL A 485 4.62 -5.02 0.68
N SER A 486 5.28 -5.22 1.81
CA SER A 486 4.90 -6.33 2.67
C SER A 486 3.69 -6.11 3.55
N PRO A 487 2.55 -6.72 3.19
CA PRO A 487 1.27 -6.65 3.90
C PRO A 487 1.43 -7.22 5.30
N VAL A 488 1.62 -6.35 6.29
CA VAL A 488 1.81 -6.81 7.65
C VAL A 488 0.60 -6.50 8.54
N VAL A 489 -0.32 -5.71 7.99
CA VAL A 489 -1.56 -5.31 8.68
C VAL A 489 -2.70 -5.50 7.71
N GLN A 490 -3.73 -6.20 8.15
CA GLN A 490 -4.90 -6.46 7.32
C GLN A 490 -6.20 -6.51 8.12
N VAL A 491 -7.30 -6.29 7.41
CA VAL A 491 -8.65 -6.29 7.98
C VAL A 491 -9.60 -6.98 7.01
N ALA A 492 -10.74 -7.42 7.52
CA ALA A 492 -11.76 -8.09 6.71
C ALA A 492 -12.94 -7.14 6.49
N VAL A 493 -13.26 -6.92 5.22
CA VAL A 493 -14.34 -6.02 4.82
C VAL A 493 -15.60 -6.79 4.43
N GLU A 494 -16.73 -6.38 5.00
CA GLU A 494 -18.04 -7.00 4.76
C GLU A 494 -19.02 -5.86 4.49
N VAL A 495 -20.04 -6.06 3.66
CA VAL A 495 -21.00 -5.00 3.38
C VAL A 495 -22.08 -5.00 4.47
N LYS A 496 -22.54 -3.83 4.92
CA LYS A 496 -23.57 -3.78 5.96
C LYS A 496 -24.93 -4.15 5.41
N ASN A 497 -25.11 -3.88 4.12
CA ASN A 497 -26.34 -4.22 3.43
C ASN A 497 -25.99 -5.15 2.28
N ALA A 498 -26.27 -6.43 2.51
CA ALA A 498 -25.99 -7.52 1.58
C ALA A 498 -26.20 -7.21 0.10
N ASN A 499 -27.11 -6.28 -0.20
CA ASN A 499 -27.37 -5.94 -1.59
C ASN A 499 -26.19 -5.30 -2.30
N ASP A 500 -25.45 -4.48 -1.57
CA ASP A 500 -24.30 -3.79 -2.13
C ASP A 500 -23.08 -4.67 -2.37
N LEU A 501 -23.14 -5.91 -1.91
CA LEU A 501 -22.03 -6.85 -2.07
C LEU A 501 -21.29 -6.70 -3.39
N PRO A 502 -22.00 -6.65 -4.52
CA PRO A 502 -21.33 -6.51 -5.81
C PRO A 502 -20.57 -5.19 -5.94
N LYS A 503 -20.97 -4.20 -5.15
CA LYS A 503 -20.34 -2.88 -5.18
C LYS A 503 -19.03 -2.87 -4.40
N LEU A 504 -18.86 -3.82 -3.50
CA LEU A 504 -17.65 -3.95 -2.69
C LEU A 504 -16.64 -4.76 -3.52
N VAL A 505 -17.17 -5.77 -4.18
CA VAL A 505 -16.40 -6.67 -5.03
C VAL A 505 -15.73 -5.88 -6.16
N GLU A 506 -16.28 -4.73 -6.49
CA GLU A 506 -15.70 -3.92 -7.55
C GLU A 506 -14.78 -2.86 -6.97
N GLY A 507 -15.18 -2.30 -5.82
CA GLY A 507 -14.37 -1.30 -5.16
C GLY A 507 -13.03 -1.86 -4.73
N LEU A 508 -13.04 -3.11 -4.26
CA LEU A 508 -11.81 -3.77 -3.82
C LEU A 508 -10.87 -3.92 -5.01
N LYS A 509 -11.44 -4.40 -6.13
CA LYS A 509 -10.66 -4.56 -7.34
C LYS A 509 -10.08 -3.19 -7.68
N ARG A 510 -10.93 -2.18 -7.52
CA ARG A 510 -10.58 -0.79 -7.78
C ARG A 510 -9.44 -0.33 -6.90
N LEU A 511 -9.67 -0.47 -5.61
CA LEU A 511 -8.70 -0.09 -4.61
C LEU A 511 -7.32 -0.62 -4.99
N SER A 512 -7.19 -1.94 -5.03
CA SER A 512 -5.90 -2.54 -5.37
C SER A 512 -5.35 -1.94 -6.66
N LYS A 513 -6.24 -1.46 -7.52
CA LYS A 513 -5.82 -0.86 -8.79
C LYS A 513 -5.20 0.52 -8.65
N SER A 514 -5.51 1.20 -7.53
CA SER A 514 -5.00 2.55 -7.29
C SER A 514 -3.73 2.61 -6.46
N ASP A 515 -3.38 1.52 -5.77
CA ASP A 515 -2.17 1.53 -4.95
C ASP A 515 -1.37 0.24 -5.13
N PRO A 516 -0.07 0.36 -5.46
CA PRO A 516 0.84 -0.77 -5.67
C PRO A 516 1.10 -1.57 -4.38
N CYS A 517 1.01 -0.89 -3.24
CA CYS A 517 1.28 -1.52 -1.97
C CYS A 517 0.04 -1.93 -1.17
N VAL A 518 -1.15 -1.80 -1.77
CA VAL A 518 -2.36 -2.24 -1.07
C VAL A 518 -2.73 -3.59 -1.67
N LEU A 519 -3.32 -4.45 -0.85
CA LEU A 519 -3.68 -5.78 -1.31
C LEU A 519 -5.06 -6.24 -0.89
N THR A 520 -5.79 -6.78 -1.87
CA THR A 520 -7.13 -7.32 -1.66
C THR A 520 -7.08 -8.74 -2.18
N TYR A 521 -7.61 -9.67 -1.39
CA TYR A 521 -7.62 -11.07 -1.79
C TYR A 521 -8.65 -11.75 -0.94
N MET A 522 -8.97 -12.99 -1.29
CA MET A 522 -9.95 -13.74 -0.53
C MET A 522 -9.41 -14.97 0.15
N SER A 523 -9.68 -15.04 1.44
CA SER A 523 -9.26 -16.17 2.25
C SER A 523 -10.10 -17.37 1.85
N GLU A 524 -9.72 -18.54 2.36
CA GLU A 524 -10.48 -19.72 2.05
C GLU A 524 -11.88 -19.66 2.67
N SER A 525 -12.02 -18.95 3.78
CA SER A 525 -13.32 -18.83 4.42
C SER A 525 -14.20 -17.93 3.54
N GLY A 526 -13.63 -17.44 2.44
CA GLY A 526 -14.36 -16.59 1.52
C GLY A 526 -14.39 -15.12 1.87
N GLU A 527 -13.67 -14.74 2.92
CA GLU A 527 -13.62 -13.35 3.35
C GLU A 527 -12.86 -12.43 2.41
N HIS A 528 -13.24 -11.16 2.42
CA HIS A 528 -12.59 -10.13 1.62
C HIS A 528 -11.53 -9.48 2.50
N ILE A 529 -10.28 -9.52 2.05
CA ILE A 529 -9.19 -9.00 2.84
C ILE A 529 -8.49 -7.82 2.21
N VAL A 530 -8.23 -6.81 3.02
CA VAL A 530 -7.53 -5.62 2.61
C VAL A 530 -6.31 -5.54 3.53
N ALA A 531 -5.12 -5.68 2.96
CA ALA A 531 -3.90 -5.66 3.75
C ALA A 531 -2.95 -4.56 3.31
N GLY A 532 -2.42 -3.81 4.28
CA GLY A 532 -1.53 -2.72 3.95
C GLY A 532 -0.14 -2.81 4.55
N THR A 533 0.67 -1.78 4.26
CA THR A 533 2.04 -1.70 4.74
C THR A 533 2.10 -1.31 6.21
N GLY A 534 1.08 -0.59 6.66
CA GLY A 534 1.06 -0.17 8.05
C GLY A 534 -0.31 0.29 8.49
N GLU A 535 -0.46 0.48 9.80
CA GLU A 535 -1.72 0.93 10.38
C GLU A 535 -2.38 2.08 9.61
N LEU A 536 -1.68 3.20 9.47
CA LEU A 536 -2.21 4.37 8.79
C LEU A 536 -2.54 4.09 7.34
N HIS A 537 -1.56 3.54 6.62
CA HIS A 537 -1.74 3.20 5.22
C HIS A 537 -2.98 2.34 4.98
N LEU A 538 -3.26 1.43 5.91
CA LEU A 538 -4.43 0.57 5.79
C LEU A 538 -5.65 1.45 6.09
N GLU A 539 -5.58 2.18 7.19
CA GLU A 539 -6.64 3.08 7.62
C GLU A 539 -7.13 3.97 6.48
N ILE A 540 -6.21 4.62 5.77
CA ILE A 540 -6.58 5.50 4.66
C ILE A 540 -7.29 4.68 3.58
N CYS A 541 -6.74 3.52 3.25
CA CYS A 541 -7.35 2.69 2.23
C CYS A 541 -8.79 2.33 2.56
N LEU A 542 -9.08 2.11 3.83
CA LEU A 542 -10.43 1.74 4.24
C LEU A 542 -11.41 2.90 4.08
N GLN A 543 -10.92 4.13 4.22
CA GLN A 543 -11.77 5.29 4.06
C GLN A 543 -12.07 5.43 2.58
N ASP A 544 -11.02 5.41 1.77
CA ASP A 544 -11.13 5.52 0.31
C ASP A 544 -12.04 4.44 -0.26
N LEU A 545 -12.07 3.28 0.38
CA LEU A 545 -12.92 2.22 -0.12
C LEU A 545 -14.38 2.52 0.18
N GLU A 546 -14.72 2.71 1.45
CA GLU A 546 -16.10 2.98 1.83
C GLU A 546 -16.61 4.32 1.32
N HIS A 547 -15.72 5.19 0.87
CA HIS A 547 -16.14 6.50 0.37
C HIS A 547 -16.11 6.67 -1.13
N ASP A 548 -15.25 5.93 -1.83
CA ASP A 548 -15.20 6.07 -3.27
C ASP A 548 -15.30 4.76 -4.03
N HIS A 549 -14.24 3.98 -4.01
CA HIS A 549 -14.17 2.69 -4.69
C HIS A 549 -15.45 1.87 -4.50
N ALA A 550 -16.11 2.03 -3.36
CA ALA A 550 -17.34 1.31 -3.07
C ALA A 550 -18.46 2.23 -2.65
N GLY A 551 -18.20 3.08 -1.67
CA GLY A 551 -19.21 4.01 -1.21
C GLY A 551 -20.37 3.34 -0.51
N VAL A 552 -20.18 2.10 -0.07
CA VAL A 552 -21.23 1.38 0.62
C VAL A 552 -20.89 1.21 2.10
N PRO A 553 -21.90 1.25 2.99
CA PRO A 553 -21.61 1.09 4.41
C PRO A 553 -20.99 -0.29 4.68
N LEU A 554 -19.68 -0.30 4.94
CA LEU A 554 -18.96 -1.54 5.18
C LEU A 554 -18.73 -1.88 6.64
N LYS A 555 -18.58 -3.18 6.90
CA LYS A 555 -18.30 -3.67 8.25
C LYS A 555 -16.83 -4.07 8.17
N ILE A 556 -15.99 -3.32 8.87
CA ILE A 556 -14.57 -3.59 8.89
C ILE A 556 -14.19 -4.14 10.25
N SER A 557 -13.39 -5.21 10.23
CA SER A 557 -12.94 -5.82 11.47
C SER A 557 -11.73 -5.05 11.97
N PRO A 558 -11.41 -5.20 13.27
CA PRO A 558 -10.26 -4.50 13.85
C PRO A 558 -8.96 -4.87 13.13
N PRO A 559 -7.98 -3.96 13.15
CA PRO A 559 -6.69 -4.21 12.51
C PRO A 559 -5.98 -5.44 13.10
N VAL A 560 -5.35 -6.21 12.22
CA VAL A 560 -4.64 -7.41 12.60
C VAL A 560 -3.27 -7.52 11.94
N VAL A 561 -2.32 -8.07 12.68
CA VAL A 561 -0.96 -8.25 12.16
C VAL A 561 -0.83 -9.54 11.38
N ALA A 562 -0.05 -9.48 10.30
CA ALA A 562 0.15 -10.67 9.48
C ALA A 562 1.32 -11.42 10.05
N TYR A 563 1.15 -12.70 10.33
CA TYR A 563 2.21 -13.52 10.87
C TYR A 563 2.70 -14.50 9.81
N ARG A 564 3.52 -15.45 10.23
CA ARG A 564 4.04 -16.48 9.34
C ARG A 564 4.22 -17.76 10.12
N GLU A 565 3.83 -18.87 9.50
CA GLU A 565 3.94 -20.19 10.11
C GLU A 565 5.16 -20.83 9.50
N THR A 566 6.03 -21.35 10.37
CA THR A 566 7.25 -22.00 9.92
C THR A 566 7.65 -23.14 10.84
N VAL A 567 8.59 -23.95 10.36
CA VAL A 567 9.08 -25.10 11.12
C VAL A 567 10.48 -24.83 11.62
N GLU A 568 10.84 -25.50 12.72
CA GLU A 568 12.15 -25.32 13.36
C GLU A 568 13.08 -26.51 13.15
N SER A 569 12.55 -27.64 12.68
CA SER A 569 13.36 -28.84 12.44
C SER A 569 12.68 -29.82 11.50
N GLU A 570 13.36 -30.91 11.16
CA GLU A 570 12.80 -31.91 10.28
C GLU A 570 11.70 -32.67 11.02
N SER A 571 10.69 -33.07 10.28
CA SER A 571 9.56 -33.78 10.87
C SER A 571 10.03 -34.94 11.71
N SER A 572 9.54 -35.04 12.95
CA SER A 572 9.88 -36.12 13.87
C SER A 572 9.95 -37.44 13.12
N GLN A 573 8.97 -37.66 12.25
CA GLN A 573 8.86 -38.88 11.48
C GLN A 573 8.16 -38.58 10.18
N THR A 574 8.24 -39.51 9.22
CA THR A 574 7.59 -39.32 7.93
C THR A 574 6.09 -39.09 8.05
N ALA A 575 5.61 -38.15 7.24
CA ALA A 575 4.21 -37.81 7.24
C ALA A 575 3.59 -38.52 6.06
N LEU A 576 2.45 -39.11 6.31
CA LEU A 576 1.75 -39.84 5.28
C LEU A 576 0.29 -39.42 5.26
N SER A 577 -0.29 -39.42 4.07
CA SER A 577 -1.71 -39.13 3.94
C SER A 577 -2.22 -39.88 2.73
N LYS A 578 -3.47 -40.34 2.77
CA LYS A 578 -3.99 -41.04 1.61
C LYS A 578 -5.29 -40.44 1.16
N SER A 579 -5.50 -40.44 -0.15
CA SER A 579 -6.71 -39.85 -0.72
C SER A 579 -7.99 -40.50 -0.20
N PRO A 580 -9.14 -39.90 -0.54
CA PRO A 580 -10.46 -40.45 -0.12
C PRO A 580 -10.65 -41.87 -0.73
N ASN A 581 -10.21 -42.05 -1.97
CA ASN A 581 -10.25 -43.32 -2.69
C ASN A 581 -9.66 -44.31 -1.68
N LYS A 582 -8.43 -44.01 -1.24
CA LYS A 582 -7.64 -44.77 -0.28
C LYS A 582 -6.80 -45.52 -1.26
N HIS A 583 -6.79 -45.02 -2.50
CA HIS A 583 -6.00 -45.62 -3.57
C HIS A 583 -4.68 -44.90 -3.78
N ASN A 584 -4.51 -43.73 -3.20
CA ASN A 584 -3.28 -42.96 -3.39
C ASN A 584 -2.68 -42.53 -2.08
N ARG A 585 -1.35 -42.51 -2.03
CA ARG A 585 -0.63 -42.12 -0.84
C ARG A 585 0.55 -41.19 -1.14
N ILE A 586 0.76 -40.25 -0.21
CA ILE A 586 1.88 -39.33 -0.28
C ILE A 586 2.62 -39.37 1.03
N TYR A 587 3.90 -39.66 0.92
CA TYR A 587 4.79 -39.74 2.05
C TYR A 587 5.76 -38.56 1.95
N LEU A 588 5.85 -37.75 2.98
CA LEU A 588 6.77 -36.64 2.92
C LEU A 588 7.32 -36.24 4.28
N LYS A 589 8.22 -35.27 4.24
CA LYS A 589 8.83 -34.75 5.44
C LYS A 589 9.06 -33.27 5.19
N ALA A 590 8.86 -32.47 6.23
CA ALA A 590 9.04 -31.04 6.14
C ALA A 590 10.33 -30.70 6.89
N GLU A 591 10.98 -29.62 6.47
CA GLU A 591 12.21 -29.18 7.13
C GLU A 591 12.42 -27.70 6.89
N PRO A 592 13.24 -27.06 7.73
CA PRO A 592 13.51 -25.62 7.61
C PRO A 592 14.27 -25.16 6.37
N ILE A 593 14.02 -23.92 5.96
CA ILE A 593 14.74 -23.30 4.85
C ILE A 593 15.53 -22.26 5.65
N ASP A 594 16.78 -22.01 5.27
CA ASP A 594 17.60 -21.03 5.98
C ASP A 594 17.14 -19.63 5.61
N GLU A 595 17.05 -18.75 6.60
CA GLU A 595 16.65 -17.38 6.34
C GLU A 595 17.41 -16.81 5.13
N GLU A 596 18.64 -17.26 4.92
CA GLU A 596 19.43 -16.80 3.79
C GLU A 596 18.72 -17.13 2.50
N VAL A 597 18.23 -18.37 2.42
CA VAL A 597 17.54 -18.85 1.23
C VAL A 597 16.16 -18.21 1.11
N SER A 598 15.47 -18.14 2.24
CA SER A 598 14.15 -17.52 2.23
C SER A 598 14.32 -16.10 1.70
N LEU A 599 15.33 -15.40 2.21
CA LEU A 599 15.64 -14.04 1.76
C LEU A 599 16.01 -14.09 0.27
N ALA A 600 16.87 -15.01 -0.11
CA ALA A 600 17.29 -15.12 -1.50
C ALA A 600 16.11 -15.33 -2.42
N ILE A 601 15.06 -15.98 -1.90
CA ILE A 601 13.85 -16.27 -2.67
C ILE A 601 13.02 -14.99 -2.73
N GLU A 602 12.92 -14.35 -1.58
CA GLU A 602 12.16 -13.12 -1.45
C GLU A 602 12.80 -11.97 -2.23
N ASN A 603 14.09 -12.11 -2.54
CA ASN A 603 14.83 -11.08 -3.26
C ASN A 603 15.18 -11.42 -4.69
N GLY A 604 14.43 -12.33 -5.29
CA GLY A 604 14.66 -12.67 -6.69
C GLY A 604 15.93 -13.40 -7.05
N ILE A 605 16.82 -13.58 -6.09
CA ILE A 605 18.06 -14.32 -6.37
C ILE A 605 17.61 -15.72 -6.80
N ILE A 606 16.97 -16.46 -5.88
CA ILE A 606 16.43 -17.78 -6.17
C ILE A 606 15.09 -17.44 -6.80
N ASN A 607 14.94 -17.76 -8.09
CA ASN A 607 13.70 -17.41 -8.78
C ASN A 607 12.94 -18.59 -9.42
N PRO A 608 11.62 -18.66 -9.20
CA PRO A 608 10.72 -19.71 -9.73
C PRO A 608 10.72 -19.78 -11.24
N ARG A 609 11.03 -18.67 -11.89
CA ARG A 609 11.00 -18.62 -13.34
C ARG A 609 12.33 -18.98 -13.98
N ASP A 610 13.38 -19.09 -13.18
CA ASP A 610 14.71 -19.45 -13.67
C ASP A 610 14.75 -20.82 -14.32
N ASP A 611 15.85 -21.08 -15.03
CA ASP A 611 16.06 -22.38 -15.63
C ASP A 611 16.37 -23.24 -14.41
N PHE A 612 15.61 -24.31 -14.20
CA PHE A 612 15.86 -25.14 -13.03
C PHE A 612 17.35 -25.43 -12.83
N LYS A 613 18.11 -25.60 -13.90
CA LYS A 613 19.54 -25.90 -13.79
C LYS A 613 20.36 -24.71 -13.30
N ALA A 614 20.18 -23.55 -13.93
CA ALA A 614 20.91 -22.35 -13.53
C ALA A 614 20.64 -22.01 -12.07
N ARG A 615 19.38 -22.14 -11.67
CA ARG A 615 18.95 -21.86 -10.31
C ARG A 615 19.55 -22.88 -9.35
N ALA A 616 19.63 -24.14 -9.77
CA ALA A 616 20.19 -25.20 -8.94
C ALA A 616 21.64 -24.89 -8.65
N ARG A 617 22.37 -24.47 -9.68
CA ARG A 617 23.78 -24.12 -9.58
C ARG A 617 23.95 -23.05 -8.48
N ILE A 618 23.08 -22.05 -8.48
CA ILE A 618 23.09 -20.97 -7.49
C ILE A 618 22.86 -21.51 -6.09
N MET A 619 21.77 -22.26 -5.89
CA MET A 619 21.44 -22.83 -4.58
C MET A 619 22.52 -23.78 -4.06
N ALA A 620 23.12 -24.50 -4.98
CA ALA A 620 24.17 -25.44 -4.65
C ALA A 620 25.43 -24.66 -4.20
N ASP A 621 25.94 -23.80 -5.10
CA ASP A 621 27.13 -23.01 -4.85
C ASP A 621 27.06 -21.98 -3.72
N ASP A 622 26.15 -21.01 -3.84
CA ASP A 622 26.04 -19.96 -2.85
C ASP A 622 25.20 -20.29 -1.61
N TYR A 623 24.44 -21.38 -1.64
CA TYR A 623 23.59 -21.68 -0.47
C TYR A 623 23.73 -23.09 0.09
N GLY A 624 24.72 -23.81 -0.39
CA GLY A 624 24.99 -25.14 0.11
C GLY A 624 23.82 -26.09 0.07
N TRP A 625 23.29 -26.27 -1.14
CA TRP A 625 22.16 -27.15 -1.40
C TRP A 625 22.68 -28.27 -2.28
N ASP A 626 22.17 -29.50 -2.11
CA ASP A 626 22.61 -30.59 -2.99
C ASP A 626 22.05 -30.23 -4.37
N VAL A 627 22.91 -30.01 -5.35
CA VAL A 627 22.40 -29.65 -6.67
C VAL A 627 21.38 -30.69 -7.11
N THR A 628 21.44 -31.85 -6.49
CA THR A 628 20.52 -32.94 -6.79
C THR A 628 19.10 -32.52 -6.40
N ASP A 629 18.95 -32.08 -5.16
CA ASP A 629 17.67 -31.63 -4.66
C ASP A 629 17.17 -30.45 -5.44
N ALA A 630 17.98 -29.40 -5.52
CA ALA A 630 17.63 -28.18 -6.21
C ALA A 630 17.08 -28.35 -7.63
N ARG A 631 17.54 -29.37 -8.35
CA ARG A 631 17.05 -29.54 -9.70
C ARG A 631 15.66 -30.17 -9.67
N LYS A 632 15.29 -30.70 -8.50
CA LYS A 632 13.99 -31.35 -8.31
C LYS A 632 12.95 -30.44 -7.59
N ILE A 633 13.13 -29.12 -7.71
CA ILE A 633 12.17 -28.23 -7.10
C ILE A 633 10.92 -28.32 -7.96
N TRP A 634 9.80 -28.65 -7.34
CA TRP A 634 8.54 -28.79 -8.05
C TRP A 634 7.78 -27.48 -8.12
N CYS A 635 7.94 -26.66 -7.11
CA CYS A 635 7.24 -25.41 -7.10
C CYS A 635 7.58 -24.63 -5.85
N PHE A 636 7.32 -23.31 -5.86
CA PHE A 636 7.52 -22.46 -4.67
C PHE A 636 6.07 -22.17 -4.23
N GLY A 637 5.91 -21.46 -3.12
CA GLY A 637 4.58 -21.11 -2.62
C GLY A 637 4.61 -20.23 -1.37
N PRO A 638 3.54 -19.47 -1.09
CA PRO A 638 2.29 -19.33 -1.82
C PRO A 638 2.48 -18.65 -3.13
N ASP A 639 1.37 -18.38 -3.78
CA ASP A 639 1.37 -17.66 -5.04
C ASP A 639 2.53 -18.05 -5.93
N GLY A 640 2.86 -19.35 -5.90
CA GLY A 640 3.94 -19.89 -6.71
C GLY A 640 5.31 -19.21 -6.70
N ASN A 641 5.60 -18.41 -5.69
CA ASN A 641 6.89 -17.75 -5.65
C ASN A 641 7.36 -17.52 -4.22
N GLY A 642 6.54 -17.91 -3.26
CA GLY A 642 6.89 -17.72 -1.87
C GLY A 642 8.10 -18.52 -1.41
N PRO A 643 8.67 -18.17 -0.26
CA PRO A 643 9.85 -18.84 0.32
C PRO A 643 9.51 -20.20 0.95
N ASN A 644 8.91 -21.07 0.14
CA ASN A 644 8.53 -22.41 0.55
C ASN A 644 8.71 -23.23 -0.67
N LEU A 645 9.18 -24.46 -0.49
CA LEU A 645 9.44 -25.29 -1.64
C LEU A 645 8.98 -26.72 -1.45
N VAL A 646 8.86 -27.42 -2.58
CA VAL A 646 8.51 -28.83 -2.58
C VAL A 646 9.61 -29.44 -3.44
N ILE A 647 10.32 -30.39 -2.86
CA ILE A 647 11.39 -31.06 -3.55
C ILE A 647 10.93 -32.46 -3.80
N ASP A 648 11.02 -32.92 -5.06
CA ASP A 648 10.59 -34.27 -5.38
C ASP A 648 11.68 -35.28 -5.15
N GLN A 649 11.72 -35.88 -3.96
CA GLN A 649 12.73 -36.87 -3.66
C GLN A 649 12.29 -38.31 -3.85
N THR A 650 11.20 -38.53 -4.58
CA THR A 650 10.71 -39.88 -4.78
C THR A 650 11.68 -40.63 -5.65
N LYS A 651 11.58 -41.96 -5.61
CA LYS A 651 12.44 -42.82 -6.41
C LYS A 651 11.58 -43.83 -7.12
N ALA A 652 11.63 -43.81 -8.44
CA ALA A 652 10.87 -44.77 -9.24
C ALA A 652 9.37 -44.85 -8.95
N VAL A 653 8.67 -43.72 -8.92
CA VAL A 653 7.24 -43.75 -8.69
C VAL A 653 6.58 -43.57 -10.02
N GLN A 654 6.00 -44.63 -10.56
CA GLN A 654 5.35 -44.56 -11.87
C GLN A 654 4.18 -43.60 -11.91
N TYR A 655 4.07 -42.87 -13.02
CA TYR A 655 2.99 -41.91 -13.23
C TYR A 655 3.14 -40.67 -12.36
N LEU A 656 4.21 -40.59 -11.58
CA LEU A 656 4.42 -39.45 -10.71
C LEU A 656 4.09 -38.09 -11.33
N HIS A 657 4.56 -37.85 -12.54
CA HIS A 657 4.32 -36.57 -13.20
C HIS A 657 2.86 -36.27 -13.47
N GLU A 658 2.02 -37.29 -13.43
CA GLU A 658 0.60 -37.09 -13.68
C GLU A 658 -0.15 -36.56 -12.48
N ILE A 659 0.53 -36.34 -11.35
CA ILE A 659 -0.13 -35.81 -10.15
C ILE A 659 0.58 -34.52 -9.74
N LYS A 660 1.64 -34.19 -10.47
CA LYS A 660 2.43 -32.97 -10.18
C LYS A 660 1.61 -31.69 -10.13
N ASP A 661 0.78 -31.43 -11.13
CA ASP A 661 0.00 -30.21 -11.12
C ASP A 661 -0.92 -30.15 -9.91
N SER A 662 -1.40 -31.30 -9.46
CA SER A 662 -2.28 -31.37 -8.28
C SER A 662 -1.43 -31.14 -7.06
N VAL A 663 -0.28 -31.80 -6.97
CA VAL A 663 0.58 -31.61 -5.80
C VAL A 663 0.87 -30.14 -5.65
N VAL A 664 1.37 -29.54 -6.72
CA VAL A 664 1.72 -28.14 -6.69
C VAL A 664 0.53 -27.31 -6.21
N ALA A 665 -0.65 -27.65 -6.72
CA ALA A 665 -1.86 -26.96 -6.35
C ALA A 665 -2.09 -27.11 -4.85
N ALA A 666 -1.99 -28.34 -4.34
CA ALA A 666 -2.21 -28.53 -2.91
C ALA A 666 -1.22 -27.68 -2.14
N PHE A 667 0.01 -27.65 -2.63
CA PHE A 667 1.05 -26.88 -1.95
C PHE A 667 0.77 -25.37 -1.89
N GLN A 668 0.16 -24.84 -2.94
CA GLN A 668 -0.14 -23.43 -2.96
C GLN A 668 -1.09 -23.11 -1.84
N TRP A 669 -2.03 -24.01 -1.57
CA TRP A 669 -2.98 -23.77 -0.51
C TRP A 669 -2.43 -24.11 0.88
N ALA A 670 -1.63 -25.17 0.98
CA ALA A 670 -1.06 -25.50 2.27
C ALA A 670 -0.18 -24.33 2.74
N THR A 671 0.61 -23.75 1.83
CA THR A 671 1.48 -22.62 2.18
C THR A 671 0.82 -21.25 2.33
N LYS A 672 -0.34 -21.05 1.71
CA LYS A 672 -1.05 -19.79 1.82
C LYS A 672 -1.73 -19.68 3.17
N GLU A 673 -2.25 -20.80 3.67
CA GLU A 673 -2.91 -20.84 4.98
C GLU A 673 -2.52 -22.12 5.71
N GLY A 674 -1.51 -22.00 6.57
CA GLY A 674 -1.00 -23.15 7.29
C GLY A 674 -1.85 -23.63 8.42
N PRO A 675 -1.52 -24.80 9.01
CA PRO A 675 -2.21 -25.44 10.11
C PRO A 675 -2.16 -24.82 11.50
N ILE A 676 -1.31 -23.83 11.71
CA ILE A 676 -1.28 -23.25 13.06
C ILE A 676 -2.52 -22.38 13.30
N PHE A 677 -2.69 -21.36 12.48
CA PHE A 677 -3.85 -20.52 12.61
C PHE A 677 -4.25 -19.82 11.30
N GLY A 678 -4.05 -20.54 10.20
CA GLY A 678 -4.41 -20.01 8.91
C GLY A 678 -3.49 -18.99 8.31
N GLU A 679 -2.37 -18.71 8.98
CA GLU A 679 -1.41 -17.73 8.46
C GLU A 679 -0.50 -18.36 7.40
N GLU A 680 0.17 -17.54 6.60
CA GLU A 680 1.06 -18.08 5.58
C GLU A 680 2.30 -18.77 6.13
N MET A 681 2.81 -19.73 5.37
CA MET A 681 4.03 -20.45 5.73
C MET A 681 5.24 -19.68 5.21
N ARG A 682 6.36 -19.89 5.86
CA ARG A 682 7.56 -19.22 5.41
C ARG A 682 8.77 -20.06 5.75
N SER A 683 9.64 -20.24 4.76
CA SER A 683 10.86 -21.01 4.95
C SER A 683 10.51 -22.45 5.30
N VAL A 684 9.63 -23.05 4.51
CA VAL A 684 9.21 -24.43 4.77
C VAL A 684 9.53 -25.29 3.59
N ARG A 685 10.36 -26.29 3.83
CA ARG A 685 10.78 -27.20 2.80
C ARG A 685 10.02 -28.51 2.90
N VAL A 686 9.52 -28.98 1.76
CA VAL A 686 8.76 -30.20 1.75
C VAL A 686 9.39 -31.20 0.81
N ASN A 687 9.77 -32.34 1.37
CA ASN A 687 10.40 -33.37 0.58
C ASN A 687 9.50 -34.57 0.44
N ILE A 688 9.07 -34.81 -0.78
CA ILE A 688 8.21 -35.93 -1.05
C ILE A 688 9.12 -37.18 -1.10
N LEU A 689 9.04 -37.98 -0.04
CA LEU A 689 9.83 -39.19 0.02
C LEU A 689 9.23 -40.32 -0.83
N ASP A 690 7.91 -40.38 -0.93
CA ASP A 690 7.30 -41.44 -1.72
C ASP A 690 5.84 -41.21 -2.07
N VAL A 691 5.38 -41.96 -3.06
CA VAL A 691 4.02 -41.84 -3.53
C VAL A 691 3.49 -43.16 -4.08
N THR A 692 2.23 -43.47 -3.79
CA THR A 692 1.65 -44.68 -4.35
C THR A 692 0.38 -44.23 -5.03
N LEU A 693 0.27 -44.54 -6.31
CA LEU A 693 -0.88 -44.11 -7.07
C LEU A 693 -1.68 -45.26 -7.67
N HIS A 694 -2.94 -45.00 -7.93
CA HIS A 694 -3.79 -45.99 -8.55
C HIS A 694 -3.35 -46.07 -10.02
N ALA A 695 -3.35 -47.26 -10.59
CA ALA A 695 -2.93 -47.41 -11.98
C ALA A 695 -3.73 -46.57 -12.95
N ASP A 696 -5.01 -46.38 -12.67
CA ASP A 696 -5.87 -45.63 -13.56
C ASP A 696 -5.98 -44.19 -13.12
N ALA A 697 -5.76 -43.30 -14.07
CA ALA A 697 -5.81 -41.87 -13.82
C ALA A 697 -7.12 -41.37 -13.26
N ILE A 698 -8.20 -42.06 -13.60
CA ILE A 698 -9.55 -41.71 -13.15
C ILE A 698 -9.59 -41.64 -11.64
N DDE A 699 -8.70 -42.37 -10.99
CA DDE A 699 -8.69 -42.42 -9.54
C DDE A 699 -7.56 -41.63 -8.88
O DDE A 699 -7.34 -41.75 -7.68
CB DDE A 699 -8.67 -43.88 -9.09
CG DDE A 699 -9.91 -44.62 -9.45
ND1 DDE A 699 -11.16 -44.21 -9.01
CD2 DDE A 699 -10.12 -45.71 -10.21
CE1 DDE A 699 -12.08 -45.02 -9.50
NE2 DDE A 699 -11.48 -45.94 -10.23
N ARG A 700 -6.85 -40.82 -9.68
CA ARG A 700 -5.75 -40.02 -9.19
C ARG A 700 -5.93 -38.57 -9.65
N GLY A 701 -7.18 -38.12 -9.72
CA GLY A 701 -7.44 -36.75 -10.14
C GLY A 701 -7.24 -35.71 -9.05
N GLY A 702 -7.47 -34.45 -9.43
CA GLY A 702 -7.30 -33.34 -8.51
C GLY A 702 -8.02 -33.49 -7.20
N GLY A 703 -9.27 -33.91 -7.24
CA GLY A 703 -10.04 -34.05 -6.02
C GLY A 703 -9.46 -35.12 -5.12
N GLN A 704 -8.68 -36.04 -5.68
CA GLN A 704 -8.08 -37.09 -4.85
C GLN A 704 -6.69 -36.76 -4.33
N ILE A 705 -5.82 -36.23 -5.18
CA ILE A 705 -4.48 -35.91 -4.73
C ILE A 705 -4.41 -34.59 -3.95
N ILE A 706 -5.10 -33.57 -4.42
CA ILE A 706 -5.01 -32.29 -3.75
C ILE A 706 -5.23 -32.35 -2.25
N PRO A 707 -6.27 -33.04 -1.80
CA PRO A 707 -6.45 -33.06 -0.35
C PRO A 707 -5.36 -33.90 0.33
N THR A 708 -4.90 -34.94 -0.36
CA THR A 708 -3.86 -35.81 0.20
C THR A 708 -2.63 -34.98 0.52
N MET A 709 -2.01 -34.45 -0.54
CA MET A 709 -0.82 -33.62 -0.43
C MET A 709 -0.96 -32.53 0.62
N ARG A 710 -2.03 -31.75 0.52
CA ARG A 710 -2.27 -30.66 1.46
C ARG A 710 -2.25 -31.21 2.87
N ARG A 711 -2.89 -32.35 3.09
CA ARG A 711 -2.93 -32.92 4.43
C ARG A 711 -1.60 -33.55 4.86
N ALA A 712 -0.93 -34.23 3.92
CA ALA A 712 0.39 -34.80 4.19
C ALA A 712 1.32 -33.65 4.66
N THR A 713 1.31 -32.55 3.90
CA THR A 713 2.10 -31.38 4.21
C THR A 713 1.75 -30.91 5.61
N TYR A 714 0.47 -30.63 5.86
CA TYR A 714 0.12 -30.18 7.21
C TYR A 714 0.70 -31.10 8.25
N ALA A 715 0.56 -32.41 8.01
CA ALA A 715 1.08 -33.42 8.93
C ALA A 715 2.59 -33.20 9.05
N GLY A 716 3.28 -33.22 7.92
CA GLY A 716 4.71 -33.02 7.91
C GLY A 716 5.16 -31.81 8.71
N PHE A 717 4.54 -30.68 8.41
CA PHE A 717 4.79 -29.38 9.05
C PHE A 717 4.57 -29.47 10.55
N LEU A 718 3.41 -29.97 10.94
CA LEU A 718 3.09 -30.09 12.35
C LEU A 718 4.06 -31.01 13.08
N LEU A 719 4.75 -31.87 12.33
CA LEU A 719 5.72 -32.80 12.92
C LEU A 719 7.14 -32.23 12.89
N ALA A 720 7.32 -31.13 12.18
CA ALA A 720 8.63 -30.52 12.10
C ALA A 720 8.83 -29.41 13.11
N ASP A 721 8.33 -29.59 14.33
CA ASP A 721 8.50 -28.60 15.38
C ASP A 721 8.09 -27.20 14.89
N PRO A 722 6.78 -26.88 14.97
CA PRO A 722 6.14 -25.63 14.55
C PRO A 722 6.44 -24.39 15.36
N LYS A 723 6.54 -23.28 14.65
CA LYS A 723 6.80 -22.00 15.26
C LYS A 723 6.20 -20.90 14.37
N ILE A 724 5.95 -19.72 14.94
CA ILE A 724 5.41 -18.61 14.14
C ILE A 724 6.38 -17.41 14.11
N GLN A 725 6.38 -16.67 13.00
CA GLN A 725 7.23 -15.51 12.87
C GLN A 725 6.36 -14.23 12.88
N GLU A 726 6.79 -13.22 13.61
CA GLU A 726 6.06 -11.95 13.68
C GLU A 726 6.87 -10.97 12.85
N PRO A 727 6.18 -10.09 12.09
CA PRO A 727 6.86 -9.09 11.25
C PRO A 727 7.43 -7.97 12.13
N VAL A 728 8.57 -7.43 11.72
CA VAL A 728 9.17 -6.35 12.50
C VAL A 728 9.58 -5.17 11.63
N PHE A 729 9.31 -3.96 12.13
CA PHE A 729 9.67 -2.73 11.42
C PHE A 729 11.10 -2.27 11.69
N LEU A 730 11.54 -1.32 10.86
CA LEU A 730 12.83 -0.66 11.01
C LEU A 730 12.37 0.79 10.95
N VAL A 731 12.18 1.40 12.12
CA VAL A 731 11.74 2.76 12.19
C VAL A 731 12.89 3.73 12.39
N GLU A 732 12.98 4.72 11.50
CA GLU A 732 13.99 5.78 11.53
C GLU A 732 13.27 7.00 12.04
N ILE A 733 13.83 7.69 13.03
CA ILE A 733 13.19 8.86 13.61
C ILE A 733 14.08 10.10 13.65
N GLN A 734 13.52 11.24 13.25
CA GLN A 734 14.25 12.51 13.26
C GLN A 734 13.74 13.27 14.50
N CYS A 735 14.64 13.81 15.30
CA CYS A 735 14.17 14.52 16.48
C CYS A 735 15.26 15.38 17.11
N PRO A 736 14.88 16.55 17.63
CA PRO A 736 15.82 17.48 18.29
C PRO A 736 16.39 16.84 19.57
N GLU A 737 17.72 16.77 19.68
CA GLU A 737 18.39 16.17 20.84
C GLU A 737 17.54 16.30 22.11
N GLN A 738 16.82 17.40 22.23
CA GLN A 738 15.97 17.65 23.39
C GLN A 738 14.85 16.62 23.60
N ALA A 739 14.05 16.38 22.57
CA ALA A 739 12.94 15.43 22.65
C ALA A 739 13.31 13.97 22.35
N VAL A 740 14.57 13.71 22.00
CA VAL A 740 15.03 12.35 21.71
C VAL A 740 14.73 11.43 22.89
N GLY A 741 14.57 12.02 24.07
CA GLY A 741 14.28 11.21 25.24
C GLY A 741 12.98 10.48 25.09
N GLY A 742 11.95 11.19 24.66
CA GLY A 742 10.64 10.61 24.48
C GLY A 742 10.60 9.44 23.51
N ILE A 743 11.57 9.35 22.61
CA ILE A 743 11.63 8.24 21.68
C ILE A 743 11.89 7.02 22.53
N TYR A 744 13.10 6.91 23.09
CA TYR A 744 13.46 5.77 23.92
C TYR A 744 12.34 5.46 24.91
N SER A 745 11.69 6.51 25.40
CA SER A 745 10.60 6.33 26.37
C SER A 745 9.53 5.40 25.82
N VAL A 746 9.11 5.66 24.59
CA VAL A 746 8.08 4.87 23.91
C VAL A 746 8.56 3.49 23.42
N LEU A 747 9.80 3.39 22.97
CA LEU A 747 10.32 2.12 22.48
C LEU A 747 10.42 1.03 23.56
N ASN A 748 10.69 1.40 24.80
CA ASN A 748 10.82 0.44 25.90
C ASN A 748 9.46 -0.05 26.38
N LYS A 749 8.41 0.45 25.75
CA LYS A 749 7.07 0.05 26.14
C LYS A 749 6.45 -0.65 24.94
N LYS A 750 7.25 -0.81 23.88
CA LYS A 750 6.79 -1.44 22.65
C LYS A 750 7.72 -2.55 22.22
N ARG A 751 8.56 -3.04 23.13
CA ARG A 751 9.52 -4.08 22.78
C ARG A 751 10.38 -3.62 21.63
N GLY A 752 10.71 -2.34 21.61
CA GLY A 752 11.53 -1.81 20.55
C GLY A 752 12.99 -2.13 20.82
N GLN A 753 13.79 -2.19 19.77
CA GLN A 753 15.22 -2.46 19.91
C GLN A 753 15.99 -1.44 19.09
N VAL A 754 16.68 -0.53 19.78
CA VAL A 754 17.45 0.52 19.11
C VAL A 754 18.62 -0.02 18.31
N VAL A 755 18.67 0.34 17.03
CA VAL A 755 19.73 -0.14 16.16
C VAL A 755 20.91 0.82 16.10
N SER A 756 20.61 2.11 16.06
CA SER A 756 21.65 3.12 16.01
C SER A 756 21.10 4.53 16.20
N GLU A 757 21.90 5.39 16.81
CA GLU A 757 21.52 6.78 17.05
C GLU A 757 22.65 7.70 16.57
N GLU A 758 22.33 8.56 15.61
CA GLU A 758 23.32 9.50 15.08
C GLU A 758 22.86 10.96 15.16
N GLN A 759 23.80 11.89 14.99
CA GLN A 759 23.49 13.31 15.03
C GLN A 759 23.98 13.99 13.78
N ARG A 760 23.24 15.01 13.36
CA ARG A 760 23.61 15.78 12.19
C ARG A 760 24.75 16.67 12.65
N PRO A 761 25.92 16.59 12.00
CA PRO A 761 27.10 17.40 12.34
C PRO A 761 26.79 18.73 13.04
N GLY A 762 26.39 19.72 12.25
CA GLY A 762 26.07 21.04 12.78
C GLY A 762 24.90 21.11 13.76
N THR A 763 23.70 20.85 13.26
CA THR A 763 22.46 20.90 14.03
C THR A 763 22.31 19.94 15.20
N PRO A 764 21.34 20.23 16.08
CA PRO A 764 21.08 19.35 17.24
C PRO A 764 20.01 18.32 16.87
N LEU A 765 20.02 17.92 15.59
CA LEU A 765 19.07 16.93 15.06
C LEU A 765 19.59 15.51 15.07
N PHE A 766 19.14 14.73 16.05
CA PHE A 766 19.54 13.33 16.16
C PHE A 766 18.68 12.50 15.16
N THR A 767 19.12 11.28 14.84
CA THR A 767 18.37 10.39 13.94
C THR A 767 18.40 8.96 14.46
N VAL A 768 17.42 8.62 15.31
CA VAL A 768 17.34 7.28 15.91
C VAL A 768 16.72 6.21 14.99
N LYS A 769 17.33 5.03 14.95
CA LYS A 769 16.83 3.91 14.16
C LYS A 769 16.62 2.70 15.05
N ALA A 770 15.43 2.11 14.98
CA ALA A 770 15.09 0.95 15.80
C ALA A 770 14.15 -0.09 15.15
N TYR A 771 14.07 -1.25 15.80
CA TYR A 771 13.21 -2.33 15.35
C TYR A 771 11.95 -2.27 16.18
N LEU A 772 10.80 -2.24 15.52
CA LEU A 772 9.55 -2.18 16.24
C LEU A 772 8.59 -3.25 15.77
N PRO A 773 8.29 -4.23 16.65
CA PRO A 773 7.36 -5.31 16.32
C PRO A 773 6.08 -4.71 15.73
N VAL A 774 5.70 -5.14 14.53
CA VAL A 774 4.52 -4.56 13.93
C VAL A 774 3.29 -4.70 14.80
N ASN A 775 3.19 -5.78 15.57
CA ASN A 775 2.01 -5.93 16.43
C ASN A 775 2.11 -5.06 17.68
N GLU A 776 3.12 -4.21 17.71
CA GLU A 776 3.34 -3.33 18.85
C GLU A 776 3.32 -1.87 18.39
N SER A 777 3.11 -1.68 17.09
CA SER A 777 3.11 -0.37 16.48
C SER A 777 1.75 0.26 16.28
N PHE A 778 0.72 -0.30 16.89
CA PHE A 778 -0.59 0.30 16.69
C PHE A 778 -0.69 1.58 17.51
N GLY A 779 -1.05 2.66 16.83
CA GLY A 779 -1.18 3.96 17.48
C GLY A 779 0.17 4.42 17.97
N PHE A 780 1.23 3.90 17.36
CA PHE A 780 2.59 4.26 17.72
C PHE A 780 2.81 5.74 17.53
N THR A 781 2.60 6.22 16.30
CA THR A 781 2.78 7.64 16.02
C THR A 781 2.02 8.49 17.04
N GLY A 782 0.79 8.11 17.35
CA GLY A 782 0.01 8.87 18.29
C GLY A 782 0.75 9.07 19.59
N GLU A 783 1.32 7.97 20.10
CA GLU A 783 2.07 7.98 21.35
C GLU A 783 3.41 8.70 21.22
N LEU A 784 4.04 8.55 20.06
CA LEU A 784 5.31 9.21 19.84
C LEU A 784 5.06 10.71 19.83
N ARG A 785 3.90 11.11 19.31
CA ARG A 785 3.52 12.51 19.23
C ARG A 785 3.63 13.11 20.63
N GLN A 786 2.80 12.64 21.57
CA GLN A 786 2.84 13.16 22.94
C GLN A 786 4.26 13.10 23.50
N ALA A 787 4.86 11.91 23.44
CA ALA A 787 6.19 11.69 23.98
C ALA A 787 7.26 12.72 23.62
N THR A 788 7.37 13.06 22.34
CA THR A 788 8.38 14.02 21.93
C THR A 788 7.83 15.40 21.58
N GLY A 789 6.82 15.84 22.32
CA GLY A 789 6.23 17.15 22.06
C GLY A 789 5.79 17.37 20.62
N GLY A 790 5.73 16.31 19.85
CA GLY A 790 5.34 16.43 18.46
C GLY A 790 6.50 16.85 17.58
N GLN A 791 7.71 16.94 18.14
CA GLN A 791 8.86 17.34 17.36
C GLN A 791 9.46 16.19 16.57
N ALA A 792 9.13 14.96 16.95
CA ALA A 792 9.67 13.75 16.30
C ALA A 792 9.01 13.39 14.94
N PHE A 793 9.84 13.12 13.94
CA PHE A 793 9.38 12.77 12.59
C PHE A 793 9.61 11.25 12.31
N PRO A 794 8.60 10.40 12.61
CA PRO A 794 8.63 8.94 12.43
C PRO A 794 8.68 8.51 10.99
N GLN A 795 9.21 7.31 10.75
CA GLN A 795 9.35 6.75 9.42
C GLN A 795 9.69 5.28 9.61
N MET A 796 8.78 4.39 9.20
CA MET A 796 9.02 2.96 9.35
C MET A 796 8.68 2.10 8.14
N VAL A 797 9.51 1.10 7.89
CA VAL A 797 9.35 0.18 6.79
C VAL A 797 9.43 -1.24 7.33
N PHE A 798 8.87 -2.21 6.59
CA PHE A 798 8.93 -3.58 7.06
C PHE A 798 10.41 -3.97 6.93
N ASP A 799 10.94 -4.61 7.97
CA ASP A 799 12.33 -5.01 7.93
C ASP A 799 12.61 -6.51 7.89
N HIS A 800 12.04 -7.26 8.84
CA HIS A 800 12.28 -8.69 8.87
C HIS A 800 11.28 -9.50 9.68
N TRP A 801 11.33 -10.82 9.47
CA TRP A 801 10.45 -11.73 10.21
C TRP A 801 11.23 -12.32 11.38
N SER A 802 10.63 -12.24 12.56
CA SER A 802 11.27 -12.78 13.75
C SER A 802 10.48 -13.97 14.25
N THR A 803 11.17 -15.11 14.38
CA THR A 803 10.57 -16.34 14.85
C THR A 803 10.41 -16.35 16.33
N LEU A 804 9.19 -16.25 16.86
CA LEU A 804 9.04 -16.28 18.29
C LEU A 804 9.60 -17.60 18.85
N GLY A 805 10.12 -17.54 20.06
CA GLY A 805 10.68 -18.73 20.67
C GLY A 805 9.59 -19.62 21.16
N SER A 806 8.63 -19.04 21.89
CA SER A 806 7.51 -19.81 22.45
C SER A 806 6.84 -20.84 21.53
N ASP A 807 6.18 -21.80 22.14
CA ASP A 807 5.49 -22.86 21.43
C ASP A 807 4.08 -22.42 21.04
N PRO A 808 3.85 -22.23 19.75
CA PRO A 808 2.53 -21.80 19.30
C PRO A 808 1.41 -22.75 19.74
N LEU A 809 1.76 -23.98 20.10
CA LEU A 809 0.74 -24.95 20.50
C LEU A 809 0.30 -24.80 21.95
N ASP A 810 1.20 -24.26 22.78
CA ASP A 810 0.91 -24.01 24.20
C ASP A 810 0.12 -22.69 24.32
N PRO A 811 -1.19 -22.77 24.61
CA PRO A 811 -2.08 -21.62 24.75
C PRO A 811 -1.58 -20.45 25.57
N THR A 812 -1.00 -20.73 26.74
CA THR A 812 -0.53 -19.67 27.62
C THR A 812 0.77 -19.04 27.18
N SER A 813 1.52 -19.71 26.31
CA SER A 813 2.80 -19.15 25.85
C SER A 813 2.51 -17.87 25.07
N LYS A 814 3.53 -17.03 24.88
CA LYS A 814 3.35 -15.78 24.16
C LYS A 814 2.82 -15.97 22.75
N ALA A 815 3.37 -16.96 22.05
CA ALA A 815 2.91 -17.25 20.70
C ALA A 815 1.53 -17.91 20.77
N GLY A 816 1.41 -18.94 21.59
CA GLY A 816 0.13 -19.63 21.74
C GLY A 816 -0.99 -18.66 22.06
N GLU A 817 -0.63 -17.57 22.71
CA GLU A 817 -1.60 -16.54 23.06
C GLU A 817 -2.04 -15.86 21.76
N ILE A 818 -1.08 -15.58 20.87
CA ILE A 818 -1.40 -14.98 19.58
C ILE A 818 -2.35 -15.98 18.90
N VAL A 819 -1.86 -17.20 18.68
CA VAL A 819 -2.61 -18.27 18.05
C VAL A 819 -4.04 -18.53 18.56
N LEU A 820 -4.22 -18.66 19.87
CA LEU A 820 -5.56 -18.91 20.38
C LEU A 820 -6.51 -17.77 20.01
N ALA A 821 -6.12 -16.52 20.27
CA ALA A 821 -6.96 -15.39 19.92
C ALA A 821 -7.37 -15.47 18.47
N ALA A 822 -6.36 -15.61 17.61
CA ALA A 822 -6.56 -15.70 16.16
C ALA A 822 -7.57 -16.79 15.81
N ARG A 823 -7.31 -17.98 16.31
CA ARG A 823 -8.18 -19.12 16.05
C ARG A 823 -9.62 -18.81 16.44
N LYS A 824 -9.83 -18.29 17.64
CA LYS A 824 -11.17 -17.94 18.10
C LYS A 824 -11.73 -16.85 17.19
N ARG A 825 -10.90 -15.87 16.87
CA ARG A 825 -11.33 -14.79 16.00
C ARG A 825 -11.83 -15.39 14.70
N HIS A 826 -11.12 -16.38 14.19
CA HIS A 826 -11.50 -17.05 12.95
C HIS A 826 -12.55 -18.08 13.16
N GLY A 827 -13.03 -18.17 14.39
CA GLY A 827 -14.03 -19.17 14.71
C GLY A 827 -13.55 -20.57 14.38
N MET A 828 -12.28 -20.86 14.65
CA MET A 828 -11.76 -22.20 14.39
C MET A 828 -11.82 -22.94 15.71
N LYS A 829 -11.41 -24.20 15.70
CA LYS A 829 -11.41 -24.93 16.95
C LYS A 829 -10.26 -24.33 17.75
N GLU A 830 -10.55 -23.88 18.94
CA GLU A 830 -9.55 -23.28 19.80
C GLU A 830 -8.18 -23.95 19.79
N GLU A 831 -8.17 -25.26 19.89
CA GLU A 831 -6.91 -26.00 19.92
C GLU A 831 -6.32 -26.25 18.52
N VAL A 832 -4.99 -26.24 18.42
CA VAL A 832 -4.33 -26.47 17.13
C VAL A 832 -4.33 -27.96 16.78
N PRO A 833 -4.77 -28.29 15.57
CA PRO A 833 -4.81 -29.70 15.14
C PRO A 833 -3.54 -30.50 15.40
N GLY A 834 -3.70 -31.71 15.92
CA GLY A 834 -2.54 -32.56 16.11
C GLY A 834 -2.12 -33.03 14.71
N TRP A 835 -0.93 -33.60 14.56
CA TRP A 835 -0.56 -34.06 13.23
C TRP A 835 -1.40 -35.26 12.89
N GLN A 836 -1.83 -35.98 13.93
CA GLN A 836 -2.65 -37.17 13.74
C GLN A 836 -3.87 -36.91 12.88
N GLU A 837 -4.44 -35.72 13.02
CA GLU A 837 -5.62 -35.31 12.28
C GLU A 837 -5.40 -35.23 10.78
N TYR A 838 -4.17 -34.93 10.39
CA TYR A 838 -3.88 -34.86 8.97
C TYR A 838 -3.14 -36.05 8.44
N TYR A 839 -2.63 -36.87 9.36
CA TYR A 839 -1.92 -38.09 8.98
C TYR A 839 -3.05 -39.03 8.60
N ASP A 840 -2.66 -40.20 8.10
CA ASP A 840 -3.61 -41.25 7.74
C ASP A 840 -4.28 -41.73 9.02
N LYS A 841 -5.59 -41.91 9.02
CA LYS A 841 -6.24 -42.37 10.25
C LYS A 841 -6.11 -43.88 10.33
N LEU A 842 -4.95 -44.29 10.82
CA LEU A 842 -4.56 -45.69 10.96
C LEU A 842 -4.08 -45.78 12.39
N GLU B 1 -42.99 -27.08 3.87
CA GLU B 1 -41.53 -26.92 4.10
C GLU B 1 -41.17 -27.79 5.29
N PHE B 2 -40.03 -28.46 5.20
CA PHE B 2 -39.62 -29.33 6.27
C PHE B 2 -38.39 -28.87 7.02
N LEU B 3 -37.93 -27.66 6.77
CA LEU B 3 -36.75 -27.18 7.43
C LEU B 3 -36.93 -26.56 8.82
N GLY B 4 -38.11 -26.65 9.40
CA GLY B 4 -38.30 -26.04 10.70
C GLY B 4 -38.27 -24.56 10.46
N ASP B 5 -38.23 -23.73 11.48
CA ASP B 5 -38.21 -22.31 11.16
C ASP B 5 -37.04 -21.48 11.69
N GLY B 6 -36.73 -20.39 10.98
CA GLY B 6 -35.69 -19.50 11.43
C GLY B 6 -34.76 -18.91 10.39
N GLY B 7 -35.32 -18.32 9.36
CA GLY B 7 -34.41 -17.73 8.41
C GLY B 7 -33.89 -18.72 7.39
N ASP B 8 -33.54 -18.22 6.21
CA ASP B 8 -33.07 -19.06 5.11
C ASP B 8 -31.83 -19.87 5.36
N VAL B 9 -31.89 -21.13 4.93
CA VAL B 9 -30.78 -22.05 5.10
C VAL B 9 -29.96 -22.06 3.83
N SER B 10 -28.64 -21.90 3.97
CA SER B 10 -27.77 -21.96 2.80
C SER B 10 -26.54 -22.80 3.13
N PHE B 11 -25.82 -23.25 2.10
CA PHE B 11 -24.64 -24.06 2.36
C PHE B 11 -23.33 -23.29 2.14
N SER B 12 -22.53 -23.24 3.18
CA SER B 12 -21.28 -22.53 3.09
C SER B 12 -20.11 -23.43 3.37
N THR B 13 -18.96 -22.92 3.00
CA THR B 13 -17.74 -23.63 3.23
C THR B 13 -17.45 -23.42 4.72
N ARG B 14 -17.99 -22.31 5.25
CA ARG B 14 -17.83 -21.92 6.63
C ARG B 14 -18.80 -22.64 7.52
N GLY B 15 -19.73 -23.35 6.89
CA GLY B 15 -20.74 -24.06 7.65
C GLY B 15 -22.12 -23.77 7.09
N THR B 16 -23.08 -24.59 7.47
CA THR B 16 -24.44 -24.41 6.99
C THR B 16 -25.06 -23.25 7.76
N GLN B 17 -25.61 -22.29 7.04
CA GLN B 17 -26.17 -21.10 7.68
C GLN B 17 -27.55 -21.32 8.24
N ASN B 18 -27.80 -20.74 9.41
CA ASN B 18 -29.11 -20.85 10.04
C ASN B 18 -29.60 -22.26 10.32
N TRP B 19 -28.68 -23.14 10.71
CA TRP B 19 -29.05 -24.49 10.98
C TRP B 19 -28.40 -24.95 12.27
N THR B 20 -29.09 -24.72 13.38
CA THR B 20 -28.60 -25.13 14.68
C THR B 20 -29.15 -26.53 15.00
N VAL B 21 -28.65 -27.15 16.06
CA VAL B 21 -29.11 -28.48 16.45
C VAL B 21 -30.57 -28.37 16.89
N GLU B 22 -30.87 -27.32 17.64
CA GLU B 22 -32.25 -27.11 18.07
C GLU B 22 -33.18 -27.08 16.84
N ARG B 23 -32.80 -26.35 15.79
CA ARG B 23 -33.67 -26.33 14.63
C ARG B 23 -33.84 -27.71 14.06
N LEU B 24 -32.74 -28.42 13.87
CA LEU B 24 -32.75 -29.79 13.34
C LEU B 24 -33.70 -30.67 14.17
N LEU B 25 -33.69 -30.50 15.49
CA LEU B 25 -34.56 -31.32 16.32
C LEU B 25 -36.00 -31.03 15.99
N GLN B 26 -36.31 -29.76 15.77
CA GLN B 26 -37.66 -29.36 15.42
C GLN B 26 -38.04 -29.94 14.06
N ALA B 27 -37.24 -29.65 13.05
CA ALA B 27 -37.52 -30.16 11.72
C ALA B 27 -37.73 -31.68 11.79
N HIS B 28 -36.84 -32.38 12.48
CA HIS B 28 -36.97 -33.84 12.58
C HIS B 28 -38.30 -34.31 13.24
N ARG B 29 -38.69 -33.66 14.32
CA ARG B 29 -39.92 -33.99 15.01
C ARG B 29 -41.08 -33.75 14.03
N GLN B 30 -41.06 -32.64 13.34
CA GLN B 30 -42.13 -32.36 12.41
C GLN B 30 -42.19 -33.29 11.22
N LEU B 31 -41.07 -33.91 10.89
CA LEU B 31 -41.01 -34.80 9.76
C LEU B 31 -41.63 -36.11 10.18
N GLU B 32 -41.43 -36.48 11.44
CA GLU B 32 -42.00 -37.70 11.89
C GLU B 32 -43.49 -37.51 12.05
N GLU B 33 -43.87 -36.34 12.54
CA GLU B 33 -45.28 -36.05 12.74
C GLU B 33 -46.09 -36.10 11.43
N ARG B 34 -45.40 -36.07 10.30
CA ARG B 34 -46.10 -36.17 9.03
C ARG B 34 -45.78 -37.54 8.43
N GLY B 35 -45.39 -38.48 9.28
CA GLY B 35 -45.11 -39.81 8.80
C GLY B 35 -43.88 -40.06 7.93
N TYR B 36 -42.79 -39.31 8.14
CA TYR B 36 -41.58 -39.57 7.38
C TYR B 36 -40.59 -40.19 8.35
N VAL B 37 -39.62 -40.92 7.84
CA VAL B 37 -38.63 -41.51 8.70
C VAL B 37 -37.21 -41.29 8.12
N PHE B 38 -36.24 -41.08 9.00
CA PHE B 38 -34.84 -40.91 8.61
C PHE B 38 -34.30 -42.27 8.14
N VAL B 39 -33.61 -42.28 7.00
CA VAL B 39 -33.04 -43.52 6.49
C VAL B 39 -31.54 -43.46 6.28
N GLY B 40 -30.95 -42.28 6.40
CA GLY B 40 -29.51 -42.21 6.23
C GLY B 40 -28.95 -40.83 5.94
N TYR B 41 -27.62 -40.79 5.79
CA TYR B 41 -26.89 -39.55 5.50
C TYR B 41 -26.39 -39.56 4.07
N HIS B 42 -26.35 -38.37 3.47
CA HIS B 42 -25.81 -38.22 2.13
C HIS B 42 -24.85 -37.06 2.14
N GLY B 43 -23.60 -37.33 1.76
CA GLY B 43 -22.57 -36.30 1.73
C GLY B 43 -22.32 -35.78 0.32
N THR B 44 -22.11 -34.49 0.20
CA THR B 44 -21.89 -33.93 -1.12
C THR B 44 -21.40 -32.50 -1.12
N PHE B 45 -21.18 -31.94 -2.31
CA PHE B 45 -20.73 -30.56 -2.42
C PHE B 45 -21.84 -29.56 -2.24
N LEU B 46 -21.47 -28.39 -1.75
CA LEU B 46 -22.42 -27.33 -1.48
C LEU B 46 -23.48 -27.13 -2.55
N GLU B 47 -23.07 -26.92 -3.79
CA GLU B 47 -24.06 -26.70 -4.82
C GLU B 47 -25.05 -27.86 -4.82
N ALA B 48 -24.52 -29.08 -4.72
CA ALA B 48 -25.37 -30.28 -4.66
C ALA B 48 -26.31 -30.22 -3.45
N ALA B 49 -25.77 -29.98 -2.27
CA ALA B 49 -26.60 -29.91 -1.09
C ALA B 49 -27.77 -28.98 -1.40
N GLN B 50 -27.45 -27.74 -1.76
CA GLN B 50 -28.47 -26.74 -2.07
C GLN B 50 -29.59 -27.32 -2.94
N SER B 51 -29.18 -27.93 -4.04
CA SER B 51 -30.09 -28.53 -5.00
C SER B 51 -31.00 -29.55 -4.32
N ILE B 52 -30.39 -30.54 -3.66
CA ILE B 52 -31.14 -31.58 -2.99
C ILE B 52 -32.16 -31.05 -1.98
N VAL B 53 -31.75 -30.09 -1.15
CA VAL B 53 -32.65 -29.53 -0.14
C VAL B 53 -33.70 -28.55 -0.65
N PHE B 54 -33.44 -27.82 -1.74
CA PHE B 54 -34.43 -26.87 -2.27
C PHE B 54 -34.70 -27.14 -3.72
N GLY B 55 -35.16 -28.34 -4.02
CA GLY B 55 -35.42 -28.69 -5.40
C GLY B 55 -35.71 -30.14 -5.40
N GLY B 56 -35.12 -30.82 -4.42
CA GLY B 56 -35.38 -32.24 -4.26
C GLY B 56 -34.41 -33.18 -4.88
N VAL B 57 -34.27 -34.35 -4.33
CA VAL B 57 -33.39 -35.33 -4.96
C VAL B 57 -34.04 -35.62 -6.31
N ARG B 58 -33.29 -35.49 -7.41
CA ARG B 58 -33.82 -35.75 -8.75
C ARG B 58 -32.85 -36.59 -9.54
N ALA B 59 -33.24 -37.79 -9.94
CA ALA B 59 -32.35 -38.46 -10.86
C ALA B 59 -32.43 -37.51 -12.04
N ARG B 60 -31.43 -37.44 -12.90
CA ARG B 60 -31.52 -36.51 -14.04
C ARG B 60 -30.69 -37.04 -15.19
N SER B 61 -31.34 -37.80 -16.05
CA SER B 61 -30.64 -38.39 -17.14
C SER B 61 -29.67 -39.39 -16.52
N GLN B 62 -30.04 -40.64 -16.52
CA GLN B 62 -29.23 -41.71 -15.99
C GLN B 62 -28.88 -42.66 -17.12
N ASP B 63 -27.95 -43.58 -16.86
CA ASP B 63 -27.58 -44.58 -17.84
C ASP B 63 -28.60 -45.67 -17.62
N LEU B 64 -29.65 -45.67 -18.43
CA LEU B 64 -30.71 -46.67 -18.30
C LEU B 64 -30.27 -48.13 -18.39
N ASP B 65 -29.01 -48.38 -18.72
CA ASP B 65 -28.52 -49.75 -18.78
C ASP B 65 -27.79 -50.04 -17.47
N ALA B 66 -27.62 -48.98 -16.68
CA ALA B 66 -26.94 -49.03 -15.38
C ALA B 66 -27.85 -49.69 -14.37
N ILE B 67 -27.56 -50.92 -14.00
CA ILE B 67 -28.45 -51.59 -13.08
C ILE B 67 -28.34 -51.20 -11.61
N TRP B 68 -27.28 -50.50 -11.22
CA TRP B 68 -27.18 -50.11 -9.82
C TRP B 68 -27.38 -48.61 -9.68
N ARG B 69 -28.03 -48.05 -10.69
CA ARG B 69 -28.34 -46.64 -10.71
C ARG B 69 -29.31 -46.29 -9.57
N GLY B 70 -29.04 -45.18 -8.90
CA GLY B 70 -29.87 -44.78 -7.78
C GLY B 70 -29.22 -43.71 -6.92
N PHE B 71 -29.89 -43.30 -5.86
CA PHE B 71 -29.36 -42.29 -4.97
C PHE B 71 -28.71 -43.01 -3.81
N TYR B 72 -27.42 -42.74 -3.61
CA TYR B 72 -26.66 -43.38 -2.55
C TYR B 72 -26.60 -42.60 -1.24
N ILE B 73 -26.84 -43.28 -0.14
CA ILE B 73 -26.77 -42.66 1.18
C ILE B 73 -26.09 -43.65 2.15
N ALA B 74 -25.99 -43.28 3.42
CA ALA B 74 -25.35 -44.15 4.38
C ALA B 74 -25.86 -43.86 5.77
N GLY B 75 -26.12 -44.92 6.53
CA GLY B 75 -26.63 -44.73 7.87
C GLY B 75 -25.57 -44.13 8.75
N ASP B 76 -24.31 -44.38 8.44
CA ASP B 76 -23.25 -43.86 9.28
C ASP B 76 -22.67 -42.57 8.70
N PRO B 77 -22.99 -41.44 9.33
CA PRO B 77 -22.48 -40.17 8.81
C PRO B 77 -21.02 -40.24 8.40
N ALA B 78 -20.22 -40.98 9.15
CA ALA B 78 -18.81 -41.11 8.81
C ALA B 78 -18.60 -41.56 7.38
N LEU B 79 -19.43 -42.49 6.92
CA LEU B 79 -19.25 -42.94 5.54
C LEU B 79 -19.76 -41.92 4.54
N ALA B 80 -20.83 -41.22 4.89
CA ALA B 80 -21.39 -40.20 4.02
C ALA B 80 -20.40 -39.04 3.93
N TYR B 81 -19.84 -38.70 5.08
CA TYR B 81 -18.89 -37.62 5.20
C TYR B 81 -17.77 -37.64 4.19
N GLY B 82 -17.29 -38.82 3.85
CA GLY B 82 -16.21 -38.93 2.89
C GLY B 82 -16.51 -38.38 1.51
N TYR B 83 -17.78 -38.14 1.21
CA TYR B 83 -18.14 -37.63 -0.11
C TYR B 83 -18.60 -36.17 -0.05
N ALA B 84 -18.58 -35.60 1.15
CA ALA B 84 -19.00 -34.23 1.35
C ALA B 84 -17.88 -33.28 0.99
N GLN B 85 -17.48 -33.26 -0.28
CA GLN B 85 -16.40 -32.37 -0.70
C GLN B 85 -16.35 -32.27 -2.21
N ASP B 86 -15.78 -31.20 -2.76
CA ASP B 86 -15.68 -31.10 -4.21
C ASP B 86 -14.95 -32.37 -4.63
N GLN B 87 -15.25 -32.84 -5.82
CA GLN B 87 -14.63 -34.05 -6.32
C GLN B 87 -13.60 -33.66 -7.35
N GLU B 88 -13.60 -32.40 -7.73
CA GLU B 88 -12.64 -31.90 -8.69
C GLU B 88 -12.34 -30.47 -8.29
N PRO B 89 -11.09 -30.05 -8.41
CA PRO B 89 -10.71 -28.69 -8.04
C PRO B 89 -11.34 -27.61 -8.89
N ASP B 90 -11.47 -26.39 -8.35
CA ASP B 90 -11.99 -25.30 -9.14
C ASP B 90 -10.73 -24.91 -9.93
N ALA B 91 -10.88 -24.13 -11.01
CA ALA B 91 -9.74 -23.77 -11.87
C ALA B 91 -8.37 -23.39 -11.22
N ARG B 92 -8.42 -22.72 -10.08
CA ARG B 92 -7.23 -22.31 -9.36
C ARG B 92 -6.62 -23.47 -8.58
N GLY B 93 -7.47 -24.36 -8.09
CA GLY B 93 -6.97 -25.50 -7.37
C GLY B 93 -7.57 -25.80 -6.01
N ARG B 94 -8.63 -25.09 -5.63
CA ARG B 94 -9.24 -25.34 -4.33
C ARG B 94 -10.25 -26.50 -4.37
N ILE B 95 -10.25 -27.29 -3.32
CA ILE B 95 -11.17 -28.39 -3.18
C ILE B 95 -11.90 -28.07 -1.89
N ARG B 96 -13.06 -27.42 -1.93
CA ARG B 96 -13.66 -27.12 -0.65
C ARG B 96 -14.54 -28.20 -0.04
N ASN B 97 -14.83 -28.03 1.24
CA ASN B 97 -15.63 -28.99 1.97
C ASN B 97 -17.08 -29.04 1.47
N GLY B 98 -17.76 -30.11 1.83
CA GLY B 98 -19.12 -30.27 1.39
C GLY B 98 -20.06 -30.11 2.55
N ALA B 99 -21.15 -30.87 2.50
CA ALA B 99 -22.14 -30.80 3.55
C ALA B 99 -22.79 -32.13 3.74
N LEU B 100 -23.20 -32.38 4.97
CA LEU B 100 -23.90 -33.61 5.27
C LEU B 100 -25.41 -33.33 5.26
N LEU B 101 -26.11 -34.20 4.57
CA LEU B 101 -27.53 -34.10 4.41
C LEU B 101 -28.17 -35.35 5.02
N ARG B 102 -29.30 -35.12 5.67
CA ARG B 102 -30.08 -36.16 6.30
C ARG B 102 -31.22 -36.46 5.35
N VAL B 103 -31.31 -37.72 4.92
CA VAL B 103 -32.37 -38.15 4.00
C VAL B 103 -33.55 -38.85 4.70
N TYR B 104 -34.76 -38.34 4.45
CA TYR B 104 -35.97 -38.93 5.00
C TYR B 104 -36.82 -39.45 3.86
N VAL B 105 -37.68 -40.42 4.14
CA VAL B 105 -38.61 -40.92 3.11
C VAL B 105 -39.98 -41.06 3.74
N PRO B 106 -41.01 -41.12 2.89
CA PRO B 106 -42.36 -41.28 3.43
C PRO B 106 -42.25 -42.62 4.10
N ARG B 107 -42.76 -42.71 5.32
CA ARG B 107 -42.74 -43.95 6.09
C ARG B 107 -43.41 -45.05 5.27
N SER B 108 -44.40 -44.68 4.49
CA SER B 108 -45.07 -45.66 3.65
C SER B 108 -44.15 -46.45 2.72
N SER B 109 -42.91 -46.03 2.51
CA SER B 109 -42.03 -46.79 1.62
C SER B 109 -41.17 -47.80 2.37
N LEU B 110 -41.20 -47.77 3.70
CA LEU B 110 -40.41 -48.71 4.47
C LEU B 110 -40.57 -50.15 4.00
N PRO B 111 -41.79 -50.52 3.57
CA PRO B 111 -41.99 -51.88 3.11
C PRO B 111 -41.06 -52.29 2.01
N GLY B 112 -40.35 -51.32 1.43
CA GLY B 112 -39.48 -51.65 0.32
C GLY B 112 -37.99 -51.59 0.61
N PHE B 113 -37.65 -51.48 1.89
CA PHE B 113 -36.26 -51.44 2.33
C PHE B 113 -35.80 -52.83 2.77
N TYR B 114 -34.82 -53.36 2.05
CA TYR B 114 -34.24 -54.68 2.31
C TYR B 114 -32.73 -54.56 2.56
N ARG B 115 -32.17 -55.57 3.23
CA ARG B 115 -30.74 -55.60 3.54
C ARG B 115 -30.10 -56.89 3.07
N THR B 116 -28.77 -56.89 2.99
CA THR B 116 -28.00 -58.06 2.56
C THR B 116 -26.57 -58.00 3.10
N SER B 117 -25.96 -59.17 3.30
CA SER B 117 -24.59 -59.23 3.79
C SER B 117 -23.65 -59.11 2.61
N LEU B 118 -24.11 -59.58 1.47
CA LEU B 118 -23.34 -59.52 0.24
C LEU B 118 -22.87 -58.10 -0.02
N THR B 119 -21.75 -57.95 -0.70
CA THR B 119 -21.27 -56.62 -1.01
C THR B 119 -21.83 -56.36 -2.41
N LEU B 120 -22.57 -55.27 -2.52
CA LEU B 120 -23.24 -54.91 -3.76
C LEU B 120 -22.57 -55.15 -5.13
N ALA B 121 -21.25 -54.99 -5.24
CA ALA B 121 -20.62 -55.23 -6.55
C ALA B 121 -20.61 -56.71 -6.96
N ALA B 122 -20.17 -57.55 -6.00
CA ALA B 122 -20.07 -59.01 -6.15
C ALA B 122 -21.12 -59.67 -7.06
N PRO B 123 -20.67 -60.57 -7.95
CA PRO B 123 -21.58 -61.26 -8.87
C PRO B 123 -22.91 -61.69 -8.27
N GLU B 124 -22.85 -62.35 -7.12
CA GLU B 124 -24.07 -62.83 -6.47
C GLU B 124 -25.06 -61.71 -6.19
N ALA B 125 -24.57 -60.64 -5.57
CA ALA B 125 -25.36 -59.46 -5.20
C ALA B 125 -26.56 -59.22 -6.09
N ALA B 126 -26.30 -58.82 -7.33
CA ALA B 126 -27.35 -58.55 -8.29
C ALA B 126 -28.52 -59.53 -8.16
N GLY B 127 -28.26 -60.80 -8.39
CA GLY B 127 -29.31 -61.78 -8.31
C GLY B 127 -29.98 -61.91 -6.95
N GLU B 128 -29.22 -61.73 -5.88
CA GLU B 128 -29.77 -61.83 -4.55
C GLU B 128 -30.58 -60.58 -4.18
N VAL B 129 -30.21 -59.44 -4.78
CA VAL B 129 -30.93 -58.19 -4.50
C VAL B 129 -32.24 -58.23 -5.26
N GLU B 130 -32.16 -58.69 -6.52
CA GLU B 130 -33.36 -58.82 -7.33
C GLU B 130 -34.30 -59.83 -6.68
N ARG B 131 -33.73 -60.80 -5.96
CA ARG B 131 -34.53 -61.81 -5.28
C ARG B 131 -35.31 -61.15 -4.18
N LEU B 132 -34.63 -60.31 -3.41
CA LEU B 132 -35.27 -59.62 -2.30
C LEU B 132 -36.31 -58.57 -2.73
N ILE B 133 -35.96 -57.71 -3.68
CA ILE B 133 -36.89 -56.68 -4.13
C ILE B 133 -38.05 -57.20 -4.98
N GLY B 134 -37.91 -58.45 -5.45
CA GLY B 134 -38.94 -59.08 -6.23
C GLY B 134 -39.05 -58.66 -7.67
N HIS B 135 -37.94 -58.20 -8.25
CA HIS B 135 -37.96 -57.81 -9.67
C HIS B 135 -36.55 -57.48 -10.13
N PRO B 136 -36.29 -57.61 -11.44
CA PRO B 136 -34.97 -57.32 -11.98
C PRO B 136 -34.53 -55.91 -11.65
N LEU B 137 -33.23 -55.69 -11.52
CA LEU B 137 -32.70 -54.36 -11.24
C LEU B 137 -33.01 -53.54 -12.49
N PRO B 138 -32.94 -52.19 -12.42
CA PRO B 138 -32.59 -51.30 -11.31
C PRO B 138 -33.60 -51.25 -10.21
N LEU B 139 -33.21 -50.68 -9.08
CA LEU B 139 -34.12 -50.54 -7.96
C LEU B 139 -35.11 -49.49 -8.37
N ARG B 140 -36.36 -49.67 -7.95
CA ARG B 140 -37.39 -48.73 -8.29
C ARG B 140 -37.95 -48.15 -7.01
N LEU B 141 -39.16 -48.53 -6.61
CA LEU B 141 -39.68 -47.98 -5.35
C LEU B 141 -39.18 -48.87 -4.23
N ASP B 142 -37.86 -49.02 -4.14
CA ASP B 142 -37.30 -49.86 -3.10
C ASP B 142 -35.87 -49.49 -2.85
N ALA B 143 -35.29 -50.07 -1.80
CA ALA B 143 -33.92 -49.73 -1.46
C ALA B 143 -33.18 -50.94 -0.94
N ILE B 144 -31.87 -50.93 -1.13
CA ILE B 144 -31.03 -52.02 -0.67
C ILE B 144 -29.91 -51.46 0.13
N THR B 145 -29.59 -52.12 1.24
CA THR B 145 -28.51 -51.70 2.11
C THR B 145 -27.56 -52.86 2.30
N GLY B 146 -26.28 -52.62 2.03
CA GLY B 146 -25.29 -53.66 2.21
C GLY B 146 -23.87 -53.11 2.26
N PRO B 147 -22.88 -53.93 2.68
CA PRO B 147 -21.48 -53.52 2.78
C PRO B 147 -21.01 -52.80 1.52
N GLU B 148 -20.24 -51.71 1.67
CA GLU B 148 -19.73 -50.93 0.54
C GLU B 148 -18.72 -51.77 -0.26
N GLU B 149 -18.11 -52.71 0.45
CA GLU B 149 -17.12 -53.60 -0.10
C GLU B 149 -16.85 -54.51 1.08
N GLU B 150 -16.34 -55.71 0.81
CA GLU B 150 -16.08 -56.65 1.89
C GLU B 150 -15.56 -55.96 3.15
N GLY B 151 -16.25 -56.18 4.26
CA GLY B 151 -15.84 -55.59 5.52
C GLY B 151 -15.91 -54.08 5.64
N GLY B 152 -16.40 -53.40 4.60
CA GLY B 152 -16.53 -51.96 4.70
C GLY B 152 -17.76 -51.60 5.51
N ARG B 153 -18.12 -50.33 5.48
CA ARG B 153 -19.32 -49.87 6.18
C ARG B 153 -20.48 -50.08 5.23
N LEU B 154 -21.70 -50.03 5.73
CA LEU B 154 -22.83 -50.26 4.84
C LEU B 154 -23.34 -49.00 4.16
N GLU B 155 -23.73 -49.15 2.91
CA GLU B 155 -24.28 -48.07 2.12
C GLU B 155 -25.72 -48.42 1.74
N THR B 156 -26.54 -47.43 1.47
CA THR B 156 -27.92 -47.69 1.12
C THR B 156 -28.26 -47.09 -0.23
N ILE B 157 -28.93 -47.86 -1.07
CA ILE B 157 -29.28 -47.34 -2.37
C ILE B 157 -30.79 -47.17 -2.58
N LEU B 158 -31.29 -45.94 -2.47
CA LEU B 158 -32.70 -45.73 -2.71
C LEU B 158 -32.85 -45.70 -4.24
N GLY B 159 -33.77 -46.51 -4.78
CA GLY B 159 -34.00 -46.54 -6.21
C GLY B 159 -34.40 -45.13 -6.60
N TRP B 160 -34.31 -44.76 -7.87
CA TRP B 160 -34.66 -43.38 -8.21
C TRP B 160 -36.09 -42.96 -7.92
N PRO B 161 -37.06 -43.80 -8.25
CA PRO B 161 -38.45 -43.45 -7.98
C PRO B 161 -38.62 -43.14 -6.49
N LEU B 162 -38.02 -43.97 -5.64
CA LEU B 162 -38.11 -43.80 -4.19
C LEU B 162 -37.33 -42.55 -3.75
N ALA B 163 -36.17 -42.32 -4.37
CA ALA B 163 -35.31 -41.19 -4.03
C ALA B 163 -35.97 -39.85 -4.23
N GLU B 164 -36.79 -39.77 -5.28
CA GLU B 164 -37.46 -38.52 -5.55
C GLU B 164 -38.59 -38.30 -4.59
N ARG B 165 -38.80 -39.25 -3.69
CA ARG B 165 -39.87 -39.10 -2.74
C ARG B 165 -39.30 -38.86 -1.39
N THR B 166 -38.01 -38.56 -1.34
CA THR B 166 -37.35 -38.26 -0.08
C THR B 166 -37.59 -36.79 0.27
N VAL B 167 -37.20 -36.41 1.46
CA VAL B 167 -37.27 -35.03 1.87
C VAL B 167 -35.91 -34.94 2.53
N VAL B 168 -35.07 -34.03 2.06
CA VAL B 168 -33.76 -33.93 2.67
C VAL B 168 -33.59 -32.60 3.40
N ILE B 169 -32.95 -32.67 4.56
CA ILE B 169 -32.67 -31.49 5.38
C ILE B 169 -31.18 -31.56 5.80
N PRO B 170 -30.58 -30.41 6.16
CA PRO B 170 -29.17 -30.35 6.57
C PRO B 170 -28.90 -31.17 7.82
N SER B 171 -27.64 -31.52 8.07
CA SER B 171 -27.29 -32.24 9.28
C SER B 171 -26.66 -31.20 10.20
N ALA B 172 -26.63 -31.46 11.50
CA ALA B 172 -26.01 -30.50 12.38
C ALA B 172 -24.54 -30.92 12.46
N ILE B 173 -24.18 -31.97 11.73
CA ILE B 173 -22.81 -32.46 11.73
C ILE B 173 -22.07 -31.59 10.75
N PRO B 174 -21.02 -30.89 11.19
CA PRO B 174 -20.31 -30.03 10.24
C PRO B 174 -19.11 -30.62 9.51
N THR B 175 -18.87 -30.17 8.29
CA THR B 175 -17.70 -30.65 7.60
C THR B 175 -16.61 -29.68 8.03
N ASP B 176 -15.36 -30.11 7.90
CA ASP B 176 -14.26 -29.27 8.30
C ASP B 176 -13.62 -28.60 7.09
N PRO B 177 -13.57 -27.26 7.08
CA PRO B 177 -12.97 -26.50 5.99
C PRO B 177 -11.44 -26.52 6.08
N ARG B 178 -10.94 -26.87 7.27
CA ARG B 178 -9.49 -26.91 7.49
C ARG B 178 -8.85 -28.31 7.55
N ASN B 179 -9.59 -29.32 7.13
CA ASN B 179 -9.12 -30.71 7.12
C ASN B 179 -9.87 -31.48 6.05
N VAL B 180 -10.14 -30.83 4.93
CA VAL B 180 -10.85 -31.48 3.85
C VAL B 180 -10.11 -32.75 3.43
N GLY B 181 -10.75 -33.90 3.56
CA GLY B 181 -10.09 -35.14 3.20
C GLY B 181 -9.85 -35.94 4.47
N GLY B 182 -9.97 -35.27 5.60
CA GLY B 182 -9.80 -35.94 6.88
C GLY B 182 -11.00 -36.81 7.13
N ASP B 183 -11.04 -37.54 8.24
CA ASP B 183 -12.20 -38.38 8.53
C ASP B 183 -13.10 -37.69 9.55
N LEU B 184 -14.41 -37.91 9.45
CA LEU B 184 -15.33 -37.29 10.38
C LEU B 184 -14.94 -37.58 11.81
N ASP B 185 -14.70 -36.53 12.58
CA ASP B 185 -14.35 -36.74 13.97
C ASP B 185 -15.61 -37.01 14.79
N PRO B 186 -15.79 -38.27 15.23
CA PRO B 186 -16.95 -38.68 16.02
C PRO B 186 -17.38 -37.72 17.12
N SER B 187 -16.45 -37.00 17.72
CA SER B 187 -16.85 -36.07 18.77
C SER B 187 -17.46 -34.79 18.17
N SER B 188 -17.55 -34.71 16.85
CA SER B 188 -18.11 -33.49 16.25
C SER B 188 -19.61 -33.63 15.97
N ILE B 189 -20.09 -34.88 16.03
CA ILE B 189 -21.50 -35.22 15.85
C ILE B 189 -22.24 -34.76 17.10
N PRO B 190 -23.25 -33.85 16.97
CA PRO B 190 -23.97 -33.39 18.16
C PRO B 190 -24.63 -34.58 18.82
N ASP B 191 -24.61 -34.62 20.15
CA ASP B 191 -25.21 -35.75 20.84
C ASP B 191 -26.70 -35.83 20.51
N LYS B 192 -27.33 -34.67 20.35
CA LYS B 192 -28.75 -34.64 20.01
C LYS B 192 -29.06 -35.10 18.59
N GLU B 193 -28.08 -35.05 17.70
CA GLU B 193 -28.39 -35.51 16.36
C GLU B 193 -28.32 -37.03 16.38
N GLN B 194 -27.42 -37.56 17.19
CA GLN B 194 -27.25 -39.00 17.32
C GLN B 194 -28.54 -39.60 17.86
N ALA B 195 -29.16 -38.86 18.76
CA ALA B 195 -30.39 -39.28 19.39
C ALA B 195 -31.49 -39.46 18.36
N ILE B 196 -31.53 -38.60 17.35
CA ILE B 196 -32.59 -38.76 16.38
C ILE B 196 -32.15 -39.48 15.13
N SER B 197 -31.07 -40.26 15.23
CA SER B 197 -30.55 -40.94 14.06
C SER B 197 -30.62 -42.44 13.96
N ALA B 198 -31.52 -43.08 14.67
CA ALA B 198 -31.59 -44.53 14.51
C ALA B 198 -32.11 -44.85 13.12
N LEU B 199 -31.69 -45.97 12.58
CA LEU B 199 -32.14 -46.42 11.28
C LEU B 199 -33.32 -47.39 11.36
N PRO B 200 -34.16 -47.43 10.34
CA PRO B 200 -35.26 -48.39 10.43
C PRO B 200 -34.64 -49.78 10.35
N ASP B 201 -35.43 -50.80 10.69
CA ASP B 201 -34.95 -52.17 10.62
C ASP B 201 -35.38 -52.73 9.27
N TYR B 202 -34.41 -52.99 8.40
CA TYR B 202 -34.71 -53.48 7.05
C TYR B 202 -34.86 -54.98 6.92
N ALA B 203 -35.80 -55.39 6.08
CA ALA B 203 -36.07 -56.80 5.85
C ALA B 203 -34.88 -57.50 5.22
N SER B 204 -34.82 -58.82 5.39
CA SER B 204 -33.73 -59.61 4.82
C SER B 204 -34.36 -60.69 3.98
N GLN B 205 -35.67 -60.78 4.10
CA GLN B 205 -36.45 -61.77 3.36
C GLN B 205 -37.38 -60.99 2.46
N PRO B 206 -37.52 -61.42 1.22
CA PRO B 206 -38.40 -60.73 0.28
C PRO B 206 -39.85 -60.76 0.74
N GLY B 207 -40.64 -59.78 0.36
CA GLY B 207 -42.02 -59.78 0.77
C GLY B 207 -42.90 -60.70 -0.06
N VAL C 2 -58.73 49.98 -0.02
CA VAL C 2 -58.84 50.25 -1.50
C VAL C 2 -59.01 48.95 -2.29
N ALA C 3 -59.60 49.04 -3.47
CA ALA C 3 -59.81 47.88 -4.32
C ALA C 3 -58.67 47.77 -5.32
N PHE C 4 -58.31 46.55 -5.68
CA PHE C 4 -57.23 46.33 -6.65
C PHE C 4 -57.56 45.21 -7.62
N THR C 5 -56.95 45.28 -8.80
CA THR C 5 -57.15 44.25 -9.82
C THR C 5 -56.05 43.23 -9.60
N VAL C 6 -56.25 42.02 -10.13
CA VAL C 6 -55.26 40.97 -9.97
C VAL C 6 -53.89 41.45 -10.46
N ASP C 7 -53.90 42.28 -11.51
CA ASP C 7 -52.68 42.82 -12.08
C ASP C 7 -51.94 43.70 -11.09
N GLN C 8 -52.69 44.57 -10.42
CA GLN C 8 -52.11 45.45 -9.44
C GLN C 8 -51.47 44.62 -8.33
N MET C 9 -52.26 43.71 -7.76
CA MET C 9 -51.80 42.81 -6.71
C MET C 9 -50.55 42.05 -7.15
N ARG C 10 -50.66 41.37 -8.29
CA ARG C 10 -49.53 40.63 -8.81
C ARG C 10 -48.32 41.56 -8.93
N SER C 11 -48.50 42.69 -9.60
CA SER C 11 -47.42 43.66 -9.81
C SER C 11 -46.79 44.08 -8.48
N LEU C 12 -47.66 44.34 -7.51
CA LEU C 12 -47.23 44.74 -6.18
C LEU C 12 -46.45 43.60 -5.52
N MET C 13 -46.93 42.36 -5.68
CA MET C 13 -46.28 41.20 -5.11
C MET C 13 -44.95 40.90 -5.78
N ASP C 14 -44.62 41.64 -6.83
CA ASP C 14 -43.37 41.41 -7.52
C ASP C 14 -42.26 42.22 -6.84
N LYS C 15 -42.64 43.34 -6.24
CA LYS C 15 -41.69 44.21 -5.54
C LYS C 15 -41.63 43.80 -4.07
N VAL C 16 -41.08 42.62 -3.83
CA VAL C 16 -40.95 42.05 -2.49
C VAL C 16 -40.30 43.02 -1.50
N THR C 17 -39.30 43.74 -1.99
CA THR C 17 -38.59 44.72 -1.17
C THR C 17 -39.57 45.73 -0.58
N ASN C 18 -40.81 45.68 -1.07
CA ASN C 18 -41.82 46.60 -0.58
C ASN C 18 -43.00 45.83 0.01
N VAL C 19 -42.70 44.66 0.54
CA VAL C 19 -43.72 43.82 1.16
C VAL C 19 -43.38 43.62 2.63
N ARG C 20 -44.41 43.52 3.47
CA ARG C 20 -44.20 43.36 4.90
C ARG C 20 -45.06 42.21 5.43
N ASN C 21 -44.41 41.12 5.85
CA ASN C 21 -45.11 39.97 6.38
C ASN C 21 -45.09 40.04 7.90
N MET C 22 -46.21 40.45 8.49
CA MET C 22 -46.25 40.55 9.94
C MET C 22 -47.52 40.05 10.62
N SER C 23 -47.43 39.91 11.93
CA SER C 23 -48.51 39.44 12.76
C SER C 23 -48.68 40.52 13.84
N VAL C 24 -49.62 40.33 14.77
CA VAL C 24 -49.85 41.30 15.85
C VAL C 24 -49.82 40.58 17.17
N ILE C 25 -48.72 40.68 17.91
CA ILE C 25 -48.62 40.03 19.20
C ILE C 25 -49.32 40.86 20.28
N ALA C 26 -50.52 40.48 20.68
CA ALA C 26 -51.23 41.23 21.70
C ALA C 26 -52.25 40.40 22.46
N HIS C 27 -52.38 40.64 23.77
CA HIS C 27 -53.37 39.93 24.58
C HIS C 27 -54.70 40.43 24.01
N VAL C 28 -55.74 39.60 24.01
CA VAL C 28 -57.02 40.02 23.47
C VAL C 28 -57.61 41.24 24.20
N ASP C 29 -57.45 41.27 25.53
CA ASP C 29 -57.98 42.37 26.34
C ASP C 29 -57.21 43.68 26.23
N HIS C 30 -56.28 43.75 25.27
CA HIS C 30 -55.48 44.95 25.06
C HIS C 30 -55.76 45.44 23.65
N GLY C 31 -57.04 45.37 23.27
CA GLY C 31 -57.50 45.83 21.98
C GLY C 31 -56.77 45.32 20.76
N LYS C 32 -56.20 44.12 20.84
CA LYS C 32 -55.47 43.53 19.70
C LYS C 32 -56.40 43.58 18.48
N SER C 33 -57.64 43.21 18.73
CA SER C 33 -58.70 43.16 17.73
C SER C 33 -59.06 44.55 17.23
N THR C 34 -59.26 45.47 18.15
CA THR C 34 -59.60 46.86 17.82
C THR C 34 -58.54 47.50 16.95
N LEU C 35 -57.29 47.40 17.39
CA LEU C 35 -56.17 47.97 16.66
C LEU C 35 -56.09 47.41 15.23
N THR C 36 -56.13 46.08 15.12
CA THR C 36 -56.07 45.44 13.80
C THR C 36 -57.17 45.99 12.87
N ASP C 37 -58.40 45.98 13.34
CA ASP C 37 -59.52 46.48 12.54
C ASP C 37 -59.16 47.83 11.93
N SER C 38 -58.63 48.72 12.77
CA SER C 38 -58.23 50.05 12.35
C SER C 38 -57.41 50.02 11.07
N LEU C 39 -56.45 49.09 11.01
CA LEU C 39 -55.60 48.97 9.83
C LEU C 39 -56.41 48.45 8.68
N VAL C 40 -57.32 47.52 8.95
CA VAL C 40 -58.14 46.97 7.91
C VAL C 40 -59.02 48.10 7.43
N GLN C 41 -59.65 48.79 8.38
CA GLN C 41 -60.55 49.91 8.10
C GLN C 41 -59.82 51.10 7.45
N ARG C 42 -58.49 51.06 7.50
CA ARG C 42 -57.66 52.14 6.95
C ARG C 42 -56.94 51.74 5.65
N ALA C 43 -56.17 50.65 5.69
CA ALA C 43 -55.42 50.22 4.53
C ALA C 43 -55.75 48.81 4.04
N GLY C 44 -56.93 48.31 4.41
CA GLY C 44 -57.33 46.98 3.99
C GLY C 44 -57.48 46.84 2.48
N ILE C 45 -57.00 45.72 1.95
CA ILE C 45 -57.12 45.47 0.51
C ILE C 45 -58.38 44.63 0.31
N ILE C 46 -59.21 45.07 -0.63
CA ILE C 46 -60.43 44.33 -0.96
C ILE C 46 -60.34 43.97 -2.43
N SER C 47 -61.28 43.17 -2.93
CA SER C 47 -61.19 42.76 -4.34
C SER C 47 -62.12 43.43 -5.35
N ALA C 48 -61.59 43.57 -6.57
CA ALA C 48 -62.25 44.17 -7.72
C ALA C 48 -63.73 43.81 -7.83
N GLY C 67 -67.39 33.10 -5.72
CA GLY C 67 -68.32 32.90 -4.62
C GLY C 67 -67.81 31.89 -3.61
N ILE C 68 -66.50 31.65 -3.61
CA ILE C 68 -65.88 30.72 -2.66
C ILE C 68 -65.28 31.48 -1.49
N THR C 69 -65.83 31.26 -0.30
CA THR C 69 -65.34 31.93 0.89
C THR C 69 -64.41 31.04 1.73
N ILE C 70 -63.51 31.68 2.47
CA ILE C 70 -62.55 30.98 3.33
C ILE C 70 -62.47 31.61 4.72
N LYS C 71 -61.88 30.87 5.64
CA LYS C 71 -61.69 31.32 7.01
C LYS C 71 -60.53 32.32 6.96
N SER C 72 -60.81 33.58 7.28
CA SER C 72 -59.78 34.62 7.21
C SER C 72 -58.51 34.23 7.96
N THR C 73 -57.44 34.05 7.20
CA THR C 73 -56.15 33.69 7.77
C THR C 73 -55.12 34.79 7.58
N ALA C 74 -55.44 35.77 6.73
CA ALA C 74 -54.51 36.87 6.51
C ALA C 74 -55.23 38.03 5.83
N ILE C 75 -54.78 39.25 6.08
CA ILE C 75 -55.38 40.43 5.46
C ILE C 75 -54.35 41.25 4.70
N SER C 76 -54.67 41.60 3.46
CA SER C 76 -53.76 42.40 2.65
C SER C 76 -53.95 43.88 2.99
N LEU C 77 -52.85 44.60 3.15
CA LEU C 77 -52.85 46.03 3.48
C LEU C 77 -51.92 46.82 2.56
N TYR C 78 -52.42 47.93 2.03
CA TYR C 78 -51.63 48.78 1.14
C TYR C 78 -51.32 50.11 1.80
N SER C 79 -50.11 50.62 1.56
CA SER C 79 -49.72 51.89 2.13
C SER C 79 -48.69 52.55 1.22
N GLU C 80 -48.83 53.86 1.03
CA GLU C 80 -47.89 54.59 0.18
C GLU C 80 -47.20 55.68 0.99
N MET C 81 -45.96 56.02 0.59
CA MET C 81 -45.20 57.04 1.31
C MET C 81 -44.43 57.95 0.35
N SER C 82 -44.00 59.12 0.83
CA SER C 82 -43.25 60.07 0.01
C SER C 82 -41.83 59.57 -0.25
N ASP C 83 -41.25 59.99 -1.38
CA ASP C 83 -39.89 59.57 -1.74
C ASP C 83 -38.92 59.91 -0.62
N GLU C 84 -39.31 60.86 0.21
CA GLU C 84 -38.48 61.28 1.34
C GLU C 84 -38.50 60.22 2.43
N ASP C 85 -39.68 59.69 2.71
CA ASP C 85 -39.85 58.65 3.72
C ASP C 85 -39.15 57.38 3.28
N VAL C 86 -39.34 57.00 2.01
CA VAL C 86 -38.73 55.80 1.47
C VAL C 86 -37.21 55.82 1.65
N LYS C 87 -36.66 57.00 1.94
CA LYS C 87 -35.22 57.11 2.15
C LYS C 87 -34.78 56.75 3.56
N GLU C 88 -35.65 57.01 4.53
CA GLU C 88 -35.37 56.70 5.94
C GLU C 88 -35.44 55.19 6.18
N ILE C 89 -35.75 54.44 5.14
CA ILE C 89 -35.87 52.98 5.25
C ILE C 89 -34.51 52.30 5.12
N LYS C 90 -33.98 51.84 6.25
CA LYS C 90 -32.68 51.18 6.27
C LYS C 90 -32.76 49.75 5.75
N GLN C 91 -33.13 49.63 4.48
CA GLN C 91 -33.25 48.34 3.80
C GLN C 91 -33.70 48.60 2.37
N LYS C 92 -33.15 47.83 1.44
CA LYS C 92 -33.46 48.00 0.02
C LYS C 92 -34.94 48.07 -0.29
N THR C 93 -35.38 49.18 -0.86
CA THR C 93 -36.78 49.36 -1.24
C THR C 93 -36.86 49.82 -2.69
N ASP C 94 -38.07 49.89 -3.23
CA ASP C 94 -38.28 50.28 -4.62
C ASP C 94 -39.74 50.69 -4.79
N GLY C 95 -39.96 51.98 -5.05
CA GLY C 95 -41.31 52.46 -5.21
C GLY C 95 -41.82 52.96 -3.87
N ASN C 96 -42.89 53.75 -3.92
CA ASN C 96 -43.48 54.33 -2.72
C ASN C 96 -44.66 53.51 -2.21
N SER C 97 -44.96 52.42 -2.91
CA SER C 97 -46.06 51.53 -2.53
C SER C 97 -45.56 50.37 -1.68
N PHE C 98 -46.40 49.95 -0.73
CA PHE C 98 -46.08 48.84 0.18
C PHE C 98 -47.25 47.88 0.43
N LEU C 99 -46.97 46.59 0.32
CA LEU C 99 -47.97 45.55 0.56
C LEU C 99 -47.74 44.94 1.93
N ILE C 100 -48.73 45.07 2.81
CA ILE C 100 -48.62 44.53 4.16
C ILE C 100 -49.47 43.28 4.35
N ASN C 101 -48.84 42.18 4.74
CA ASN C 101 -49.57 40.95 4.98
C ASN C 101 -49.74 40.77 6.48
N LEU C 102 -50.93 41.10 6.95
CA LEU C 102 -51.26 40.99 8.36
C LEU C 102 -51.76 39.58 8.56
N ILE C 103 -50.89 38.73 9.10
CA ILE C 103 -51.20 37.34 9.34
C ILE C 103 -51.87 37.10 10.69
N ASP C 104 -53.09 36.58 10.62
CA ASP C 104 -53.90 36.31 11.81
C ASP C 104 -53.19 35.50 12.89
N SER C 105 -53.58 35.74 14.14
CA SER C 105 -52.97 35.04 15.28
C SER C 105 -54.05 34.51 16.21
N PRO C 106 -53.67 33.58 17.11
CA PRO C 106 -54.61 32.99 18.07
C PRO C 106 -55.11 34.03 19.08
N GLY C 107 -56.04 33.59 19.92
CA GLY C 107 -56.58 34.48 20.94
C GLY C 107 -55.94 34.15 22.28
N HIS C 108 -55.79 32.86 22.55
CA HIS C 108 -55.18 32.40 23.78
C HIS C 108 -53.86 31.72 23.43
N VAL C 109 -52.89 31.82 24.34
CA VAL C 109 -51.59 31.23 24.09
C VAL C 109 -51.61 29.71 24.04
N ASP C 110 -52.60 29.09 24.66
CA ASP C 110 -52.67 27.63 24.67
C ASP C 110 -52.57 27.03 23.26
N PHE C 111 -53.03 27.77 22.26
CA PHE C 111 -52.98 27.31 20.87
C PHE C 111 -51.54 27.24 20.38
N SER C 112 -50.62 27.07 21.33
CA SER C 112 -49.18 26.99 21.09
C SER C 112 -48.78 26.70 19.65
N SER C 113 -49.15 25.50 19.18
CA SER C 113 -48.84 25.05 17.82
C SER C 113 -49.21 26.07 16.75
N GLU C 114 -50.40 26.66 16.85
CA GLU C 114 -50.81 27.63 15.85
C GLU C 114 -50.21 29.02 16.04
N VAL C 115 -49.65 29.28 17.22
CA VAL C 115 -49.00 30.55 17.50
C VAL C 115 -47.72 30.53 16.66
N THR C 116 -46.90 29.52 16.91
CA THR C 116 -45.66 29.34 16.19
C THR C 116 -45.93 29.35 14.69
N ALA C 117 -47.09 28.81 14.31
CA ALA C 117 -47.49 28.73 12.91
C ALA C 117 -47.54 30.08 12.24
N ALA C 118 -48.28 31.00 12.86
CA ALA C 118 -48.41 32.35 12.32
C ALA C 118 -47.04 33.01 12.27
N LEU C 119 -46.37 33.02 13.42
CA LEU C 119 -45.05 33.61 13.51
C LEU C 119 -44.12 33.12 12.42
N ARG C 120 -43.91 31.82 12.31
CA ARG C 120 -42.99 31.28 11.33
C ARG C 120 -43.04 31.87 9.92
N VAL C 121 -44.18 32.45 9.51
CA VAL C 121 -44.27 33.02 8.16
C VAL C 121 -44.19 34.55 8.15
N THR C 122 -43.95 35.14 9.32
CA THR C 122 -43.82 36.59 9.45
C THR C 122 -42.36 36.95 9.73
N ASP C 123 -41.99 38.19 9.41
CA ASP C 123 -40.63 38.65 9.63
C ASP C 123 -40.67 39.76 10.67
N GLY C 124 -41.78 40.49 10.65
CA GLY C 124 -41.97 41.58 11.58
C GLY C 124 -43.15 41.32 12.50
N ALA C 125 -43.28 42.12 13.54
CA ALA C 125 -44.35 41.95 14.49
C ALA C 125 -44.68 43.26 15.17
N LEU C 126 -45.97 43.50 15.36
CA LEU C 126 -46.46 44.71 16.01
C LEU C 126 -46.95 44.37 17.42
N VAL C 127 -46.03 44.39 18.38
CA VAL C 127 -46.35 44.06 19.76
C VAL C 127 -47.16 45.15 20.43
N VAL C 128 -48.33 44.79 20.95
CA VAL C 128 -49.21 45.75 21.63
C VAL C 128 -49.10 45.57 23.15
N VAL C 129 -48.72 46.65 23.84
CA VAL C 129 -48.58 46.63 25.29
C VAL C 129 -49.58 47.63 25.87
N ASP C 130 -49.92 47.46 27.15
CA ASP C 130 -50.87 48.35 27.81
C ASP C 130 -50.18 49.40 28.69
N THR C 131 -50.75 50.62 28.70
CA THR C 131 -50.22 51.75 29.47
C THR C 131 -50.13 51.44 30.96
N ILE C 132 -51.27 51.12 31.55
CA ILE C 132 -51.32 50.83 32.98
C ILE C 132 -50.53 49.58 33.42
N GLU C 133 -50.98 48.39 32.98
CA GLU C 133 -50.35 47.10 33.34
C GLU C 133 -49.05 46.78 32.59
N GLY C 134 -48.77 47.54 31.53
CA GLY C 134 -47.56 47.32 30.74
C GLY C 134 -47.54 46.01 29.95
N VAL C 135 -46.42 45.31 30.04
CA VAL C 135 -46.22 44.03 29.36
C VAL C 135 -46.74 42.92 30.26
N CYS C 136 -47.71 42.15 29.75
CA CYS C 136 -48.26 41.05 30.53
C CYS C 136 -47.54 39.74 30.21
N VAL C 137 -47.48 38.87 31.21
CA VAL C 137 -46.80 37.58 31.10
C VAL C 137 -47.05 36.83 29.79
N GLN C 138 -48.26 36.92 29.27
CA GLN C 138 -48.62 36.26 28.02
C GLN C 138 -47.94 36.85 26.79
N THR C 139 -48.11 38.14 26.57
CA THR C 139 -47.51 38.82 25.42
C THR C 139 -46.00 38.68 25.47
N GLU C 140 -45.48 38.62 26.69
CA GLU C 140 -44.06 38.48 26.94
C GLU C 140 -43.57 37.17 26.34
N THR C 141 -44.34 36.10 26.57
CA THR C 141 -43.98 34.78 26.08
C THR C 141 -44.06 34.69 24.56
N VAL C 142 -45.15 35.16 23.96
CA VAL C 142 -45.24 35.11 22.51
C VAL C 142 -44.04 35.84 21.90
N LEU C 143 -43.69 36.99 22.48
CA LEU C 143 -42.55 37.78 22.02
C LEU C 143 -41.29 36.92 22.10
N ARG C 144 -41.13 36.18 23.20
CA ARG C 144 -39.97 35.30 23.32
C ARG C 144 -39.93 34.40 22.09
N GLN C 145 -41.10 33.85 21.75
CA GLN C 145 -41.24 32.96 20.59
C GLN C 145 -40.91 33.66 19.28
N ALA C 146 -41.41 34.89 19.15
CA ALA C 146 -41.19 35.68 17.95
C ALA C 146 -39.70 36.00 17.82
N LEU C 147 -39.02 36.23 18.94
CA LEU C 147 -37.59 36.53 18.89
C LEU C 147 -36.83 35.26 18.55
N GLY C 148 -37.42 34.12 18.86
CA GLY C 148 -36.79 32.85 18.52
C GLY C 148 -36.85 32.67 17.00
N GLU C 149 -37.88 33.25 16.38
CA GLU C 149 -38.06 33.17 14.93
C GLU C 149 -37.33 34.32 14.23
N ARG C 150 -36.63 35.12 15.01
CA ARG C 150 -35.89 36.30 14.52
C ARG C 150 -36.83 37.36 13.92
N ILE C 151 -38.00 37.47 14.53
CA ILE C 151 -39.00 38.44 14.10
C ILE C 151 -38.60 39.76 14.76
N LYS C 152 -38.68 40.85 14.00
CA LYS C 152 -38.32 42.14 14.55
C LYS C 152 -39.56 42.83 15.13
N PRO C 153 -39.51 43.19 16.43
CA PRO C 153 -40.66 43.84 17.06
C PRO C 153 -40.73 45.36 16.89
N VAL C 154 -41.96 45.87 17.00
CA VAL C 154 -42.30 47.29 16.91
C VAL C 154 -43.42 47.40 17.96
N VAL C 155 -43.19 48.16 19.02
CA VAL C 155 -44.18 48.28 20.09
C VAL C 155 -45.20 49.42 19.93
N VAL C 156 -46.32 49.27 20.61
CA VAL C 156 -47.41 50.24 20.59
C VAL C 156 -48.07 50.25 21.95
N ILE C 157 -47.79 51.26 22.79
CA ILE C 157 -48.41 51.31 24.10
C ILE C 157 -49.85 51.78 23.92
N ASN C 158 -50.79 50.85 24.08
CA ASN C 158 -52.22 51.11 23.90
C ASN C 158 -52.95 51.44 25.19
N LYS C 159 -54.24 51.73 25.05
CA LYS C 159 -55.10 52.06 26.18
C LYS C 159 -54.49 53.21 26.99
N VAL C 160 -54.13 54.29 26.29
CA VAL C 160 -53.54 55.47 26.93
C VAL C 160 -54.64 56.27 27.62
N ASP C 161 -55.79 56.37 26.96
CA ASP C 161 -56.95 57.09 27.47
C ASP C 161 -57.27 56.63 28.90
N ARG C 162 -57.25 55.33 29.13
CA ARG C 162 -57.53 54.79 30.46
C ARG C 162 -56.64 55.46 31.49
N ALA C 163 -55.45 55.88 31.07
CA ALA C 163 -54.51 56.52 31.98
C ALA C 163 -54.97 57.93 32.38
N LEU C 164 -55.49 58.67 31.40
CA LEU C 164 -55.95 60.03 31.63
C LEU C 164 -57.33 60.06 32.31
N LEU C 165 -58.35 59.55 31.63
CA LEU C 165 -59.69 59.54 32.18
C LEU C 165 -59.80 58.91 33.56
N GLU C 166 -59.20 57.74 33.74
CA GLU C 166 -59.25 57.04 35.03
C GLU C 166 -58.32 57.61 36.09
N LEU C 167 -57.03 57.35 35.93
CA LEU C 167 -56.01 57.80 36.90
C LEU C 167 -55.75 59.31 36.92
N GLN C 168 -56.15 60.02 35.87
CA GLN C 168 -55.91 61.46 35.79
C GLN C 168 -54.46 61.70 36.22
N VAL C 169 -53.56 61.05 35.48
CA VAL C 169 -52.13 61.12 35.75
C VAL C 169 -51.54 62.38 35.11
N SER C 170 -50.41 62.83 35.65
CA SER C 170 -49.74 64.03 35.12
C SER C 170 -48.93 63.72 33.86
N LYS C 171 -48.55 64.75 33.11
CA LYS C 171 -47.78 64.54 31.89
C LYS C 171 -46.51 63.77 32.20
N GLU C 172 -45.83 64.15 33.28
CA GLU C 172 -44.59 63.51 33.69
C GLU C 172 -44.75 62.07 34.18
N ASP C 173 -45.75 61.81 35.01
CA ASP C 173 -45.95 60.44 35.49
C ASP C 173 -46.21 59.54 34.30
N LEU C 174 -47.06 60.01 33.38
CA LEU C 174 -47.40 59.26 32.17
C LEU C 174 -46.15 58.90 31.38
N TYR C 175 -45.31 59.89 31.16
CA TYR C 175 -44.07 59.67 30.43
C TYR C 175 -43.24 58.62 31.15
N GLN C 176 -43.14 58.75 32.47
CA GLN C 176 -42.37 57.80 33.27
C GLN C 176 -42.90 56.38 33.11
N THR C 177 -44.18 56.27 32.84
CA THR C 177 -44.77 54.95 32.66
C THR C 177 -44.26 54.38 31.34
N PHE C 178 -44.46 55.14 30.26
CA PHE C 178 -44.00 54.73 28.94
C PHE C 178 -42.54 54.32 28.97
N ALA C 179 -41.77 55.02 29.80
CA ALA C 179 -40.35 54.75 29.91
C ALA C 179 -40.12 53.39 30.53
N ARG C 180 -40.84 53.09 31.61
CA ARG C 180 -40.72 51.81 32.29
C ARG C 180 -41.29 50.69 31.42
N THR C 181 -42.41 50.97 30.76
CA THR C 181 -43.03 50.00 29.86
C THR C 181 -42.02 49.61 28.77
N VAL C 182 -41.58 50.59 28.00
CA VAL C 182 -40.60 50.40 26.93
C VAL C 182 -39.35 49.73 27.48
N GLU C 183 -38.97 50.07 28.70
CA GLU C 183 -37.79 49.49 29.32
C GLU C 183 -38.02 48.01 29.50
N SER C 184 -39.20 47.69 30.03
CA SER C 184 -39.61 46.31 30.27
C SER C 184 -39.45 45.50 29.00
N VAL C 185 -40.10 45.99 27.95
CA VAL C 185 -40.06 45.34 26.65
C VAL C 185 -38.61 45.05 26.25
N ASN C 186 -37.80 46.10 26.20
CA ASN C 186 -36.41 45.94 25.82
C ASN C 186 -35.65 44.92 26.66
N VAL C 187 -36.07 44.72 27.91
CA VAL C 187 -35.38 43.74 28.73
C VAL C 187 -35.57 42.36 28.10
N ILE C 188 -36.76 42.13 27.55
CA ILE C 188 -37.07 40.87 26.89
C ILE C 188 -36.36 40.85 25.54
N VAL C 189 -36.59 41.88 24.72
CA VAL C 189 -35.95 41.96 23.40
C VAL C 189 -34.45 41.69 23.45
N SER C 190 -33.75 42.41 24.33
CA SER C 190 -32.32 42.24 24.44
C SER C 190 -31.95 40.92 25.06
N THR C 191 -32.74 40.44 26.01
CA THR C 191 -32.43 39.18 26.67
C THR C 191 -32.56 37.98 25.74
N TYR C 192 -33.55 38.02 24.85
CA TYR C 192 -33.81 36.91 23.95
C TYR C 192 -33.51 37.05 22.44
N ALA C 193 -33.35 38.26 21.94
CA ALA C 193 -33.06 38.43 20.52
C ALA C 193 -31.67 37.92 20.20
N ASP C 194 -31.45 37.50 18.96
CA ASP C 194 -30.15 36.99 18.56
C ASP C 194 -29.19 38.16 18.40
N GLU C 195 -27.98 38.02 18.93
CA GLU C 195 -27.00 39.09 18.84
C GLU C 195 -26.46 39.29 17.42
N VAL C 196 -26.67 38.32 16.55
CA VAL C 196 -26.23 38.44 15.16
C VAL C 196 -27.10 39.53 14.54
N LEU C 197 -28.38 39.51 14.92
CA LEU C 197 -29.37 40.47 14.44
C LEU C 197 -28.97 41.91 14.78
N GLY C 198 -28.04 42.08 15.71
CA GLY C 198 -27.66 43.43 16.11
C GLY C 198 -28.68 43.88 17.13
N ASP C 199 -28.75 45.18 17.41
CA ASP C 199 -29.72 45.69 18.40
C ASP C 199 -31.13 45.83 17.84
N VAL C 200 -32.04 45.05 18.42
CA VAL C 200 -33.40 45.05 17.97
C VAL C 200 -34.37 45.69 18.98
N GLN C 201 -33.81 46.34 19.99
CA GLN C 201 -34.62 47.01 21.00
C GLN C 201 -35.45 48.12 20.36
N VAL C 202 -36.58 48.44 20.97
CA VAL C 202 -37.45 49.50 20.46
C VAL C 202 -37.19 50.83 21.15
N TYR C 203 -36.99 51.86 20.33
CA TYR C 203 -36.70 53.19 20.84
C TYR C 203 -37.72 54.21 20.31
N PRO C 204 -38.48 54.85 21.21
CA PRO C 204 -39.48 55.85 20.80
C PRO C 204 -38.86 56.90 19.90
N ALA C 205 -37.67 57.34 20.31
CA ALA C 205 -36.92 58.36 19.60
C ALA C 205 -36.65 57.95 18.17
N ARG C 206 -36.62 56.65 17.90
CA ARG C 206 -36.36 56.16 16.54
C ARG C 206 -37.65 55.81 15.79
N GLY C 207 -38.79 56.15 16.38
CA GLY C 207 -40.08 55.88 15.76
C GLY C 207 -40.51 54.43 15.66
N THR C 208 -39.99 53.59 16.56
CA THR C 208 -40.34 52.17 16.60
C THR C 208 -41.23 51.89 17.79
N VAL C 209 -41.86 52.95 18.30
CA VAL C 209 -42.75 52.86 19.44
C VAL C 209 -43.82 53.93 19.28
N ALA C 210 -45.05 53.49 19.09
CA ALA C 210 -46.18 54.42 18.95
C ALA C 210 -46.99 54.37 20.22
N PHE C 211 -47.79 55.40 20.47
CA PHE C 211 -48.61 55.46 21.66
C PHE C 211 -50.02 55.80 21.18
N GLY C 212 -51.02 55.37 21.93
CA GLY C 212 -52.37 55.67 21.52
C GLY C 212 -53.50 54.95 22.24
N SER C 213 -54.65 54.95 21.59
CA SER C 213 -55.85 54.32 22.13
C SER C 213 -56.71 53.74 21.03
N GLY C 214 -56.74 52.41 20.96
CA GLY C 214 -57.55 51.73 19.97
C GLY C 214 -59.01 52.10 20.17
N LEU C 215 -59.43 52.26 21.42
CA LEU C 215 -60.82 52.62 21.73
C LEU C 215 -61.24 53.88 21.00
N HIS C 216 -60.53 54.99 21.28
CA HIS C 216 -60.84 56.27 20.66
C HIS C 216 -60.40 56.30 19.18
N GLY C 217 -59.45 55.44 18.83
CA GLY C 217 -58.98 55.38 17.45
C GLY C 217 -57.80 56.26 17.10
N TRP C 218 -56.97 56.58 18.10
CA TRP C 218 -55.79 57.43 17.87
C TRP C 218 -54.49 56.81 18.36
N ALA C 219 -53.40 57.28 17.79
CA ALA C 219 -52.07 56.83 18.14
C ALA C 219 -51.07 57.69 17.39
N PHE C 220 -49.86 57.80 17.93
CA PHE C 220 -48.84 58.63 17.30
C PHE C 220 -47.46 58.03 17.51
N THR C 221 -46.50 58.57 16.78
CA THR C 221 -45.11 58.17 16.87
C THR C 221 -44.26 59.44 17.01
N ILE C 222 -43.19 59.36 17.80
CA ILE C 222 -42.34 60.52 17.98
C ILE C 222 -42.00 61.15 16.62
N ARG C 223 -41.94 60.31 15.58
CA ARG C 223 -41.62 60.78 14.24
C ARG C 223 -42.74 61.57 13.57
N GLN C 224 -43.97 61.37 14.01
CA GLN C 224 -45.07 62.13 13.41
C GLN C 224 -45.02 63.54 13.97
N PHE C 225 -44.82 63.64 15.28
CA PHE C 225 -44.73 64.93 15.94
C PHE C 225 -43.57 65.72 15.36
N ALA C 226 -42.42 65.07 15.22
CA ALA C 226 -41.21 65.69 14.68
C ALA C 226 -41.37 66.18 13.25
N THR C 227 -42.36 65.67 12.53
CA THR C 227 -42.57 66.08 11.14
C THR C 227 -43.40 67.38 11.06
N ARG C 228 -44.25 67.58 12.05
CA ARG C 228 -45.09 68.76 12.15
C ARG C 228 -44.20 69.88 12.68
N TYR C 229 -43.66 69.70 13.88
CA TYR C 229 -42.75 70.66 14.51
C TYR C 229 -41.48 70.68 13.64
N ALA C 230 -41.63 70.20 12.40
CA ALA C 230 -40.52 70.12 11.45
C ALA C 230 -40.61 71.24 10.45
N LYS C 231 -41.75 71.31 9.76
CA LYS C 231 -41.98 72.33 8.74
C LYS C 231 -42.23 73.70 9.39
N LYS C 232 -43.43 73.84 9.96
CA LYS C 232 -43.88 75.06 10.63
C LYS C 232 -42.83 76.01 11.22
N PHE C 233 -41.93 75.48 12.06
CA PHE C 233 -40.92 76.29 12.70
C PHE C 233 -39.65 76.49 11.88
N GLY C 234 -39.28 75.48 11.10
CA GLY C 234 -38.08 75.62 10.30
C GLY C 234 -36.87 74.99 10.96
N VAL C 235 -37.08 73.79 11.47
CA VAL C 235 -36.02 73.03 12.12
C VAL C 235 -36.12 71.59 11.63
N ASP C 236 -34.97 70.91 11.54
CA ASP C 236 -34.91 69.53 11.07
C ASP C 236 -35.61 68.56 12.00
N LYS C 237 -36.09 67.45 11.44
CA LYS C 237 -36.79 66.46 12.24
C LYS C 237 -35.95 65.29 12.77
N ALA C 238 -34.80 65.05 12.16
CA ALA C 238 -33.96 63.96 12.64
C ALA C 238 -33.65 64.26 14.10
N LYS C 239 -33.13 65.46 14.34
CA LYS C 239 -32.79 65.88 15.70
C LYS C 239 -33.99 66.45 16.44
N MET C 240 -35.10 66.61 15.73
CA MET C 240 -36.30 67.12 16.37
C MET C 240 -36.96 65.98 17.11
N MET C 241 -37.05 64.82 16.46
CA MET C 241 -37.66 63.66 17.10
C MET C 241 -36.72 63.06 18.14
N ASP C 242 -35.43 63.31 17.96
CA ASP C 242 -34.45 62.81 18.90
C ASP C 242 -34.58 63.58 20.21
N ARG C 243 -35.03 64.82 20.11
CA ARG C 243 -35.23 65.68 21.28
C ARG C 243 -36.54 65.35 21.97
N LEU C 244 -37.57 65.09 21.16
CA LEU C 244 -38.91 64.78 21.64
C LEU C 244 -38.98 63.65 22.66
N TRP C 245 -37.87 62.96 22.86
CA TRP C 245 -37.84 61.88 23.84
C TRP C 245 -36.62 62.01 24.71
N GLY C 246 -36.72 61.48 25.92
CA GLY C 246 -35.61 61.52 26.85
C GLY C 246 -35.47 62.84 27.57
N ASP C 247 -34.23 63.16 27.93
CA ASP C 247 -33.93 64.38 28.65
C ASP C 247 -33.47 65.55 27.77
N SER C 248 -34.44 66.21 27.16
CA SER C 248 -34.23 67.38 26.33
C SER C 248 -35.31 68.35 26.78
N PHE C 249 -34.92 69.60 27.04
CA PHE C 249 -35.88 70.58 27.52
C PHE C 249 -35.83 71.86 26.70
N PHE C 250 -36.94 72.58 26.67
CA PHE C 250 -37.01 73.84 25.96
C PHE C 250 -37.49 74.86 26.97
N ASN C 251 -36.56 75.69 27.44
CA ASN C 251 -36.90 76.69 28.45
C ASN C 251 -37.88 77.74 27.91
N PRO C 252 -38.97 78.02 28.65
CA PRO C 252 -39.93 79.02 28.18
C PRO C 252 -39.31 80.41 28.16
N LYS C 253 -38.71 80.77 29.30
CA LYS C 253 -38.07 82.07 29.50
C LYS C 253 -36.80 82.38 28.69
N THR C 254 -36.13 81.36 28.16
CA THR C 254 -34.90 81.57 27.39
C THR C 254 -35.07 81.22 25.92
N LYS C 255 -36.06 80.39 25.62
CA LYS C 255 -36.32 79.95 24.25
C LYS C 255 -35.08 79.20 23.77
N LYS C 256 -34.43 78.50 24.69
CA LYS C 256 -33.24 77.73 24.37
C LYS C 256 -33.37 76.24 24.76
N TRP C 257 -32.67 75.38 24.03
CA TRP C 257 -32.68 73.94 24.30
C TRP C 257 -31.59 73.56 25.27
N THR C 258 -31.98 72.93 26.39
CA THR C 258 -31.03 72.52 27.41
C THR C 258 -31.09 71.01 27.67
N ASN C 259 -30.03 70.48 28.27
CA ASN C 259 -29.96 69.05 28.58
C ASN C 259 -30.13 68.79 30.07
N LYS C 260 -30.07 69.84 30.88
CA LYS C 260 -30.25 69.69 32.31
C LYS C 260 -31.66 70.11 32.64
N ASP C 261 -32.33 69.31 33.45
CA ASP C 261 -33.71 69.57 33.86
C ASP C 261 -33.89 70.87 34.64
N THR C 262 -32.86 71.71 34.67
CA THR C 262 -32.93 72.98 35.39
C THR C 262 -32.21 74.11 34.68
N ASP C 263 -32.73 75.33 34.85
CA ASP C 263 -32.12 76.53 34.27
C ASP C 263 -31.00 77.03 35.19
N ALA C 264 -30.24 78.00 34.72
CA ALA C 264 -29.14 78.56 35.50
C ALA C 264 -29.48 78.72 36.98
N GLU C 265 -30.72 79.15 37.25
CA GLU C 265 -31.18 79.37 38.62
C GLU C 265 -31.43 78.10 39.43
N GLY C 266 -31.95 77.06 38.78
CA GLY C 266 -32.23 75.82 39.48
C GLY C 266 -33.68 75.40 39.38
N LYS C 267 -34.46 76.18 38.65
CA LYS C 267 -35.88 75.90 38.45
C LYS C 267 -35.99 74.68 37.54
N PRO C 268 -36.97 73.79 37.83
CA PRO C 268 -37.17 72.57 37.00
C PRO C 268 -37.50 72.92 35.54
N LEU C 269 -37.28 71.96 34.64
CA LEU C 269 -37.57 72.16 33.23
C LEU C 269 -38.42 71.02 32.73
N GLU C 270 -39.47 71.37 31.99
CA GLU C 270 -40.36 70.35 31.45
C GLU C 270 -39.70 69.70 30.23
N ARG C 271 -39.97 68.40 30.08
CA ARG C 271 -39.44 67.60 29.00
C ARG C 271 -40.08 67.95 27.66
N ALA C 272 -39.29 67.89 26.60
CA ALA C 272 -39.81 68.20 25.27
C ALA C 272 -41.04 67.34 25.01
N PHE C 273 -40.98 66.08 25.46
CA PHE C 273 -42.09 65.14 25.26
C PHE C 273 -43.36 65.68 25.91
N ASN C 274 -43.29 65.93 27.22
CA ASN C 274 -44.42 66.46 27.96
C ASN C 274 -44.87 67.79 27.38
N MET C 275 -43.91 68.56 26.89
CA MET C 275 -44.17 69.87 26.32
C MET C 275 -44.88 69.88 24.97
N PHE C 276 -44.27 69.26 23.96
CA PHE C 276 -44.82 69.27 22.62
C PHE C 276 -45.68 68.06 22.25
N ILE C 277 -45.63 67.02 23.05
CA ILE C 277 -46.44 65.83 22.78
C ILE C 277 -47.64 65.77 23.72
N LEU C 278 -47.39 65.29 24.94
CA LEU C 278 -48.44 65.13 25.94
C LEU C 278 -49.29 66.35 26.26
N ASP C 279 -48.71 67.55 26.13
CA ASP C 279 -49.45 68.78 26.44
C ASP C 279 -50.61 69.04 25.47
N PRO C 280 -50.33 69.12 24.16
CA PRO C 280 -51.41 69.38 23.20
C PRO C 280 -52.59 68.42 23.42
N ILE C 281 -52.24 67.16 23.66
CA ILE C 281 -53.24 66.13 23.89
C ILE C 281 -53.95 66.34 25.23
N PHE C 282 -53.18 66.51 26.30
CA PHE C 282 -53.75 66.74 27.64
C PHE C 282 -54.77 67.89 27.67
N ARG C 283 -54.53 68.91 26.85
CA ARG C 283 -55.40 70.08 26.76
C ARG C 283 -56.76 69.67 26.21
N LEU C 284 -56.75 69.12 25.01
CA LEU C 284 -57.96 68.67 24.33
C LEU C 284 -58.79 67.79 25.26
N PHE C 285 -58.13 66.96 26.06
CA PHE C 285 -58.82 66.07 27.00
C PHE C 285 -59.47 66.88 28.13
N THR C 286 -58.72 67.82 28.68
CA THR C 286 -59.21 68.66 29.77
C THR C 286 -60.28 69.61 29.25
N ALA C 287 -60.07 70.18 28.06
CA ALA C 287 -61.02 71.11 27.46
C ALA C 287 -62.34 70.44 27.09
N ILE C 288 -62.26 69.37 26.33
CA ILE C 288 -63.45 68.66 25.88
C ILE C 288 -64.23 67.90 26.96
N MET C 289 -63.53 67.19 27.84
CA MET C 289 -64.21 66.45 28.90
C MET C 289 -64.79 67.34 30.00
N ASN C 290 -64.51 68.64 29.92
CA ASN C 290 -65.00 69.60 30.91
C ASN C 290 -66.01 70.56 30.27
N PHE C 291 -66.43 70.23 29.06
CA PHE C 291 -67.40 71.01 28.31
C PHE C 291 -67.15 72.52 28.24
N LYS C 292 -65.89 72.93 28.34
CA LYS C 292 -65.56 74.35 28.29
C LYS C 292 -65.62 74.82 26.84
N LYS C 293 -66.85 74.93 26.36
CA LYS C 293 -67.16 75.34 24.98
C LYS C 293 -66.44 76.56 24.45
N ASP C 294 -65.92 77.42 25.33
CA ASP C 294 -65.22 78.61 24.89
C ASP C 294 -63.81 78.24 24.41
N GLU C 295 -63.17 77.33 25.13
CA GLU C 295 -61.83 76.89 24.81
C GLU C 295 -61.74 75.91 23.64
N ILE C 296 -62.56 74.86 23.68
CA ILE C 296 -62.58 73.83 22.64
C ILE C 296 -62.44 74.33 21.19
N PRO C 297 -63.27 75.31 20.78
CA PRO C 297 -63.18 75.83 19.40
C PRO C 297 -61.83 76.49 19.11
N VAL C 298 -61.34 77.24 20.09
CA VAL C 298 -60.06 77.94 19.99
C VAL C 298 -58.92 76.94 19.98
N LEU C 299 -58.97 75.98 20.89
CA LEU C 299 -57.96 74.95 21.03
C LEU C 299 -57.85 74.10 19.76
N LEU C 300 -58.99 73.75 19.17
CA LEU C 300 -59.03 72.95 17.95
C LEU C 300 -58.36 73.66 16.78
N GLU C 301 -58.88 74.84 16.43
CA GLU C 301 -58.35 75.64 15.33
C GLU C 301 -56.83 75.75 15.42
N LYS C 302 -56.36 75.68 16.66
CA LYS C 302 -54.94 75.75 16.98
C LYS C 302 -54.13 74.56 16.42
N LEU C 303 -54.69 73.38 16.59
CA LEU C 303 -54.05 72.15 16.12
C LEU C 303 -54.50 71.81 14.69
N GLU C 304 -55.23 72.74 14.08
CA GLU C 304 -55.70 72.56 12.72
C GLU C 304 -56.62 71.32 12.59
N ILE C 305 -57.60 71.24 13.49
CA ILE C 305 -58.56 70.14 13.49
C ILE C 305 -59.96 70.68 13.15
N VAL C 306 -60.37 70.48 11.91
CA VAL C 306 -61.67 70.96 11.43
C VAL C 306 -62.80 69.94 11.55
N LEU C 307 -63.76 70.22 12.44
CA LEU C 307 -64.91 69.34 12.60
C LEU C 307 -65.80 69.54 11.38
N LYS C 308 -66.44 68.48 10.91
CA LYS C 308 -67.29 68.58 9.73
C LYS C 308 -68.78 68.65 10.04
N GLY C 309 -69.29 69.87 10.17
CA GLY C 309 -70.69 70.11 10.44
C GLY C 309 -71.31 69.36 11.60
N ASP C 310 -71.93 68.23 11.28
CA ASP C 310 -72.60 67.38 12.26
C ASP C 310 -71.77 67.06 13.51
N GLU C 311 -70.46 66.90 13.32
CA GLU C 311 -69.56 66.59 14.44
C GLU C 311 -69.42 67.76 15.40
N LYS C 312 -69.62 68.97 14.89
CA LYS C 312 -69.49 70.20 15.67
C LYS C 312 -70.36 70.28 16.94
N ASP C 313 -71.49 69.57 16.95
CA ASP C 313 -72.37 69.61 18.11
C ASP C 313 -72.06 68.56 19.18
N LEU C 314 -71.20 67.61 18.86
CA LEU C 314 -70.84 66.55 19.80
C LEU C 314 -70.16 67.11 21.04
N GLU C 315 -70.26 66.40 22.15
CA GLU C 315 -69.63 66.80 23.41
C GLU C 315 -69.41 65.58 24.30
N GLY C 316 -68.43 65.67 25.20
CA GLY C 316 -68.11 64.55 26.07
C GLY C 316 -67.23 63.57 25.33
N LYS C 317 -67.36 62.27 25.62
CA LYS C 317 -66.56 61.28 24.93
C LYS C 317 -66.84 61.35 23.43
N ALA C 318 -68.12 61.37 23.08
CA ALA C 318 -68.57 61.43 21.68
C ALA C 318 -67.74 62.43 20.88
N LEU C 319 -67.48 63.58 21.49
CA LEU C 319 -66.69 64.63 20.86
C LEU C 319 -65.21 64.25 20.87
N LEU C 320 -64.66 64.09 22.07
CA LEU C 320 -63.26 63.72 22.23
C LEU C 320 -62.85 62.66 21.22
N LYS C 321 -63.66 61.61 21.12
CA LYS C 321 -63.38 60.52 20.20
C LYS C 321 -63.19 60.97 18.74
N VAL C 322 -64.09 61.84 18.25
CA VAL C 322 -63.98 62.29 16.87
C VAL C 322 -62.77 63.20 16.60
N VAL C 323 -62.43 64.02 17.59
CA VAL C 323 -61.30 64.95 17.48
C VAL C 323 -59.97 64.19 17.45
N MET C 324 -59.81 63.26 18.38
CA MET C 324 -58.62 62.45 18.49
C MET C 324 -58.35 61.65 17.22
N ARG C 325 -59.41 61.19 16.57
CA ARG C 325 -59.25 60.42 15.33
C ARG C 325 -58.74 61.29 14.18
N LYS C 326 -59.34 62.46 14.01
CA LYS C 326 -58.94 63.36 12.95
C LYS C 326 -57.52 63.86 13.22
N PHE C 327 -57.23 64.08 14.51
CA PHE C 327 -55.92 64.55 14.98
C PHE C 327 -54.82 63.53 14.71
N LEU C 328 -54.85 62.44 15.47
CA LEU C 328 -53.87 61.38 15.34
C LEU C 328 -54.51 60.04 14.92
N PRO C 329 -54.76 59.88 13.61
CA PRO C 329 -55.36 58.66 13.05
C PRO C 329 -54.52 57.44 13.42
N ALA C 330 -54.99 56.68 14.41
CA ALA C 330 -54.29 55.49 14.89
C ALA C 330 -53.68 54.59 13.81
N ALA C 331 -54.48 54.22 12.82
CA ALA C 331 -54.04 53.36 11.74
C ALA C 331 -52.76 53.82 11.04
N ASP C 332 -52.56 55.15 10.98
CA ASP C 332 -51.37 55.69 10.32
C ASP C 332 -50.07 55.68 11.13
N ALA C 333 -50.18 55.70 12.45
CA ALA C 333 -49.02 55.63 13.32
C ALA C 333 -48.44 54.24 13.16
N LEU C 334 -49.33 53.25 13.15
CA LEU C 334 -48.95 51.87 13.01
C LEU C 334 -48.32 51.63 11.64
N LEU C 335 -49.09 51.88 10.58
CA LEU C 335 -48.59 51.68 9.22
C LEU C 335 -47.23 52.34 8.98
N GLU C 336 -46.97 53.42 9.70
CA GLU C 336 -45.70 54.12 9.55
C GLU C 336 -44.59 53.22 10.07
N MET C 337 -44.79 52.72 11.29
CA MET C 337 -43.83 51.84 11.92
C MET C 337 -43.61 50.55 11.13
N ILE C 338 -44.71 49.95 10.68
CA ILE C 338 -44.66 48.71 9.91
C ILE C 338 -43.79 48.88 8.68
N VAL C 339 -44.10 49.91 7.89
CA VAL C 339 -43.35 50.18 6.66
C VAL C 339 -41.90 50.62 6.86
N LEU C 340 -41.70 51.54 7.80
CA LEU C 340 -40.37 52.09 8.08
C LEU C 340 -39.39 51.25 8.91
N HIS C 341 -39.89 50.27 9.64
CA HIS C 341 -39.02 49.48 10.48
C HIS C 341 -39.08 47.96 10.33
N LEU C 342 -40.26 47.41 10.06
CA LEU C 342 -40.37 45.98 9.92
C LEU C 342 -39.64 45.53 8.65
N PRO C 343 -38.97 44.37 8.70
CA PRO C 343 -38.22 43.84 7.57
C PRO C 343 -39.05 43.33 6.41
N SER C 344 -38.53 43.49 5.21
CA SER C 344 -39.21 42.99 4.04
C SER C 344 -38.70 41.56 3.92
N PRO C 345 -39.43 40.70 3.21
CA PRO C 345 -38.97 39.31 3.06
C PRO C 345 -37.53 39.29 2.57
N VAL C 346 -37.13 40.35 1.89
CA VAL C 346 -35.78 40.43 1.36
C VAL C 346 -34.73 40.62 2.46
N THR C 347 -35.02 41.50 3.41
CA THR C 347 -34.11 41.77 4.51
C THR C 347 -34.05 40.58 5.45
N ALA C 348 -35.22 40.16 5.93
CA ALA C 348 -35.36 39.08 6.90
C ALA C 348 -34.93 37.67 6.53
N GLN C 349 -35.20 37.25 5.29
CA GLN C 349 -34.85 35.89 4.86
C GLN C 349 -33.33 35.65 4.85
N ALA C 350 -32.58 36.73 4.71
CA ALA C 350 -31.13 36.62 4.69
C ALA C 350 -30.63 36.10 6.03
N TYR C 351 -31.25 36.55 7.11
CA TYR C 351 -30.82 36.12 8.42
C TYR C 351 -31.76 35.09 9.05
N ARG C 352 -32.84 34.79 8.33
CA ARG C 352 -33.82 33.83 8.83
C ARG C 352 -33.76 32.51 8.05
N ALA C 353 -33.16 32.55 6.86
CA ALA C 353 -33.03 31.36 6.01
C ALA C 353 -32.46 30.12 6.68
N GLU C 354 -31.25 30.22 7.23
CA GLU C 354 -30.60 29.07 7.86
C GLU C 354 -31.45 28.43 8.95
N GLN C 355 -32.12 29.27 9.71
CA GLN C 355 -32.98 28.84 10.80
C GLN C 355 -34.21 28.05 10.31
N LEU C 356 -34.71 28.44 9.14
CA LEU C 356 -35.91 27.83 8.54
C LEU C 356 -35.63 26.71 7.57
N TYR C 357 -34.35 26.44 7.29
CA TYR C 357 -34.02 25.35 6.37
C TYR C 357 -33.29 24.27 7.15
N GLU C 358 -33.82 23.06 7.08
CA GLU C 358 -33.23 21.95 7.80
C GLU C 358 -32.22 21.18 6.97
N GLY C 359 -31.65 21.86 5.99
CA GLY C 359 -30.65 21.24 5.14
C GLY C 359 -29.37 22.02 5.31
N PRO C 360 -28.40 21.83 4.40
CA PRO C 360 -27.11 22.53 4.45
C PRO C 360 -27.26 24.04 4.31
N ALA C 361 -26.61 24.76 5.21
CA ALA C 361 -26.66 26.22 5.21
C ALA C 361 -26.12 26.80 3.91
N ASP C 362 -25.41 25.97 3.14
CA ASP C 362 -24.83 26.39 1.87
C ASP C 362 -25.54 25.71 0.73
N ASP C 363 -26.48 24.84 1.07
CA ASP C 363 -27.29 24.10 0.11
C ASP C 363 -27.83 25.09 -0.95
N ALA C 364 -28.03 24.59 -2.17
CA ALA C 364 -28.52 25.41 -3.27
C ALA C 364 -29.80 26.16 -2.90
N ASN C 365 -30.70 25.45 -2.20
CA ASN C 365 -31.97 26.03 -1.81
C ASN C 365 -31.84 27.03 -0.66
N CYS C 366 -31.10 26.67 0.38
CA CYS C 366 -30.94 27.59 1.51
C CYS C 366 -30.49 28.95 0.96
N ILE C 367 -29.56 28.92 0.03
CA ILE C 367 -29.06 30.13 -0.57
C ILE C 367 -30.20 30.85 -1.26
N ALA C 368 -31.00 30.12 -2.03
CA ALA C 368 -32.14 30.71 -2.74
C ALA C 368 -33.12 31.35 -1.75
N ILE C 369 -33.11 30.88 -0.50
CA ILE C 369 -33.98 31.45 0.50
C ILE C 369 -33.41 32.78 0.94
N LYS C 370 -32.12 32.76 1.30
CA LYS C 370 -31.40 33.96 1.74
C LYS C 370 -31.57 35.07 0.72
N ASN C 371 -31.35 34.72 -0.54
CA ASN C 371 -31.47 35.66 -1.62
C ASN C 371 -32.90 35.90 -2.07
N CYS C 372 -33.85 35.27 -1.38
CA CYS C 372 -35.27 35.41 -1.71
C CYS C 372 -35.40 35.42 -3.23
N ASP C 373 -34.63 34.55 -3.87
CA ASP C 373 -34.59 34.45 -5.33
C ASP C 373 -35.79 33.75 -5.97
N PRO C 374 -36.55 34.49 -6.78
CA PRO C 374 -37.74 33.98 -7.47
C PRO C 374 -37.45 33.11 -8.70
N LYS C 375 -36.18 32.97 -9.06
CA LYS C 375 -35.80 32.15 -10.22
C LYS C 375 -35.37 30.73 -9.83
N ALA C 376 -34.96 30.57 -8.57
CA ALA C 376 -34.48 29.31 -8.01
C ALA C 376 -35.57 28.27 -7.83
N ASP C 377 -35.16 27.02 -7.63
CA ASP C 377 -36.10 25.94 -7.41
C ASP C 377 -37.05 26.39 -6.33
N LEU C 378 -38.28 25.89 -6.38
CA LEU C 378 -39.31 26.25 -5.41
C LEU C 378 -38.99 25.85 -3.96
N MET C 379 -39.43 26.70 -3.04
CA MET C 379 -39.28 26.46 -1.62
C MET C 379 -40.44 27.16 -0.95
N LEU C 380 -41.62 26.57 -1.10
CA LEU C 380 -42.86 27.12 -0.56
C LEU C 380 -43.22 26.43 0.77
N TYR C 381 -43.43 27.24 1.81
CA TYR C 381 -43.77 26.72 3.14
C TYR C 381 -45.24 26.78 3.48
N VAL C 382 -45.89 25.63 3.62
CA VAL C 382 -47.31 25.62 3.99
C VAL C 382 -47.46 25.61 5.52
N SER C 383 -47.91 26.74 6.05
CA SER C 383 -48.09 26.90 7.49
C SER C 383 -49.31 26.18 8.03
N LYS C 384 -50.39 26.20 7.25
CA LYS C 384 -51.63 25.54 7.65
C LYS C 384 -52.59 25.36 6.48
N MET C 385 -53.59 24.52 6.70
CA MET C 385 -54.63 24.26 5.69
C MET C 385 -55.86 24.98 6.21
N VAL C 386 -56.50 25.74 5.34
CA VAL C 386 -57.68 26.49 5.74
C VAL C 386 -58.95 26.02 5.03
N PRO C 387 -60.03 25.74 5.80
CA PRO C 387 -61.33 25.29 5.28
C PRO C 387 -61.92 26.24 4.25
N THR C 388 -62.50 25.69 3.20
CA THR C 388 -63.11 26.52 2.15
C THR C 388 -64.57 26.15 1.96
N SER C 389 -65.33 27.01 1.28
CA SER C 389 -66.74 26.75 1.04
C SER C 389 -66.86 25.70 -0.07
N ASP C 390 -65.84 25.63 -0.93
CA ASP C 390 -65.80 24.71 -2.06
C ASP C 390 -65.63 23.25 -1.62
N LYS C 391 -66.73 22.59 -1.26
CA LYS C 391 -66.68 21.20 -0.79
C LYS C 391 -65.90 21.21 0.52
N GLY C 392 -65.65 20.02 1.07
CA GLY C 392 -64.89 19.91 2.30
C GLY C 392 -63.41 19.98 1.96
N ARG C 393 -63.11 20.75 0.90
CA ARG C 393 -61.75 20.95 0.42
C ARG C 393 -61.02 22.02 1.22
N PHE C 394 -59.74 21.78 1.45
CA PHE C 394 -58.92 22.72 2.20
C PHE C 394 -57.89 23.37 1.27
N TYR C 395 -57.59 24.64 1.51
CA TYR C 395 -56.59 25.32 0.71
C TYR C 395 -55.34 25.44 1.57
N ALA C 396 -54.17 25.26 0.96
CA ALA C 396 -52.93 25.37 1.70
C ALA C 396 -52.51 26.82 1.78
N PHE C 397 -52.23 27.29 3.00
CA PHE C 397 -51.80 28.66 3.24
C PHE C 397 -50.32 28.63 3.64
N GLY C 398 -49.52 29.49 3.01
CA GLY C 398 -48.11 29.51 3.34
C GLY C 398 -47.36 30.67 2.74
N ARG C 399 -46.06 30.52 2.60
CA ARG C 399 -45.20 31.57 2.06
C ARG C 399 -44.19 31.04 1.03
N VAL C 400 -44.00 31.78 -0.05
CA VAL C 400 -43.03 31.35 -1.07
C VAL C 400 -41.66 31.90 -0.68
N PHE C 401 -40.80 31.05 -0.15
CA PHE C 401 -39.46 31.47 0.27
C PHE C 401 -38.42 31.51 -0.87
N ALA C 402 -38.69 30.79 -1.95
CA ALA C 402 -37.77 30.77 -3.09
C ALA C 402 -38.49 30.30 -4.34
N GLY C 403 -37.99 30.75 -5.49
CA GLY C 403 -38.59 30.39 -6.76
C GLY C 403 -39.96 31.04 -6.81
N THR C 404 -40.78 30.62 -7.77
CA THR C 404 -42.13 31.17 -7.91
C THR C 404 -43.10 30.05 -8.23
N VAL C 405 -44.21 30.00 -7.49
CA VAL C 405 -45.25 29.00 -7.68
C VAL C 405 -46.24 29.55 -8.72
N LYS C 406 -46.87 28.66 -9.48
CA LYS C 406 -47.83 29.08 -10.50
C LYS C 406 -48.87 28.02 -10.78
N SER C 407 -50.10 28.46 -11.02
CA SER C 407 -51.19 27.53 -11.29
C SER C 407 -50.80 26.51 -12.35
N GLY C 408 -51.06 25.23 -12.07
CA GLY C 408 -50.76 24.15 -13.00
C GLY C 408 -49.41 23.50 -12.77
N GLN C 409 -48.45 24.32 -12.34
CA GLN C 409 -47.12 23.84 -12.09
C GLN C 409 -47.19 22.57 -11.25
N LYS C 410 -46.38 21.59 -11.61
CA LYS C 410 -46.36 20.35 -10.85
C LYS C 410 -45.31 20.60 -9.79
N VAL C 411 -45.56 20.11 -8.59
CA VAL C 411 -44.64 20.32 -7.48
C VAL C 411 -44.43 19.05 -6.68
N ARG C 412 -43.33 19.03 -5.93
CA ARG C 412 -43.00 17.92 -5.06
C ARG C 412 -43.56 18.29 -3.68
N ILE C 413 -44.55 17.54 -3.18
CA ILE C 413 -45.12 17.83 -1.87
C ILE C 413 -44.43 16.96 -0.81
N GLN C 414 -43.54 17.59 -0.04
CA GLN C 414 -42.77 16.87 0.97
C GLN C 414 -43.37 17.02 2.36
N GLY C 415 -44.02 15.98 2.86
CA GLY C 415 -44.62 16.02 4.17
C GLY C 415 -43.64 15.91 5.34
N PRO C 416 -44.14 15.91 6.57
CA PRO C 416 -43.37 15.81 7.81
C PRO C 416 -42.24 14.79 7.85
N ASN C 417 -42.51 13.58 7.36
CA ASN C 417 -41.51 12.50 7.39
C ASN C 417 -40.53 12.43 6.22
N TYR C 418 -40.72 13.29 5.21
CA TYR C 418 -39.85 13.30 4.05
C TYR C 418 -38.37 13.51 4.37
N VAL C 419 -37.52 12.92 3.55
CA VAL C 419 -36.08 13.03 3.66
C VAL C 419 -35.54 12.83 2.24
N PRO C 420 -34.74 13.77 1.73
CA PRO C 420 -34.18 13.68 0.38
C PRO C 420 -33.75 12.27 -0.05
N GLY C 421 -33.27 11.49 0.91
CA GLY C 421 -32.85 10.13 0.60
C GLY C 421 -33.97 9.25 0.08
N LYS C 422 -34.92 8.91 0.95
CA LYS C 422 -36.06 8.05 0.62
C LYS C 422 -37.19 8.77 -0.11
N LYS C 423 -38.22 8.01 -0.48
CA LYS C 423 -39.37 8.58 -1.18
C LYS C 423 -40.60 8.59 -0.28
N ASP C 424 -40.37 8.33 1.01
CA ASP C 424 -41.42 8.31 1.99
C ASP C 424 -42.02 9.70 2.15
N ASP C 425 -43.36 9.77 2.23
CA ASP C 425 -44.09 11.02 2.43
C ASP C 425 -43.92 12.00 1.27
N LEU C 426 -43.73 11.49 0.05
CA LEU C 426 -43.57 12.37 -1.10
C LEU C 426 -44.78 12.26 -2.03
N PHE C 427 -45.16 13.37 -2.66
CA PHE C 427 -46.32 13.35 -3.54
C PHE C 427 -46.14 14.29 -4.72
N ILE C 428 -45.42 13.88 -5.73
CA ILE C 428 -45.24 14.75 -6.89
C ILE C 428 -46.59 15.01 -7.56
N LYS C 429 -47.22 16.13 -7.20
CA LYS C 429 -48.52 16.49 -7.76
C LYS C 429 -48.52 17.89 -8.34
N ALA C 430 -49.56 18.22 -9.09
CA ALA C 430 -49.65 19.54 -9.72
C ALA C 430 -50.57 20.48 -8.96
N ILE C 431 -50.11 21.72 -8.83
CA ILE C 431 -50.85 22.77 -8.14
C ILE C 431 -52.02 23.16 -9.02
N GLN C 432 -53.21 22.74 -8.64
CA GLN C 432 -54.40 23.05 -9.43
C GLN C 432 -54.62 24.53 -9.62
N ARG C 433 -54.52 25.31 -8.55
CA ARG C 433 -54.76 26.73 -8.63
C ARG C 433 -53.98 27.52 -7.54
N VAL C 434 -53.49 28.70 -7.91
CA VAL C 434 -52.78 29.57 -6.98
C VAL C 434 -53.71 30.75 -6.71
N VAL C 435 -54.01 31.02 -5.44
CA VAL C 435 -54.92 32.11 -5.09
C VAL C 435 -54.45 33.03 -3.97
N LEU C 436 -54.92 34.27 -3.99
CA LEU C 436 -54.59 35.26 -2.97
C LEU C 436 -55.57 35.14 -1.81
N MET C 437 -55.05 34.93 -0.61
CA MET C 437 -55.91 34.79 0.56
C MET C 437 -56.42 36.16 1.03
N MET C 438 -57.31 36.76 0.23
CA MET C 438 -57.89 38.05 0.54
C MET C 438 -58.79 37.95 1.78
N GLY C 439 -58.18 37.67 2.93
CA GLY C 439 -58.95 37.57 4.15
C GLY C 439 -59.92 36.43 4.11
N ARG C 440 -61.16 36.72 3.69
CA ARG C 440 -62.22 35.71 3.63
C ARG C 440 -62.49 35.23 2.21
N PHE C 441 -62.03 35.97 1.20
CA PHE C 441 -62.25 35.58 -0.18
C PHE C 441 -60.92 35.23 -0.86
N VAL C 442 -60.97 34.48 -1.95
CA VAL C 442 -59.75 34.10 -2.66
C VAL C 442 -59.77 34.68 -4.06
N GLU C 443 -58.61 35.01 -4.59
CA GLU C 443 -58.53 35.59 -5.93
C GLU C 443 -57.46 34.88 -6.76
N PRO C 444 -57.88 34.12 -7.80
CA PRO C 444 -56.97 33.40 -8.67
C PRO C 444 -55.87 34.26 -9.31
N ILE C 445 -54.65 33.76 -9.27
CA ILE C 445 -53.49 34.46 -9.81
C ILE C 445 -52.59 33.41 -10.48
N ASP C 446 -52.00 33.76 -11.62
CA ASP C 446 -51.12 32.82 -12.33
C ASP C 446 -49.98 32.28 -11.51
N ASP C 447 -49.01 33.13 -11.23
CA ASP C 447 -47.84 32.75 -10.44
C ASP C 447 -47.67 33.67 -9.24
N CYS C 448 -46.71 33.32 -8.39
CA CYS C 448 -46.43 34.07 -7.19
C CYS C 448 -44.93 33.94 -6.86
N PRO C 449 -44.17 35.02 -7.04
CA PRO C 449 -42.73 34.98 -6.78
C PRO C 449 -42.41 34.94 -5.29
N ALA C 450 -41.21 34.45 -4.96
CA ALA C 450 -40.79 34.34 -3.57
C ALA C 450 -40.95 35.64 -2.80
N GLY C 451 -41.32 35.53 -1.53
CA GLY C 451 -41.51 36.69 -0.69
C GLY C 451 -42.94 36.91 -0.23
N ASN C 452 -43.92 36.43 -0.99
CA ASN C 452 -45.31 36.63 -0.62
C ASN C 452 -45.99 35.50 0.09
N ILE C 453 -47.07 35.87 0.77
CA ILE C 453 -47.92 34.94 1.48
C ILE C 453 -48.97 34.58 0.43
N ILE C 454 -49.13 33.28 0.15
CA ILE C 454 -50.09 32.84 -0.85
C ILE C 454 -50.93 31.64 -0.41
N GLY C 455 -51.85 31.24 -1.28
CA GLY C 455 -52.71 30.11 -1.02
C GLY C 455 -52.70 29.18 -2.22
N LEU C 456 -52.69 27.87 -1.97
CA LEU C 456 -52.66 26.86 -3.03
C LEU C 456 -53.92 26.01 -3.02
N VAL C 457 -54.40 25.64 -4.21
CA VAL C 457 -55.60 24.82 -4.32
C VAL C 457 -55.38 23.43 -4.88
N GLY C 458 -55.81 22.41 -4.14
CA GLY C 458 -55.66 21.04 -4.59
C GLY C 458 -54.54 20.24 -3.97
N ILE C 459 -54.28 20.42 -2.68
CA ILE C 459 -53.22 19.69 -2.00
C ILE C 459 -53.79 18.99 -0.78
N ASP C 460 -54.92 19.51 -0.30
CA ASP C 460 -55.60 18.99 0.88
C ASP C 460 -55.44 17.49 1.14
N GLN C 461 -55.34 16.70 0.08
CA GLN C 461 -55.19 15.25 0.22
C GLN C 461 -53.76 14.73 0.20
N PHE C 462 -52.78 15.60 0.41
CA PHE C 462 -51.40 15.17 0.40
C PHE C 462 -50.74 15.73 1.64
N LEU C 463 -51.26 16.87 2.10
CA LEU C 463 -50.74 17.53 3.28
C LEU C 463 -51.84 17.61 4.32
N LEU C 464 -51.58 17.12 5.52
CA LEU C 464 -52.60 17.18 6.55
C LEU C 464 -52.74 18.61 7.05
N LYS C 465 -51.61 19.20 7.45
CA LYS C 465 -51.60 20.56 7.97
C LYS C 465 -50.39 21.38 7.53
N THR C 466 -49.19 20.90 7.87
CA THR C 466 -47.96 21.60 7.53
C THR C 466 -47.11 20.82 6.55
N GLY C 467 -46.26 21.54 5.81
CA GLY C 467 -45.38 20.89 4.87
C GLY C 467 -44.56 21.82 3.98
N THR C 468 -43.67 21.22 3.20
CA THR C 468 -42.83 21.98 2.30
C THR C 468 -43.04 21.58 0.85
N LEU C 469 -43.10 22.57 -0.02
CA LEU C 469 -43.24 22.31 -1.45
C LEU C 469 -41.94 22.72 -2.15
N THR C 470 -41.42 21.85 -3.02
CA THR C 470 -40.16 22.12 -3.73
C THR C 470 -40.17 21.66 -5.19
N THR C 471 -39.02 21.85 -5.84
CA THR C 471 -38.83 21.50 -7.24
C THR C 471 -37.48 20.79 -7.33
N SER C 472 -36.64 21.08 -6.35
CA SER C 472 -35.32 20.49 -6.28
C SER C 472 -35.50 19.08 -5.70
N GLU C 473 -34.98 18.09 -6.43
CA GLU C 473 -35.07 16.71 -6.01
C GLU C 473 -34.21 16.47 -4.76
N THR C 474 -33.32 17.43 -4.48
CA THR C 474 -32.44 17.34 -3.33
C THR C 474 -32.72 18.45 -2.33
N ALA C 475 -33.98 18.88 -2.25
CA ALA C 475 -34.35 19.93 -1.33
C ALA C 475 -34.95 19.39 -0.03
N HIS C 476 -34.30 19.68 1.09
CA HIS C 476 -34.79 19.25 2.41
C HIS C 476 -36.08 20.02 2.76
N ASN C 477 -36.74 19.62 3.85
CA ASN C 477 -37.97 20.30 4.30
C ASN C 477 -37.59 21.52 5.12
N MET C 478 -38.52 22.47 5.27
CA MET C 478 -38.26 23.65 6.07
C MET C 478 -38.73 23.36 7.49
N LYS C 479 -38.11 24.01 8.48
CA LYS C 479 -38.45 23.81 9.89
C LYS C 479 -39.91 23.36 10.00
N VAL C 480 -40.08 22.06 10.20
CA VAL C 480 -41.39 21.46 10.32
C VAL C 480 -42.00 21.74 11.66
N MET C 481 -43.32 21.90 11.67
CA MET C 481 -44.07 22.13 12.90
C MET C 481 -44.82 20.86 13.23
N LYS C 482 -44.30 20.11 14.20
CA LYS C 482 -44.89 18.86 14.63
C LYS C 482 -46.35 18.98 15.04
N PHE C 483 -47.12 17.94 14.71
CA PHE C 483 -48.53 17.85 15.02
C PHE C 483 -48.88 16.36 15.09
N SER C 484 -49.76 15.98 15.99
CA SER C 484 -50.14 14.56 16.07
C SER C 484 -51.56 14.41 15.57
N VAL C 485 -51.89 13.20 15.14
CA VAL C 485 -53.22 12.88 14.62
C VAL C 485 -53.77 11.72 15.42
N SER C 486 -53.06 11.33 16.48
CA SER C 486 -53.45 10.21 17.31
C SER C 486 -54.55 10.52 18.32
N PRO C 487 -55.74 9.94 18.14
CA PRO C 487 -56.89 10.16 19.03
C PRO C 487 -56.63 9.44 20.34
N VAL C 488 -56.24 10.16 21.38
CA VAL C 488 -55.97 9.54 22.66
C VAL C 488 -57.00 9.97 23.69
N VAL C 489 -57.89 10.87 23.28
CA VAL C 489 -58.97 11.36 24.13
C VAL C 489 -60.24 11.35 23.28
N GLN C 490 -61.32 10.87 23.86
CA GLN C 490 -62.59 10.79 23.15
C GLN C 490 -63.76 10.99 24.09
N VAL C 491 -64.94 11.25 23.53
CA VAL C 491 -66.12 11.46 24.34
C VAL C 491 -67.34 10.75 23.77
N ALA C 492 -68.36 10.63 24.60
CA ALA C 492 -69.59 9.99 24.21
C ALA C 492 -70.65 11.06 23.99
N VAL C 493 -71.01 11.30 22.73
CA VAL C 493 -72.03 12.29 22.43
C VAL C 493 -73.27 11.58 21.89
N GLU C 494 -74.21 11.36 22.81
CA GLU C 494 -75.47 10.71 22.53
C GLU C 494 -76.52 11.83 22.59
N VAL C 495 -77.76 11.51 22.23
CA VAL C 495 -78.83 12.51 22.25
C VAL C 495 -79.61 12.61 23.57
N LYS C 496 -80.58 13.51 23.57
CA LYS C 496 -81.45 13.77 24.72
C LYS C 496 -82.79 14.22 24.16
N ASN C 497 -82.72 14.91 23.02
CA ASN C 497 -83.90 15.42 22.32
C ASN C 497 -83.85 14.87 20.90
N ALA C 498 -84.70 13.91 20.60
CA ALA C 498 -84.75 13.33 19.26
C ALA C 498 -85.35 14.33 18.28
N ASN C 499 -85.82 15.47 18.81
CA ASN C 499 -86.43 16.53 18.01
C ASN C 499 -85.36 17.30 17.22
N ASP C 500 -84.22 17.53 17.86
CA ASP C 500 -83.13 18.23 17.20
C ASP C 500 -81.96 17.28 16.96
N LEU C 501 -82.26 15.98 17.05
CA LEU C 501 -81.27 14.93 16.83
C LEU C 501 -80.86 14.79 15.36
N PRO C 502 -81.84 14.71 14.43
CA PRO C 502 -81.52 14.57 13.01
C PRO C 502 -80.36 15.46 12.51
N LYS C 503 -80.15 16.59 13.19
CA LYS C 503 -79.07 17.53 12.85
C LYS C 503 -77.71 16.99 13.33
N LEU C 504 -77.76 16.08 14.30
CA LEU C 504 -76.57 15.46 14.88
C LEU C 504 -75.98 14.38 13.96
N VAL C 505 -76.64 13.23 13.89
CA VAL C 505 -76.18 12.12 13.04
C VAL C 505 -75.55 12.64 11.76
N GLU C 506 -76.09 13.75 11.25
CA GLU C 506 -75.58 14.37 10.03
C GLU C 506 -74.41 15.28 10.33
N GLY C 507 -74.59 16.16 11.31
CA GLY C 507 -73.51 17.09 11.68
C GLY C 507 -72.21 16.42 12.09
N LEU C 508 -72.32 15.27 12.74
CA LEU C 508 -71.15 14.52 13.19
C LEU C 508 -70.22 14.21 12.03
N LYS C 509 -70.78 13.64 10.97
CA LYS C 509 -70.01 13.30 9.80
C LYS C 509 -69.65 14.54 9.00
N ARG C 510 -70.13 15.70 9.45
CA ARG C 510 -69.82 16.98 8.83
C ARG C 510 -68.56 17.47 9.52
N LEU C 511 -68.51 17.30 10.85
CA LEU C 511 -67.36 17.68 11.66
C LEU C 511 -66.16 16.91 11.14
N SER C 512 -66.37 15.61 10.95
CA SER C 512 -65.34 14.71 10.45
C SER C 512 -64.75 15.32 9.18
N LYS C 513 -65.62 15.94 8.38
CA LYS C 513 -65.23 16.59 7.12
C LYS C 513 -64.43 17.87 7.38
N SER C 514 -64.86 18.63 8.39
CA SER C 514 -64.22 19.90 8.76
C SER C 514 -62.81 19.78 9.33
N ASP C 515 -62.49 18.64 9.92
CA ASP C 515 -61.17 18.41 10.51
C ASP C 515 -60.64 17.02 10.17
N PRO C 516 -59.34 16.92 9.79
CA PRO C 516 -58.71 15.64 9.45
C PRO C 516 -58.34 14.82 10.69
N CYS C 517 -58.11 15.52 11.80
CA CYS C 517 -57.71 14.89 13.05
C CYS C 517 -58.84 14.45 13.95
N VAL C 518 -59.99 15.11 13.85
CA VAL C 518 -61.13 14.73 14.68
C VAL C 518 -61.67 13.41 14.13
N LEU C 519 -62.21 12.58 15.01
CA LEU C 519 -62.72 11.28 14.59
C LEU C 519 -64.07 10.91 15.20
N THR C 520 -65.06 10.67 14.33
CA THR C 520 -66.41 10.27 14.77
C THR C 520 -66.69 8.86 14.26
N TYR C 521 -67.25 8.02 15.13
CA TYR C 521 -67.55 6.66 14.73
C TYR C 521 -68.59 6.06 15.67
N MET C 522 -69.19 4.96 15.23
CA MET C 522 -70.19 4.25 16.03
C MET C 522 -69.50 3.03 16.63
N SER C 523 -69.68 2.85 17.94
CA SER C 523 -69.08 1.68 18.63
C SER C 523 -70.10 0.56 18.47
N GLU C 524 -69.76 -0.69 18.81
CA GLU C 524 -70.79 -1.70 18.67
C GLU C 524 -71.95 -1.50 19.64
N SER C 525 -71.70 -0.80 20.76
CA SER C 525 -72.77 -0.51 21.73
C SER C 525 -73.68 0.56 21.13
N GLY C 526 -73.66 0.63 19.79
CA GLY C 526 -74.46 1.59 19.04
C GLY C 526 -74.20 3.04 19.37
N GLU C 527 -73.13 3.28 20.13
CA GLU C 527 -72.77 4.64 20.54
C GLU C 527 -71.97 5.43 19.50
N HIS C 528 -72.20 6.74 19.52
CA HIS C 528 -71.51 7.67 18.63
C HIS C 528 -70.36 8.29 19.42
N ILE C 529 -69.15 8.21 18.86
CA ILE C 529 -67.97 8.74 19.55
C ILE C 529 -67.27 9.85 18.79
N VAL C 530 -66.57 10.70 19.54
CA VAL C 530 -65.81 11.81 18.99
C VAL C 530 -64.49 11.88 19.73
N ALA C 531 -63.40 11.56 19.03
CA ALA C 531 -62.08 11.59 19.62
C ALA C 531 -61.25 12.73 19.04
N GLY C 532 -60.32 13.23 19.84
CA GLY C 532 -59.46 14.31 19.41
C GLY C 532 -58.00 14.12 19.81
N THR C 533 -57.17 15.09 19.48
CA THR C 533 -55.74 15.04 19.76
C THR C 533 -55.36 15.28 21.20
N GLY C 534 -56.11 16.15 21.87
CA GLY C 534 -55.85 16.48 23.26
C GLY C 534 -57.05 17.16 23.88
N GLU C 535 -57.04 17.29 25.20
CA GLU C 535 -58.15 17.91 25.90
C GLU C 535 -58.79 19.09 25.16
N LEU C 536 -57.98 20.09 24.83
CA LEU C 536 -58.48 21.28 24.13
C LEU C 536 -59.04 20.99 22.73
N HIS C 537 -58.31 20.21 21.93
CA HIS C 537 -58.74 19.86 20.59
C HIS C 537 -60.14 19.29 20.68
N LEU C 538 -60.30 18.37 21.63
CA LEU C 538 -61.58 17.74 21.83
C LEU C 538 -62.59 18.82 22.19
N GLU C 539 -62.30 19.56 23.25
CA GLU C 539 -63.18 20.62 23.70
C GLU C 539 -63.64 21.51 22.57
N ILE C 540 -62.67 22.06 21.82
CA ILE C 540 -62.98 22.94 20.69
C ILE C 540 -63.96 22.27 19.75
N CYS C 541 -63.61 21.10 19.24
CA CYS C 541 -64.49 20.39 18.34
C CYS C 541 -65.88 20.24 18.94
N LEU C 542 -65.95 20.11 20.27
CA LEU C 542 -67.24 19.96 20.97
C LEU C 542 -68.13 21.19 20.88
N GLN C 543 -67.55 22.37 21.11
CA GLN C 543 -68.33 23.61 21.04
C GLN C 543 -68.93 23.73 19.64
N ASP C 544 -68.09 23.56 18.62
CA ASP C 544 -68.51 23.66 17.23
C ASP C 544 -69.58 22.62 16.81
N LEU C 545 -69.74 21.57 17.61
CA LEU C 545 -70.71 20.52 17.31
C LEU C 545 -72.11 20.86 17.85
N GLU C 546 -72.20 21.11 19.15
CA GLU C 546 -73.49 21.44 19.78
C GLU C 546 -73.96 22.86 19.40
N HIS C 547 -73.40 23.41 18.33
CA HIS C 547 -73.77 24.74 17.88
C HIS C 547 -74.11 24.73 16.38
N ASP C 548 -73.31 24.03 15.59
CA ASP C 548 -73.51 23.96 14.15
C ASP C 548 -74.14 22.65 13.66
N HIS C 549 -74.28 21.68 14.55
CA HIS C 549 -74.86 20.39 14.19
C HIS C 549 -76.06 20.10 15.11
N ALA C 550 -76.10 20.81 16.23
CA ALA C 550 -77.18 20.70 17.21
C ALA C 550 -77.31 22.09 17.85
N GLY C 551 -78.41 22.35 18.55
CA GLY C 551 -78.57 23.66 19.15
C GLY C 551 -78.03 23.83 20.55
N VAL C 552 -78.10 22.78 21.37
CA VAL C 552 -77.63 22.83 22.75
C VAL C 552 -76.80 21.59 23.13
N PRO C 553 -75.82 21.76 24.07
CA PRO C 553 -74.97 20.64 24.51
C PRO C 553 -75.77 19.35 24.77
N LEU C 554 -75.27 18.23 24.26
CA LEU C 554 -75.93 16.94 24.38
C LEU C 554 -75.41 16.01 25.49
N LYS C 555 -75.56 14.71 25.24
CA LYS C 555 -75.15 13.67 26.16
C LYS C 555 -73.62 13.48 26.20
N ILE C 556 -72.89 14.60 26.11
CA ILE C 556 -71.44 14.61 26.13
C ILE C 556 -70.86 14.21 27.51
N SER C 557 -70.41 12.96 27.62
CA SER C 557 -69.87 12.45 28.87
C SER C 557 -68.47 12.96 29.16
N PRO C 558 -68.00 12.77 30.41
CA PRO C 558 -66.66 13.22 30.78
C PRO C 558 -65.65 12.66 29.80
N PRO C 559 -64.45 13.25 29.73
CA PRO C 559 -63.39 12.80 28.83
C PRO C 559 -62.90 11.40 29.15
N VAL C 560 -62.76 10.58 28.10
CA VAL C 560 -62.28 9.22 28.27
C VAL C 560 -60.97 9.09 27.47
N VAL C 561 -60.00 8.38 28.06
CA VAL C 561 -58.73 8.17 27.40
C VAL C 561 -58.70 6.84 26.65
N ALA C 562 -58.19 6.86 25.43
CA ALA C 562 -58.09 5.64 24.65
C ALA C 562 -56.93 4.82 25.20
N TYR C 563 -57.15 3.53 25.37
CA TYR C 563 -56.13 2.62 25.87
C TYR C 563 -55.85 1.58 24.81
N ARG C 564 -54.99 0.62 25.16
CA ARG C 564 -54.64 -0.47 24.27
C ARG C 564 -54.53 -1.77 25.05
N GLU C 565 -55.06 -2.86 24.49
CA GLU C 565 -55.00 -4.16 25.13
C GLU C 565 -53.83 -4.91 24.52
N THR C 566 -52.97 -5.45 25.37
CA THR C 566 -51.78 -6.16 24.92
C THR C 566 -51.41 -7.36 25.82
N VAL C 567 -50.54 -8.21 25.32
CA VAL C 567 -50.07 -9.38 26.06
C VAL C 567 -48.60 -9.20 26.43
N GLU C 568 -48.21 -9.76 27.58
CA GLU C 568 -46.85 -9.64 28.09
C GLU C 568 -46.03 -10.90 27.84
N SER C 569 -46.69 -12.00 27.51
CA SER C 569 -45.99 -13.24 27.25
C SER C 569 -46.77 -14.19 26.33
N GLU C 570 -46.30 -15.43 26.21
CA GLU C 570 -46.94 -16.40 25.33
C GLU C 570 -48.05 -17.08 26.12
N SER C 571 -49.11 -17.48 25.44
CA SER C 571 -50.24 -18.11 26.11
C SER C 571 -49.78 -19.29 26.98
N SER C 572 -50.27 -19.32 28.22
CA SER C 572 -49.94 -20.35 29.21
C SER C 572 -50.02 -21.71 28.58
N GLN C 573 -50.97 -21.87 27.69
CA GLN C 573 -51.21 -23.12 26.98
C GLN C 573 -51.98 -22.80 25.72
N THR C 574 -51.97 -23.70 24.75
CA THR C 574 -52.71 -23.48 23.53
C THR C 574 -54.19 -23.18 23.72
N ALA C 575 -54.68 -22.23 22.92
CA ALA C 575 -56.08 -21.81 22.94
C ALA C 575 -56.82 -22.52 21.82
N LEU C 576 -57.96 -23.10 22.16
CA LEU C 576 -58.75 -23.81 21.19
C LEU C 576 -60.20 -23.37 21.21
N SER C 577 -60.85 -23.41 20.06
CA SER C 577 -62.25 -23.07 19.94
C SER C 577 -62.77 -23.76 18.71
N LYS C 578 -64.03 -24.19 18.75
CA LYS C 578 -64.61 -24.82 17.56
C LYS C 578 -65.83 -24.01 17.24
N SER C 579 -66.28 -24.11 15.99
CA SER C 579 -67.43 -23.37 15.53
C SER C 579 -68.72 -23.92 16.10
N PRO C 580 -69.84 -23.20 15.90
CA PRO C 580 -71.11 -23.71 16.40
C PRO C 580 -71.35 -25.10 15.80
N ASN C 581 -70.97 -25.28 14.55
CA ASN C 581 -71.07 -26.57 13.88
C ASN C 581 -70.61 -27.70 14.77
N LYS C 582 -69.43 -27.51 15.34
CA LYS C 582 -68.72 -28.48 16.16
C LYS C 582 -67.90 -29.19 15.08
N HIS C 583 -67.93 -28.64 13.89
CA HIS C 583 -67.20 -29.21 12.77
C HIS C 583 -65.86 -28.56 12.47
N ASN C 584 -65.57 -27.43 13.11
CA ASN C 584 -64.30 -26.77 12.85
C ASN C 584 -63.61 -26.35 14.12
N ARG C 585 -62.28 -26.43 14.10
CA ARG C 585 -61.47 -26.03 15.26
C ARG C 585 -60.30 -25.16 14.85
N ILE C 586 -59.92 -24.27 15.75
CA ILE C 586 -58.79 -23.42 15.52
C ILE C 586 -58.01 -23.45 16.80
N TYR C 587 -56.74 -23.83 16.68
CA TYR C 587 -55.80 -23.89 17.80
C TYR C 587 -54.75 -22.79 17.55
N LEU C 588 -54.46 -21.99 18.57
CA LEU C 588 -53.47 -20.93 18.44
C LEU C 588 -52.89 -20.52 19.77
N LYS C 589 -51.90 -19.64 19.68
CA LYS C 589 -51.27 -19.08 20.86
C LYS C 589 -51.01 -17.65 20.52
N ALA C 590 -50.98 -16.82 21.54
CA ALA C 590 -50.69 -15.41 21.34
C ALA C 590 -49.41 -15.13 22.06
N GLU C 591 -48.67 -14.16 21.54
CA GLU C 591 -47.41 -13.76 22.16
C GLU C 591 -47.25 -12.28 21.82
N PRO C 592 -46.39 -11.57 22.57
CA PRO C 592 -46.14 -10.14 22.37
C PRO C 592 -45.32 -9.82 21.15
N ILE C 593 -45.48 -8.59 20.66
CA ILE C 593 -44.72 -8.06 19.54
C ILE C 593 -43.81 -7.03 20.21
N ASP C 594 -42.55 -6.96 19.78
CA ASP C 594 -41.63 -6.00 20.38
C ASP C 594 -42.06 -4.56 20.04
N GLU C 595 -41.86 -3.66 20.99
CA GLU C 595 -42.23 -2.27 20.78
C GLU C 595 -41.60 -1.74 19.50
N GLU C 596 -40.40 -2.23 19.18
CA GLU C 596 -39.72 -1.77 17.99
C GLU C 596 -40.50 -2.14 16.75
N VAL C 597 -40.98 -3.37 16.70
CA VAL C 597 -41.72 -3.82 15.53
C VAL C 597 -43.08 -3.12 15.43
N SER C 598 -43.75 -2.97 16.56
CA SER C 598 -45.03 -2.30 16.54
C SER C 598 -44.83 -0.90 15.93
N LEU C 599 -43.86 -0.17 16.49
CA LEU C 599 -43.50 1.15 15.99
C LEU C 599 -43.19 1.01 14.52
N ALA C 600 -42.39 0.02 14.16
CA ALA C 600 -42.04 -0.17 12.77
C ALA C 600 -43.28 -0.36 11.90
N ILE C 601 -44.30 -1.02 12.44
CA ILE C 601 -45.54 -1.23 11.68
C ILE C 601 -46.30 0.10 11.63
N GLU C 602 -46.32 0.79 12.77
CA GLU C 602 -46.98 2.09 12.89
C GLU C 602 -46.26 3.17 12.07
N ASN C 603 -44.98 2.98 11.79
CA ASN C 603 -44.20 3.94 11.04
C ASN C 603 -43.95 3.54 9.61
N GLY C 604 -44.84 2.74 9.06
CA GLY C 604 -44.70 2.31 7.67
C GLY C 604 -43.56 1.38 7.30
N ILE C 605 -42.56 1.23 8.17
CA ILE C 605 -41.42 0.35 7.88
C ILE C 605 -41.99 -1.00 7.50
N ILE C 606 -42.66 -1.65 8.45
CA ILE C 606 -43.27 -2.96 8.20
C ILE C 606 -44.63 -2.58 7.63
N ASN C 607 -44.84 -2.89 6.37
CA ASN C 607 -46.09 -2.50 5.73
C ASN C 607 -46.95 -3.63 5.15
N PRO C 608 -48.26 -3.59 5.45
CA PRO C 608 -49.29 -4.55 5.01
C PRO C 608 -49.35 -4.69 3.49
N ARG C 609 -48.99 -3.63 2.79
CA ARG C 609 -49.05 -3.61 1.33
C ARG C 609 -47.76 -4.05 0.62
N ASP C 610 -46.68 -4.14 1.38
CA ASP C 610 -45.38 -4.54 0.88
C ASP C 610 -45.40 -5.98 0.34
N ASP C 611 -44.40 -6.33 -0.46
CA ASP C 611 -44.28 -7.69 -0.99
C ASP C 611 -43.94 -8.54 0.23
N PHE C 612 -44.75 -9.54 0.52
CA PHE C 612 -44.48 -10.36 1.69
C PHE C 612 -42.99 -10.69 1.81
N LYS C 613 -42.35 -11.10 0.72
CA LYS C 613 -40.93 -11.45 0.75
C LYS C 613 -40.01 -10.31 1.18
N ALA C 614 -40.25 -9.14 0.62
CA ALA C 614 -39.44 -7.98 0.94
C ALA C 614 -39.62 -7.59 2.40
N ARG C 615 -40.87 -7.61 2.84
CA ARG C 615 -41.21 -7.26 4.21
C ARG C 615 -40.57 -8.24 5.18
N ALA C 616 -40.59 -9.52 4.80
CA ALA C 616 -40.02 -10.58 5.62
C ALA C 616 -38.52 -10.37 5.78
N ARG C 617 -37.86 -10.04 4.67
CA ARG C 617 -36.41 -9.80 4.66
C ARG C 617 -36.08 -8.69 5.68
N ILE C 618 -36.93 -7.66 5.74
CA ILE C 618 -36.76 -6.54 6.67
C ILE C 618 -36.91 -6.97 8.13
N MET C 619 -38.01 -7.68 8.40
CA MET C 619 -38.31 -8.17 9.74
C MET C 619 -37.28 -9.15 10.26
N ALA C 620 -36.81 -9.98 9.34
CA ALA C 620 -35.82 -10.98 9.64
C ALA C 620 -34.49 -10.29 10.01
N ASP C 621 -34.02 -9.43 9.11
CA ASP C 621 -32.76 -8.71 9.29
C ASP C 621 -32.72 -7.68 10.43
N ASP C 622 -33.53 -6.65 10.32
CA ASP C 622 -33.56 -5.58 11.32
C ASP C 622 -34.35 -5.82 12.61
N TYR C 623 -35.22 -6.82 12.65
CA TYR C 623 -36.02 -7.05 13.86
C TYR C 623 -35.93 -8.45 14.47
N GLY C 624 -35.00 -9.26 13.97
CA GLY C 624 -34.82 -10.58 14.51
C GLY C 624 -36.07 -11.42 14.51
N TRP C 625 -36.65 -11.59 13.33
CA TRP C 625 -37.85 -12.39 13.15
C TRP C 625 -37.41 -13.58 12.31
N ASP C 626 -38.08 -14.73 12.46
CA ASP C 626 -37.75 -15.89 11.65
C ASP C 626 -38.33 -15.59 10.28
N VAL C 627 -37.47 -15.39 9.28
CA VAL C 627 -37.97 -15.09 7.96
C VAL C 627 -39.06 -16.08 7.56
N THR C 628 -39.08 -17.27 8.19
CA THR C 628 -40.11 -18.27 7.91
C THR C 628 -41.48 -17.79 8.42
N ASP C 629 -41.52 -17.25 9.64
CA ASP C 629 -42.78 -16.76 10.18
C ASP C 629 -43.23 -15.53 9.44
N ALA C 630 -42.30 -14.61 9.25
CA ALA C 630 -42.59 -13.36 8.57
C ALA C 630 -43.24 -13.55 7.20
N ARG C 631 -42.82 -14.58 6.47
CA ARG C 631 -43.38 -14.83 5.13
C ARG C 631 -44.75 -15.49 5.22
N LYS C 632 -45.20 -15.72 6.45
CA LYS C 632 -46.48 -16.33 6.72
C LYS C 632 -47.41 -15.35 7.44
N ILE C 633 -47.20 -14.06 7.25
CA ILE C 633 -48.08 -13.10 7.89
C ILE C 633 -49.38 -13.17 7.10
N TRP C 634 -50.48 -13.36 7.82
CA TRP C 634 -51.79 -13.45 7.18
C TRP C 634 -52.51 -12.11 7.13
N CYS C 635 -52.22 -11.25 8.11
CA CYS C 635 -52.89 -9.97 8.14
C CYS C 635 -52.47 -9.13 9.31
N PHE C 636 -52.67 -7.83 9.21
CA PHE C 636 -52.35 -6.92 10.30
C PHE C 636 -53.72 -6.55 10.85
N GLY C 637 -53.77 -5.97 12.05
CA GLY C 637 -55.03 -5.56 12.63
C GLY C 637 -54.88 -4.55 13.74
N PRO C 638 -55.89 -3.69 13.98
CA PRO C 638 -57.18 -3.63 13.27
C PRO C 638 -57.06 -2.98 11.92
N ASP C 639 -58.21 -2.63 11.37
CA ASP C 639 -58.29 -1.94 10.10
C ASP C 639 -57.29 -2.44 9.10
N GLY C 640 -56.98 -3.72 9.18
CA GLY C 640 -56.02 -4.31 8.25
C GLY C 640 -54.58 -3.84 8.33
N ASN C 641 -54.26 -2.94 9.25
CA ASN C 641 -52.90 -2.41 9.34
C ASN C 641 -52.39 -2.00 10.72
N GLY C 642 -53.10 -2.36 11.78
CA GLY C 642 -52.65 -1.98 13.12
C GLY C 642 -51.44 -2.82 13.47
N PRO C 643 -50.78 -2.53 14.60
CA PRO C 643 -49.60 -3.27 15.05
C PRO C 643 -49.96 -4.59 15.76
N ASN C 644 -50.64 -5.46 15.01
CA ASN C 644 -51.02 -6.77 15.52
C ASN C 644 -51.03 -7.70 14.33
N LEU C 645 -50.53 -8.91 14.53
CA LEU C 645 -50.44 -9.83 13.41
C LEU C 645 -51.03 -11.17 13.67
N VAL C 646 -51.09 -11.94 12.59
CA VAL C 646 -51.56 -13.32 12.58
C VAL C 646 -50.54 -14.03 11.70
N ILE C 647 -49.85 -15.00 12.30
CA ILE C 647 -48.86 -15.77 11.57
C ILE C 647 -49.35 -17.19 11.34
N ASP C 648 -49.34 -17.67 10.10
CA ASP C 648 -49.82 -19.01 9.83
C ASP C 648 -48.80 -20.07 10.13
N GLN C 649 -48.92 -20.73 11.28
CA GLN C 649 -47.97 -21.77 11.61
C GLN C 649 -48.53 -23.19 11.40
N THR C 650 -49.67 -23.29 10.74
CA THR C 650 -50.25 -24.59 10.54
C THR C 650 -49.31 -25.45 9.72
N LYS C 651 -49.47 -26.77 9.83
CA LYS C 651 -48.71 -27.73 9.05
C LYS C 651 -49.73 -28.65 8.39
N ALA C 652 -49.73 -28.67 7.06
CA ALA C 652 -50.62 -29.55 6.29
C ALA C 652 -52.13 -29.51 6.57
N VAL C 653 -52.72 -28.33 6.66
CA VAL C 653 -54.15 -28.26 6.90
C VAL C 653 -54.86 -28.12 5.58
N GLN C 654 -55.41 -29.19 5.03
CA GLN C 654 -56.09 -29.03 3.75
C GLN C 654 -57.22 -28.03 3.83
N TYR C 655 -57.44 -27.33 2.71
CA TYR C 655 -58.48 -26.31 2.59
C TYR C 655 -58.15 -25.04 3.37
N LEU C 656 -57.18 -25.10 4.28
CA LEU C 656 -56.84 -23.93 5.08
C LEU C 656 -57.11 -22.58 4.45
N HIS C 657 -56.57 -22.37 3.27
CA HIS C 657 -56.72 -21.08 2.62
C HIS C 657 -58.17 -20.70 2.31
N GLU C 658 -59.08 -21.66 2.33
CA GLU C 658 -60.48 -21.37 2.08
C GLU C 658 -61.16 -20.76 3.29
N ILE C 659 -60.46 -20.62 4.41
CA ILE C 659 -61.06 -19.99 5.59
C ILE C 659 -60.26 -18.75 5.96
N LYS C 660 -59.23 -18.46 5.16
CA LYS C 660 -58.33 -17.33 5.39
C LYS C 660 -59.02 -16.01 5.58
N ASP C 661 -59.87 -15.66 4.62
CA ASP C 661 -60.58 -14.39 4.68
C ASP C 661 -61.41 -14.30 5.96
N SER C 662 -62.01 -15.41 6.37
CA SER C 662 -62.79 -15.43 7.61
C SER C 662 -61.86 -15.23 8.79
N VAL C 663 -60.76 -15.96 8.81
CA VAL C 663 -59.82 -15.79 9.91
C VAL C 663 -59.39 -14.32 9.99
N VAL C 664 -59.01 -13.75 8.84
CA VAL C 664 -58.58 -12.36 8.76
C VAL C 664 -59.68 -11.46 9.32
N ALA C 665 -60.90 -11.67 8.83
CA ALA C 665 -62.04 -10.87 9.29
C ALA C 665 -62.19 -10.99 10.78
N ALA C 666 -62.17 -12.22 11.30
CA ALA C 666 -62.32 -12.40 12.73
C ALA C 666 -61.22 -11.62 13.48
N PHE C 667 -60.03 -11.58 12.90
CA PHE C 667 -58.90 -10.89 13.52
C PHE C 667 -59.04 -9.38 13.59
N GLN C 668 -59.51 -8.78 12.49
CA GLN C 668 -59.71 -7.34 12.43
C GLN C 668 -60.66 -6.96 13.55
N TRP C 669 -61.64 -7.80 13.75
CA TRP C 669 -62.65 -7.58 14.76
C TRP C 669 -62.12 -7.87 16.16
N ALA C 670 -61.25 -8.87 16.33
CA ALA C 670 -60.73 -9.11 17.69
C ALA C 670 -59.72 -8.03 18.11
N THR C 671 -58.90 -7.59 17.18
CA THR C 671 -57.92 -6.57 17.50
C THR C 671 -58.53 -5.17 17.67
N LYS C 672 -59.71 -4.95 17.06
CA LYS C 672 -60.41 -3.66 17.16
C LYS C 672 -61.02 -3.42 18.55
N GLU C 673 -61.39 -4.50 19.22
CA GLU C 673 -61.99 -4.43 20.55
C GLU C 673 -61.67 -5.71 21.34
N GLY C 674 -60.55 -5.67 22.06
CA GLY C 674 -60.12 -6.82 22.84
C GLY C 674 -61.04 -7.20 23.97
N PRO C 675 -60.80 -8.36 24.61
CA PRO C 675 -61.61 -8.87 25.72
C PRO C 675 -61.34 -8.28 27.10
N ILE C 676 -60.37 -7.37 27.26
CA ILE C 676 -60.15 -6.84 28.60
C ILE C 676 -61.31 -5.89 28.85
N PHE C 677 -61.50 -4.94 27.94
CA PHE C 677 -62.61 -4.01 28.07
C PHE C 677 -62.94 -3.30 26.76
N GLY C 678 -63.03 -4.05 25.68
CA GLY C 678 -63.37 -3.44 24.42
C GLY C 678 -62.35 -2.54 23.74
N GLU C 679 -61.21 -2.29 24.37
CA GLU C 679 -60.20 -1.43 23.77
C GLU C 679 -59.41 -2.15 22.68
N GLU C 680 -58.75 -1.38 21.82
CA GLU C 680 -57.93 -1.92 20.73
C GLU C 680 -56.69 -2.66 21.20
N MET C 681 -56.34 -3.73 20.48
CA MET C 681 -55.15 -4.49 20.83
C MET C 681 -53.93 -3.83 20.23
N ARG C 682 -52.79 -4.02 20.86
CA ARG C 682 -51.56 -3.48 20.34
C ARG C 682 -50.39 -4.40 20.64
N SER C 683 -49.57 -4.62 19.62
CA SER C 683 -48.39 -5.47 19.76
C SER C 683 -48.79 -6.91 20.08
N VAL C 684 -49.87 -7.40 19.47
CA VAL C 684 -50.31 -8.78 19.70
C VAL C 684 -50.10 -9.66 18.49
N ARG C 685 -49.31 -10.71 18.73
CA ARG C 685 -48.94 -11.72 17.75
C ARG C 685 -49.80 -12.97 18.00
N VAL C 686 -50.41 -13.48 16.93
CA VAL C 686 -51.23 -14.66 17.05
C VAL C 686 -50.77 -15.71 16.06
N ASN C 687 -50.37 -16.86 16.60
CA ASN C 687 -49.88 -17.95 15.78
C ASN C 687 -50.87 -19.08 15.70
N ILE C 688 -51.38 -19.30 14.50
CA ILE C 688 -52.31 -20.37 14.28
C ILE C 688 -51.49 -21.65 14.17
N LEU C 689 -51.52 -22.43 15.26
CA LEU C 689 -50.79 -23.68 15.34
C LEU C 689 -51.47 -24.78 14.56
N ASP C 690 -52.78 -24.84 14.65
CA ASP C 690 -53.51 -25.86 13.92
C ASP C 690 -54.96 -25.55 13.69
N VAL C 691 -55.51 -26.16 12.64
CA VAL C 691 -56.91 -26.00 12.26
C VAL C 691 -57.52 -27.32 11.74
N THR C 692 -58.78 -27.59 12.05
CA THR C 692 -59.48 -28.79 11.54
C THR C 692 -60.76 -28.27 10.90
N LEU C 693 -60.96 -28.62 9.63
CA LEU C 693 -62.12 -28.13 8.89
C LEU C 693 -63.03 -29.19 8.28
N HIS C 694 -64.31 -28.90 8.21
CA HIS C 694 -65.21 -29.85 7.59
C HIS C 694 -64.77 -29.98 6.14
N ALA C 695 -64.98 -31.15 5.56
CA ALA C 695 -64.56 -31.35 4.19
C ALA C 695 -65.40 -30.48 3.24
N ASP C 696 -66.69 -30.33 3.54
CA ASP C 696 -67.59 -29.54 2.70
C ASP C 696 -67.58 -28.07 3.09
N ALA C 697 -67.32 -27.21 2.13
CA ALA C 697 -67.28 -25.78 2.36
C ALA C 697 -68.56 -25.17 2.97
N ILE C 698 -69.69 -25.82 2.78
CA ILE C 698 -70.96 -25.34 3.30
C ILE C 698 -70.86 -25.17 4.80
N DDE C 699 -70.09 -26.04 5.44
CA DDE C 699 -69.95 -26.04 6.89
C DDE C 699 -68.83 -25.24 7.46
O DDE C 699 -68.62 -25.28 8.66
CB DDE C 699 -69.82 -27.49 7.35
CG DDE C 699 -71.06 -28.28 7.11
ND1 DDE C 699 -72.28 -27.86 7.60
CD2 DDE C 699 -71.29 -29.44 6.46
CE1 DDE C 699 -73.20 -28.74 7.25
NE2 DDE C 699 -72.63 -29.70 6.55
NAD DDE C 699 -78.80 -28.91 5.91
CBI DDE C 699 -77.99 -28.96 6.98
OAG DDE C 699 -77.62 -29.98 7.62
CBW DDE C 699 -77.44 -27.60 7.49
NCB DDE C 699 -77.89 -26.31 6.83
CAB DDE C 699 -76.76 -25.33 6.97
CAC DDE C 699 -78.21 -26.46 5.36
CAA DDE C 699 -79.11 -25.74 7.51
CAU DDE C 699 -75.91 -27.72 7.38
CAT DDE C 699 -74.70 -28.64 7.60
N ARG C 700 -68.12 -24.50 6.61
CA ARG C 700 -66.98 -23.69 7.02
C ARG C 700 -67.14 -22.24 6.55
N GLY C 701 -68.38 -21.80 6.41
CA GLY C 701 -68.60 -20.44 5.98
C GLY C 701 -68.16 -19.43 7.03
N GLY C 702 -68.26 -18.15 6.68
CA GLY C 702 -67.85 -17.09 7.57
C GLY C 702 -68.56 -17.12 8.90
N GLY C 703 -69.84 -17.49 8.87
CA GLY C 703 -70.62 -17.57 10.09
C GLY C 703 -69.98 -18.50 11.09
N GLN C 704 -69.47 -19.62 10.61
CA GLN C 704 -68.84 -20.59 11.50
C GLN C 704 -67.41 -20.29 11.96
N ILE C 705 -66.54 -19.87 11.04
CA ILE C 705 -65.16 -19.60 11.40
C ILE C 705 -64.92 -18.28 12.14
N ILE C 706 -65.49 -17.20 11.64
CA ILE C 706 -65.28 -15.90 12.27
C ILE C 706 -65.48 -15.92 13.76
N PRO C 707 -66.56 -16.55 14.22
CA PRO C 707 -66.64 -16.49 15.68
C PRO C 707 -65.55 -17.39 16.32
N THR C 708 -65.24 -18.51 15.66
CA THR C 708 -64.23 -19.42 16.18
C THR C 708 -62.90 -18.72 16.35
N MET C 709 -62.41 -18.11 15.27
CA MET C 709 -61.15 -17.39 15.28
C MET C 709 -61.13 -16.25 16.33
N ARG C 710 -62.19 -15.46 16.36
CA ARG C 710 -62.27 -14.37 17.31
C ARG C 710 -62.23 -14.89 18.74
N ARG C 711 -62.93 -16.00 18.98
CA ARG C 711 -62.92 -16.52 20.32
C ARG C 711 -61.57 -17.19 20.64
N ALA C 712 -61.06 -17.95 19.68
CA ALA C 712 -59.78 -18.59 19.86
C ALA C 712 -58.73 -17.53 20.18
N THR C 713 -58.77 -16.42 19.45
CA THR C 713 -57.86 -15.29 19.64
C THR C 713 -58.10 -14.68 21.00
N TYR C 714 -59.35 -14.55 21.41
CA TYR C 714 -59.60 -13.97 22.72
C TYR C 714 -59.04 -14.90 23.78
N ALA C 715 -59.15 -16.20 23.51
CA ALA C 715 -58.69 -17.22 24.44
C ALA C 715 -57.19 -17.13 24.59
N GLY C 716 -56.49 -17.17 23.46
CA GLY C 716 -55.05 -17.09 23.46
C GLY C 716 -54.56 -15.83 24.15
N PHE C 717 -55.26 -14.74 23.87
CA PHE C 717 -54.95 -13.43 24.44
C PHE C 717 -55.05 -13.44 25.96
N LEU C 718 -56.21 -13.86 26.50
CA LEU C 718 -56.42 -13.92 27.93
C LEU C 718 -55.42 -14.85 28.59
N LEU C 719 -54.86 -15.77 27.80
CA LEU C 719 -53.87 -16.73 28.29
C LEU C 719 -52.39 -16.27 28.21
N ALA C 720 -52.15 -15.21 27.47
CA ALA C 720 -50.80 -14.68 27.27
C ALA C 720 -50.41 -13.60 28.28
N ASP C 721 -51.00 -13.65 29.48
CA ASP C 721 -50.71 -12.68 30.52
C ASP C 721 -51.04 -11.26 30.02
N PRO C 722 -52.34 -10.90 30.02
CA PRO C 722 -52.89 -9.62 29.57
C PRO C 722 -52.45 -8.40 30.34
N LYS C 723 -52.36 -7.28 29.63
CA LYS C 723 -51.93 -6.02 30.22
C LYS C 723 -52.45 -4.89 29.33
N ILE C 724 -52.59 -3.69 29.89
CA ILE C 724 -53.08 -2.55 29.10
C ILE C 724 -52.03 -1.44 28.96
N GLN C 725 -52.13 -0.70 27.86
CA GLN C 725 -51.19 0.39 27.59
C GLN C 725 -51.87 1.75 27.56
N GLU C 726 -51.24 2.74 28.21
CA GLU C 726 -51.78 4.10 28.23
C GLU C 726 -51.01 4.97 27.23
N PRO C 727 -51.68 5.95 26.59
CA PRO C 727 -51.03 6.84 25.62
C PRO C 727 -50.18 7.84 26.39
N VAL C 728 -49.07 8.26 25.81
CA VAL C 728 -48.16 9.21 26.47
C VAL C 728 -47.81 10.43 25.59
N PHE C 729 -47.76 11.59 26.23
CA PHE C 729 -47.44 12.84 25.55
C PHE C 729 -45.98 13.24 25.60
N LEU C 730 -45.49 13.80 24.50
CA LEU C 730 -44.13 14.30 24.46
C LEU C 730 -44.37 15.80 24.53
N VAL C 731 -44.22 16.37 25.71
CA VAL C 731 -44.44 17.81 25.86
C VAL C 731 -43.10 18.60 25.78
N GLU C 732 -43.09 19.66 24.97
CA GLU C 732 -41.91 20.54 24.82
C GLU C 732 -42.25 21.91 25.42
N ILE C 733 -41.46 22.31 26.41
CA ILE C 733 -41.71 23.58 27.09
C ILE C 733 -40.59 24.61 27.02
N GLN C 734 -40.95 25.86 26.72
CA GLN C 734 -39.99 26.95 26.68
C GLN C 734 -40.19 27.65 28.02
N CYS C 735 -39.10 27.94 28.71
CA CYS C 735 -39.23 28.61 29.99
C CYS C 735 -37.96 29.24 30.56
N PRO C 736 -38.05 30.50 31.01
CA PRO C 736 -36.94 31.24 31.58
C PRO C 736 -36.31 30.42 32.71
N GLU C 737 -34.98 30.26 32.69
CA GLU C 737 -34.27 29.48 33.72
C GLU C 737 -34.80 29.67 35.14
N GLN C 738 -35.37 30.86 35.40
CA GLN C 738 -35.93 31.22 36.70
C GLN C 738 -37.21 30.46 37.01
N ALA C 739 -38.07 30.34 36.01
CA ALA C 739 -39.35 29.65 36.16
C ALA C 739 -39.27 28.15 35.88
N VAL C 740 -38.14 27.67 35.37
CA VAL C 740 -37.98 26.24 35.06
C VAL C 740 -38.25 25.34 36.27
N GLY C 741 -38.17 25.92 37.47
CA GLY C 741 -38.43 25.14 38.67
C GLY C 741 -39.87 24.66 38.68
N GLY C 742 -40.81 25.57 38.38
CA GLY C 742 -42.22 25.23 38.33
C GLY C 742 -42.55 24.05 37.42
N ILE C 743 -41.82 23.91 36.31
CA ILE C 743 -42.04 22.80 35.38
C ILE C 743 -41.95 21.49 36.18
N TYR C 744 -40.72 21.11 36.54
CA TYR C 744 -40.44 19.91 37.31
C TYR C 744 -41.36 19.76 38.53
N SER C 745 -41.90 20.88 39.01
CA SER C 745 -42.81 20.88 40.15
C SER C 745 -44.10 20.17 39.79
N VAL C 746 -44.62 20.48 38.59
CA VAL C 746 -45.86 19.89 38.09
C VAL C 746 -45.69 18.50 37.45
N LEU C 747 -44.55 18.27 36.79
CA LEU C 747 -44.27 16.98 36.16
C LEU C 747 -44.13 15.89 37.20
N ASN C 748 -43.82 16.26 38.44
CA ASN C 748 -43.66 15.24 39.48
C ASN C 748 -44.98 14.92 40.17
N LYS C 749 -46.05 15.55 39.73
CA LYS C 749 -47.36 15.29 40.32
C LYS C 749 -48.33 14.85 39.23
N LYS C 750 -47.74 14.41 38.12
CA LYS C 750 -48.50 13.95 36.96
C LYS C 750 -47.81 12.72 36.39
N ARG C 751 -46.84 12.20 37.13
CA ARG C 751 -46.12 11.03 36.65
C ARG C 751 -45.35 11.40 35.40
N GLY C 752 -44.82 12.63 35.37
CA GLY C 752 -44.05 13.09 34.22
C GLY C 752 -42.61 12.57 34.19
N GLN C 753 -42.07 12.41 32.99
CA GLN C 753 -40.72 11.89 32.82
C GLN C 753 -39.87 12.81 31.96
N VAL C 754 -38.89 13.46 32.58
CA VAL C 754 -38.05 14.37 31.84
C VAL C 754 -37.10 13.68 30.86
N VAL C 755 -37.33 13.93 29.57
CA VAL C 755 -36.52 13.35 28.50
C VAL C 755 -35.24 14.13 28.24
N SER C 756 -35.33 15.46 28.34
CA SER C 756 -34.17 16.31 28.12
C SER C 756 -34.46 17.77 28.43
N GLU C 757 -33.42 18.45 28.88
CA GLU C 757 -33.49 19.87 29.19
C GLU C 757 -32.29 20.51 28.51
N GLU C 758 -32.55 21.41 27.59
CA GLU C 758 -31.48 22.11 26.89
C GLU C 758 -31.59 23.63 27.03
N GLN C 759 -30.92 24.38 26.15
CA GLN C 759 -30.99 25.84 26.29
C GLN C 759 -30.65 26.60 25.01
N ARG C 760 -30.14 27.81 25.22
CA ARG C 760 -29.83 28.72 24.11
C ARG C 760 -28.54 29.52 24.35
N PRO C 761 -27.61 29.51 23.38
CA PRO C 761 -26.32 30.22 23.40
C PRO C 761 -26.30 31.55 24.15
N GLY C 762 -27.32 32.38 23.94
CA GLY C 762 -27.35 33.67 24.61
C GLY C 762 -28.25 33.66 25.83
N THR C 763 -29.54 33.74 25.53
CA THR C 763 -30.61 33.80 26.51
C THR C 763 -30.65 32.78 27.67
N PRO C 764 -31.43 33.10 28.73
CA PRO C 764 -31.66 32.31 29.96
C PRO C 764 -32.90 31.44 29.67
N LEU C 765 -33.13 31.19 28.38
CA LEU C 765 -34.28 30.39 27.96
C LEU C 765 -34.02 28.90 27.85
N PHE C 766 -34.54 28.17 28.83
CA PHE C 766 -34.40 26.73 28.86
C PHE C 766 -35.53 26.12 28.07
N THR C 767 -35.29 24.92 27.58
CA THR C 767 -36.30 24.22 26.81
C THR C 767 -36.35 22.79 27.32
N VAL C 768 -37.32 22.54 28.19
CA VAL C 768 -37.53 21.23 28.79
C VAL C 768 -38.46 20.32 27.97
N LYS C 769 -38.03 19.08 27.75
CA LYS C 769 -38.83 18.11 27.02
C LYS C 769 -39.13 16.95 27.98
N ALA C 770 -40.40 16.55 28.06
CA ALA C 770 -40.81 15.47 28.95
C ALA C 770 -42.00 14.65 28.45
N TYR C 771 -42.18 13.46 29.04
CA TYR C 771 -43.28 12.57 28.71
C TYR C 771 -44.36 12.77 29.73
N LEU C 772 -45.59 12.98 29.25
CA LEU C 772 -46.71 13.19 30.16
C LEU C 772 -47.90 12.29 29.78
N PRO C 773 -48.31 11.38 30.69
CA PRO C 773 -49.42 10.43 30.55
C PRO C 773 -50.71 11.15 30.20
N VAL C 774 -51.21 10.93 28.99
CA VAL C 774 -52.42 11.60 28.54
C VAL C 774 -53.58 11.62 29.55
N ASN C 775 -53.71 10.59 30.38
CA ASN C 775 -54.79 10.59 31.36
C ASN C 775 -54.36 11.39 32.59
N GLU C 776 -53.20 12.04 32.48
CA GLU C 776 -52.64 12.84 33.57
C GLU C 776 -52.46 14.29 33.12
N SER C 777 -52.88 14.57 31.88
CA SER C 777 -52.75 15.90 31.29
C SER C 777 -54.02 16.73 31.26
N PHE C 778 -55.00 16.41 32.09
CA PHE C 778 -56.24 17.18 32.09
C PHE C 778 -56.13 18.45 32.94
N GLY C 779 -56.21 19.58 32.27
CA GLY C 779 -56.10 20.85 32.95
C GLY C 779 -54.63 21.12 33.22
N PHE C 780 -53.79 20.37 32.51
CA PHE C 780 -52.35 20.52 32.65
C PHE C 780 -51.98 21.99 32.54
N THR C 781 -52.21 22.55 31.35
CA THR C 781 -51.90 23.95 31.12
C THR C 781 -52.35 24.83 32.27
N GLY C 782 -53.60 24.65 32.70
CA GLY C 782 -54.08 25.46 33.80
C GLY C 782 -53.09 25.49 34.94
N GLU C 783 -52.64 24.30 35.35
CA GLU C 783 -51.70 24.17 36.47
C GLU C 783 -50.29 24.67 36.17
N LEU C 784 -49.84 24.53 34.92
CA LEU C 784 -48.51 24.99 34.54
C LEU C 784 -48.52 26.53 34.51
N ARG C 785 -49.72 27.11 34.43
CA ARG C 785 -49.90 28.56 34.41
C ARG C 785 -49.45 29.12 35.77
N GLN C 786 -50.04 28.61 36.85
CA GLN C 786 -49.67 29.04 38.20
C GLN C 786 -48.22 28.74 38.50
N ALA C 787 -47.87 27.46 38.39
CA ALA C 787 -46.53 27.01 38.66
C ALA C 787 -45.42 27.93 38.16
N THR C 788 -45.38 28.16 36.85
CA THR C 788 -44.34 29.00 36.26
C THR C 788 -44.72 30.45 36.03
N GLY C 789 -45.47 31.01 36.97
CA GLY C 789 -45.88 32.40 36.85
C GLY C 789 -46.33 32.79 35.45
N GLY C 790 -46.73 31.81 34.65
CA GLY C 790 -47.19 32.08 33.31
C GLY C 790 -46.11 32.33 32.25
N GLN C 791 -44.85 32.14 32.62
CA GLN C 791 -43.76 32.37 31.67
C GLN C 791 -43.45 31.17 30.79
N ALA C 792 -44.02 30.01 31.17
CA ALA C 792 -43.83 28.76 30.43
C ALA C 792 -44.74 28.64 29.21
N PHE C 793 -44.17 28.22 28.10
CA PHE C 793 -44.92 28.05 26.85
C PHE C 793 -45.00 26.55 26.52
N PRO C 794 -46.09 25.88 26.93
CA PRO C 794 -46.36 24.44 26.73
C PRO C 794 -46.55 24.04 25.27
N GLN C 795 -46.19 22.81 24.95
CA GLN C 795 -46.33 22.29 23.59
C GLN C 795 -46.25 20.77 23.65
N MET C 796 -47.37 20.08 23.45
CA MET C 796 -47.34 18.63 23.52
C MET C 796 -47.97 17.92 22.34
N VAL C 797 -47.39 16.78 22.01
CA VAL C 797 -47.86 15.95 20.90
C VAL C 797 -47.93 14.49 21.38
N PHE C 798 -48.83 13.70 20.80
CA PHE C 798 -48.89 12.30 21.21
C PHE C 798 -47.53 11.68 20.88
N ASP C 799 -47.03 10.84 21.78
CA ASP C 799 -45.73 10.22 21.52
C ASP C 799 -45.68 8.69 21.50
N HIS C 800 -46.10 8.06 22.58
CA HIS C 800 -46.05 6.60 22.64
C HIS C 800 -47.06 5.98 23.63
N TRP C 801 -46.99 4.65 23.77
CA TRP C 801 -47.87 3.92 24.68
C TRP C 801 -47.04 3.35 25.83
N SER C 802 -47.59 3.33 27.02
CA SER C 802 -46.88 2.79 28.18
C SER C 802 -47.70 1.66 28.81
N THR C 803 -47.09 0.50 28.91
CA THR C 803 -47.74 -0.68 29.48
C THR C 803 -47.82 -0.62 31.00
N LEU C 804 -49.02 -0.44 31.53
CA LEU C 804 -49.18 -0.39 32.97
C LEU C 804 -48.71 -1.75 33.48
N GLY C 805 -48.06 -1.73 34.64
CA GLY C 805 -47.56 -2.98 35.21
C GLY C 805 -48.66 -3.75 35.92
N SER C 806 -49.52 -3.05 36.66
CA SER C 806 -50.59 -3.71 37.41
C SER C 806 -51.38 -4.68 36.55
N ASP C 807 -52.08 -5.59 37.22
CA ASP C 807 -52.90 -6.61 36.59
C ASP C 807 -54.30 -6.09 36.28
N PRO C 808 -54.63 -5.92 34.98
CA PRO C 808 -55.93 -5.42 34.53
C PRO C 808 -57.11 -6.29 34.93
N LEU C 809 -56.83 -7.50 35.41
CA LEU C 809 -57.88 -8.42 35.82
C LEU C 809 -58.17 -8.29 37.30
N ASP C 810 -57.26 -7.64 38.01
CA ASP C 810 -57.41 -7.41 39.45
C ASP C 810 -58.05 -6.05 39.64
N PRO C 811 -59.36 -6.03 39.93
CA PRO C 811 -60.12 -4.80 40.14
C PRO C 811 -59.41 -3.69 40.94
N THR C 812 -58.93 -4.06 42.12
CA THR C 812 -58.24 -3.13 43.01
C THR C 812 -56.92 -2.58 42.48
N SER C 813 -56.26 -3.31 41.58
CA SER C 813 -55.00 -2.84 41.03
C SER C 813 -55.25 -1.53 40.28
N LYS C 814 -54.19 -0.82 39.93
CA LYS C 814 -54.37 0.45 39.22
C LYS C 814 -55.06 0.31 37.86
N ALA C 815 -54.65 -0.68 37.08
CA ALA C 815 -55.25 -0.93 35.76
C ALA C 815 -56.64 -1.55 35.87
N GLY C 816 -56.81 -2.50 36.78
CA GLY C 816 -58.10 -3.14 36.95
C GLY C 816 -59.13 -2.11 37.32
N GLU C 817 -58.67 -1.01 37.91
CA GLU C 817 -59.53 0.09 38.32
C GLU C 817 -60.04 0.75 37.05
N ILE C 818 -59.14 1.01 36.11
CA ILE C 818 -59.47 1.64 34.83
C ILE C 818 -60.43 0.73 34.09
N VAL C 819 -60.07 -0.54 34.06
CA VAL C 819 -60.84 -1.57 33.38
C VAL C 819 -62.25 -1.73 33.92
N LEU C 820 -62.41 -1.82 35.24
CA LEU C 820 -63.75 -2.02 35.75
C LEU C 820 -64.60 -0.77 35.60
N ALA C 821 -64.00 0.41 35.71
CA ALA C 821 -64.75 1.64 35.54
C ALA C 821 -65.30 1.72 34.13
N ALA C 822 -64.41 1.45 33.19
CA ALA C 822 -64.80 1.46 31.79
C ALA C 822 -65.87 0.40 31.55
N ARG C 823 -65.64 -0.81 32.03
CA ARG C 823 -66.59 -1.89 31.82
C ARG C 823 -67.98 -1.49 32.27
N LYS C 824 -68.04 -0.89 33.45
CA LYS C 824 -69.31 -0.43 34.02
C LYS C 824 -69.89 0.62 33.08
N ARG C 825 -69.08 1.61 32.75
CA ARG C 825 -69.49 2.67 31.84
C ARG C 825 -70.16 2.11 30.57
N HIS C 826 -69.62 1.03 30.02
CA HIS C 826 -70.16 0.40 28.82
C HIS C 826 -71.32 -0.55 29.11
N GLY C 827 -71.61 -0.75 30.39
CA GLY C 827 -72.68 -1.64 30.76
C GLY C 827 -72.33 -3.10 30.49
N MET C 828 -71.06 -3.45 30.64
CA MET C 828 -70.61 -4.82 30.40
C MET C 828 -70.56 -5.51 31.76
N LYS C 829 -70.50 -6.83 31.76
CA LYS C 829 -70.42 -7.53 33.03
C LYS C 829 -69.17 -6.98 33.69
N GLU C 830 -69.27 -6.55 34.94
CA GLU C 830 -68.12 -5.98 35.65
C GLU C 830 -66.84 -6.81 35.73
N GLU C 831 -66.95 -8.14 35.73
CA GLU C 831 -65.77 -9.01 35.80
C GLU C 831 -65.29 -9.37 34.40
N VAL C 832 -63.97 -9.34 34.17
CA VAL C 832 -63.47 -9.70 32.86
C VAL C 832 -63.60 -11.21 32.67
N PRO C 833 -64.25 -11.64 31.57
CA PRO C 833 -64.48 -13.03 31.22
C PRO C 833 -63.19 -13.85 31.22
N GLY C 834 -63.25 -15.03 31.82
CA GLY C 834 -62.08 -15.88 31.84
C GLY C 834 -61.78 -16.42 30.46
N TRP C 835 -60.57 -16.96 30.27
CA TRP C 835 -60.24 -17.51 28.97
C TRP C 835 -61.15 -18.71 28.72
N GLN C 836 -61.58 -19.39 29.79
CA GLN C 836 -62.46 -20.54 29.64
C GLN C 836 -63.73 -20.23 28.88
N GLU C 837 -64.18 -18.98 29.01
CA GLU C 837 -65.37 -18.52 28.33
C GLU C 837 -65.21 -18.59 26.81
N TYR C 838 -64.00 -18.33 26.31
CA TYR C 838 -63.77 -18.33 24.88
C TYR C 838 -63.15 -19.58 24.34
N TYR C 839 -62.61 -20.40 25.23
CA TYR C 839 -62.00 -21.68 24.89
C TYR C 839 -63.17 -22.63 24.69
N ASP C 840 -62.93 -23.78 24.08
CA ASP C 840 -63.98 -24.77 23.85
C ASP C 840 -64.59 -25.19 25.19
N LYS C 841 -65.92 -25.26 25.28
CA LYS C 841 -66.55 -25.66 26.54
C LYS C 841 -66.57 -27.18 26.66
N LEU C 842 -65.41 -27.71 27.09
CA LEU C 842 -65.13 -29.13 27.27
C LEU C 842 -64.56 -29.30 28.67
N GLU D 1 -102.47 -10.76 20.18
CA GLU D 1 -101.26 -10.39 20.97
C GLU D 1 -101.06 -11.35 22.12
N PHE D 2 -99.91 -12.03 22.13
CA PHE D 2 -99.62 -12.98 23.18
C PHE D 2 -98.37 -12.58 23.89
N LEU D 3 -97.95 -11.34 23.65
CA LEU D 3 -96.74 -10.80 24.23
C LEU D 3 -96.86 -10.20 25.63
N GLY D 4 -98.02 -10.36 26.25
CA GLY D 4 -98.20 -9.80 27.57
C GLY D 4 -98.24 -8.31 27.40
N ASP D 5 -98.25 -7.52 28.47
CA ASP D 5 -98.27 -6.10 28.20
C ASP D 5 -97.09 -5.27 28.64
N GLY D 6 -96.91 -4.16 27.93
CA GLY D 6 -95.86 -3.23 28.25
C GLY D 6 -94.89 -2.78 27.19
N GLY D 7 -95.24 -1.74 26.46
CA GLY D 7 -94.30 -1.23 25.48
C GLY D 7 -93.90 -2.17 24.38
N ASP D 8 -93.64 -1.62 23.20
CA ASP D 8 -93.29 -2.45 22.07
C ASP D 8 -92.07 -3.32 22.26
N VAL D 9 -92.16 -4.55 21.78
CA VAL D 9 -91.04 -5.48 21.86
C VAL D 9 -90.24 -5.42 20.55
N SER D 10 -88.93 -5.51 20.63
CA SER D 10 -88.13 -5.49 19.42
C SER D 10 -86.83 -6.21 19.67
N PHE D 11 -86.23 -6.70 18.60
CA PHE D 11 -84.99 -7.44 18.73
C PHE D 11 -83.78 -6.62 18.43
N SER D 12 -82.85 -6.69 19.36
CA SER D 12 -81.64 -5.91 19.25
C SER D 12 -80.38 -6.69 19.57
N THR D 13 -79.30 -6.29 18.92
CA THR D 13 -78.03 -6.89 19.13
C THR D 13 -77.67 -6.69 20.59
N ARG D 14 -78.19 -5.60 21.14
CA ARG D 14 -77.97 -5.20 22.52
C ARG D 14 -78.88 -5.93 23.51
N GLY D 15 -79.82 -6.71 22.98
CA GLY D 15 -80.73 -7.46 23.85
C GLY D 15 -82.16 -7.22 23.42
N THR D 16 -83.09 -8.11 23.76
CA THR D 16 -84.48 -7.94 23.35
C THR D 16 -85.03 -6.79 24.16
N GLN D 17 -85.78 -5.91 23.52
CA GLN D 17 -86.27 -4.74 24.22
C GLN D 17 -87.63 -4.90 24.85
N ASN D 18 -87.77 -4.37 26.05
CA ASN D 18 -89.06 -4.44 26.71
C ASN D 18 -89.54 -5.87 26.90
N TRP D 19 -88.66 -6.75 27.36
CA TRP D 19 -89.05 -8.12 27.57
C TRP D 19 -88.44 -8.65 28.84
N THR D 20 -89.06 -8.33 29.96
CA THR D 20 -88.59 -8.79 31.24
C THR D 20 -89.04 -10.24 31.50
N VAL D 21 -88.58 -10.83 32.59
CA VAL D 21 -88.95 -12.20 32.93
C VAL D 21 -90.35 -12.16 33.46
N GLU D 22 -90.67 -11.08 34.19
CA GLU D 22 -92.00 -10.91 34.70
C GLU D 22 -92.96 -10.83 33.51
N ARG D 23 -92.59 -10.08 32.48
CA ARG D 23 -93.47 -9.98 31.34
C ARG D 23 -93.66 -11.32 30.70
N LEU D 24 -92.58 -12.08 30.60
CA LEU D 24 -92.63 -13.39 29.97
C LEU D 24 -93.52 -14.32 30.79
N LEU D 25 -93.36 -14.31 32.11
CA LEU D 25 -94.18 -15.18 32.93
C LEU D 25 -95.66 -14.91 32.66
N GLN D 26 -95.96 -13.63 32.49
CA GLN D 26 -97.33 -13.23 32.23
C GLN D 26 -97.81 -13.79 30.90
N ALA D 27 -97.03 -13.54 29.86
CA ALA D 27 -97.40 -13.98 28.53
C ALA D 27 -97.59 -15.48 28.51
N HIS D 28 -96.74 -16.17 29.24
CA HIS D 28 -96.80 -17.62 29.30
C HIS D 28 -98.14 -18.10 29.87
N ARG D 29 -98.53 -17.53 31.00
CA ARG D 29 -99.77 -17.88 31.66
C ARG D 29 -100.92 -17.72 30.67
N GLN D 30 -101.08 -16.50 30.17
CA GLN D 30 -102.16 -16.23 29.27
C GLN D 30 -102.16 -17.14 28.06
N LEU D 31 -101.04 -17.75 27.72
CA LEU D 31 -101.02 -18.64 26.55
C LEU D 31 -101.54 -20.00 27.01
N GLU D 32 -101.28 -20.31 28.27
CA GLU D 32 -101.74 -21.56 28.80
C GLU D 32 -103.21 -21.45 29.07
N GLU D 33 -103.61 -20.27 29.53
CA GLU D 33 -105.01 -20.02 29.82
C GLU D 33 -105.80 -20.04 28.52
N ARG D 34 -105.11 -19.85 27.41
CA ARG D 34 -105.80 -19.88 26.14
C ARG D 34 -105.73 -21.25 25.54
N GLY D 35 -105.10 -22.20 26.23
CA GLY D 35 -105.00 -23.54 25.68
C GLY D 35 -103.76 -23.85 24.84
N TYR D 36 -102.72 -23.02 24.94
CA TYR D 36 -101.50 -23.30 24.18
C TYR D 36 -100.49 -23.93 25.10
N VAL D 37 -99.51 -24.60 24.51
CA VAL D 37 -98.49 -25.23 25.31
C VAL D 37 -97.14 -25.03 24.66
N PHE D 38 -96.14 -24.73 25.49
CA PHE D 38 -94.76 -24.54 25.06
C PHE D 38 -94.19 -25.85 24.54
N VAL D 39 -93.49 -25.81 23.40
CA VAL D 39 -92.88 -27.01 22.83
C VAL D 39 -91.43 -26.86 22.51
N GLY D 40 -90.84 -25.74 22.91
CA GLY D 40 -89.43 -25.54 22.64
C GLY D 40 -88.99 -24.14 22.29
N TYR D 41 -87.68 -24.04 22.07
CA TYR D 41 -86.95 -22.83 21.74
C TYR D 41 -86.44 -22.90 20.31
N HIS D 42 -86.46 -21.77 19.61
CA HIS D 42 -85.94 -21.69 18.25
C HIS D 42 -84.91 -20.57 18.28
N GLY D 43 -83.70 -20.86 17.84
CA GLY D 43 -82.64 -19.84 17.81
C GLY D 43 -82.48 -19.32 16.40
N THR D 44 -82.35 -18.00 16.29
CA THR D 44 -82.23 -17.38 14.97
C THR D 44 -81.66 -15.98 14.99
N PHE D 45 -81.47 -15.41 13.80
CA PHE D 45 -80.95 -14.04 13.71
C PHE D 45 -82.01 -12.98 13.97
N LEU D 46 -81.53 -11.78 14.31
CA LEU D 46 -82.42 -10.67 14.65
C LEU D 46 -83.62 -10.49 13.77
N GLU D 47 -83.38 -10.19 12.50
CA GLU D 47 -84.48 -9.98 11.57
C GLU D 47 -85.45 -11.16 11.56
N ALA D 48 -84.92 -12.37 11.53
CA ALA D 48 -85.76 -13.56 11.58
C ALA D 48 -86.62 -13.55 12.84
N ALA D 49 -86.05 -13.30 14.01
CA ALA D 49 -86.89 -13.27 15.19
C ALA D 49 -88.06 -12.33 14.94
N GLN D 50 -87.75 -11.07 14.69
CA GLN D 50 -88.75 -10.07 14.41
C GLN D 50 -89.88 -10.61 13.52
N SER D 51 -89.50 -11.28 12.44
CA SER D 51 -90.44 -11.84 11.51
C SER D 51 -91.38 -12.90 12.16
N ILE D 52 -90.78 -13.89 12.83
CA ILE D 52 -91.50 -14.96 13.48
C ILE D 52 -92.47 -14.44 14.53
N VAL D 53 -92.07 -13.42 15.29
CA VAL D 53 -92.92 -12.94 16.35
C VAL D 53 -93.97 -11.89 15.97
N PHE D 54 -93.88 -11.37 14.76
CA PHE D 54 -94.85 -10.41 14.27
C PHE D 54 -94.94 -10.81 12.82
N GLY D 55 -95.85 -11.70 12.49
CA GLY D 55 -95.93 -12.16 11.12
C GLY D 55 -96.09 -13.66 11.24
N GLY D 56 -95.44 -14.20 12.26
CA GLY D 56 -95.54 -15.61 12.54
C GLY D 56 -94.73 -16.59 11.73
N VAL D 57 -94.47 -17.74 12.33
CA VAL D 57 -93.73 -18.79 11.66
C VAL D 57 -94.49 -19.08 10.36
N ARG D 58 -93.81 -18.94 9.24
CA ARG D 58 -94.45 -19.18 7.95
C ARG D 58 -93.52 -19.89 6.99
N ALA D 59 -93.93 -21.05 6.51
CA ALA D 59 -93.11 -21.75 5.56
C ALA D 59 -93.15 -20.79 4.38
N ARG D 60 -92.20 -20.89 3.46
CA ARG D 60 -92.20 -20.00 2.30
C ARG D 60 -91.31 -20.61 1.24
N SER D 61 -91.89 -21.00 0.11
CA SER D 61 -91.13 -21.65 -0.95
C SER D 61 -90.16 -22.67 -0.39
N GLN D 62 -90.69 -23.88 -0.22
CA GLN D 62 -89.96 -25.00 0.31
C GLN D 62 -89.67 -25.96 -0.83
N ASP D 63 -88.64 -26.77 -0.68
CA ASP D 63 -88.35 -27.75 -1.68
C ASP D 63 -89.41 -28.82 -1.46
N LEU D 64 -90.44 -28.86 -2.29
CA LEU D 64 -91.49 -29.86 -2.11
C LEU D 64 -91.00 -31.27 -2.31
N ASP D 65 -89.70 -31.45 -2.42
CA ASP D 65 -89.14 -32.79 -2.59
C ASP D 65 -88.41 -33.19 -1.31
N ALA D 66 -88.14 -32.21 -0.46
CA ALA D 66 -87.45 -32.41 0.80
C ALA D 66 -88.39 -33.03 1.82
N ILE D 67 -88.17 -34.29 2.15
CA ILE D 67 -89.07 -34.92 3.09
C ILE D 67 -88.97 -34.44 4.53
N TRP D 68 -87.83 -33.89 4.94
CA TRP D 68 -87.71 -33.40 6.32
C TRP D 68 -87.94 -31.89 6.45
N ARG D 69 -88.55 -31.30 5.44
CA ARG D 69 -88.79 -29.87 5.48
C ARG D 69 -89.67 -29.58 6.70
N GLY D 70 -89.55 -28.38 7.27
CA GLY D 70 -90.33 -28.06 8.44
C GLY D 70 -89.68 -27.03 9.35
N PHE D 71 -90.29 -26.74 10.49
CA PHE D 71 -89.74 -25.74 11.39
C PHE D 71 -88.98 -26.43 12.50
N TYR D 72 -87.69 -26.15 12.60
CA TYR D 72 -86.85 -26.78 13.60
C TYR D 72 -86.74 -26.06 14.93
N ILE D 73 -87.03 -26.76 16.02
CA ILE D 73 -86.93 -26.17 17.35
C ILE D 73 -86.18 -27.13 18.26
N ALA D 74 -86.05 -26.77 19.53
CA ALA D 74 -85.32 -27.60 20.46
C ALA D 74 -85.75 -27.36 21.88
N GLY D 75 -86.12 -28.43 22.56
CA GLY D 75 -86.53 -28.33 23.95
C GLY D 75 -85.46 -27.73 24.83
N ASP D 76 -84.18 -28.00 24.55
CA ASP D 76 -83.11 -27.41 25.36
C ASP D 76 -82.61 -26.08 24.75
N PRO D 77 -82.80 -24.97 25.47
CA PRO D 77 -82.33 -23.70 24.89
C PRO D 77 -80.90 -23.77 24.36
N ALA D 78 -80.00 -24.39 25.13
CA ALA D 78 -78.60 -24.53 24.72
C ALA D 78 -78.45 -24.96 23.28
N LEU D 79 -79.26 -25.89 22.84
CA LEU D 79 -79.14 -26.34 21.45
C LEU D 79 -79.62 -25.23 20.51
N ALA D 80 -80.79 -24.68 20.77
CA ALA D 80 -81.35 -23.61 19.95
C ALA D 80 -80.40 -22.42 19.94
N TYR D 81 -79.86 -22.12 21.10
CA TYR D 81 -78.94 -21.00 21.27
C TYR D 81 -77.86 -20.93 20.18
N GLY D 82 -77.22 -22.06 19.94
CA GLY D 82 -76.19 -22.11 18.94
C GLY D 82 -76.59 -21.67 17.56
N TYR D 83 -77.87 -21.40 17.33
CA TYR D 83 -78.29 -20.98 16.01
C TYR D 83 -78.78 -19.54 16.05
N ALA D 84 -78.71 -18.90 17.22
CA ALA D 84 -79.17 -17.53 17.31
C ALA D 84 -78.07 -16.55 16.95
N GLN D 85 -77.70 -16.51 15.68
CA GLN D 85 -76.65 -15.59 15.27
C GLN D 85 -76.70 -15.47 13.76
N ASP D 86 -76.15 -14.38 13.21
CA ASP D 86 -76.14 -14.23 11.77
C ASP D 86 -75.31 -15.39 11.29
N GLN D 87 -75.55 -15.85 10.08
CA GLN D 87 -74.78 -16.97 9.63
C GLN D 87 -73.90 -16.66 8.48
N GLU D 88 -73.77 -15.36 8.23
CA GLU D 88 -72.91 -14.82 7.20
C GLU D 88 -72.65 -13.39 7.63
N PRO D 89 -71.40 -12.95 7.57
CA PRO D 89 -70.93 -11.62 7.94
C PRO D 89 -71.60 -10.46 7.24
N ASP D 90 -71.32 -9.26 7.75
CA ASP D 90 -71.84 -8.04 7.15
C ASP D 90 -70.71 -7.44 6.31
N ALA D 91 -70.98 -6.36 5.59
CA ALA D 91 -69.96 -5.72 4.75
C ALA D 91 -68.68 -5.46 5.53
N ARG D 92 -68.80 -5.33 6.85
CA ARG D 92 -67.63 -5.08 7.67
C ARG D 92 -67.21 -6.24 8.57
N GLY D 93 -67.12 -7.41 7.96
CA GLY D 93 -66.69 -8.64 8.59
C GLY D 93 -67.23 -9.13 9.92
N ARG D 94 -68.18 -8.43 10.53
CA ARG D 94 -68.68 -8.91 11.80
C ARG D 94 -69.93 -9.77 11.69
N ILE D 95 -70.14 -10.59 12.72
CA ILE D 95 -71.27 -11.52 12.81
C ILE D 95 -72.05 -11.32 14.11
N ARG D 96 -73.19 -10.67 14.08
CA ARG D 96 -73.88 -10.43 15.35
C ARG D 96 -74.77 -11.52 15.96
N ASN D 97 -75.07 -11.32 17.23
CA ASN D 97 -75.90 -12.25 17.95
C ASN D 97 -77.34 -12.24 17.46
N GLY D 98 -78.06 -13.27 17.83
CA GLY D 98 -79.43 -13.38 17.41
C GLY D 98 -80.28 -13.44 18.63
N ALA D 99 -81.41 -14.12 18.52
CA ALA D 99 -82.32 -14.21 19.63
C ALA D 99 -82.82 -15.60 19.85
N LEU D 100 -83.30 -15.82 21.05
CA LEU D 100 -83.94 -17.08 21.39
C LEU D 100 -85.45 -16.83 21.49
N LEU D 101 -86.20 -17.52 20.66
CA LEU D 101 -87.64 -17.42 20.66
C LEU D 101 -88.21 -18.65 21.32
N ARG D 102 -89.32 -18.50 22.04
CA ARG D 102 -90.02 -19.61 22.71
C ARG D 102 -91.19 -20.02 21.79
N VAL D 103 -91.23 -21.28 21.35
CA VAL D 103 -92.33 -21.71 20.50
C VAL D 103 -93.50 -22.39 21.23
N TYR D 104 -94.71 -21.91 20.97
CA TYR D 104 -95.94 -22.48 21.55
C TYR D 104 -96.85 -23.06 20.47
N VAL D 105 -97.62 -24.08 20.81
CA VAL D 105 -98.57 -24.62 19.83
C VAL D 105 -99.89 -24.79 20.53
N PRO D 106 -100.97 -24.93 19.75
CA PRO D 106 -102.27 -25.13 20.36
C PRO D 106 -102.15 -26.51 20.96
N ARG D 107 -102.62 -26.67 22.20
CA ARG D 107 -102.61 -27.96 22.88
C ARG D 107 -103.30 -29.02 21.99
N SER D 108 -104.33 -28.56 21.28
CA SER D 108 -105.07 -29.44 20.39
C SER D 108 -104.18 -30.16 19.41
N SER D 109 -102.92 -29.82 19.31
CA SER D 109 -102.08 -30.54 18.36
C SER D 109 -101.16 -31.52 19.06
N LEU D 110 -101.23 -31.59 20.38
CA LEU D 110 -100.36 -32.51 21.07
C LEU D 110 -100.46 -33.94 20.56
N PRO D 111 -101.64 -34.35 20.05
CA PRO D 111 -101.66 -35.74 19.57
C PRO D 111 -100.67 -35.97 18.45
N GLY D 112 -100.28 -34.90 17.77
CA GLY D 112 -99.36 -35.05 16.65
C GLY D 112 -97.90 -35.14 17.06
N PHE D 113 -97.62 -34.87 18.31
CA PHE D 113 -96.25 -34.93 18.74
C PHE D 113 -95.79 -36.35 19.05
N TYR D 114 -94.74 -36.79 18.36
CA TYR D 114 -94.14 -38.11 18.55
C TYR D 114 -92.64 -37.96 18.79
N ARG D 115 -92.01 -39.04 19.28
CA ARG D 115 -90.58 -39.04 19.58
C ARG D 115 -89.92 -40.34 19.16
N THR D 116 -88.62 -40.27 18.92
CA THR D 116 -87.85 -41.44 18.53
C THR D 116 -86.41 -41.39 19.04
N SER D 117 -85.76 -42.55 19.02
CA SER D 117 -84.39 -42.67 19.49
C SER D 117 -83.43 -42.53 18.34
N LEU D 118 -83.91 -42.86 17.16
CA LEU D 118 -83.11 -42.80 15.95
C LEU D 118 -82.80 -41.35 15.62
N THR D 119 -81.65 -41.10 15.01
CA THR D 119 -81.29 -39.75 14.66
C THR D 119 -82.03 -39.38 13.38
N LEU D 120 -82.79 -38.30 13.44
CA LEU D 120 -83.63 -37.85 12.33
C LEU D 120 -83.27 -38.16 10.85
N ALA D 121 -82.88 -37.15 10.07
CA ALA D 121 -82.57 -37.37 8.64
C ALA D 121 -81.71 -38.59 8.24
N ALA D 122 -81.29 -39.39 9.22
CA ALA D 122 -80.46 -40.58 8.94
C ALA D 122 -81.05 -41.58 7.93
N PRO D 123 -80.22 -42.54 7.45
CA PRO D 123 -80.64 -43.55 6.48
C PRO D 123 -81.84 -44.39 6.91
N GLU D 124 -81.93 -44.66 8.21
CA GLU D 124 -82.99 -45.50 8.73
C GLU D 124 -84.22 -44.82 9.32
N ALA D 125 -84.07 -43.58 9.79
CA ALA D 125 -85.15 -42.88 10.45
C ALA D 125 -86.42 -42.52 9.68
N ALA D 126 -86.29 -42.19 8.40
CA ALA D 126 -87.46 -41.83 7.60
C ALA D 126 -88.65 -42.76 7.85
N GLY D 127 -88.46 -44.04 7.57
CA GLY D 127 -89.53 -45.00 7.75
C GLY D 127 -90.12 -45.13 9.13
N GLU D 128 -89.28 -44.99 10.16
CA GLU D 128 -89.77 -45.10 11.51
C GLU D 128 -90.65 -43.92 11.89
N VAL D 129 -90.27 -42.74 11.41
CA VAL D 129 -91.04 -41.55 11.70
C VAL D 129 -92.37 -41.68 10.99
N GLU D 130 -92.32 -42.17 9.77
CA GLU D 130 -93.54 -42.35 9.02
C GLU D 130 -94.43 -43.38 9.70
N ARG D 131 -93.82 -44.38 10.32
CA ARG D 131 -94.60 -45.38 11.03
C ARG D 131 -95.32 -44.71 12.19
N LEU D 132 -94.60 -43.89 12.95
CA LEU D 132 -95.20 -43.19 14.09
C LEU D 132 -96.28 -42.20 13.62
N ILE D 133 -95.84 -41.27 12.78
CA ILE D 133 -96.64 -40.20 12.20
C ILE D 133 -97.92 -40.72 11.54
N GLY D 134 -97.84 -41.89 10.92
CA GLY D 134 -99.02 -42.46 10.29
C GLY D 134 -99.14 -42.21 8.81
N HIS D 135 -98.15 -41.56 8.22
CA HIS D 135 -98.23 -41.27 6.79
C HIS D 135 -96.84 -40.96 6.27
N PRO D 136 -96.66 -40.96 4.93
CA PRO D 136 -95.36 -40.67 4.32
C PRO D 136 -94.90 -39.24 4.61
N LEU D 137 -93.60 -39.05 4.85
CA LEU D 137 -93.05 -37.73 5.09
C LEU D 137 -93.47 -36.91 3.87
N PRO D 138 -93.43 -35.58 3.96
CA PRO D 138 -93.02 -34.75 5.10
C PRO D 138 -94.03 -34.68 6.24
N LEU D 139 -93.58 -34.18 7.38
CA LEU D 139 -94.44 -34.02 8.53
C LEU D 139 -95.43 -32.95 8.08
N ARG D 140 -96.67 -33.06 8.53
CA ARG D 140 -97.70 -32.06 8.21
C ARG D 140 -98.24 -31.47 9.50
N LEU D 141 -99.40 -31.95 9.96
CA LEU D 141 -99.99 -31.46 11.22
C LEU D 141 -99.51 -32.42 12.31
N ASP D 142 -98.19 -32.49 12.45
CA ASP D 142 -97.58 -33.37 13.44
C ASP D 142 -96.10 -33.03 13.57
N ALA D 143 -95.46 -33.60 14.57
CA ALA D 143 -94.06 -33.30 14.78
C ALA D 143 -93.31 -34.53 15.29
N ILE D 144 -91.99 -34.44 15.29
CA ILE D 144 -91.17 -35.51 15.79
C ILE D 144 -89.98 -34.96 16.51
N THR D 145 -89.62 -35.60 17.60
CA THR D 145 -88.46 -35.20 18.37
C THR D 145 -87.48 -36.36 18.34
N GLY D 146 -86.20 -36.04 18.42
CA GLY D 146 -85.18 -37.08 18.38
C GLY D 146 -83.80 -36.48 18.28
N PRO D 147 -82.73 -37.25 18.58
CA PRO D 147 -81.33 -36.84 18.55
C PRO D 147 -80.92 -36.12 17.29
N GLU D 148 -80.37 -34.93 17.42
CA GLU D 148 -79.92 -34.19 16.24
C GLU D 148 -78.94 -35.09 15.52
N GLU D 149 -78.31 -35.96 16.28
CA GLU D 149 -77.33 -36.91 15.76
C GLU D 149 -76.90 -37.82 16.89
N GLU D 150 -76.11 -38.84 16.56
CA GLU D 150 -75.59 -39.78 17.52
C GLU D 150 -75.25 -39.13 18.87
N GLY D 151 -75.92 -39.59 19.92
CA GLY D 151 -75.66 -39.07 21.24
C GLY D 151 -75.80 -37.58 21.44
N GLY D 152 -76.40 -36.89 20.47
CA GLY D 152 -76.57 -35.45 20.58
C GLY D 152 -77.88 -35.08 21.28
N ARG D 153 -78.06 -33.80 21.53
CA ARG D 153 -79.28 -33.35 22.18
C ARG D 153 -80.42 -33.45 21.19
N LEU D 154 -81.64 -33.42 21.71
CA LEU D 154 -82.85 -33.59 20.90
C LEU D 154 -83.38 -32.37 20.21
N GLU D 155 -83.85 -32.57 18.99
CA GLU D 155 -84.43 -31.48 18.22
C GLU D 155 -85.83 -31.86 17.73
N THR D 156 -86.79 -30.98 17.94
CA THR D 156 -88.14 -31.22 17.51
C THR D 156 -88.36 -30.63 16.10
N ILE D 157 -89.09 -31.34 15.26
CA ILE D 157 -89.36 -30.82 13.93
C ILE D 157 -90.84 -30.63 13.71
N LEU D 158 -91.29 -29.38 13.72
CA LEU D 158 -92.70 -29.13 13.49
C LEU D 158 -92.98 -29.18 11.99
N GLY D 159 -93.95 -30.00 11.60
CA GLY D 159 -94.31 -30.07 10.20
C GLY D 159 -94.78 -28.67 9.83
N TRP D 160 -94.63 -28.26 8.58
CA TRP D 160 -95.05 -26.92 8.27
C TRP D 160 -96.45 -26.52 8.66
N PRO D 161 -97.45 -27.29 8.22
CA PRO D 161 -98.80 -26.90 8.62
C PRO D 161 -98.84 -26.63 10.14
N LEU D 162 -98.26 -27.52 10.94
CA LEU D 162 -98.27 -27.36 12.38
C LEU D 162 -97.58 -26.08 12.79
N ALA D 163 -96.39 -25.86 12.22
CA ALA D 163 -95.56 -24.69 12.54
C ALA D 163 -96.27 -23.36 12.37
N GLU D 164 -97.08 -23.28 11.33
CA GLU D 164 -97.81 -22.06 11.04
C GLU D 164 -98.92 -21.85 12.04
N ARG D 165 -99.15 -22.83 12.89
CA ARG D 165 -100.21 -22.63 13.84
C ARG D 165 -99.55 -22.37 15.16
N THR D 166 -98.25 -22.23 15.15
CA THR D 166 -97.56 -21.95 16.41
C THR D 166 -97.74 -20.49 16.80
N VAL D 167 -97.38 -20.18 18.02
CA VAL D 167 -97.40 -18.82 18.52
C VAL D 167 -95.99 -18.74 19.06
N VAL D 168 -95.25 -17.69 18.69
CA VAL D 168 -93.89 -17.59 19.17
C VAL D 168 -93.64 -16.30 19.90
N ILE D 169 -92.98 -16.36 21.05
CA ILE D 169 -92.65 -15.17 21.84
C ILE D 169 -91.17 -15.16 22.24
N PRO D 170 -90.66 -13.99 22.66
CA PRO D 170 -89.25 -13.88 23.05
C PRO D 170 -88.91 -14.69 24.28
N SER D 171 -87.63 -14.99 24.45
CA SER D 171 -87.18 -15.70 25.62
C SER D 171 -86.55 -14.66 26.52
N ALA D 172 -86.42 -14.96 27.80
CA ALA D 172 -85.80 -14.02 28.72
C ALA D 172 -84.31 -14.37 28.75
N ILE D 173 -83.99 -15.49 28.09
CA ILE D 173 -82.62 -15.99 28.01
C ILE D 173 -81.94 -15.15 26.96
N PRO D 174 -80.91 -14.38 27.33
CA PRO D 174 -80.18 -13.53 26.39
C PRO D 174 -79.02 -14.19 25.67
N THR D 175 -78.76 -13.73 24.45
CA THR D 175 -77.64 -14.23 23.67
C THR D 175 -76.56 -13.22 24.02
N ASP D 176 -75.29 -13.59 23.91
CA ASP D 176 -74.21 -12.68 24.26
C ASP D 176 -73.71 -11.95 23.01
N PRO D 177 -73.65 -10.62 23.05
CA PRO D 177 -73.17 -9.81 21.91
C PRO D 177 -71.64 -9.78 21.88
N ARG D 178 -71.03 -9.97 23.04
CA ARG D 178 -69.59 -9.94 23.15
C ARG D 178 -69.02 -11.35 23.20
N ASN D 179 -69.83 -12.33 22.80
CA ASN D 179 -69.39 -13.71 22.79
C ASN D 179 -70.15 -14.57 21.81
N VAL D 180 -70.36 -14.04 20.62
CA VAL D 180 -71.04 -14.78 19.58
C VAL D 180 -70.26 -16.07 19.31
N GLY D 181 -70.94 -17.20 19.33
CA GLY D 181 -70.25 -18.45 19.05
C GLY D 181 -70.03 -19.27 20.29
N GLY D 182 -70.12 -18.64 21.45
CA GLY D 182 -69.95 -19.36 22.70
C GLY D 182 -71.22 -20.13 23.01
N ASP D 183 -71.12 -21.13 23.88
CA ASP D 183 -72.26 -21.94 24.25
C ASP D 183 -73.03 -21.28 25.37
N LEU D 184 -74.34 -21.53 25.43
CA LEU D 184 -75.17 -20.96 26.46
C LEU D 184 -74.74 -21.35 27.88
N ASP D 185 -74.43 -20.33 28.67
CA ASP D 185 -74.02 -20.51 30.04
C ASP D 185 -75.30 -20.74 30.82
N PRO D 186 -75.56 -21.97 31.22
CA PRO D 186 -76.78 -22.26 31.97
C PRO D 186 -77.15 -21.27 33.07
N SER D 187 -76.18 -20.61 33.68
CA SER D 187 -76.53 -19.65 34.74
C SER D 187 -77.16 -18.38 34.16
N SER D 188 -77.28 -18.28 32.83
CA SER D 188 -77.87 -17.09 32.25
C SER D 188 -79.35 -17.31 31.97
N ILE D 189 -79.81 -18.55 32.16
CA ILE D 189 -81.21 -18.88 32.01
C ILE D 189 -81.94 -18.47 33.29
N PRO D 190 -82.87 -17.51 33.21
CA PRO D 190 -83.59 -17.09 34.42
C PRO D 190 -84.34 -18.28 35.08
N ASP D 191 -84.19 -18.44 36.39
CA ASP D 191 -84.85 -19.54 37.10
C ASP D 191 -86.31 -19.56 36.70
N LYS D 192 -86.98 -18.43 36.89
CA LYS D 192 -88.36 -18.33 36.51
C LYS D 192 -88.62 -18.78 35.08
N GLU D 193 -87.69 -18.63 34.15
CA GLU D 193 -88.04 -19.14 32.83
C GLU D 193 -87.94 -20.66 32.83
N GLN D 194 -86.97 -21.20 33.57
CA GLN D 194 -86.78 -22.64 33.64
C GLN D 194 -88.05 -23.33 34.22
N ALA D 195 -88.75 -22.62 35.10
CA ALA D 195 -89.93 -23.15 35.74
C ALA D 195 -91.08 -23.30 34.75
N ILE D 196 -91.11 -22.44 33.74
CA ILE D 196 -92.20 -22.52 32.79
C ILE D 196 -91.75 -23.20 31.50
N SER D 197 -90.65 -23.92 31.56
CA SER D 197 -90.15 -24.55 30.34
C SER D 197 -90.13 -26.07 30.19
N ALA D 198 -90.96 -26.76 30.96
CA ALA D 198 -91.04 -28.20 30.84
C ALA D 198 -91.68 -28.52 29.50
N LEU D 199 -91.40 -29.70 28.98
CA LEU D 199 -91.95 -30.08 27.72
C LEU D 199 -93.07 -31.10 27.82
N PRO D 200 -93.97 -31.11 26.83
CA PRO D 200 -95.05 -32.06 26.84
C PRO D 200 -94.36 -33.40 26.74
N ASP D 201 -95.03 -34.49 27.11
CA ASP D 201 -94.43 -35.81 27.01
C ASP D 201 -94.92 -36.33 25.70
N TYR D 202 -94.01 -36.73 24.83
CA TYR D 202 -94.43 -37.18 23.50
C TYR D 202 -94.64 -38.66 23.37
N ALA D 203 -95.62 -39.03 22.54
CA ALA D 203 -95.95 -40.42 22.29
C ALA D 203 -94.78 -41.09 21.58
N SER D 204 -94.57 -42.37 21.86
CA SER D 204 -93.46 -43.06 21.22
C SER D 204 -94.03 -44.21 20.42
N GLN D 205 -95.36 -44.24 20.36
CA GLN D 205 -96.05 -45.29 19.66
C GLN D 205 -97.09 -44.62 18.77
N PRO D 206 -97.27 -45.13 17.55
CA PRO D 206 -98.24 -44.60 16.59
C PRO D 206 -99.62 -44.34 17.19
N GLY D 207 -100.27 -43.29 16.71
CA GLY D 207 -101.60 -42.93 17.20
C GLY D 207 -102.62 -44.04 17.27
N VAL E 2 57.99 14.29 -36.52
CA VAL E 2 57.82 14.47 -37.99
C VAL E 2 58.14 13.19 -38.75
N ALA E 3 57.50 13.01 -39.89
CA ALA E 3 57.69 11.81 -40.72
C ALA E 3 58.95 11.89 -41.58
N PHE E 4 59.83 10.91 -41.43
CA PHE E 4 61.06 10.86 -42.21
C PHE E 4 61.17 9.57 -43.00
N THR E 5 61.95 9.63 -44.08
CA THR E 5 62.16 8.46 -44.93
C THR E 5 63.37 7.69 -44.39
N VAL E 6 63.50 6.44 -44.81
CA VAL E 6 64.61 5.61 -44.36
C VAL E 6 65.94 6.32 -44.66
N ASP E 7 65.98 7.11 -45.73
CA ASP E 7 67.17 7.87 -46.12
C ASP E 7 67.47 9.01 -45.13
N GLN E 8 66.47 9.85 -44.90
CA GLN E 8 66.61 10.97 -43.98
C GLN E 8 67.24 10.48 -42.69
N MET E 9 66.59 9.51 -42.06
CA MET E 9 67.12 8.92 -40.83
C MET E 9 68.53 8.43 -41.09
N ARG E 10 68.66 7.50 -42.04
CA ARG E 10 69.94 6.91 -42.42
C ARG E 10 71.04 7.98 -42.55
N SER E 11 70.74 9.04 -43.30
CA SER E 11 71.69 10.14 -43.50
C SER E 11 71.97 10.79 -42.15
N LEU E 12 70.92 10.92 -41.36
CA LEU E 12 71.03 11.51 -40.03
C LEU E 12 71.95 10.67 -39.15
N MET E 13 71.71 9.36 -39.14
CA MET E 13 72.48 8.40 -38.34
C MET E 13 73.97 8.43 -38.61
N ASP E 14 74.36 8.92 -39.79
CA ASP E 14 75.77 9.03 -40.13
C ASP E 14 76.36 10.15 -39.31
N LYS E 15 75.59 11.21 -39.13
CA LYS E 15 76.04 12.34 -38.33
C LYS E 15 75.97 11.88 -36.88
N VAL E 16 76.97 11.10 -36.46
CA VAL E 16 77.01 10.57 -35.10
C VAL E 16 77.23 11.68 -34.07
N THR E 17 78.01 12.68 -34.44
CA THR E 17 78.29 13.79 -33.56
C THR E 17 77.01 14.62 -33.30
N ASN E 18 75.94 14.33 -34.05
CA ASN E 18 74.65 15.02 -33.90
C ASN E 18 73.60 14.07 -33.29
N VAL E 19 74.07 12.96 -32.71
CA VAL E 19 73.19 11.97 -32.11
C VAL E 19 73.21 11.98 -30.59
N ARG E 20 72.03 11.80 -30.00
CA ARG E 20 71.89 11.78 -28.55
C ARG E 20 71.22 10.50 -28.08
N ASN E 21 71.99 9.66 -27.38
CA ASN E 21 71.44 8.42 -26.83
C ASN E 21 71.27 8.63 -25.33
N MET E 22 70.05 8.45 -24.84
CA MET E 22 69.78 8.65 -23.42
C MET E 22 68.53 7.96 -22.87
N SER E 23 68.37 8.01 -21.54
CA SER E 23 67.23 7.43 -20.82
C SER E 23 66.70 8.46 -19.80
N VAL E 24 65.50 8.23 -19.29
CA VAL E 24 64.90 9.16 -18.32
C VAL E 24 64.89 8.61 -16.89
N ILE E 25 65.74 9.20 -16.04
CA ILE E 25 65.87 8.83 -14.64
C ILE E 25 64.84 9.60 -13.79
N ALA E 26 63.78 8.93 -13.35
CA ALA E 26 62.76 9.60 -12.54
C ALA E 26 61.73 8.66 -11.92
N HIS E 27 61.30 8.97 -10.70
CA HIS E 27 60.28 8.15 -10.04
C HIS E 27 59.06 8.26 -10.95
N VAL E 28 58.26 7.19 -11.04
CA VAL E 28 57.06 7.22 -11.88
C VAL E 28 56.07 8.31 -11.46
N ASP E 29 55.96 8.57 -10.16
CA ASP E 29 55.06 9.58 -9.63
C ASP E 29 55.66 10.99 -9.59
N HIS E 30 56.56 11.27 -10.52
CA HIS E 30 57.21 12.58 -10.64
C HIS E 30 57.10 13.06 -12.09
N GLY E 31 56.02 12.64 -12.75
CA GLY E 31 55.80 13.01 -14.13
C GLY E 31 56.81 12.41 -15.09
N LYS E 32 57.36 11.24 -14.75
CA LYS E 32 58.33 10.59 -15.62
C LYS E 32 57.73 10.43 -17.01
N SER E 33 56.55 9.80 -17.04
CA SER E 33 55.81 9.55 -18.27
C SER E 33 55.29 10.83 -18.92
N THR E 34 54.62 11.68 -18.12
CA THR E 34 54.08 12.94 -18.61
C THR E 34 55.16 13.79 -19.31
N LEU E 35 56.37 13.82 -18.74
CA LEU E 35 57.48 14.58 -19.33
C LEU E 35 58.01 13.95 -20.61
N THR E 36 58.00 12.61 -20.68
CA THR E 36 58.47 11.88 -21.86
C THR E 36 57.49 12.02 -23.03
N ASP E 37 56.20 11.95 -22.72
CA ASP E 37 55.16 12.07 -23.75
C ASP E 37 55.24 13.47 -24.38
N SER E 38 55.77 14.43 -23.61
CA SER E 38 55.92 15.82 -24.06
C SER E 38 57.04 15.99 -25.09
N LEU E 39 58.09 15.17 -25.00
CA LEU E 39 59.19 15.24 -25.98
C LEU E 39 58.85 14.37 -27.18
N VAL E 40 57.79 13.56 -27.04
CA VAL E 40 57.34 12.68 -28.12
C VAL E 40 56.30 13.42 -28.96
N GLN E 41 55.39 14.12 -28.29
CA GLN E 41 54.35 14.89 -28.96
C GLN E 41 54.97 16.20 -29.47
N ARG E 42 56.30 16.26 -29.43
CA ARG E 42 57.06 17.43 -29.85
C ARG E 42 58.13 17.13 -30.91
N ALA E 43 59.05 16.22 -30.56
CA ALA E 43 60.15 15.84 -31.46
C ALA E 43 60.04 14.37 -31.88
N GLY E 44 58.83 13.83 -31.88
CA GLY E 44 58.61 12.45 -32.26
C GLY E 44 58.75 12.18 -33.76
N ILE E 45 59.55 11.19 -34.11
CA ILE E 45 59.77 10.85 -35.51
C ILE E 45 58.93 9.67 -36.02
N ILE E 46 58.17 9.93 -37.07
CA ILE E 46 57.35 8.89 -37.69
C ILE E 46 58.04 8.58 -39.01
N SER E 47 57.78 7.41 -39.58
CA SER E 47 58.38 7.06 -40.86
C SER E 47 57.39 7.49 -41.95
N ALA E 48 57.93 7.96 -43.06
CA ALA E 48 57.10 8.41 -44.19
C ALA E 48 56.54 7.23 -44.97
N GLY E 67 53.78 -4.54 -41.39
CA GLY E 67 52.74 -4.95 -40.47
C GLY E 67 53.30 -5.64 -39.24
N ILE E 68 54.52 -5.28 -38.86
CA ILE E 68 55.17 -5.86 -37.69
C ILE E 68 55.28 -4.85 -36.55
N THR E 69 54.44 -5.00 -35.53
CA THR E 69 54.45 -4.08 -34.39
C THR E 69 55.23 -4.69 -33.23
N ILE E 70 56.12 -3.91 -32.63
CA ILE E 70 56.93 -4.40 -31.50
C ILE E 70 56.62 -3.70 -30.20
N LYS E 71 57.25 -4.18 -29.13
CA LYS E 71 57.07 -3.61 -27.80
C LYS E 71 57.98 -2.38 -27.68
N SER E 72 57.36 -1.21 -27.59
CA SER E 72 58.09 0.05 -27.48
C SER E 72 59.25 -0.01 -26.47
N THR E 73 60.46 0.20 -26.98
CA THR E 73 61.67 0.18 -26.16
C THR E 73 62.38 1.53 -26.22
N ALA E 74 62.39 2.15 -27.39
CA ALA E 74 63.04 3.46 -27.58
C ALA E 74 62.23 4.33 -28.56
N ILE E 75 62.41 5.64 -28.46
CA ILE E 75 61.72 6.59 -29.32
C ILE E 75 62.72 7.52 -30.00
N SER E 76 62.53 7.72 -31.31
CA SER E 76 63.39 8.59 -32.12
C SER E 76 62.88 10.04 -32.09
N LEU E 77 63.70 10.95 -31.56
CA LEU E 77 63.35 12.37 -31.47
C LEU E 77 64.23 13.29 -32.31
N TYR E 78 63.60 14.12 -33.14
CA TYR E 78 64.34 15.04 -34.01
C TYR E 78 64.27 16.48 -33.52
N SER E 79 65.41 17.15 -33.50
CA SER E 79 65.48 18.54 -33.05
C SER E 79 66.56 19.27 -33.85
N GLU E 80 66.33 20.55 -34.11
CA GLU E 80 67.27 21.38 -34.88
C GLU E 80 67.72 22.63 -34.11
N MET E 81 68.94 23.09 -34.40
CA MET E 81 69.54 24.25 -33.78
C MET E 81 70.11 25.17 -34.87
N SER E 82 70.78 26.25 -34.48
CA SER E 82 71.38 27.17 -35.45
C SER E 82 72.91 27.08 -35.43
N ASP E 83 73.55 27.63 -36.46
CA ASP E 83 75.03 27.62 -36.61
C ASP E 83 75.79 28.30 -35.46
N GLU E 84 75.07 29.08 -34.66
CA GLU E 84 75.65 29.78 -33.52
C GLU E 84 75.48 28.85 -32.31
N ASP E 85 74.35 28.13 -32.30
CA ASP E 85 74.04 27.18 -31.23
C ASP E 85 74.95 25.97 -31.39
N VAL E 86 75.14 25.56 -32.64
CA VAL E 86 76.01 24.42 -32.96
C VAL E 86 77.45 24.76 -32.57
N LYS E 87 77.73 26.06 -32.41
CA LYS E 87 79.07 26.52 -32.03
C LYS E 87 79.23 26.46 -30.51
N GLU E 88 78.13 26.74 -29.80
CA GLU E 88 78.11 26.74 -28.33
C GLU E 88 78.47 25.41 -27.65
N ILE E 89 78.06 24.28 -28.23
CA ILE E 89 78.35 22.95 -27.66
C ILE E 89 79.87 22.66 -27.74
N LYS E 90 80.53 22.67 -26.58
CA LYS E 90 81.97 22.42 -26.48
C LYS E 90 82.36 21.10 -27.16
N GLN E 91 81.33 20.37 -27.61
CA GLN E 91 81.49 19.08 -28.27
C GLN E 91 81.53 19.24 -29.80
N LYS E 92 82.32 18.38 -30.46
CA LYS E 92 82.47 18.39 -31.92
C LYS E 92 81.22 17.91 -32.64
N THR E 93 80.55 18.83 -33.34
CA THR E 93 79.34 18.49 -34.08
C THR E 93 79.48 18.77 -35.57
N ASP E 94 78.36 18.65 -36.28
CA ASP E 94 78.29 18.85 -37.72
C ASP E 94 76.83 18.83 -38.17
N GLY E 95 76.26 20.01 -38.35
CA GLY E 95 74.88 20.10 -38.77
C GLY E 95 74.05 20.78 -37.70
N ASN E 96 72.79 21.02 -38.02
CA ASN E 96 71.87 21.66 -37.10
C ASN E 96 70.75 20.69 -36.74
N SER E 97 70.76 19.52 -37.35
CA SER E 97 69.75 18.50 -37.08
C SER E 97 70.28 17.54 -36.02
N PHE E 98 69.44 17.15 -35.06
CA PHE E 98 69.86 16.26 -33.98
C PHE E 98 68.95 15.06 -33.68
N LEU E 99 69.55 13.86 -33.79
CA LEU E 99 68.85 12.60 -33.54
C LEU E 99 68.86 12.24 -32.06
N ILE E 100 67.67 12.14 -31.45
CA ILE E 100 67.53 11.83 -30.04
C ILE E 100 66.89 10.47 -29.77
N ASN E 101 67.73 9.49 -29.41
CA ASN E 101 67.26 8.14 -29.10
C ASN E 101 66.73 8.12 -27.67
N LEU E 102 65.44 7.87 -27.49
CA LEU E 102 64.86 7.82 -26.16
C LEU E 102 64.69 6.37 -25.70
N ILE E 103 65.70 5.84 -25.01
CA ILE E 103 65.65 4.47 -24.51
C ILE E 103 64.78 4.37 -23.27
N ASP E 104 63.66 3.67 -23.41
CA ASP E 104 62.70 3.46 -22.33
C ASP E 104 63.41 2.96 -21.07
N SER E 105 62.82 3.25 -19.92
CA SER E 105 63.38 2.85 -18.63
C SER E 105 62.24 2.26 -17.77
N PRO E 106 62.60 1.38 -16.81
CA PRO E 106 61.63 0.74 -15.91
C PRO E 106 60.84 1.71 -15.00
N GLY E 107 59.86 1.18 -14.29
CA GLY E 107 59.06 1.99 -13.38
C GLY E 107 59.59 1.78 -11.97
N HIS E 108 59.66 0.52 -11.56
CA HIS E 108 60.19 0.14 -10.25
C HIS E 108 61.71 -0.03 -10.38
N VAL E 109 62.45 0.28 -9.32
CA VAL E 109 63.90 0.12 -9.36
C VAL E 109 64.28 -1.30 -8.97
N ASP E 110 63.25 -2.11 -8.73
CA ASP E 110 63.44 -3.51 -8.37
C ASP E 110 63.88 -4.22 -9.65
N PHE E 111 63.80 -3.49 -10.77
CA PHE E 111 64.18 -3.99 -12.09
C PHE E 111 65.67 -3.86 -12.37
N SER E 112 66.44 -3.66 -11.30
CA SER E 112 67.89 -3.51 -11.34
C SER E 112 68.58 -3.94 -12.65
N SER E 113 68.59 -5.25 -12.89
CA SER E 113 69.22 -5.81 -14.08
C SER E 113 68.96 -5.00 -15.36
N GLU E 114 67.74 -5.07 -15.88
CA GLU E 114 67.37 -4.37 -17.11
C GLU E 114 67.52 -2.85 -16.98
N VAL E 115 67.61 -2.35 -15.76
CA VAL E 115 67.79 -0.92 -15.55
C VAL E 115 69.23 -0.64 -15.98
N THR E 116 70.18 -1.34 -15.38
CA THR E 116 71.58 -1.14 -15.74
C THR E 116 71.75 -1.40 -17.23
N ALA E 117 70.77 -2.07 -17.81
CA ALA E 117 70.79 -2.37 -19.22
C ALA E 117 70.66 -1.07 -19.97
N ALA E 118 69.49 -0.45 -19.82
CA ALA E 118 69.18 0.82 -20.47
C ALA E 118 70.26 1.87 -20.20
N LEU E 119 71.05 1.66 -19.15
CA LEU E 119 72.13 2.59 -18.80
C LEU E 119 73.38 2.26 -19.60
N ARG E 120 73.77 0.99 -19.60
CA ARG E 120 74.96 0.59 -20.34
C ARG E 120 74.94 0.97 -21.81
N VAL E 121 73.74 1.18 -22.37
CA VAL E 121 73.65 1.53 -23.79
C VAL E 121 73.65 3.03 -24.06
N THR E 122 73.30 3.84 -23.07
CA THR E 122 73.25 5.30 -23.26
C THR E 122 74.49 6.12 -22.87
N ASP E 123 74.41 7.39 -23.21
CA ASP E 123 75.46 8.36 -22.94
C ASP E 123 74.89 9.40 -21.98
N GLY E 124 73.58 9.60 -22.06
CA GLY E 124 72.91 10.57 -21.21
C GLY E 124 71.70 10.07 -20.44
N ALA E 125 71.20 10.93 -19.55
CA ALA E 125 70.03 10.63 -18.73
C ALA E 125 69.40 11.95 -18.28
N LEU E 126 68.06 11.99 -18.25
CA LEU E 126 67.31 13.19 -17.83
C LEU E 126 66.73 12.96 -16.43
N VAL E 127 67.41 13.46 -15.41
CA VAL E 127 66.97 13.29 -14.01
C VAL E 127 65.77 14.20 -13.64
N VAL E 128 64.56 13.62 -13.63
CA VAL E 128 63.32 14.33 -13.29
C VAL E 128 63.05 14.31 -11.78
N VAL E 129 63.51 15.36 -11.10
CA VAL E 129 63.34 15.50 -9.66
C VAL E 129 62.09 16.33 -9.37
N ASP E 130 61.66 16.35 -8.11
CA ASP E 130 60.45 17.10 -7.72
C ASP E 130 60.77 18.43 -7.02
N THR E 131 59.87 19.39 -7.16
CA THR E 131 60.02 20.71 -6.53
C THR E 131 59.85 20.62 -5.02
N ILE E 132 58.81 19.91 -4.57
CA ILE E 132 58.51 19.74 -3.15
C ILE E 132 59.40 18.70 -2.44
N GLU E 133 59.27 17.44 -2.85
CA GLU E 133 60.03 16.35 -2.26
C GLU E 133 61.53 16.35 -2.59
N GLY E 134 61.90 17.06 -3.66
CA GLY E 134 63.31 17.10 -4.05
C GLY E 134 63.74 15.77 -4.66
N VAL E 135 64.98 15.37 -4.40
CA VAL E 135 65.50 14.11 -4.92
C VAL E 135 65.13 12.99 -3.95
N CYS E 136 64.30 12.07 -4.41
CA CYS E 136 63.86 10.94 -3.59
C CYS E 136 64.94 9.86 -3.54
N VAL E 137 64.76 8.89 -2.65
CA VAL E 137 65.71 7.79 -2.48
C VAL E 137 65.97 7.04 -3.80
N GLN E 138 64.87 6.63 -4.43
CA GLN E 138 64.90 5.91 -5.69
C GLN E 138 65.67 6.59 -6.82
N THR E 139 65.19 7.76 -7.26
CA THR E 139 65.85 8.50 -8.34
C THR E 139 67.32 8.78 -8.03
N GLU E 140 67.66 8.83 -6.74
CA GLU E 140 69.05 9.09 -6.31
C GLU E 140 69.95 7.86 -6.49
N THR E 141 69.35 6.70 -6.26
CA THR E 141 70.02 5.42 -6.40
C THR E 141 70.35 5.21 -7.88
N VAL E 142 69.32 5.24 -8.73
CA VAL E 142 69.48 5.07 -10.17
C VAL E 142 70.63 5.95 -10.64
N LEU E 143 70.87 7.05 -9.93
CA LEU E 143 71.95 7.98 -10.29
C LEU E 143 73.33 7.40 -9.98
N ARG E 144 73.57 6.95 -8.75
CA ARG E 144 74.87 6.35 -8.43
C ARG E 144 75.24 5.43 -9.58
N GLN E 145 74.18 4.84 -10.15
CA GLN E 145 74.31 3.93 -11.29
C GLN E 145 74.77 4.65 -12.55
N ALA E 146 73.92 5.53 -13.07
CA ALA E 146 74.24 6.30 -14.26
C ALA E 146 75.70 6.73 -14.13
N LEU E 147 76.08 7.05 -12.89
CA LEU E 147 77.44 7.48 -12.57
C LEU E 147 78.43 6.35 -12.81
N GLY E 148 78.15 5.16 -12.28
CA GLY E 148 79.05 4.05 -12.52
C GLY E 148 79.22 3.81 -14.02
N GLU E 149 78.17 4.13 -14.77
CA GLU E 149 78.15 3.95 -16.23
C GLU E 149 78.75 5.10 -17.07
N ARG E 150 79.21 6.17 -16.41
CA ARG E 150 79.79 7.33 -17.11
C ARG E 150 78.78 8.08 -17.99
N ILE E 151 77.56 8.20 -17.48
CA ILE E 151 76.44 8.88 -18.16
C ILE E 151 76.24 10.32 -17.65
N LYS E 152 76.34 11.30 -18.54
CA LYS E 152 76.16 12.70 -18.16
C LYS E 152 74.70 12.90 -17.68
N PRO E 153 74.51 13.57 -16.52
CA PRO E 153 73.15 13.81 -16.01
C PRO E 153 72.66 15.22 -16.29
N VAL E 154 71.38 15.35 -16.61
CA VAL E 154 70.74 16.64 -16.88
C VAL E 154 69.58 16.75 -15.89
N VAL E 155 69.50 17.86 -15.17
CA VAL E 155 68.43 18.05 -14.18
C VAL E 155 67.19 18.83 -14.66
N VAL E 156 66.02 18.32 -14.27
CA VAL E 156 64.70 18.88 -14.58
C VAL E 156 63.81 18.84 -13.34
N ILE E 157 63.65 19.98 -12.67
CA ILE E 157 62.81 20.06 -11.48
C ILE E 157 61.36 20.23 -11.96
N ASN E 158 60.62 19.12 -11.93
CA ASN E 158 59.22 19.03 -12.37
C ASN E 158 58.22 19.31 -11.24
N LYS E 159 56.94 19.44 -11.60
CA LYS E 159 55.86 19.69 -10.65
C LYS E 159 56.04 20.97 -9.84
N VAL E 160 56.36 22.08 -10.51
CA VAL E 160 56.54 23.36 -9.84
C VAL E 160 55.14 23.93 -9.51
N ASP E 161 54.15 23.55 -10.32
CA ASP E 161 52.77 24.01 -10.13
C ASP E 161 52.26 23.60 -8.75
N ARG E 162 52.76 22.47 -8.25
CA ARG E 162 52.39 21.94 -6.94
C ARG E 162 52.87 22.84 -5.79
N ALA E 163 53.92 23.59 -6.06
CA ALA E 163 54.49 24.50 -5.07
C ALA E 163 53.72 25.82 -5.01
N LEU E 164 53.07 26.17 -6.12
CA LEU E 164 52.29 27.40 -6.20
C LEU E 164 50.84 27.22 -5.74
N LEU E 165 50.07 26.46 -6.52
CA LEU E 165 48.67 26.21 -6.20
C LEU E 165 48.46 25.72 -4.77
N GLU E 166 49.30 24.78 -4.31
CA GLU E 166 49.18 24.25 -2.95
C GLU E 166 49.79 25.14 -1.86
N LEU E 167 51.09 24.96 -1.65
CA LEU E 167 51.82 25.70 -0.63
C LEU E 167 51.75 27.22 -0.78
N GLN E 168 51.39 27.71 -1.97
CA GLN E 168 51.30 29.15 -2.21
C GLN E 168 52.62 29.76 -1.70
N VAL E 169 53.73 29.18 -2.16
CA VAL E 169 55.06 29.63 -1.75
C VAL E 169 55.50 30.90 -2.46
N SER E 170 56.19 31.78 -1.73
CA SER E 170 56.68 33.05 -2.28
C SER E 170 57.77 32.81 -3.31
N LYS E 171 58.24 33.90 -3.92
CA LYS E 171 59.29 33.81 -4.94
C LYS E 171 60.65 33.41 -4.33
N GLU E 172 61.03 34.07 -3.24
CA GLU E 172 62.29 33.77 -2.56
C GLU E 172 62.33 32.38 -1.92
N ASP E 173 61.26 31.99 -1.25
CA ASP E 173 61.22 30.67 -0.65
C ASP E 173 61.28 29.60 -1.72
N LEU E 174 60.54 29.79 -2.81
CA LEU E 174 60.55 28.82 -3.90
C LEU E 174 61.92 28.79 -4.57
N TYR E 175 62.62 29.93 -4.54
CA TYR E 175 63.96 30.01 -5.12
C TYR E 175 64.92 29.18 -4.26
N GLN E 176 64.74 29.28 -2.94
CA GLN E 176 65.58 28.54 -2.01
C GLN E 176 65.35 27.04 -2.22
N THR E 177 64.13 26.70 -2.63
CA THR E 177 63.71 25.32 -2.91
C THR E 177 64.60 24.58 -3.95
N PHE E 178 64.77 25.18 -5.12
CA PHE E 178 65.59 24.60 -6.18
C PHE E 178 67.08 24.62 -5.85
N ALA E 179 67.48 25.61 -5.04
CA ALA E 179 68.87 25.78 -4.62
C ALA E 179 69.33 24.64 -3.71
N ARG E 180 68.40 24.10 -2.93
CA ARG E 180 68.70 22.98 -2.04
C ARG E 180 68.47 21.69 -2.83
N THR E 181 67.59 21.76 -3.82
CA THR E 181 67.29 20.61 -4.67
C THR E 181 68.50 20.26 -5.52
N VAL E 182 68.92 21.22 -6.34
CA VAL E 182 70.08 21.04 -7.24
C VAL E 182 71.37 20.88 -6.43
N GLU E 183 71.31 21.20 -5.14
CA GLU E 183 72.48 21.03 -4.28
C GLU E 183 72.48 19.60 -3.79
N SER E 184 71.29 19.06 -3.51
CA SER E 184 71.11 17.67 -3.04
C SER E 184 71.54 16.72 -4.17
N VAL E 185 71.46 17.23 -5.40
CA VAL E 185 71.85 16.52 -6.62
C VAL E 185 73.37 16.56 -6.83
N ASN E 186 73.97 17.76 -6.86
CA ASN E 186 75.43 17.89 -7.08
C ASN E 186 76.27 17.18 -6.01
N VAL E 187 75.78 17.19 -4.77
CA VAL E 187 76.49 16.50 -3.68
C VAL E 187 76.66 15.06 -4.18
N ILE E 188 75.54 14.45 -4.57
CA ILE E 188 75.52 13.09 -5.11
C ILE E 188 76.42 13.04 -6.35
N VAL E 189 76.28 14.05 -7.21
CA VAL E 189 77.07 14.17 -8.43
C VAL E 189 78.59 14.18 -8.14
N SER E 190 79.07 15.21 -7.43
CA SER E 190 80.49 15.33 -7.10
C SER E 190 81.04 14.10 -6.39
N THR E 191 80.17 13.41 -5.67
CA THR E 191 80.55 12.21 -4.93
C THR E 191 80.81 11.00 -5.86
N TYR E 192 79.72 10.45 -6.42
CA TYR E 192 79.82 9.28 -7.29
C TYR E 192 80.20 9.59 -8.75
N ALA E 193 80.67 10.81 -9.01
CA ALA E 193 81.08 11.15 -10.37
C ALA E 193 82.56 10.87 -10.54
N ASP E 194 82.89 10.13 -11.60
CA ASP E 194 84.27 9.79 -11.91
C ASP E 194 85.10 11.07 -12.09
N GLU E 195 86.36 11.00 -11.65
CA GLU E 195 87.30 12.12 -11.74
C GLU E 195 87.63 12.42 -13.19
N VAL E 196 87.90 11.37 -13.96
CA VAL E 196 88.23 11.52 -15.37
C VAL E 196 87.13 12.32 -16.09
N LEU E 197 85.86 12.02 -15.79
CA LEU E 197 84.75 12.73 -16.41
C LEU E 197 84.84 14.22 -16.04
N GLY E 198 85.63 14.52 -15.02
CA GLY E 198 85.78 15.90 -14.58
C GLY E 198 84.47 16.33 -13.96
N ASP E 199 84.42 17.52 -13.39
CA ASP E 199 83.19 17.99 -12.79
C ASP E 199 82.08 17.93 -13.83
N VAL E 200 80.99 17.26 -13.49
CA VAL E 200 79.85 17.12 -14.38
C VAL E 200 78.59 17.66 -13.69
N GLN E 201 78.79 18.33 -12.56
CA GLN E 201 77.71 18.92 -11.77
C GLN E 201 76.76 19.80 -12.59
N VAL E 202 75.47 19.64 -12.38
CA VAL E 202 74.49 20.43 -13.12
C VAL E 202 74.37 21.84 -12.53
N TYR E 203 74.52 22.83 -13.39
CA TYR E 203 74.44 24.22 -12.98
C TYR E 203 73.28 24.91 -13.72
N PRO E 204 72.31 25.46 -12.96
CA PRO E 204 71.17 26.14 -13.60
C PRO E 204 71.63 27.29 -14.49
N ALA E 205 72.55 28.08 -13.95
CA ALA E 205 73.12 29.23 -14.64
C ALA E 205 73.89 28.88 -15.92
N ARG E 206 74.05 27.59 -16.18
CA ARG E 206 74.79 27.15 -17.36
C ARG E 206 73.89 26.45 -18.36
N GLY E 207 72.60 26.37 -18.06
CA GLY E 207 71.68 25.71 -18.97
C GLY E 207 71.50 24.20 -18.80
N THR E 208 72.09 23.66 -17.72
CA THR E 208 71.99 22.24 -17.42
C THR E 208 70.92 21.99 -16.34
N VAL E 209 70.07 22.99 -16.10
CA VAL E 209 69.01 22.89 -15.09
C VAL E 209 67.72 23.64 -15.48
N ALA E 210 66.68 22.87 -15.83
CA ALA E 210 65.38 23.43 -16.22
C ALA E 210 64.35 23.23 -15.10
N PHE E 211 63.22 23.92 -15.19
CA PHE E 211 62.19 23.82 -14.16
C PHE E 211 60.82 23.96 -14.83
N GLY E 212 59.83 23.23 -14.33
CA GLY E 212 58.50 23.31 -14.92
C GLY E 212 57.51 22.28 -14.43
N SER E 213 56.35 22.23 -15.09
CA SER E 213 55.30 21.27 -14.76
C SER E 213 54.84 20.47 -15.99
N GLY E 214 54.71 19.17 -15.82
CA GLY E 214 54.29 18.30 -16.91
C GLY E 214 52.78 18.32 -17.08
N LEU E 215 52.07 18.47 -15.96
CA LEU E 215 50.60 18.53 -15.96
C LEU E 215 50.11 19.70 -16.83
N HIS E 216 50.64 20.89 -16.55
CA HIS E 216 50.28 22.12 -17.26
C HIS E 216 51.00 22.22 -18.62
N GLY E 217 52.10 21.49 -18.76
CA GLY E 217 52.84 21.50 -20.01
C GLY E 217 53.85 22.62 -20.20
N TRP E 218 54.53 23.03 -19.12
CA TRP E 218 55.54 24.08 -19.22
C TRP E 218 56.82 23.73 -18.48
N ALA E 219 57.93 24.29 -18.97
CA ALA E 219 59.25 24.04 -18.38
C ALA E 219 60.22 25.06 -18.97
N PHE E 220 61.18 25.51 -18.19
CA PHE E 220 62.12 26.50 -18.69
C PHE E 220 63.54 26.28 -18.21
N THR E 221 64.48 26.78 -18.99
CA THR E 221 65.89 26.69 -18.66
C THR E 221 66.31 28.14 -18.50
N ILE E 222 67.30 28.37 -17.65
CA ILE E 222 67.76 29.73 -17.44
C ILE E 222 68.18 30.33 -18.80
N ARG E 223 68.85 29.52 -19.62
CA ARG E 223 69.32 29.93 -20.94
C ARG E 223 68.20 30.31 -21.92
N GLN E 224 66.95 30.08 -21.52
CA GLN E 224 65.81 30.43 -22.38
C GLN E 224 65.38 31.87 -22.17
N PHE E 225 65.27 32.27 -20.91
CA PHE E 225 64.89 33.63 -20.56
C PHE E 225 66.12 34.55 -20.69
N ALA E 226 67.25 33.95 -21.06
CA ALA E 226 68.48 34.70 -21.24
C ALA E 226 68.55 35.12 -22.69
N THR E 227 67.85 34.38 -23.54
CA THR E 227 67.81 34.67 -24.97
C THR E 227 66.70 35.70 -25.22
N ARG E 228 65.85 35.89 -24.21
CA ARG E 228 64.74 36.83 -24.28
C ARG E 228 65.13 38.19 -23.69
N TYR E 229 65.72 38.18 -22.50
CA TYR E 229 66.14 39.40 -21.84
C TYR E 229 67.50 39.90 -22.33
N ALA E 230 68.12 39.16 -23.23
CA ALA E 230 69.40 39.55 -23.78
C ALA E 230 69.21 40.78 -24.66
N LYS E 231 68.13 40.76 -25.44
CA LYS E 231 67.78 41.86 -26.34
C LYS E 231 67.19 43.06 -25.60
N LYS E 232 65.96 42.91 -25.10
CA LYS E 232 65.29 43.99 -24.38
C LYS E 232 66.23 44.78 -23.47
N PHE E 233 67.26 44.13 -22.94
CA PHE E 233 68.22 44.80 -22.05
C PHE E 233 69.56 45.15 -22.74
N GLY E 234 69.86 44.47 -23.84
CA GLY E 234 71.10 44.74 -24.58
C GLY E 234 72.37 44.17 -24.00
N VAL E 235 72.33 42.90 -23.63
CA VAL E 235 73.50 42.23 -23.05
C VAL E 235 73.69 40.87 -23.71
N ASP E 236 74.92 40.42 -23.82
CA ASP E 236 75.19 39.11 -24.43
C ASP E 236 74.57 38.09 -23.47
N LYS E 237 73.68 37.23 -24.00
CA LYS E 237 73.01 36.24 -23.17
C LYS E 237 73.98 35.41 -22.34
N ALA E 238 75.24 35.39 -22.74
CA ALA E 238 76.24 34.64 -21.99
C ALA E 238 76.21 35.17 -20.56
N LYS E 239 76.44 36.49 -20.44
CA LYS E 239 76.44 37.17 -19.15
C LYS E 239 75.00 37.39 -18.65
N MET E 240 74.04 37.25 -19.55
CA MET E 240 72.63 37.46 -19.22
C MET E 240 72.04 36.29 -18.43
N MET E 241 72.44 35.07 -18.77
CA MET E 241 71.96 33.87 -18.07
C MET E 241 72.67 33.77 -16.70
N ASP E 242 73.90 34.25 -16.66
CA ASP E 242 74.72 34.24 -15.46
C ASP E 242 74.02 34.94 -14.27
N ARG E 243 73.60 36.19 -14.48
CA ARG E 243 72.93 36.97 -13.45
C ARG E 243 71.61 36.35 -13.02
N LEU E 244 70.84 35.87 -14.00
CA LEU E 244 69.54 35.26 -13.73
C LEU E 244 69.55 34.34 -12.51
N TRP E 245 70.66 33.66 -12.29
CA TRP E 245 70.78 32.74 -11.16
C TRP E 245 71.79 33.22 -10.11
N GLY E 246 71.59 32.79 -8.86
CA GLY E 246 72.49 33.18 -7.80
C GLY E 246 72.30 34.61 -7.31
N ASP E 247 73.38 35.16 -6.76
CA ASP E 247 73.33 36.51 -6.24
C ASP E 247 73.70 37.53 -7.30
N SER E 248 72.65 38.14 -7.83
CA SER E 248 72.73 39.18 -8.85
C SER E 248 71.33 39.79 -8.79
N PHE E 249 71.28 41.09 -8.50
CA PHE E 249 70.02 41.79 -8.36
C PHE E 249 69.92 42.96 -9.32
N PHE E 250 68.72 43.53 -9.42
CA PHE E 250 68.51 44.68 -10.30
C PHE E 250 67.63 45.70 -9.57
N ASN E 251 68.27 46.76 -9.09
CA ASN E 251 67.54 47.82 -8.38
C ASN E 251 66.73 48.61 -9.41
N PRO E 252 65.39 48.62 -9.26
CA PRO E 252 64.49 49.35 -10.18
C PRO E 252 64.71 50.85 -10.13
N LYS E 253 65.23 51.33 -9.01
CA LYS E 253 65.51 52.75 -8.78
C LYS E 253 66.82 53.20 -9.42
N THR E 254 67.93 52.56 -9.03
CA THR E 254 69.24 52.89 -9.55
C THR E 254 69.43 52.48 -11.02
N LYS E 255 68.65 51.50 -11.47
CA LYS E 255 68.73 50.99 -12.84
C LYS E 255 70.11 50.43 -13.17
N LYS E 256 70.73 49.81 -12.16
CA LYS E 256 72.07 49.22 -12.29
C LYS E 256 72.16 47.88 -11.56
N TRP E 257 72.99 46.97 -12.08
CA TRP E 257 73.16 45.64 -11.49
C TRP E 257 74.19 45.62 -10.35
N THR E 258 73.82 44.95 -9.26
CA THR E 258 74.68 44.84 -8.09
C THR E 258 74.83 43.38 -7.69
N ASN E 259 75.60 43.13 -6.64
CA ASN E 259 75.82 41.78 -6.12
C ASN E 259 75.62 41.80 -4.61
N LYS E 260 74.81 42.77 -4.17
CA LYS E 260 74.46 42.96 -2.78
C LYS E 260 72.94 42.85 -2.67
N ASP E 261 72.47 42.11 -1.67
CA ASP E 261 71.04 41.94 -1.47
C ASP E 261 70.43 43.12 -0.74
N THR E 262 71.11 44.27 -0.79
CA THR E 262 70.64 45.48 -0.12
C THR E 262 71.10 46.76 -0.79
N ASP E 263 70.15 47.68 -0.95
CA ASP E 263 70.39 48.98 -1.56
C ASP E 263 71.12 49.86 -0.54
N ALA E 264 71.76 50.93 -1.01
CA ALA E 264 72.51 51.85 -0.16
C ALA E 264 71.89 52.08 1.24
N GLU E 265 70.61 52.43 1.27
CA GLU E 265 69.92 52.70 2.54
C GLU E 265 69.55 51.47 3.37
N GLY E 266 70.02 50.30 2.95
CA GLY E 266 69.72 49.08 3.68
C GLY E 266 68.40 48.42 3.33
N LYS E 267 67.87 48.76 2.15
CA LYS E 267 66.60 48.19 1.69
C LYS E 267 66.85 46.88 0.90
N PRO E 268 65.99 45.87 1.10
CA PRO E 268 66.11 44.57 0.43
C PRO E 268 65.81 44.60 -1.08
N LEU E 269 66.71 44.04 -1.88
CA LEU E 269 66.54 43.99 -3.34
C LEU E 269 66.19 42.57 -3.78
N GLU E 270 65.27 42.45 -4.73
CA GLU E 270 64.84 41.16 -5.23
C GLU E 270 65.88 40.58 -6.20
N ARG E 271 66.12 39.28 -6.08
CA ARG E 271 67.09 38.57 -6.91
C ARG E 271 66.72 38.62 -8.40
N ALA E 272 67.74 38.67 -9.26
CA ALA E 272 67.52 38.74 -10.70
C ALA E 272 66.58 37.64 -11.17
N PHE E 273 66.64 36.50 -10.50
CA PHE E 273 65.79 35.36 -10.85
C PHE E 273 64.35 35.67 -10.46
N ASN E 274 64.11 35.81 -9.17
CA ASN E 274 62.78 36.10 -8.64
C ASN E 274 62.11 37.24 -9.42
N MET E 275 62.91 38.26 -9.71
CA MET E 275 62.45 39.45 -10.40
C MET E 275 62.12 39.25 -11.88
N PHE E 276 62.99 38.55 -12.60
CA PHE E 276 62.76 38.36 -14.04
C PHE E 276 62.17 37.02 -14.51
N ILE E 277 62.29 35.95 -13.73
CA ILE E 277 61.76 34.64 -14.14
C ILE E 277 60.57 34.15 -13.31
N LEU E 278 60.70 34.24 -11.99
CA LEU E 278 59.62 33.80 -11.09
C LEU E 278 58.48 34.81 -11.05
N ASP E 279 58.80 36.10 -11.22
CA ASP E 279 57.77 37.14 -11.18
C ASP E 279 56.76 37.07 -12.33
N PRO E 280 57.22 36.92 -13.59
CA PRO E 280 56.30 36.83 -14.74
C PRO E 280 55.34 35.64 -14.69
N ILE E 281 55.90 34.47 -14.36
CA ILE E 281 55.12 33.24 -14.26
C ILE E 281 54.20 33.27 -13.02
N PHE E 282 54.61 34.03 -12.00
CA PHE E 282 53.86 34.16 -10.75
C PHE E 282 52.57 34.99 -10.88
N ARG E 283 52.62 36.05 -11.69
CA ARG E 283 51.47 36.92 -11.89
C ARG E 283 50.44 36.27 -12.81
N LEU E 284 50.91 35.46 -13.77
CA LEU E 284 50.02 34.76 -14.69
C LEU E 284 49.14 33.79 -13.91
N PHE E 285 49.70 33.17 -12.88
CA PHE E 285 48.95 32.25 -12.04
C PHE E 285 48.06 33.06 -11.09
N THR E 286 48.55 34.22 -10.66
CA THR E 286 47.81 35.11 -9.75
C THR E 286 46.62 35.74 -10.47
N ALA E 287 46.84 36.14 -11.72
CA ALA E 287 45.81 36.77 -12.53
C ALA E 287 44.73 35.79 -13.00
N ILE E 288 45.17 34.70 -13.63
CA ILE E 288 44.27 33.69 -14.17
C ILE E 288 43.48 32.87 -13.14
N MET E 289 44.11 32.47 -12.05
CA MET E 289 43.43 31.68 -11.03
C MET E 289 42.40 32.49 -10.24
N ASN E 290 42.61 33.81 -10.19
CA ASN E 290 41.69 34.70 -9.47
C ASN E 290 40.62 35.28 -10.40
N PHE E 291 40.59 34.79 -11.64
CA PHE E 291 39.61 35.23 -12.64
C PHE E 291 39.58 36.76 -12.82
N LYS E 292 40.71 37.40 -12.58
CA LYS E 292 40.82 38.85 -12.73
C LYS E 292 40.84 39.22 -14.21
N LYS E 293 39.65 39.22 -14.80
CA LYS E 293 39.42 39.52 -16.21
C LYS E 293 40.07 40.79 -16.77
N ASP E 294 40.32 41.78 -15.92
CA ASP E 294 40.93 43.03 -16.37
C ASP E 294 42.44 42.90 -16.58
N GLU E 295 43.07 42.04 -15.79
CA GLU E 295 44.52 41.83 -15.87
C GLU E 295 44.95 40.84 -16.94
N ILE E 296 44.41 39.62 -16.87
CA ILE E 296 44.74 38.54 -17.82
C ILE E 296 45.11 39.02 -19.24
N PRO E 297 44.24 39.82 -19.89
CA PRO E 297 44.56 40.29 -21.24
C PRO E 297 45.83 41.15 -21.30
N VAL E 298 45.86 42.22 -20.49
CA VAL E 298 47.00 43.14 -20.44
C VAL E 298 48.30 42.40 -20.07
N LEU E 299 48.19 41.46 -19.13
CA LEU E 299 49.35 40.68 -18.67
C LEU E 299 49.88 39.78 -19.79
N LEU E 300 48.97 39.13 -20.50
CA LEU E 300 49.35 38.24 -21.60
C LEU E 300 50.05 38.95 -22.76
N GLU E 301 49.45 40.04 -23.24
CA GLU E 301 50.01 40.82 -24.36
C GLU E 301 51.44 41.31 -24.15
N LYS E 302 51.82 41.54 -22.88
CA LYS E 302 53.16 42.02 -22.54
C LYS E 302 54.23 40.94 -22.69
N LEU E 303 53.84 39.69 -22.45
CA LEU E 303 54.75 38.56 -22.56
C LEU E 303 54.66 38.01 -23.96
N GLU E 304 53.78 38.62 -24.76
CA GLU E 304 53.58 38.21 -26.14
C GLU E 304 52.96 36.79 -26.21
N ILE E 305 51.91 36.56 -25.44
CA ILE E 305 51.21 35.26 -25.44
C ILE E 305 49.81 35.42 -26.04
N VAL E 306 49.68 34.98 -27.30
CA VAL E 306 48.41 35.06 -28.03
C VAL E 306 47.53 33.81 -27.94
N LEU E 307 46.35 33.95 -27.34
CA LEU E 307 45.41 32.84 -27.21
C LEU E 307 44.73 32.57 -28.57
N LYS E 308 44.55 31.29 -28.89
CA LYS E 308 43.94 30.88 -30.17
C LYS E 308 42.40 30.95 -30.21
N GLY E 309 41.83 32.08 -29.84
CA GLY E 309 40.39 32.23 -29.86
C GLY E 309 39.62 31.45 -28.81
N ASP E 310 39.29 30.20 -29.12
CA ASP E 310 38.56 29.35 -28.17
C ASP E 310 39.26 29.40 -26.81
N GLU E 311 40.59 29.38 -26.85
CA GLU E 311 41.41 29.42 -25.65
C GLU E 311 41.19 30.71 -24.85
N LYS E 312 40.65 31.73 -25.51
CA LYS E 312 40.36 33.02 -24.88
C LYS E 312 39.27 32.86 -23.81
N ASP E 313 38.19 32.17 -24.18
CA ASP E 313 37.06 31.98 -23.26
C ASP E 313 37.39 31.05 -22.10
N LEU E 314 38.56 30.41 -22.15
CA LEU E 314 38.96 29.49 -21.09
C LEU E 314 39.29 30.24 -19.78
N GLU E 315 38.85 29.67 -18.65
CA GLU E 315 39.08 30.26 -17.33
C GLU E 315 39.54 29.19 -16.35
N GLY E 316 40.12 29.61 -15.23
CA GLY E 316 40.60 28.67 -14.23
C GLY E 316 41.77 27.85 -14.73
N LYS E 317 41.98 26.67 -14.15
CA LYS E 317 43.08 25.79 -14.55
C LYS E 317 43.07 25.57 -16.06
N ALA E 318 41.87 25.52 -16.63
CA ALA E 318 41.70 25.31 -18.06
C ALA E 318 42.45 26.38 -18.85
N LEU E 319 42.37 27.63 -18.39
CA LEU E 319 43.04 28.74 -19.06
C LEU E 319 44.54 28.74 -18.80
N LEU E 320 44.93 28.65 -17.54
CA LEU E 320 46.34 28.65 -17.14
C LEU E 320 47.21 27.61 -17.84
N LYS E 321 46.67 26.39 -18.01
CA LYS E 321 47.40 25.30 -18.68
C LYS E 321 47.68 25.63 -20.16
N VAL E 322 46.81 26.43 -20.77
CA VAL E 322 46.97 26.82 -22.17
C VAL E 322 47.96 27.97 -22.32
N VAL E 323 47.91 28.92 -21.40
CA VAL E 323 48.79 30.08 -21.42
C VAL E 323 50.25 29.65 -21.18
N MET E 324 50.46 28.74 -20.22
CA MET E 324 51.79 28.24 -19.90
C MET E 324 52.41 27.35 -20.97
N ARG E 325 51.57 26.73 -21.81
CA ARG E 325 52.06 25.87 -22.88
C ARG E 325 52.76 26.72 -23.94
N LYS E 326 52.07 27.77 -24.39
CA LYS E 326 52.58 28.70 -25.40
C LYS E 326 53.71 29.58 -24.86
N PHE E 327 53.59 30.00 -23.59
CA PHE E 327 54.59 30.85 -22.94
C PHE E 327 55.93 30.10 -22.84
N LEU E 328 55.94 29.02 -22.09
CA LEU E 328 57.15 28.22 -21.92
C LEU E 328 56.92 26.75 -22.24
N PRO E 329 56.99 26.39 -23.54
CA PRO E 329 56.81 25.01 -24.03
C PRO E 329 57.78 24.02 -23.34
N ALA E 330 57.26 23.20 -22.43
CA ALA E 330 58.07 22.24 -21.69
C ALA E 330 59.00 21.38 -22.55
N ALA E 331 58.45 20.70 -23.54
CA ALA E 331 59.22 19.84 -24.43
C ALA E 331 60.50 20.49 -24.96
N ASP E 332 60.45 21.80 -25.17
CA ASP E 332 61.61 22.54 -25.71
C ASP E 332 62.73 22.77 -24.68
N ALA E 333 62.36 23.14 -23.46
CA ALA E 333 63.35 23.36 -22.41
C ALA E 333 64.11 22.04 -22.23
N LEU E 334 63.35 20.94 -22.40
CA LEU E 334 63.86 19.56 -22.28
C LEU E 334 64.71 19.13 -23.46
N LEU E 335 64.38 19.63 -24.65
CA LEU E 335 65.13 19.31 -25.86
C LEU E 335 66.39 20.20 -25.94
N GLU E 336 66.38 21.30 -25.18
CA GLU E 336 67.49 22.25 -25.16
C GLU E 336 68.77 21.68 -24.55
N MET E 337 68.69 21.38 -23.26
CA MET E 337 69.82 20.83 -22.52
C MET E 337 70.37 19.58 -23.20
N ILE E 338 69.46 18.67 -23.57
CA ILE E 338 69.80 17.41 -24.22
C ILE E 338 70.90 17.59 -25.27
N VAL E 339 70.61 18.42 -26.27
CA VAL E 339 71.53 18.71 -27.39
C VAL E 339 72.78 19.53 -26.97
N LEU E 340 72.54 20.63 -26.26
CA LEU E 340 73.61 21.51 -25.82
C LEU E 340 74.62 20.86 -24.86
N HIS E 341 74.14 19.97 -24.00
CA HIS E 341 74.99 19.33 -23.02
C HIS E 341 75.24 17.86 -23.26
N LEU E 342 74.20 17.04 -23.13
CA LEU E 342 74.34 15.60 -23.33
C LEU E 342 75.31 15.28 -24.47
N PRO E 343 76.18 14.27 -24.27
CA PRO E 343 77.17 13.86 -25.28
C PRO E 343 76.67 12.90 -26.38
N SER E 344 77.48 12.79 -27.45
CA SER E 344 77.18 11.92 -28.58
C SER E 344 77.97 10.64 -28.44
N PRO E 345 77.63 9.61 -29.22
CA PRO E 345 78.30 8.31 -29.20
C PRO E 345 79.77 8.34 -29.61
N VAL E 346 80.35 9.53 -29.75
CA VAL E 346 81.75 9.65 -30.14
C VAL E 346 82.60 10.05 -28.95
N THR E 347 82.04 10.96 -28.16
CA THR E 347 82.69 11.49 -26.96
C THR E 347 82.75 10.41 -25.89
N ALA E 348 81.58 9.85 -25.59
CA ALA E 348 81.42 8.81 -24.56
C ALA E 348 82.19 7.51 -24.78
N GLN E 349 82.18 7.01 -26.00
CA GLN E 349 82.86 5.75 -26.29
C GLN E 349 84.38 5.77 -26.13
N ALA E 350 84.95 6.95 -26.09
CA ALA E 350 86.39 7.06 -25.92
C ALA E 350 86.78 6.66 -24.50
N TYR E 351 85.97 7.11 -23.53
CA TYR E 351 86.22 6.84 -22.10
C TYR E 351 85.33 5.74 -21.51
N ARG E 352 84.41 5.21 -22.31
CA ARG E 352 83.48 4.15 -21.86
C ARG E 352 83.84 2.79 -22.48
N ALA E 353 84.62 2.82 -23.56
CA ALA E 353 85.03 1.61 -24.27
C ALA E 353 85.64 0.55 -23.36
N GLU E 354 86.79 0.89 -22.78
CA GLU E 354 87.51 -0.03 -21.89
C GLU E 354 86.57 -0.64 -20.82
N GLN E 355 85.70 0.21 -20.26
CA GLN E 355 84.74 -0.22 -19.23
C GLN E 355 83.67 -1.16 -19.78
N LEU E 356 83.46 -1.11 -21.10
CA LEU E 356 82.44 -1.97 -21.75
C LEU E 356 82.99 -3.17 -22.53
N TYR E 357 84.31 -3.31 -22.61
CA TYR E 357 84.90 -4.44 -23.32
C TYR E 357 85.67 -5.30 -22.33
N GLU E 358 85.34 -6.58 -22.28
CA GLU E 358 85.98 -7.53 -21.37
C GLU E 358 87.18 -8.24 -21.97
N GLY E 359 87.83 -7.56 -22.91
CA GLY E 359 89.02 -8.11 -23.55
C GLY E 359 90.17 -7.11 -23.34
N PRO E 360 91.28 -7.25 -24.09
CA PRO E 360 92.42 -6.32 -23.93
C PRO E 360 92.04 -4.84 -24.20
N ALA E 361 92.43 -3.93 -23.31
CA ALA E 361 92.13 -2.50 -23.47
C ALA E 361 92.84 -1.92 -24.69
N ASP E 362 93.71 -2.73 -25.29
CA ASP E 362 94.47 -2.36 -26.49
C ASP E 362 94.07 -3.29 -27.64
N ASP E 363 93.12 -4.16 -27.37
CA ASP E 363 92.61 -5.12 -28.35
C ASP E 363 92.10 -4.38 -29.59
N ALA E 364 92.35 -4.96 -30.76
CA ALA E 364 91.92 -4.40 -32.04
C ALA E 364 90.52 -3.79 -31.94
N ASN E 365 89.63 -4.53 -31.27
CA ASN E 365 88.24 -4.11 -31.10
C ASN E 365 88.01 -3.03 -30.05
N CYS E 366 88.63 -3.14 -28.87
CA CYS E 366 88.42 -2.12 -27.82
C CYS E 366 88.80 -0.75 -28.37
N ILE E 367 89.80 -0.73 -29.23
CA ILE E 367 90.26 0.51 -29.86
C ILE E 367 89.14 0.97 -30.80
N ALA E 368 88.66 0.03 -31.62
CA ALA E 368 87.59 0.28 -32.58
C ALA E 368 86.39 0.89 -31.87
N ILE E 369 86.23 0.54 -30.59
CA ILE E 369 85.13 1.04 -29.77
C ILE E 369 85.37 2.49 -29.36
N LYS E 370 86.58 2.76 -28.83
CA LYS E 370 86.96 4.11 -28.41
C LYS E 370 86.82 5.08 -29.59
N ASN E 371 87.26 4.62 -30.77
CA ASN E 371 87.20 5.42 -31.99
C ASN E 371 85.86 5.34 -32.71
N CYS E 372 84.89 4.67 -32.10
CA CYS E 372 83.55 4.50 -32.68
C CYS E 372 83.70 4.37 -34.21
N ASP E 373 84.70 3.58 -34.60
CA ASP E 373 85.03 3.36 -36.00
C ASP E 373 84.08 2.41 -36.74
N PRO E 374 83.31 2.94 -37.71
CA PRO E 374 82.35 2.16 -38.51
C PRO E 374 82.99 1.28 -39.58
N LYS E 375 84.32 1.26 -39.61
CA LYS E 375 85.06 0.47 -40.61
C LYS E 375 85.58 -0.83 -40.01
N ALA E 376 85.87 -0.81 -38.70
CA ALA E 376 86.40 -1.97 -37.98
C ALA E 376 85.41 -3.13 -37.85
N ASP E 377 85.90 -4.26 -37.35
CA ASP E 377 85.07 -5.44 -37.15
C ASP E 377 83.83 -5.07 -36.34
N LEU E 378 82.73 -5.75 -36.60
CA LEU E 378 81.49 -5.47 -35.90
C LEU E 378 81.61 -5.70 -34.39
N MET E 379 80.89 -4.87 -33.66
CA MET E 379 80.86 -4.94 -32.20
C MET E 379 79.53 -4.31 -31.80
N LEU E 380 78.47 -5.08 -32.02
CA LEU E 380 77.13 -4.63 -31.71
C LEU E 380 76.70 -5.22 -30.36
N TYR E 381 76.11 -4.39 -29.51
CA TYR E 381 75.69 -4.88 -28.19
C TYR E 381 74.18 -5.04 -28.08
N VAL E 382 73.74 -6.26 -27.77
CA VAL E 382 72.33 -6.52 -27.63
C VAL E 382 71.97 -6.36 -26.16
N SER E 383 71.30 -5.26 -25.84
CA SER E 383 70.91 -4.99 -24.46
C SER E 383 69.69 -5.79 -24.02
N LYS E 384 68.77 -6.06 -24.94
CA LYS E 384 67.58 -6.83 -24.62
C LYS E 384 66.83 -7.31 -25.86
N MET E 385 65.99 -8.31 -25.68
CA MET E 385 65.17 -8.85 -26.76
C MET E 385 63.79 -8.24 -26.55
N VAL E 386 63.14 -7.80 -27.62
CA VAL E 386 61.80 -7.22 -27.49
C VAL E 386 60.76 -7.91 -28.38
N PRO E 387 59.59 -8.23 -27.79
CA PRO E 387 58.46 -8.89 -28.46
C PRO E 387 57.94 -8.16 -29.69
N THR E 388 57.60 -8.94 -30.71
CA THR E 388 57.08 -8.40 -31.97
C THR E 388 55.76 -9.07 -32.35
N SER E 389 54.97 -8.37 -33.16
CA SER E 389 53.69 -8.88 -33.61
C SER E 389 53.95 -10.02 -34.58
N ASP E 390 55.09 -9.95 -35.27
CA ASP E 390 55.47 -10.97 -36.24
C ASP E 390 55.73 -12.29 -35.52
N LYS E 391 54.67 -13.07 -35.32
CA LYS E 391 54.78 -14.35 -34.64
C LYS E 391 55.24 -14.14 -33.19
N GLY E 392 55.69 -15.21 -32.54
CA GLY E 392 56.18 -15.08 -31.18
C GLY E 392 57.65 -14.74 -31.24
N ARG E 393 58.04 -14.18 -32.39
CA ARG E 393 59.41 -13.79 -32.67
C ARG E 393 59.83 -12.56 -31.87
N PHE E 394 61.12 -12.48 -31.57
CA PHE E 394 61.69 -11.37 -30.82
C PHE E 394 62.79 -10.68 -31.62
N TYR E 395 62.85 -9.35 -31.49
CA TYR E 395 63.88 -8.57 -32.18
C TYR E 395 64.91 -8.09 -31.15
N ALA E 396 66.18 -8.24 -31.50
CA ALA E 396 67.26 -7.84 -30.62
C ALA E 396 67.44 -6.33 -30.61
N PHE E 397 67.46 -5.76 -29.41
CA PHE E 397 67.65 -4.33 -29.23
C PHE E 397 69.04 -4.07 -28.67
N GLY E 398 69.75 -3.13 -29.28
CA GLY E 398 71.08 -2.83 -28.82
C GLY E 398 71.72 -1.62 -29.45
N ARG E 399 73.04 -1.57 -29.36
CA ARG E 399 73.82 -0.46 -29.88
C ARG E 399 75.06 -0.95 -30.63
N VAL E 400 75.35 -0.29 -31.75
CA VAL E 400 76.51 -0.61 -32.59
C VAL E 400 77.71 0.17 -32.08
N PHE E 401 78.60 -0.51 -31.36
CA PHE E 401 79.78 0.14 -30.80
C PHE E 401 80.97 0.19 -31.75
N ALA E 402 80.93 -0.62 -32.80
CA ALA E 402 82.02 -0.64 -33.77
C ALA E 402 81.60 -1.32 -35.07
N GLY E 403 82.19 -0.88 -36.19
CA GLY E 403 81.85 -1.43 -37.48
C GLY E 403 80.43 -1.03 -37.83
N THR E 404 79.87 -1.65 -38.87
CA THR E 404 78.49 -1.35 -39.23
C THR E 404 77.75 -2.66 -39.50
N VAL E 405 76.52 -2.74 -39.01
CA VAL E 405 75.68 -3.93 -39.20
C VAL E 405 74.83 -3.67 -40.44
N LYS E 406 74.49 -4.73 -41.17
CA LYS E 406 73.67 -4.61 -42.37
C LYS E 406 72.85 -5.85 -42.70
N SER E 407 71.61 -5.63 -43.15
CA SER E 407 70.70 -6.71 -43.49
C SER E 407 71.44 -7.76 -44.32
N GLY E 408 71.25 -9.01 -43.95
CA GLY E 408 71.89 -10.08 -44.69
C GLY E 408 73.28 -10.40 -44.15
N GLN E 409 74.01 -9.38 -43.71
CA GLN E 409 75.34 -9.59 -43.17
C GLN E 409 75.36 -10.77 -42.20
N LYS E 410 76.34 -11.65 -42.34
CA LYS E 410 76.46 -12.81 -41.44
C LYS E 410 77.35 -12.39 -40.27
N VAL E 411 76.86 -12.63 -39.07
CA VAL E 411 77.55 -12.26 -37.84
C VAL E 411 77.78 -13.44 -36.87
N ARG E 412 78.78 -13.29 -36.01
CA ARG E 412 79.07 -14.31 -35.01
C ARG E 412 78.27 -13.88 -33.80
N ILE E 413 77.30 -14.69 -33.38
CA ILE E 413 76.51 -14.33 -32.23
C ILE E 413 77.12 -14.98 -30.99
N GLN E 414 77.88 -14.19 -30.24
CA GLN E 414 78.54 -14.70 -29.04
C GLN E 414 77.68 -14.51 -27.79
N GLY E 415 77.22 -15.63 -27.25
CA GLY E 415 76.39 -15.60 -26.06
C GLY E 415 77.14 -15.37 -24.76
N PRO E 416 76.44 -15.41 -23.63
CA PRO E 416 77.03 -15.22 -22.30
C PRO E 416 78.27 -16.06 -22.02
N ASN E 417 78.17 -17.36 -22.25
CA ASN E 417 79.29 -18.27 -21.97
C ASN E 417 80.45 -18.26 -22.96
N TYR E 418 80.26 -17.60 -24.10
CA TYR E 418 81.31 -17.57 -25.12
C TYR E 418 82.67 -17.03 -24.64
N VAL E 419 83.72 -17.61 -25.21
CA VAL E 419 85.10 -17.23 -24.93
C VAL E 419 85.86 -17.46 -26.24
N PRO E 420 86.57 -16.43 -26.73
CA PRO E 420 87.33 -16.50 -27.99
C PRO E 420 88.05 -17.85 -28.18
N GLY E 421 88.49 -18.44 -27.07
CA GLY E 421 89.19 -19.72 -27.11
C GLY E 421 88.38 -20.91 -27.59
N LYS E 422 87.32 -21.24 -26.86
CA LYS E 422 86.46 -22.38 -27.23
C LYS E 422 85.38 -21.94 -28.22
N LYS E 423 84.54 -22.89 -28.64
CA LYS E 423 83.46 -22.60 -29.58
C LYS E 423 82.08 -22.68 -28.92
N ASP E 424 82.08 -22.77 -27.60
CA ASP E 424 80.85 -22.85 -26.82
C ASP E 424 80.03 -21.57 -26.92
N ASP E 425 78.71 -21.74 -27.00
CA ASP E 425 77.77 -20.61 -27.05
C ASP E 425 77.96 -19.68 -28.26
N LEU E 426 78.43 -20.22 -29.38
CA LEU E 426 78.61 -19.41 -30.58
C LEU E 426 77.54 -19.79 -31.60
N PHE E 427 77.20 -18.86 -32.49
CA PHE E 427 76.18 -19.13 -33.50
C PHE E 427 76.41 -18.31 -34.75
N ILE E 428 77.37 -18.71 -35.58
CA ILE E 428 77.65 -17.98 -36.81
C ILE E 428 76.42 -17.97 -37.72
N LYS E 429 75.56 -16.95 -37.56
CA LYS E 429 74.35 -16.84 -38.36
C LYS E 429 74.26 -15.52 -39.13
N ALA E 430 73.32 -15.43 -40.05
CA ALA E 430 73.16 -14.22 -40.86
C ALA E 430 72.03 -13.31 -40.34
N ILE E 431 72.32 -12.01 -40.27
CA ILE E 431 71.34 -11.03 -39.81
C ILE E 431 70.23 -10.87 -40.85
N GLN E 432 69.08 -11.50 -40.60
CA GLN E 432 67.96 -11.42 -41.52
C GLN E 432 67.56 -10.00 -41.90
N ARG E 433 67.25 -9.18 -40.91
CA ARG E 433 66.82 -7.82 -41.20
C ARG E 433 67.22 -6.81 -40.11
N VAL E 434 67.76 -5.67 -40.52
CA VAL E 434 68.15 -4.61 -39.57
C VAL E 434 67.05 -3.55 -39.56
N VAL E 435 66.52 -3.24 -38.39
CA VAL E 435 65.44 -2.26 -38.31
C VAL E 435 65.58 -1.17 -37.24
N LEU E 436 65.02 0.00 -37.53
CA LEU E 436 65.04 1.13 -36.61
C LEU E 436 63.92 0.95 -35.60
N MET E 437 64.26 1.05 -34.32
CA MET E 437 63.26 0.90 -33.26
C MET E 437 62.42 2.17 -33.11
N MET E 438 61.55 2.42 -34.09
CA MET E 438 60.68 3.59 -34.09
C MET E 438 59.59 3.46 -33.03
N GLY E 439 60.00 3.33 -31.78
CA GLY E 439 59.04 3.20 -30.70
C GLY E 439 58.27 1.89 -30.76
N ARG E 440 57.07 1.95 -31.33
CA ARG E 440 56.22 0.76 -31.44
C ARG E 440 56.31 0.09 -32.80
N PHE E 441 56.79 0.83 -33.78
CA PHE E 441 56.93 0.33 -35.16
C PHE E 441 58.40 0.21 -35.56
N VAL E 442 58.66 -0.60 -36.57
CA VAL E 442 60.03 -0.81 -37.06
C VAL E 442 60.16 -0.37 -38.52
N GLU E 443 61.32 0.15 -38.88
CA GLU E 443 61.57 0.61 -40.24
C GLU E 443 62.86 0.02 -40.82
N PRO E 444 62.73 -0.98 -41.70
CA PRO E 444 63.90 -1.63 -42.31
C PRO E 444 64.96 -0.63 -42.80
N ILE E 445 66.21 -0.97 -42.56
CA ILE E 445 67.34 -0.15 -42.97
C ILE E 445 68.47 -1.06 -43.41
N ASP E 446 69.09 -0.76 -44.55
CA ASP E 446 70.18 -1.58 -45.05
C ASP E 446 71.21 -1.82 -43.97
N ASP E 447 72.05 -0.81 -43.73
CA ASP E 447 73.10 -0.91 -42.74
C ASP E 447 72.94 0.16 -41.67
N CYS E 448 73.80 0.07 -40.67
CA CYS E 448 73.78 1.02 -39.57
C CYS E 448 75.18 1.11 -39.01
N PRO E 449 75.79 2.30 -39.10
CA PRO E 449 77.16 2.54 -38.62
C PRO E 449 77.24 2.66 -37.09
N ALA E 450 78.44 2.43 -36.55
CA ALA E 450 78.67 2.50 -35.12
C ALA E 450 78.18 3.81 -34.50
N GLY E 451 77.68 3.71 -33.26
CA GLY E 451 77.20 4.88 -32.57
C GLY E 451 75.69 4.98 -32.44
N ASN E 452 74.95 4.18 -33.18
CA ASN E 452 73.50 4.28 -33.08
C ASN E 452 72.85 3.13 -32.33
N ILE E 453 71.58 3.33 -31.99
CA ILE E 453 70.77 2.33 -31.31
C ILE E 453 69.93 1.73 -32.44
N ILE E 454 70.10 0.44 -32.68
CA ILE E 454 69.39 -0.21 -33.76
C ILE E 454 68.81 -1.56 -33.33
N GLY E 455 67.92 -2.11 -34.15
CA GLY E 455 67.30 -3.40 -33.85
C GLY E 455 67.60 -4.45 -34.90
N LEU E 456 67.71 -5.72 -34.45
CA LEU E 456 68.01 -6.85 -35.34
C LEU E 456 66.91 -7.92 -35.38
N VAL E 457 66.65 -8.47 -36.56
CA VAL E 457 65.60 -9.46 -36.77
C VAL E 457 66.12 -10.83 -37.16
N GLY E 458 65.83 -11.83 -36.34
CA GLY E 458 66.27 -13.18 -36.62
C GLY E 458 67.35 -13.73 -35.72
N ILE E 459 67.42 -13.24 -34.48
CA ILE E 459 68.42 -13.71 -33.52
C ILE E 459 67.73 -14.38 -32.33
N ASP E 460 66.44 -14.09 -32.16
CA ASP E 460 65.64 -14.64 -31.07
C ASP E 460 65.96 -16.07 -30.65
N GLN E 461 66.36 -16.92 -31.59
CA GLN E 461 66.68 -18.32 -31.27
C GLN E 461 68.16 -18.56 -30.97
N PHE E 462 68.92 -17.50 -30.83
CA PHE E 462 70.34 -17.66 -30.55
C PHE E 462 70.72 -16.89 -29.29
N LEU E 463 70.02 -15.78 -29.06
CA LEU E 463 70.26 -14.93 -27.89
C LEU E 463 69.02 -14.90 -26.98
N LEU E 464 69.18 -15.41 -25.76
CA LEU E 464 68.06 -15.44 -24.82
C LEU E 464 67.57 -14.03 -24.54
N LYS E 465 68.50 -13.16 -24.12
CA LYS E 465 68.17 -11.77 -23.80
C LYS E 465 69.31 -10.82 -24.17
N THR E 466 70.49 -11.08 -23.63
CA THR E 466 71.66 -10.24 -23.86
C THR E 466 72.76 -10.97 -24.62
N GLY E 467 73.54 -10.23 -25.39
CA GLY E 467 74.62 -10.84 -26.15
C GLY E 467 75.47 -9.86 -26.95
N THR E 468 76.57 -10.36 -27.48
CA THR E 468 77.51 -9.55 -28.27
C THR E 468 77.66 -10.11 -29.69
N LEU E 469 77.48 -9.26 -30.69
CA LEU E 469 77.63 -9.68 -32.08
C LEU E 469 78.95 -9.13 -32.58
N THR E 470 79.74 -9.96 -33.26
CA THR E 470 81.04 -9.54 -33.80
C THR E 470 81.36 -10.10 -35.19
N THR E 471 82.54 -9.77 -35.69
CA THR E 471 83.02 -10.26 -36.99
C THR E 471 84.45 -10.74 -36.76
N SER E 472 85.10 -10.17 -35.74
CA SER E 472 86.47 -10.52 -35.36
C SER E 472 86.45 -11.85 -34.60
N GLU E 473 87.12 -12.85 -35.18
CA GLU E 473 87.16 -14.18 -34.59
C GLU E 473 87.86 -14.20 -33.23
N THR E 474 88.59 -13.13 -32.94
CA THR E 474 89.29 -12.99 -31.68
C THR E 474 88.64 -11.88 -30.87
N ALA E 475 87.33 -11.74 -31.00
CA ALA E 475 86.59 -10.71 -30.29
C ALA E 475 85.95 -11.24 -29.01
N HIS E 476 86.27 -10.60 -27.88
CA HIS E 476 85.70 -10.96 -26.58
C HIS E 476 84.29 -10.42 -26.51
N ASN E 477 83.57 -10.78 -25.44
CA ASN E 477 82.23 -10.30 -25.27
C ASN E 477 82.29 -8.98 -24.54
N MET E 478 81.34 -8.11 -24.84
CA MET E 478 81.30 -6.82 -24.19
C MET E 478 80.62 -7.00 -22.85
N LYS E 479 81.07 -6.24 -21.85
CA LYS E 479 80.51 -6.32 -20.51
C LYS E 479 79.10 -6.90 -20.59
N VAL E 480 79.03 -8.22 -20.42
CA VAL E 480 77.78 -8.95 -20.47
C VAL E 480 76.89 -8.61 -19.28
N MET E 481 75.59 -8.50 -19.54
CA MET E 481 74.66 -8.24 -18.46
C MET E 481 74.04 -9.57 -18.08
N LYS E 482 74.62 -10.25 -17.10
CA LYS E 482 74.13 -11.54 -16.63
C LYS E 482 72.61 -11.63 -16.47
N PHE E 483 72.04 -12.72 -17.01
CA PHE E 483 70.60 -12.98 -16.94
C PHE E 483 70.42 -14.49 -16.88
N SER E 484 69.57 -14.97 -16.00
CA SER E 484 69.34 -16.41 -15.93
C SER E 484 67.90 -16.73 -16.28
N VAL E 485 67.73 -17.81 -17.03
CA VAL E 485 66.40 -18.23 -17.46
C VAL E 485 65.89 -19.33 -16.53
N SER E 486 66.63 -19.59 -15.45
CA SER E 486 66.26 -20.64 -14.50
C SER E 486 65.01 -20.31 -13.70
N PRO E 487 63.91 -21.03 -13.96
CA PRO E 487 62.64 -20.81 -13.26
C PRO E 487 62.79 -21.27 -11.81
N VAL E 488 63.47 -20.49 -10.99
CA VAL E 488 63.67 -20.88 -9.60
C VAL E 488 62.55 -20.46 -8.66
N VAL E 489 61.51 -19.85 -9.20
CA VAL E 489 60.39 -19.39 -8.40
C VAL E 489 59.11 -19.52 -9.22
N GLN E 490 58.07 -20.09 -8.63
CA GLN E 490 56.82 -20.28 -9.36
C GLN E 490 55.56 -20.19 -8.52
N VAL E 491 54.41 -20.24 -9.19
CA VAL E 491 53.11 -20.16 -8.55
C VAL E 491 52.03 -20.86 -9.39
N ALA E 492 50.95 -21.26 -8.73
CA ALA E 492 49.85 -21.92 -9.41
C ALA E 492 48.77 -20.89 -9.73
N VAL E 493 48.25 -20.95 -10.95
CA VAL E 493 47.24 -20.00 -11.39
C VAL E 493 45.88 -20.63 -11.64
N GLU E 494 44.88 -20.16 -10.91
CA GLU E 494 43.51 -20.66 -11.04
C GLU E 494 42.56 -19.48 -11.26
N VAL E 495 41.42 -19.75 -11.91
CA VAL E 495 40.41 -18.73 -12.18
C VAL E 495 39.33 -18.75 -11.10
N LYS E 496 39.25 -17.67 -10.32
CA LYS E 496 38.23 -17.58 -9.27
C LYS E 496 36.86 -17.67 -9.94
N ASN E 497 36.85 -17.36 -11.23
CA ASN E 497 35.65 -17.41 -12.05
C ASN E 497 35.84 -18.51 -13.08
N ALA E 498 35.14 -19.64 -12.89
CA ALA E 498 35.23 -20.81 -13.76
C ALA E 498 34.84 -20.65 -15.23
N ASN E 499 33.95 -19.71 -15.52
CA ASN E 499 33.51 -19.47 -16.89
C ASN E 499 34.65 -18.84 -17.72
N ASP E 500 35.41 -17.95 -17.10
CA ASP E 500 36.52 -17.28 -17.79
C ASP E 500 37.74 -18.19 -17.90
N LEU E 501 37.54 -19.47 -17.62
CA LEU E 501 38.64 -20.45 -17.70
C LEU E 501 39.43 -20.35 -19.01
N PRO E 502 38.75 -20.38 -20.16
CA PRO E 502 39.41 -20.30 -21.47
C PRO E 502 40.37 -19.12 -21.62
N LYS E 503 39.94 -17.97 -21.08
CA LYS E 503 40.73 -16.74 -21.16
C LYS E 503 42.07 -16.86 -20.43
N LEU E 504 42.16 -17.78 -19.48
CA LEU E 504 43.40 -18.00 -18.72
C LEU E 504 44.36 -18.81 -19.59
N VAL E 505 43.82 -19.87 -20.18
CA VAL E 505 44.59 -20.76 -21.07
C VAL E 505 45.16 -19.91 -22.20
N GLU E 506 44.67 -18.69 -22.33
CA GLU E 506 45.12 -17.78 -23.37
C GLU E 506 46.15 -16.76 -22.90
N GLY E 507 45.84 -16.06 -21.80
CA GLY E 507 46.76 -15.08 -21.28
C GLY E 507 48.12 -15.68 -21.00
N LEU E 508 48.13 -16.88 -20.40
CA LEU E 508 49.36 -17.58 -20.07
C LEU E 508 50.26 -17.76 -21.29
N LYS E 509 49.71 -18.29 -22.39
CA LYS E 509 50.47 -18.48 -23.61
C LYS E 509 50.91 -17.11 -24.11
N ARG E 510 50.00 -16.14 -24.01
CA ARG E 510 50.26 -14.77 -24.44
C ARG E 510 51.36 -14.16 -23.58
N LEU E 511 51.48 -14.66 -22.34
CA LEU E 511 52.50 -14.21 -21.39
C LEU E 511 53.88 -14.76 -21.74
N SER E 512 53.93 -16.06 -22.06
CA SER E 512 55.18 -16.67 -22.44
C SER E 512 55.71 -16.08 -23.73
N LYS E 513 54.83 -15.44 -24.52
CA LYS E 513 55.28 -14.80 -25.76
C LYS E 513 55.85 -13.43 -25.43
N SER E 514 55.30 -12.79 -24.39
CA SER E 514 55.73 -11.45 -23.99
C SER E 514 57.05 -11.43 -23.20
N ASP E 515 57.47 -12.59 -22.70
CA ASP E 515 58.70 -12.65 -21.93
C ASP E 515 59.44 -13.98 -22.16
N PRO E 516 60.75 -13.92 -22.47
CA PRO E 516 61.57 -15.10 -22.73
C PRO E 516 61.85 -15.93 -21.48
N CYS E 517 61.98 -15.25 -20.34
CA CYS E 517 62.27 -15.89 -19.07
C CYS E 517 61.08 -16.36 -18.24
N VAL E 518 59.88 -15.87 -18.55
CA VAL E 518 58.72 -16.31 -17.79
C VAL E 518 58.38 -17.68 -18.36
N LEU E 519 57.82 -18.55 -17.52
CA LEU E 519 57.48 -19.89 -17.97
C LEU E 519 56.11 -20.34 -17.48
N THR E 520 55.25 -20.72 -18.44
CA THR E 520 53.90 -21.21 -18.12
C THR E 520 53.77 -22.64 -18.62
N TYR E 521 53.21 -23.51 -17.79
CA TYR E 521 53.06 -24.90 -18.17
C TYR E 521 52.04 -25.62 -17.31
N MET E 522 51.53 -26.73 -17.82
CA MET E 522 50.57 -27.52 -17.09
C MET E 522 51.28 -28.71 -16.45
N SER E 523 51.03 -28.92 -15.17
CA SER E 523 51.62 -30.03 -14.44
C SER E 523 50.70 -31.24 -14.60
N GLU E 524 51.10 -32.39 -14.07
CA GLU E 524 50.26 -33.57 -14.17
C GLU E 524 48.96 -33.37 -13.41
N SER E 525 49.03 -32.68 -12.27
CA SER E 525 47.83 -32.43 -11.49
C SER E 525 46.89 -31.50 -12.27
N GLY E 526 47.13 -31.39 -13.59
CA GLY E 526 46.34 -30.55 -14.46
C GLY E 526 46.41 -29.08 -14.10
N GLU E 527 47.37 -28.71 -13.25
CA GLU E 527 47.56 -27.32 -12.80
C GLU E 527 48.36 -26.43 -13.76
N HIS E 528 47.98 -25.16 -13.82
CA HIS E 528 48.67 -24.18 -14.64
C HIS E 528 49.72 -23.49 -13.77
N ILE E 529 50.94 -23.43 -14.25
CA ILE E 529 52.00 -22.79 -13.46
C ILE E 529 52.68 -21.63 -14.19
N VAL E 530 53.27 -20.74 -13.40
CA VAL E 530 53.99 -19.57 -13.89
C VAL E 530 55.25 -19.38 -13.04
N ALA E 531 56.42 -19.63 -13.63
CA ALA E 531 57.69 -19.51 -12.93
C ALA E 531 58.51 -18.35 -13.45
N GLY E 532 59.25 -17.71 -12.53
CA GLY E 532 60.08 -16.58 -12.90
C GLY E 532 61.53 -16.71 -12.45
N THR E 533 62.30 -15.66 -12.68
CA THR E 533 63.70 -15.63 -12.33
C THR E 533 63.95 -15.19 -10.90
N GLY E 534 63.02 -14.39 -10.36
CA GLY E 534 63.17 -13.90 -9.00
C GLY E 534 61.86 -13.46 -8.38
N GLU E 535 61.90 -13.07 -7.11
CA GLU E 535 60.69 -12.64 -6.43
C GLU E 535 59.93 -11.62 -7.26
N LEU E 536 60.59 -10.52 -7.55
CA LEU E 536 59.98 -9.46 -8.33
C LEU E 536 59.53 -9.95 -9.70
N HIS E 537 60.48 -10.43 -10.50
CA HIS E 537 60.19 -10.93 -11.85
C HIS E 537 58.88 -11.68 -11.90
N LEU E 538 58.69 -12.59 -10.95
CA LEU E 538 57.47 -13.36 -10.90
C LEU E 538 56.34 -12.42 -10.51
N GLU E 539 56.62 -11.56 -9.53
CA GLU E 539 55.62 -10.60 -9.07
C GLU E 539 55.01 -9.87 -10.27
N ILE E 540 55.85 -9.17 -11.02
CA ILE E 540 55.41 -8.43 -12.20
C ILE E 540 54.52 -9.28 -13.09
N CYS E 541 55.12 -10.31 -13.69
CA CYS E 541 54.41 -11.22 -14.60
C CYS E 541 53.00 -11.62 -14.16
N LEU E 542 52.79 -11.70 -12.84
CA LEU E 542 51.50 -12.06 -12.29
C LEU E 542 50.45 -10.96 -12.52
N GLN E 543 50.80 -9.73 -12.15
CA GLN E 543 49.91 -8.58 -12.32
C GLN E 543 49.49 -8.51 -13.79
N ASP E 544 50.49 -8.29 -14.65
CA ASP E 544 50.29 -8.18 -16.09
C ASP E 544 49.38 -9.26 -16.70
N LEU E 545 49.29 -10.42 -16.06
CA LEU E 545 48.46 -11.50 -16.56
C LEU E 545 47.00 -11.34 -16.12
N GLU E 546 46.80 -11.10 -14.82
CA GLU E 546 45.47 -10.93 -14.25
C GLU E 546 44.85 -9.60 -14.67
N HIS E 547 45.65 -8.74 -15.31
CA HIS E 547 45.17 -7.45 -15.73
C HIS E 547 45.01 -7.31 -17.25
N ASP E 548 45.95 -7.89 -18.00
CA ASP E 548 45.91 -7.80 -19.47
C ASP E 548 45.69 -9.15 -20.16
N HIS E 549 46.77 -9.91 -20.32
CA HIS E 549 46.77 -11.23 -20.96
C HIS E 549 45.46 -11.99 -20.86
N ALA E 550 44.97 -12.17 -19.63
CA ALA E 550 43.72 -12.88 -19.41
C ALA E 550 42.66 -11.93 -18.86
N GLY E 551 43.10 -10.97 -18.05
CA GLY E 551 42.20 -9.99 -17.46
C GLY E 551 41.06 -10.52 -16.60
N VAL E 552 41.20 -11.74 -16.10
CA VAL E 552 40.16 -12.36 -15.27
C VAL E 552 40.61 -12.48 -13.80
N PRO E 553 39.66 -12.43 -12.86
CA PRO E 553 40.01 -12.54 -11.44
C PRO E 553 40.65 -13.92 -11.14
N LEU E 554 41.98 -13.95 -11.11
CA LEU E 554 42.72 -15.18 -10.85
C LEU E 554 43.15 -15.35 -9.39
N LYS E 555 43.29 -16.60 -8.97
CA LYS E 555 43.69 -16.93 -7.60
C LYS E 555 45.07 -17.58 -7.65
N ILE E 556 46.06 -16.93 -7.04
CA ILE E 556 47.42 -17.45 -7.02
C ILE E 556 47.72 -18.15 -5.69
N SER E 557 48.96 -18.05 -5.24
CA SER E 557 49.38 -18.68 -3.99
C SER E 557 50.78 -18.16 -3.69
N PRO E 558 51.16 -18.17 -2.42
CA PRO E 558 52.49 -17.69 -2.02
C PRO E 558 53.62 -18.17 -2.94
N PRO E 559 54.78 -17.52 -2.86
CA PRO E 559 55.96 -17.87 -3.68
C PRO E 559 56.64 -19.16 -3.22
N VAL E 560 56.87 -20.06 -4.17
CA VAL E 560 57.53 -21.33 -3.88
C VAL E 560 58.82 -21.43 -4.66
N VAL E 561 59.87 -21.94 -4.00
CA VAL E 561 61.17 -22.12 -4.62
C VAL E 561 61.21 -23.47 -5.33
N ALA E 562 61.68 -23.47 -6.58
CA ALA E 562 61.77 -24.71 -7.34
C ALA E 562 62.97 -25.50 -6.84
N TYR E 563 62.78 -26.79 -6.62
CA TYR E 563 63.87 -27.65 -6.16
C TYR E 563 64.18 -28.71 -7.19
N ARG E 564 65.21 -29.51 -6.92
CA ARG E 564 65.62 -30.59 -7.81
C ARG E 564 65.73 -31.87 -7.04
N GLU E 565 65.37 -32.98 -7.66
CA GLU E 565 65.48 -34.28 -7.01
C GLU E 565 66.66 -34.99 -7.66
N THR E 566 67.63 -35.41 -6.85
CA THR E 566 68.81 -36.10 -7.37
C THR E 566 69.20 -37.28 -6.49
N VAL E 567 70.16 -38.09 -6.94
CA VAL E 567 70.63 -39.25 -6.20
C VAL E 567 72.09 -39.07 -5.85
N GLU E 568 72.50 -39.64 -4.72
CA GLU E 568 73.87 -39.52 -4.24
C GLU E 568 74.73 -40.75 -4.52
N SER E 569 74.12 -41.88 -4.85
CA SER E 569 74.91 -43.08 -5.15
C SER E 569 74.21 -44.01 -6.11
N GLU E 570 74.77 -45.21 -6.28
CA GLU E 570 74.15 -46.19 -7.18
C GLU E 570 73.04 -46.87 -6.39
N SER E 571 72.03 -47.36 -7.09
CA SER E 571 70.93 -48.00 -6.40
C SER E 571 71.43 -49.15 -5.54
N SER E 572 70.94 -49.18 -4.31
CA SER E 572 71.26 -50.19 -3.31
C SER E 572 71.22 -51.57 -3.94
N GLN E 573 70.24 -51.80 -4.80
CA GLN E 573 70.06 -53.07 -5.51
C GLN E 573 69.26 -52.81 -6.78
N THR E 574 69.30 -53.73 -7.72
CA THR E 574 68.55 -53.55 -8.96
C THR E 574 67.06 -53.30 -8.75
N ALA E 575 66.53 -52.36 -9.54
CA ALA E 575 65.11 -52.03 -9.45
C ALA E 575 64.42 -52.72 -10.60
N LEU E 576 63.24 -53.22 -10.31
CA LEU E 576 62.45 -53.94 -11.28
C LEU E 576 61.02 -53.48 -11.18
N SER E 577 60.30 -53.56 -12.28
CA SER E 577 58.91 -53.18 -12.33
C SER E 577 58.39 -53.92 -13.52
N LYS E 578 57.15 -54.39 -13.47
CA LYS E 578 56.61 -55.07 -14.64
C LYS E 578 55.33 -54.36 -15.02
N SER E 579 54.98 -54.42 -16.29
CA SER E 579 53.79 -53.76 -16.79
C SER E 579 52.55 -54.38 -16.15
N PRO E 580 51.38 -53.74 -16.33
CA PRO E 580 50.16 -54.32 -15.74
C PRO E 580 49.90 -55.72 -16.33
N ASN E 581 50.12 -55.88 -17.64
CA ASN E 581 49.97 -57.17 -18.34
C ASN E 581 50.57 -58.22 -17.45
N LYS E 582 51.74 -57.86 -16.94
CA LYS E 582 52.60 -58.69 -16.12
C LYS E 582 53.44 -59.42 -17.15
N HIS E 583 53.40 -58.93 -18.38
CA HIS E 583 54.15 -59.54 -19.48
C HIS E 583 55.47 -58.87 -19.81
N ASN E 584 55.69 -57.67 -19.31
CA ASN E 584 56.93 -56.99 -19.61
C ASN E 584 57.65 -56.58 -18.35
N ARG E 585 58.98 -56.64 -18.38
CA ARG E 585 59.78 -56.24 -17.22
C ARG E 585 60.93 -55.32 -17.60
N ILE E 586 61.26 -54.44 -16.68
CA ILE E 586 62.36 -53.53 -16.91
C ILE E 586 63.16 -53.56 -15.66
N TYR E 587 64.44 -53.86 -15.82
CA TYR E 587 65.36 -53.92 -14.70
C TYR E 587 66.35 -52.80 -14.95
N LEU E 588 66.56 -52.00 -13.92
CA LEU E 588 67.48 -50.88 -14.06
C LEU E 588 68.09 -50.46 -12.75
N LYS E 589 69.05 -49.56 -12.85
CA LYS E 589 69.71 -49.05 -11.69
C LYS E 589 69.99 -47.57 -11.94
N ALA E 590 69.98 -46.78 -10.89
CA ALA E 590 70.23 -45.36 -11.07
C ALA E 590 71.53 -44.99 -10.38
N GLU E 591 72.20 -43.97 -10.89
CA GLU E 591 73.45 -43.52 -10.27
C GLU E 591 73.57 -42.02 -10.58
N PRO E 592 74.42 -41.30 -9.83
CA PRO E 592 74.65 -39.86 -10.00
C PRO E 592 75.39 -39.43 -11.23
N ILE E 593 75.08 -38.24 -11.74
CA ILE E 593 75.81 -37.71 -12.88
C ILE E 593 76.74 -36.67 -12.21
N ASP E 594 77.97 -36.53 -12.71
CA ASP E 594 78.88 -35.55 -12.12
C ASP E 594 78.43 -34.11 -12.45
N GLU E 595 78.46 -33.24 -11.43
CA GLU E 595 78.06 -31.83 -11.59
C GLU E 595 78.70 -31.26 -12.84
N GLU E 596 79.91 -31.73 -13.15
CA GLU E 596 80.59 -31.28 -14.34
C GLU E 596 79.72 -31.58 -15.54
N VAL E 597 79.35 -32.85 -15.65
CA VAL E 597 78.55 -33.34 -16.78
C VAL E 597 77.18 -32.70 -16.81
N SER E 598 76.57 -32.50 -15.65
CA SER E 598 75.28 -31.86 -15.63
C SER E 598 75.46 -30.47 -16.24
N LEU E 599 76.36 -29.67 -15.67
CA LEU E 599 76.64 -28.33 -16.18
C LEU E 599 76.89 -28.43 -17.66
N ALA E 600 77.81 -29.31 -18.04
CA ALA E 600 78.15 -29.53 -19.44
C ALA E 600 76.89 -29.74 -20.28
N ILE E 601 75.95 -30.54 -19.75
CA ILE E 601 74.69 -30.81 -20.44
C ILE E 601 73.85 -29.55 -20.47
N GLU E 602 73.81 -28.86 -19.34
CA GLU E 602 73.06 -27.63 -19.21
C GLU E 602 73.61 -26.51 -20.07
N ASN E 603 74.92 -26.53 -20.32
CA ASN E 603 75.57 -25.49 -21.12
C ASN E 603 75.74 -25.91 -22.55
N GLY E 604 74.98 -26.90 -22.99
CA GLY E 604 75.10 -27.32 -24.38
C GLY E 604 76.30 -28.14 -24.83
N ILE E 605 77.36 -28.24 -24.01
CA ILE E 605 78.54 -29.02 -24.39
C ILE E 605 78.09 -30.42 -24.81
N ILE E 606 77.41 -31.10 -23.88
CA ILE E 606 76.85 -32.42 -24.14
C ILE E 606 75.47 -32.08 -24.67
N ASN E 607 75.26 -32.30 -25.96
CA ASN E 607 73.97 -31.94 -26.53
C ASN E 607 73.14 -33.09 -27.11
N PRO E 608 71.86 -33.14 -26.76
CA PRO E 608 70.89 -34.14 -27.20
C PRO E 608 70.82 -34.30 -28.71
N ARG E 609 71.07 -33.22 -29.44
CA ARG E 609 71.01 -33.22 -30.90
C ARG E 609 72.30 -33.63 -31.58
N ASP E 610 73.40 -33.67 -30.83
CA ASP E 610 74.68 -34.05 -31.41
C ASP E 610 74.64 -35.43 -32.02
N ASP E 611 75.69 -35.74 -32.79
CA ASP E 611 75.82 -37.04 -33.38
C ASP E 611 76.18 -37.87 -32.15
N PHE E 612 75.48 -38.98 -31.92
CA PHE E 612 75.81 -39.76 -30.73
C PHE E 612 77.30 -40.09 -30.56
N LYS E 613 78.00 -40.33 -31.66
CA LYS E 613 79.42 -40.66 -31.61
C LYS E 613 80.28 -39.49 -31.16
N ALA E 614 80.10 -38.34 -31.81
CA ALA E 614 80.85 -37.12 -31.48
C ALA E 614 80.69 -36.78 -30.00
N ARG E 615 79.46 -36.89 -29.53
CA ARG E 615 79.12 -36.61 -28.15
C ARG E 615 79.80 -37.62 -27.24
N ALA E 616 79.82 -38.88 -27.66
CA ALA E 616 80.43 -39.93 -26.87
C ALA E 616 81.91 -39.60 -26.72
N ARG E 617 82.54 -39.25 -27.85
CA ARG E 617 83.94 -38.88 -27.89
C ARG E 617 84.21 -37.77 -26.85
N ILE E 618 83.29 -36.82 -26.72
CA ILE E 618 83.46 -35.73 -25.76
C ILE E 618 83.27 -36.23 -24.34
N MET E 619 82.23 -37.02 -24.12
CA MET E 619 81.96 -37.56 -22.80
C MET E 619 83.04 -38.51 -22.34
N ALA E 620 83.63 -39.23 -23.28
CA ALA E 620 84.70 -40.16 -22.98
C ALA E 620 85.93 -39.37 -22.58
N ASP E 621 86.41 -38.56 -23.53
CA ASP E 621 87.61 -37.76 -23.38
C ASP E 621 87.63 -36.75 -22.24
N ASP E 622 86.72 -35.78 -22.29
CA ASP E 622 86.69 -34.73 -21.27
C ASP E 622 85.91 -35.01 -19.97
N TYR E 623 85.16 -36.10 -19.90
CA TYR E 623 84.39 -36.35 -18.69
C TYR E 623 84.51 -37.77 -18.18
N GLY E 624 85.51 -38.46 -18.69
CA GLY E 624 85.78 -39.82 -18.26
C GLY E 624 84.56 -40.69 -18.18
N TRP E 625 83.97 -40.95 -19.33
CA TRP E 625 82.80 -41.79 -19.44
C TRP E 625 83.24 -42.95 -20.33
N ASP E 626 82.59 -44.11 -20.19
CA ASP E 626 82.93 -45.23 -21.04
C ASP E 626 82.30 -44.94 -22.40
N VAL E 627 83.14 -44.65 -23.39
CA VAL E 627 82.65 -44.34 -24.74
C VAL E 627 81.58 -45.35 -25.16
N THR E 628 81.56 -46.48 -24.45
CA THR E 628 80.59 -47.55 -24.70
C THR E 628 79.20 -47.13 -24.25
N ASP E 629 79.11 -46.67 -23.01
CA ASP E 629 77.85 -46.23 -22.46
C ASP E 629 77.38 -44.99 -23.18
N ALA E 630 78.26 -44.02 -23.33
CA ALA E 630 77.91 -42.78 -23.97
C ALA E 630 77.26 -42.97 -25.34
N ARG E 631 77.75 -43.93 -26.11
CA ARG E 631 77.18 -44.18 -27.43
C ARG E 631 75.85 -44.86 -27.27
N LYS E 632 75.49 -45.19 -26.04
CA LYS E 632 74.22 -45.84 -25.82
C LYS E 632 73.24 -44.97 -25.04
N ILE E 633 73.42 -43.65 -25.12
CA ILE E 633 72.51 -42.73 -24.46
C ILE E 633 71.21 -42.86 -25.21
N TRP E 634 70.10 -42.99 -24.49
CA TRP E 634 68.80 -43.14 -25.13
C TRP E 634 68.04 -41.83 -25.16
N CYS E 635 68.26 -40.99 -24.17
CA CYS E 635 67.58 -39.73 -24.13
C CYS E 635 67.98 -38.94 -22.91
N PHE E 636 67.76 -37.63 -22.97
CA PHE E 636 68.04 -36.72 -21.87
C PHE E 636 66.66 -36.35 -21.29
N GLY E 637 66.64 -35.68 -20.15
CA GLY E 637 65.37 -35.30 -19.58
C GLY E 637 65.41 -34.38 -18.37
N PRO E 638 64.34 -33.63 -18.10
CA PRO E 638 63.07 -33.55 -18.81
C PRO E 638 63.20 -32.88 -20.14
N ASP E 639 62.05 -32.66 -20.77
CA ASP E 639 61.97 -31.96 -22.04
C ASP E 639 63.03 -32.38 -23.03
N GLY E 640 63.28 -33.69 -23.12
CA GLY E 640 64.26 -34.19 -24.05
C GLY E 640 65.70 -33.69 -23.94
N ASN E 641 65.97 -32.75 -23.03
CA ASN E 641 67.33 -32.22 -22.90
C ASN E 641 67.84 -31.96 -21.49
N GLY E 642 67.05 -32.25 -20.46
CA GLY E 642 67.52 -32.00 -19.10
C GLY E 642 68.79 -32.75 -18.75
N PRO E 643 69.41 -32.42 -17.60
CA PRO E 643 70.63 -33.13 -17.23
C PRO E 643 70.38 -34.48 -16.53
N ASN E 644 69.69 -35.37 -17.22
CA ASN E 644 69.42 -36.73 -16.71
C ASN E 644 69.44 -37.66 -17.92
N LEU E 645 70.09 -38.80 -17.78
CA LEU E 645 70.23 -39.71 -18.91
C LEU E 645 69.71 -41.11 -18.70
N VAL E 646 69.51 -41.79 -19.83
CA VAL E 646 69.10 -43.18 -19.82
C VAL E 646 70.14 -43.88 -20.70
N ILE E 647 70.87 -44.79 -20.10
CA ILE E 647 71.86 -45.52 -20.87
C ILE E 647 71.34 -46.92 -21.05
N ASP E 648 71.37 -47.42 -22.29
CA ASP E 648 70.90 -48.77 -22.58
C ASP E 648 71.99 -49.78 -22.35
N GLN E 649 71.96 -50.47 -21.22
CA GLN E 649 72.98 -51.46 -20.96
C GLN E 649 72.44 -52.88 -21.11
N THR E 650 71.34 -53.02 -21.82
CA THR E 650 70.76 -54.34 -22.00
C THR E 650 71.66 -55.17 -22.88
N LYS E 651 71.64 -56.48 -22.71
CA LYS E 651 72.43 -57.38 -23.56
C LYS E 651 71.45 -58.33 -24.23
N ALA E 652 71.41 -58.32 -25.57
CA ALA E 652 70.57 -59.24 -26.34
C ALA E 652 69.07 -59.27 -26.06
N VAL E 653 68.44 -58.12 -25.96
CA VAL E 653 67.01 -58.10 -25.69
C VAL E 653 66.28 -57.91 -27.00
N GLN E 654 65.67 -58.96 -27.54
CA GLN E 654 64.96 -58.80 -28.80
C GLN E 654 63.78 -57.85 -28.68
N TYR E 655 63.56 -57.09 -29.76
CA TYR E 655 62.49 -56.12 -29.85
C TYR E 655 62.77 -54.84 -29.06
N LEU E 656 63.84 -54.83 -28.30
CA LEU E 656 64.15 -53.67 -27.47
C LEU E 656 63.81 -52.33 -28.10
N HIS E 657 64.26 -52.13 -29.34
CA HIS E 657 64.00 -50.86 -30.01
C HIS E 657 62.53 -50.54 -30.14
N GLU E 658 61.70 -51.56 -30.07
CA GLU E 658 60.28 -51.37 -30.20
C GLU E 658 59.60 -50.76 -28.99
N ILE E 659 60.31 -50.62 -27.87
CA ILE E 659 59.72 -50.02 -26.68
C ILE E 659 60.48 -48.76 -26.33
N LYS E 660 61.49 -48.41 -27.13
CA LYS E 660 62.33 -47.25 -26.88
C LYS E 660 61.58 -45.95 -26.74
N ASP E 661 60.73 -45.61 -27.71
CA ASP E 661 59.99 -44.36 -27.62
C ASP E 661 59.16 -44.32 -26.33
N SER E 662 58.62 -45.47 -25.95
CA SER E 662 57.85 -45.59 -24.71
C SER E 662 58.76 -45.32 -23.52
N VAL E 663 59.92 -45.98 -23.52
CA VAL E 663 60.90 -45.82 -22.43
C VAL E 663 61.29 -44.36 -22.32
N VAL E 664 61.64 -43.77 -23.45
CA VAL E 664 62.03 -42.38 -23.44
C VAL E 664 60.89 -41.53 -22.92
N ALA E 665 59.68 -41.80 -23.39
CA ALA E 665 58.49 -41.07 -22.93
C ALA E 665 58.38 -41.19 -21.40
N ALA E 666 58.35 -42.42 -20.90
CA ALA E 666 58.25 -42.61 -19.47
C ALA E 666 59.34 -41.83 -18.75
N PHE E 667 60.54 -41.79 -19.32
CA PHE E 667 61.65 -41.12 -18.67
C PHE E 667 61.46 -39.60 -18.54
N GLN E 668 60.84 -39.00 -19.57
CA GLN E 668 60.59 -37.56 -19.61
C GLN E 668 59.65 -37.19 -18.49
N TRP E 669 58.73 -38.08 -18.15
CA TRP E 669 57.82 -37.76 -17.07
C TRP E 669 58.48 -38.02 -15.73
N ALA E 670 59.22 -39.12 -15.62
CA ALA E 670 59.91 -39.43 -14.38
C ALA E 670 60.90 -38.33 -13.99
N THR E 671 61.60 -37.77 -14.97
CA THR E 671 62.54 -36.71 -14.65
C THR E 671 61.83 -35.36 -14.46
N LYS E 672 60.65 -35.22 -15.07
CA LYS E 672 59.91 -33.96 -14.93
C LYS E 672 59.38 -33.83 -13.51
N GLU E 673 58.85 -34.90 -12.96
CA GLU E 673 58.34 -34.89 -11.60
C GLU E 673 58.75 -36.15 -10.86
N GLY E 674 59.84 -36.03 -10.11
CA GLY E 674 60.38 -37.15 -9.37
C GLY E 674 59.56 -37.51 -8.17
N PRO E 675 59.77 -38.71 -7.59
CA PRO E 675 59.13 -39.33 -6.44
C PRO E 675 59.30 -38.70 -5.07
N ILE E 676 60.26 -37.80 -4.88
CA ILE E 676 60.39 -37.23 -3.55
C ILE E 676 59.24 -36.27 -3.28
N PHE E 677 59.04 -35.30 -4.14
CA PHE E 677 57.91 -34.39 -3.97
C PHE E 677 57.55 -33.68 -5.26
N GLY E 678 57.55 -34.44 -6.34
CA GLY E 678 57.20 -33.91 -7.65
C GLY E 678 58.16 -32.96 -8.32
N GLU E 679 59.28 -32.61 -7.67
CA GLU E 679 60.24 -31.69 -8.28
C GLU E 679 61.06 -32.38 -9.36
N GLU E 680 61.62 -31.59 -10.28
CA GLU E 680 62.43 -32.14 -11.35
C GLU E 680 63.65 -32.90 -10.84
N MET E 681 64.11 -33.88 -11.62
CA MET E 681 65.27 -34.64 -11.25
C MET E 681 66.45 -33.95 -11.89
N ARG E 682 67.61 -34.08 -11.28
CA ARG E 682 68.79 -33.47 -11.83
C ARG E 682 70.01 -34.31 -11.60
N SER E 683 70.78 -34.51 -12.65
CA SER E 683 71.99 -35.29 -12.53
C SER E 683 71.68 -36.72 -12.11
N VAL E 684 70.67 -37.33 -12.74
CA VAL E 684 70.35 -38.70 -12.40
C VAL E 684 70.57 -39.51 -13.64
N ARG E 685 71.35 -40.58 -13.46
CA ARG E 685 71.67 -41.49 -14.54
C ARG E 685 70.89 -42.79 -14.33
N VAL E 686 70.36 -43.33 -15.41
CA VAL E 686 69.56 -44.53 -15.32
C VAL E 686 70.05 -45.55 -16.34
N ASN E 687 70.58 -46.66 -15.83
CA ASN E 687 71.10 -47.69 -16.70
C ASN E 687 70.14 -48.86 -16.78
N ILE E 688 69.63 -49.12 -17.96
CA ILE E 688 68.73 -50.23 -18.13
C ILE E 688 69.59 -51.49 -18.21
N LEU E 689 69.45 -52.35 -17.20
CA LEU E 689 70.23 -53.59 -17.14
C LEU E 689 69.60 -54.72 -17.90
N ASP E 690 68.29 -54.79 -17.84
CA ASP E 690 67.61 -55.83 -18.56
C ASP E 690 66.14 -55.55 -18.86
N VAL E 691 65.63 -56.31 -19.81
CA VAL E 691 64.25 -56.19 -20.23
C VAL E 691 63.70 -57.52 -20.73
N THR E 692 62.43 -57.77 -20.46
CA THR E 692 61.78 -58.98 -20.94
C THR E 692 60.50 -58.43 -21.52
N LEU E 693 60.23 -58.77 -22.77
CA LEU E 693 59.05 -58.28 -23.45
C LEU E 693 58.14 -59.39 -23.98
N HIS E 694 56.85 -59.09 -24.11
CA HIS E 694 55.93 -60.05 -24.67
C HIS E 694 56.28 -60.16 -26.15
N ALA E 695 56.28 -61.36 -26.71
CA ALA E 695 56.63 -61.48 -28.11
C ALA E 695 55.71 -60.66 -29.00
N ASP E 696 54.44 -60.52 -28.62
CA ASP E 696 53.50 -59.75 -29.45
C ASP E 696 53.46 -58.27 -29.09
N ALA E 697 53.68 -57.42 -30.09
CA ALA E 697 53.71 -55.98 -29.85
C ALA E 697 52.47 -55.44 -29.16
N ILE E 698 51.33 -56.05 -29.46
CA ILE E 698 50.04 -55.64 -28.92
C ILE E 698 50.14 -55.51 -27.40
N DDE E 699 50.89 -56.43 -26.79
CA DDE E 699 51.08 -56.44 -25.36
C DDE E 699 52.21 -55.58 -24.82
O DDE E 699 52.43 -55.55 -23.61
CB DDE E 699 51.29 -57.89 -24.91
CG DDE E 699 50.09 -58.74 -25.14
ND1 DDE E 699 48.87 -58.41 -24.63
CD2 DDE E 699 49.92 -59.92 -25.81
CE1 DDE E 699 47.98 -59.33 -24.97
NE2 DDE E 699 48.60 -60.25 -25.69
NAD DDE E 699 42.41 -59.74 -26.38
CBI DDE E 699 43.25 -59.82 -25.34
OAG DDE E 699 43.74 -60.87 -24.83
CBW DDE E 699 43.68 -58.48 -24.67
NCB DDE E 699 43.15 -57.17 -25.23
CAB DDE E 699 44.20 -56.13 -24.98
CAC DDE E 699 42.88 -57.20 -26.72
CAA DDE E 699 41.88 -56.75 -24.53
CAU DDE E 699 45.22 -58.47 -24.75
CAT DDE E 699 46.48 -59.33 -24.59
N ARG E 700 52.93 -54.89 -25.70
CA ARG E 700 54.04 -54.03 -25.28
C ARG E 700 53.81 -52.56 -25.63
N GLY E 701 52.56 -52.19 -25.88
CA GLY E 701 52.27 -50.82 -26.22
C GLY E 701 52.58 -49.81 -25.14
N GLY E 702 52.41 -48.54 -25.49
CA GLY E 702 52.70 -47.44 -24.59
C GLY E 702 52.08 -47.58 -23.22
N GLY E 703 50.80 -47.92 -23.19
CA GLY E 703 50.10 -48.06 -21.93
C GLY E 703 50.78 -49.04 -20.98
N GLN E 704 51.39 -50.07 -21.57
CA GLN E 704 52.07 -51.05 -20.76
C GLN E 704 53.48 -50.64 -20.37
N ILE E 705 54.33 -50.33 -21.34
CA ILE E 705 55.71 -49.99 -21.02
C ILE E 705 55.92 -48.69 -20.23
N ILE E 706 55.18 -47.65 -20.61
CA ILE E 706 55.35 -46.37 -19.95
C ILE E 706 55.35 -46.35 -18.42
N PRO E 707 54.29 -46.90 -17.79
CA PRO E 707 54.29 -46.87 -16.32
C PRO E 707 55.44 -47.77 -15.77
N THR E 708 55.72 -48.86 -16.47
CA THR E 708 56.78 -49.76 -16.04
C THR E 708 58.09 -48.97 -15.88
N MET E 709 58.52 -48.35 -16.98
CA MET E 709 59.74 -47.56 -17.01
C MET E 709 59.75 -46.48 -15.93
N ARG E 710 58.64 -45.75 -15.80
CA ARG E 710 58.51 -44.71 -14.80
C ARG E 710 58.64 -45.29 -13.40
N ARG E 711 57.98 -46.40 -13.14
CA ARG E 711 58.07 -46.95 -11.80
C ARG E 711 59.43 -47.61 -11.57
N ALA E 712 59.98 -48.24 -12.59
CA ALA E 712 61.29 -48.83 -12.39
C ALA E 712 62.22 -47.67 -12.00
N THR E 713 62.17 -46.59 -12.79
CA THR E 713 62.98 -45.42 -12.52
C THR E 713 62.78 -44.86 -11.11
N TYR E 714 61.53 -44.68 -10.69
CA TYR E 714 61.26 -44.17 -9.36
C TYR E 714 61.87 -45.15 -8.36
N ALA E 715 61.64 -46.44 -8.62
CA ALA E 715 62.17 -47.48 -7.75
C ALA E 715 63.68 -47.35 -7.70
N GLY E 716 64.30 -47.32 -8.88
CA GLY E 716 65.75 -47.20 -8.94
C GLY E 716 66.26 -46.01 -8.16
N PHE E 717 65.71 -44.84 -8.49
CA PHE E 717 66.05 -43.56 -7.90
C PHE E 717 65.96 -43.60 -6.39
N LEU E 718 64.82 -44.05 -5.87
CA LEU E 718 64.61 -44.11 -4.42
C LEU E 718 65.64 -44.98 -3.73
N LEU E 719 66.19 -45.93 -4.49
CA LEU E 719 67.18 -46.88 -4.00
C LEU E 719 68.58 -46.35 -4.12
N ALA E 720 68.75 -45.25 -4.87
CA ALA E 720 70.06 -44.67 -5.12
C ALA E 720 70.46 -43.58 -4.15
N ASP E 721 69.94 -43.66 -2.93
CA ASP E 721 70.23 -42.70 -1.87
C ASP E 721 69.81 -41.29 -2.29
N PRO E 722 68.51 -40.99 -2.20
CA PRO E 722 67.89 -39.72 -2.55
C PRO E 722 68.39 -38.50 -1.80
N LYS E 723 68.35 -37.37 -2.48
CA LYS E 723 68.74 -36.08 -1.93
C LYS E 723 68.09 -35.01 -2.79
N ILE E 724 67.89 -33.82 -2.23
CA ILE E 724 67.30 -32.73 -2.99
C ILE E 724 68.27 -31.56 -3.10
N GLN E 725 68.24 -30.88 -4.24
CA GLN E 725 69.12 -29.72 -4.46
C GLN E 725 68.29 -28.42 -4.37
N GLU E 726 68.89 -27.38 -3.81
CA GLU E 726 68.22 -26.09 -3.69
C GLU E 726 68.94 -25.09 -4.60
N PRO E 727 68.22 -24.10 -5.13
CA PRO E 727 68.83 -23.10 -6.01
C PRO E 727 69.58 -22.02 -5.20
N VAL E 728 70.64 -21.48 -5.78
CA VAL E 728 71.45 -20.46 -5.12
C VAL E 728 71.85 -19.31 -6.05
N PHE E 729 71.86 -18.09 -5.50
CA PHE E 729 72.22 -16.89 -6.26
C PHE E 729 73.66 -16.45 -6.03
N LEU E 730 74.31 -15.99 -7.10
CA LEU E 730 75.67 -15.47 -7.00
C LEU E 730 75.44 -13.98 -6.96
N VAL E 731 75.59 -13.39 -5.77
CA VAL E 731 75.37 -11.96 -5.57
C VAL E 731 76.67 -11.14 -5.42
N GLU E 732 76.86 -10.22 -6.37
CA GLU E 732 78.00 -9.30 -6.41
C GLU E 732 77.59 -7.96 -5.82
N ILE E 733 78.41 -7.43 -4.92
CA ILE E 733 78.10 -6.16 -4.26
C ILE E 733 79.22 -5.11 -4.26
N GLN E 734 78.84 -3.86 -4.55
CA GLN E 734 79.77 -2.72 -4.56
C GLN E 734 79.50 -1.95 -3.29
N CYS E 735 80.54 -1.59 -2.55
CA CYS E 735 80.29 -0.86 -1.32
C CYS E 735 81.53 -0.29 -0.67
N PRO E 736 81.42 0.93 -0.14
CA PRO E 736 82.53 1.62 0.53
C PRO E 736 83.04 0.76 1.68
N GLU E 737 84.36 0.59 1.74
CA GLU E 737 84.99 -0.21 2.78
C GLU E 737 84.35 0.00 4.16
N GLN E 738 83.81 1.19 4.38
CA GLN E 738 83.16 1.54 5.65
C GLN E 738 81.88 0.74 5.89
N ALA E 739 81.05 0.61 4.84
CA ALA E 739 79.80 -0.11 4.94
C ALA E 739 79.85 -1.60 4.55
N VAL E 740 81.03 -2.09 4.13
CA VAL E 740 81.19 -3.50 3.77
C VAL E 740 80.82 -4.41 4.96
N GLY E 741 80.85 -3.84 6.17
CA GLY E 741 80.52 -4.61 7.36
C GLY E 741 79.08 -5.07 7.31
N GLY E 742 78.17 -4.15 6.95
CA GLY E 742 76.76 -4.47 6.86
C GLY E 742 76.50 -5.65 5.95
N ILE E 743 77.41 -5.85 4.99
CA ILE E 743 77.30 -6.97 4.05
C ILE E 743 77.33 -8.25 4.88
N TYR E 744 78.54 -8.65 5.25
CA TYR E 744 78.73 -9.85 6.05
C TYR E 744 77.68 -9.96 7.16
N SER E 745 77.18 -8.82 7.62
CA SER E 745 76.16 -8.80 8.67
C SER E 745 74.88 -9.51 8.22
N VAL E 746 74.39 -9.16 7.04
CA VAL E 746 73.17 -9.78 6.52
C VAL E 746 73.41 -11.18 5.90
N LEU E 747 74.57 -11.40 5.31
CA LEU E 747 74.89 -12.71 4.70
C LEU E 747 74.90 -13.87 5.70
N ASN E 748 75.24 -13.56 6.96
CA ASN E 748 75.28 -14.60 7.99
C ASN E 748 73.92 -14.79 8.64
N LYS E 749 72.90 -14.17 8.07
CA LYS E 749 71.54 -14.29 8.57
C LYS E 749 70.62 -14.76 7.44
N LYS E 750 71.27 -15.21 6.37
CA LYS E 750 70.59 -15.71 5.16
C LYS E 750 71.26 -16.98 4.61
N ARG E 751 72.27 -17.47 5.30
CA ARG E 751 73.01 -18.66 4.88
C ARG E 751 73.85 -18.31 3.66
N GLY E 752 74.32 -17.06 3.62
CA GLY E 752 75.14 -16.60 2.51
C GLY E 752 76.57 -17.10 2.63
N GLN E 753 77.23 -17.30 1.50
CA GLN E 753 78.60 -17.78 1.49
C GLN E 753 79.47 -16.85 0.67
N VAL E 754 80.42 -16.19 1.32
CA VAL E 754 81.30 -15.26 0.62
C VAL E 754 82.30 -16.01 -0.26
N VAL E 755 82.26 -15.72 -1.56
CA VAL E 755 83.14 -16.34 -2.55
C VAL E 755 84.44 -15.57 -2.68
N SER E 756 84.34 -14.25 -2.69
CA SER E 756 85.51 -13.38 -2.82
C SER E 756 85.20 -11.90 -2.56
N GLU E 757 86.18 -11.20 -1.98
CA GLU E 757 86.06 -9.77 -1.68
C GLU E 757 87.30 -9.03 -2.19
N GLU E 758 87.09 -8.06 -3.07
CA GLU E 758 88.20 -7.29 -3.61
C GLU E 758 88.00 -5.79 -3.51
N GLN E 759 89.09 -5.04 -3.69
CA GLN E 759 89.06 -3.59 -3.61
C GLN E 759 89.52 -2.96 -4.92
N ARG E 760 88.97 -1.80 -5.21
CA ARG E 760 89.33 -1.06 -6.41
C ARG E 760 90.65 -0.38 -6.05
N PRO E 761 91.73 -0.67 -6.81
CA PRO E 761 93.05 -0.10 -6.56
C PRO E 761 93.10 1.24 -5.79
N GLY E 762 92.60 2.30 -6.41
CA GLY E 762 92.60 3.61 -5.78
C GLY E 762 91.53 3.89 -4.73
N THR E 763 90.26 3.86 -5.14
CA THR E 763 89.14 4.12 -4.24
C THR E 763 88.95 3.11 -3.11
N PRO E 764 88.16 3.49 -2.08
CA PRO E 764 87.88 2.62 -0.92
C PRO E 764 86.66 1.73 -1.24
N LEU E 765 86.42 1.53 -2.53
CA LEU E 765 85.29 0.74 -3.00
C LEU E 765 85.54 -0.76 -3.12
N PHE E 766 85.08 -1.50 -2.11
CA PHE E 766 85.24 -2.95 -2.11
C PHE E 766 84.20 -3.56 -3.06
N THR E 767 84.39 -4.83 -3.39
CA THR E 767 83.49 -5.56 -4.26
C THR E 767 83.39 -7.01 -3.80
N VAL E 768 82.43 -7.25 -2.92
CA VAL E 768 82.19 -8.57 -2.35
C VAL E 768 81.30 -9.46 -3.23
N LYS E 769 81.70 -10.74 -3.34
CA LYS E 769 80.95 -11.72 -4.11
C LYS E 769 80.64 -12.92 -3.21
N ALA E 770 79.36 -13.29 -3.13
CA ALA E 770 78.95 -14.42 -2.29
C ALA E 770 77.72 -15.15 -2.86
N TYR E 771 77.45 -16.35 -2.33
CA TYR E 771 76.31 -17.13 -2.78
C TYR E 771 75.13 -16.94 -1.83
N LEU E 772 73.96 -16.72 -2.39
CA LEU E 772 72.77 -16.54 -1.58
C LEU E 772 71.63 -17.50 -1.96
N PRO E 773 71.20 -18.33 -1.00
CA PRO E 773 70.13 -19.30 -1.21
C PRO E 773 68.87 -18.60 -1.69
N VAL E 774 68.38 -18.98 -2.87
CA VAL E 774 67.18 -18.34 -3.43
C VAL E 774 65.99 -18.28 -2.48
N ASN E 775 65.84 -19.29 -1.64
CA ASN E 775 64.71 -19.28 -0.72
C ASN E 775 65.04 -18.47 0.54
N GLU E 776 66.18 -17.77 0.49
CA GLU E 776 66.67 -16.95 1.60
C GLU E 776 66.88 -15.50 1.15
N SER E 777 66.49 -15.21 -0.09
CA SER E 777 66.69 -13.88 -0.65
C SER E 777 65.45 -12.98 -0.71
N PHE E 778 64.35 -13.42 -0.12
CA PHE E 778 63.12 -12.62 -0.13
C PHE E 778 63.22 -11.35 0.71
N GLY E 779 63.11 -10.20 0.05
CA GLY E 779 63.21 -8.92 0.71
C GLY E 779 64.65 -8.66 1.08
N PHE E 780 65.56 -9.37 0.42
CA PHE E 780 67.00 -9.24 0.65
C PHE E 780 67.50 -7.79 0.56
N THR E 781 67.27 -7.16 -0.60
CA THR E 781 67.68 -5.78 -0.79
C THR E 781 67.15 -4.92 0.37
N GLY E 782 65.85 -5.06 0.65
CA GLY E 782 65.23 -4.31 1.72
C GLY E 782 66.10 -4.31 2.95
N GLU E 783 66.63 -5.49 3.30
CA GLU E 783 67.49 -5.66 4.48
C GLU E 783 68.93 -5.16 4.31
N LEU E 784 69.45 -5.25 3.08
CA LEU E 784 70.82 -4.78 2.81
C LEU E 784 70.84 -3.25 2.77
N ARG E 785 69.69 -2.65 2.46
CA ARG E 785 69.52 -1.20 2.39
C ARG E 785 69.93 -0.63 3.72
N GLN E 786 69.17 -1.05 4.70
CA GLN E 786 69.30 -0.63 6.06
C GLN E 786 70.61 -1.09 6.74
N ALA E 787 71.13 -2.22 6.30
CA ALA E 787 72.39 -2.76 6.84
C ALA E 787 73.64 -1.92 6.56
N THR E 788 73.86 -1.61 5.29
CA THR E 788 75.03 -0.82 4.88
C THR E 788 74.75 0.67 4.65
N GLY E 789 73.74 1.19 5.32
CA GLY E 789 73.39 2.60 5.18
C GLY E 789 72.95 3.04 3.79
N GLY E 790 72.64 2.08 2.91
CA GLY E 790 72.19 2.41 1.56
C GLY E 790 73.28 2.69 0.52
N GLN E 791 74.54 2.56 0.90
CA GLN E 791 75.67 2.81 0.00
C GLN E 791 75.96 1.56 -0.83
N ALA E 792 75.44 0.42 -0.39
CA ALA E 792 75.69 -0.84 -1.07
C ALA E 792 74.91 -1.01 -2.37
N PHE E 793 75.60 -1.42 -3.42
CA PHE E 793 74.96 -1.66 -4.70
C PHE E 793 74.88 -3.17 -5.00
N PRO E 794 73.74 -3.81 -4.65
CA PRO E 794 73.48 -5.24 -4.86
C PRO E 794 73.40 -5.63 -6.32
N GLN E 795 73.64 -6.91 -6.58
CA GLN E 795 73.61 -7.44 -7.93
C GLN E 795 73.62 -8.96 -7.80
N MET E 796 72.57 -9.63 -8.29
CA MET E 796 72.54 -11.10 -8.20
C MET E 796 71.82 -11.85 -9.32
N VAL E 797 72.44 -12.95 -9.74
CA VAL E 797 71.92 -13.81 -10.80
C VAL E 797 71.85 -15.26 -10.28
N PHE E 798 71.05 -16.10 -10.92
CA PHE E 798 70.99 -17.49 -10.50
C PHE E 798 72.37 -18.07 -10.81
N ASP E 799 72.94 -18.83 -9.88
CA ASP E 799 74.26 -19.40 -10.13
C ASP E 799 74.35 -20.92 -10.16
N HIS E 800 73.89 -21.59 -9.12
CA HIS E 800 73.99 -23.05 -9.08
C HIS E 800 73.00 -23.76 -8.13
N TRP E 801 73.01 -25.09 -8.17
CA TRP E 801 72.17 -25.93 -7.32
C TRP E 801 73.04 -26.48 -6.20
N SER E 802 72.47 -26.66 -5.02
CA SER E 802 73.24 -27.20 -3.93
C SER E 802 72.47 -28.33 -3.28
N THR E 803 73.13 -29.47 -3.22
CA THR E 803 72.54 -30.66 -2.65
C THR E 803 72.54 -30.63 -1.14
N LEU E 804 71.37 -30.43 -0.53
CA LEU E 804 71.29 -30.42 0.92
C LEU E 804 71.83 -31.76 1.41
N GLY E 805 72.49 -31.75 2.57
CA GLY E 805 73.05 -32.98 3.11
C GLY E 805 71.99 -33.85 3.74
N SER E 806 71.13 -33.22 4.54
CA SER E 806 70.04 -33.90 5.23
C SER E 806 69.28 -34.88 4.32
N ASP E 807 68.64 -35.85 4.96
CA ASP E 807 67.87 -36.90 4.28
C ASP E 807 66.45 -36.42 4.00
N PRO E 808 66.10 -36.25 2.73
CA PRO E 808 64.77 -35.79 2.33
C PRO E 808 63.65 -36.69 2.79
N LEU E 809 63.99 -37.90 3.23
CA LEU E 809 62.97 -38.82 3.68
C LEU E 809 62.64 -38.69 5.16
N ASP E 810 63.55 -38.08 5.92
CA ASP E 810 63.36 -37.84 7.36
C ASP E 810 62.64 -36.51 7.59
N PRO E 811 61.33 -36.55 7.84
CA PRO E 811 60.51 -35.36 8.07
C PRO E 811 61.21 -34.26 8.89
N THR E 812 61.73 -34.64 10.04
CA THR E 812 62.39 -33.67 10.91
C THR E 812 63.65 -33.03 10.33
N SER E 813 64.31 -33.73 9.40
CA SER E 813 65.54 -33.20 8.81
C SER E 813 65.27 -31.87 8.12
N LYS E 814 66.33 -31.16 7.75
CA LYS E 814 66.18 -29.88 7.08
C LYS E 814 65.54 -30.03 5.70
N ALA E 815 65.90 -31.08 4.97
CA ALA E 815 65.33 -31.32 3.65
C ALA E 815 63.94 -31.92 3.82
N GLY E 816 63.84 -32.92 4.68
CA GLY E 816 62.56 -33.57 4.92
C GLY E 816 61.46 -32.57 5.22
N GLU E 817 61.81 -31.50 5.93
CA GLU E 817 60.82 -30.47 6.28
C GLU E 817 60.36 -29.79 5.00
N ILE E 818 61.30 -29.52 4.10
CA ILE E 818 60.96 -28.88 2.85
C ILE E 818 59.97 -29.80 2.14
N VAL E 819 60.31 -31.09 2.08
CA VAL E 819 59.50 -32.11 1.43
C VAL E 819 58.11 -32.25 2.04
N LEU E 820 58.05 -32.43 3.34
CA LEU E 820 56.77 -32.59 4.02
C LEU E 820 55.81 -31.46 3.64
N ALA E 821 56.25 -30.23 3.88
CA ALA E 821 55.45 -29.04 3.57
C ALA E 821 55.02 -29.01 2.12
N ALA E 822 55.96 -29.30 1.22
CA ALA E 822 55.68 -29.30 -0.19
C ALA E 822 54.65 -30.37 -0.49
N ARG E 823 54.84 -31.55 0.10
CA ARG E 823 53.93 -32.65 -0.12
C ARG E 823 52.53 -32.28 0.34
N LYS E 824 52.43 -31.75 1.56
CA LYS E 824 51.13 -31.36 2.09
C LYS E 824 50.53 -30.29 1.18
N ARG E 825 51.34 -29.30 0.83
CA ARG E 825 50.88 -28.22 -0.05
C ARG E 825 50.25 -28.77 -1.33
N HIS E 826 50.80 -29.87 -1.86
CA HIS E 826 50.29 -30.47 -3.08
C HIS E 826 49.16 -31.46 -2.81
N GLY E 827 48.89 -31.71 -1.54
CA GLY E 827 47.86 -32.67 -1.18
C GLY E 827 48.26 -34.10 -1.49
N MET E 828 49.54 -34.42 -1.34
CA MET E 828 50.03 -35.77 -1.60
C MET E 828 50.09 -36.50 -0.26
N LYS E 829 50.29 -37.81 -0.27
CA LYS E 829 50.39 -38.52 1.00
C LYS E 829 51.58 -37.83 1.66
N GLU E 830 51.49 -37.51 2.94
CA GLU E 830 52.58 -36.82 3.60
C GLU E 830 53.90 -37.61 3.67
N GLU E 831 53.80 -38.93 3.62
CA GLU E 831 55.00 -39.78 3.68
C GLU E 831 55.45 -40.10 2.25
N VAL E 832 56.76 -39.95 2.01
CA VAL E 832 57.36 -40.23 0.70
C VAL E 832 57.26 -41.71 0.44
N PRO E 833 56.72 -42.10 -0.72
CA PRO E 833 56.60 -43.53 -1.03
C PRO E 833 57.94 -44.28 -0.98
N GLY E 834 57.89 -45.50 -0.48
CA GLY E 834 59.11 -46.28 -0.42
C GLY E 834 59.33 -46.89 -1.79
N TRP E 835 60.54 -47.36 -2.02
CA TRP E 835 60.85 -47.95 -3.30
C TRP E 835 59.98 -49.17 -3.54
N GLN E 836 59.64 -49.87 -2.46
CA GLN E 836 58.78 -51.05 -2.60
C GLN E 836 57.51 -50.70 -3.31
N GLU E 837 57.07 -49.46 -3.15
CA GLU E 837 55.84 -49.05 -3.79
C GLU E 837 55.96 -49.07 -5.29
N TYR E 838 57.16 -48.83 -5.80
CA TYR E 838 57.33 -48.80 -7.24
C TYR E 838 57.95 -50.03 -7.82
N TYR E 839 58.55 -50.84 -6.96
CA TYR E 839 59.17 -52.08 -7.38
C TYR E 839 58.00 -53.04 -7.66
N ASP E 840 58.31 -54.21 -8.21
CA ASP E 840 57.28 -55.21 -8.49
C ASP E 840 56.71 -55.62 -7.14
N LYS E 841 55.39 -55.78 -7.04
CA LYS E 841 54.80 -56.19 -5.77
C LYS E 841 54.92 -57.69 -5.59
N LEU E 842 56.14 -58.14 -5.32
CA LEU E 842 56.48 -59.54 -5.13
C LEU E 842 57.02 -59.61 -3.73
N GLU F 1 18.15 -42.06 -11.89
CA GLU F 1 19.35 -41.45 -11.24
C GLU F 1 19.79 -42.32 -10.08
N PHE F 2 20.77 -43.18 -10.35
CA PHE F 2 21.26 -44.10 -9.36
C PHE F 2 22.50 -43.63 -8.60
N LEU F 3 22.85 -42.36 -8.78
CA LEU F 3 24.04 -41.82 -8.15
C LEU F 3 23.91 -41.19 -6.76
N GLY F 4 22.76 -41.35 -6.12
CA GLY F 4 22.58 -40.77 -4.80
C GLY F 4 22.45 -39.28 -4.92
N ASP F 5 22.49 -38.56 -3.82
CA ASP F 5 22.35 -37.12 -3.94
C ASP F 5 23.60 -36.37 -3.51
N GLY F 6 23.84 -35.21 -4.14
CA GLY F 6 24.98 -34.39 -3.78
C GLY F 6 25.90 -33.77 -4.83
N GLY F 7 25.37 -32.97 -5.73
CA GLY F 7 26.30 -32.38 -6.66
C GLY F 7 26.69 -33.37 -7.73
N ASP F 8 27.13 -32.84 -8.86
CA ASP F 8 27.52 -33.65 -10.01
C ASP F 8 28.79 -34.45 -9.79
N VAL F 9 28.77 -35.68 -10.29
CA VAL F 9 29.88 -36.60 -10.17
C VAL F 9 30.64 -36.55 -11.49
N SER F 10 31.94 -36.37 -11.43
CA SER F 10 32.72 -36.36 -12.65
C SER F 10 34.02 -37.09 -12.39
N PHE F 11 34.70 -37.49 -13.46
CA PHE F 11 35.95 -38.23 -13.32
C PHE F 11 37.22 -37.44 -13.54
N SER F 12 37.97 -37.33 -12.47
CA SER F 12 39.19 -36.57 -12.46
C SER F 12 40.40 -37.42 -12.24
N THR F 13 41.49 -37.01 -12.86
CA THR F 13 42.74 -37.72 -12.67
C THR F 13 43.03 -37.57 -11.18
N ARG F 14 42.57 -36.47 -10.61
CA ARG F 14 42.73 -36.19 -9.19
C ARG F 14 41.73 -36.94 -8.31
N GLY F 15 40.90 -37.76 -8.94
CA GLY F 15 39.90 -38.50 -8.19
C GLY F 15 38.47 -38.16 -8.58
N THR F 16 37.53 -39.06 -8.31
CA THR F 16 36.14 -38.79 -8.68
C THR F 16 35.58 -37.71 -7.80
N GLN F 17 34.99 -36.71 -8.43
CA GLN F 17 34.43 -35.58 -7.71
C GLN F 17 33.03 -35.85 -7.14
N ASN F 18 32.78 -35.32 -5.96
CA ASN F 18 31.47 -35.49 -5.33
C ASN F 18 31.03 -36.95 -5.24
N TRP F 19 31.86 -37.77 -4.62
CA TRP F 19 31.54 -39.16 -4.47
C TRP F 19 32.28 -39.62 -3.27
N THR F 20 31.56 -39.71 -2.17
CA THR F 20 32.13 -40.12 -0.91
C THR F 20 31.64 -41.51 -0.59
N VAL F 21 32.26 -42.20 0.38
CA VAL F 21 31.78 -43.53 0.71
C VAL F 21 30.33 -43.40 1.17
N GLU F 22 30.04 -42.36 1.93
CA GLU F 22 28.69 -42.12 2.42
C GLU F 22 27.69 -42.05 1.27
N ARG F 23 28.06 -41.41 0.17
CA ARG F 23 27.13 -41.35 -0.94
C ARG F 23 27.01 -42.72 -1.60
N LEU F 24 28.07 -43.51 -1.51
CA LEU F 24 28.10 -44.81 -2.15
C LEU F 24 27.15 -45.73 -1.46
N LEU F 25 27.19 -45.72 -0.14
CA LEU F 25 26.30 -46.59 0.63
C LEU F 25 24.87 -46.30 0.29
N GLN F 26 24.53 -45.02 0.09
CA GLN F 26 23.17 -44.63 -0.27
C GLN F 26 22.78 -45.21 -1.63
N ALA F 27 23.50 -44.78 -2.66
CA ALA F 27 23.26 -45.26 -4.01
C ALA F 27 23.11 -46.79 -3.98
N HIS F 28 24.09 -47.47 -3.39
CA HIS F 28 24.06 -48.94 -3.28
C HIS F 28 22.71 -49.46 -2.75
N ARG F 29 22.33 -49.00 -1.56
CA ARG F 29 21.07 -49.37 -0.95
C ARG F 29 19.92 -49.11 -1.93
N GLN F 30 19.80 -47.88 -2.42
CA GLN F 30 18.73 -47.58 -3.34
C GLN F 30 18.77 -48.44 -4.57
N LEU F 31 19.93 -49.01 -4.90
CA LEU F 31 20.03 -49.85 -6.10
C LEU F 31 19.48 -51.23 -5.78
N GLU F 32 19.65 -51.65 -4.53
CA GLU F 32 19.14 -52.94 -4.11
C GLU F 32 17.65 -52.88 -3.86
N GLU F 33 17.21 -51.75 -3.33
CA GLU F 33 15.81 -51.54 -3.04
C GLU F 33 15.05 -51.65 -4.33
N ARG F 34 15.71 -51.33 -5.43
CA ARG F 34 15.09 -51.40 -6.74
C ARG F 34 15.27 -52.79 -7.34
N GLY F 35 15.94 -53.68 -6.62
CA GLY F 35 16.13 -55.01 -7.17
C GLY F 35 17.38 -55.23 -7.99
N TYR F 36 18.39 -54.37 -7.88
CA TYR F 36 19.62 -54.61 -8.63
C TYR F 36 20.64 -55.23 -7.69
N VAL F 37 21.56 -55.98 -8.27
CA VAL F 37 22.56 -56.61 -7.49
C VAL F 37 23.97 -56.33 -8.05
N PHE F 38 24.87 -55.95 -7.16
CA PHE F 38 26.26 -55.69 -7.50
C PHE F 38 26.89 -57.03 -7.95
N VAL F 39 27.54 -56.99 -9.11
CA VAL F 39 28.20 -58.16 -9.71
C VAL F 39 29.68 -57.90 -9.98
N GLY F 40 30.18 -56.74 -9.57
CA GLY F 40 31.60 -56.49 -9.79
C GLY F 40 32.09 -55.09 -10.09
N TYR F 41 33.41 -55.01 -10.21
CA TYR F 41 34.12 -53.77 -10.50
C TYR F 41 34.59 -53.77 -11.97
N HIS F 42 34.67 -52.58 -12.55
CA HIS F 42 35.17 -52.44 -13.92
C HIS F 42 36.20 -51.33 -13.89
N GLY F 43 37.40 -51.62 -14.38
CA GLY F 43 38.44 -50.61 -14.41
C GLY F 43 38.53 -50.05 -15.81
N THR F 44 38.73 -48.74 -15.91
CA THR F 44 38.82 -48.10 -17.22
C THR F 44 39.29 -46.67 -17.08
N PHE F 45 39.39 -45.99 -18.22
CA PHE F 45 39.83 -44.60 -18.28
C PHE F 45 38.74 -43.56 -18.11
N LEU F 46 39.15 -42.38 -17.67
CA LEU F 46 38.26 -41.26 -17.39
C LEU F 46 37.15 -40.97 -18.41
N GLU F 47 37.47 -40.90 -19.69
CA GLU F 47 36.38 -40.65 -20.62
C GLU F 47 35.46 -41.86 -20.59
N ALA F 48 36.03 -43.05 -20.63
CA ALA F 48 35.26 -44.27 -20.61
C ALA F 48 34.36 -44.29 -19.38
N ALA F 49 34.91 -43.94 -18.23
CA ALA F 49 34.10 -43.93 -17.03
C ALA F 49 32.89 -43.05 -17.35
N GLN F 50 33.14 -41.76 -17.53
CA GLN F 50 32.08 -40.81 -17.87
C GLN F 50 31.00 -41.43 -18.79
N SER F 51 31.45 -42.03 -19.89
CA SER F 51 30.56 -42.65 -20.85
C SER F 51 29.63 -43.64 -20.13
N ILE F 52 30.24 -44.65 -19.52
CA ILE F 52 29.57 -45.72 -18.77
C ILE F 52 28.56 -45.17 -17.76
N VAL F 53 29.03 -44.40 -16.79
CA VAL F 53 28.13 -43.89 -15.77
C VAL F 53 27.06 -42.93 -16.26
N PHE F 54 27.17 -42.35 -17.45
CA PHE F 54 26.15 -41.41 -17.91
C PHE F 54 25.90 -41.67 -19.40
N GLY F 55 25.13 -42.71 -19.70
CA GLY F 55 24.88 -43.05 -21.06
C GLY F 55 24.91 -44.55 -21.03
N GLY F 56 25.42 -45.05 -19.92
CA GLY F 56 25.48 -46.48 -19.67
C GLY F 56 26.33 -47.30 -20.57
N VAL F 57 26.64 -48.51 -20.12
CA VAL F 57 27.42 -49.46 -20.86
C VAL F 57 26.62 -49.72 -22.12
N ARG F 58 27.31 -49.83 -23.24
CA ARG F 58 26.67 -50.15 -24.49
C ARG F 58 27.74 -50.69 -25.42
N ALA F 59 27.47 -51.74 -26.16
CA ALA F 59 28.43 -52.27 -27.09
C ALA F 59 28.36 -51.24 -28.22
N ARG F 60 29.36 -51.12 -29.08
CA ARG F 60 29.25 -50.16 -30.19
C ARG F 60 30.18 -50.65 -31.30
N SER F 61 29.63 -51.35 -32.28
CA SER F 61 30.44 -51.87 -33.39
C SER F 61 31.42 -52.92 -32.89
N GLN F 62 30.86 -54.05 -32.47
CA GLN F 62 31.66 -55.14 -31.98
C GLN F 62 32.00 -56.03 -33.16
N ASP F 63 33.07 -56.82 -33.03
CA ASP F 63 33.42 -57.74 -34.09
C ASP F 63 32.42 -58.88 -33.91
N LEU F 64 31.36 -58.89 -34.71
CA LEU F 64 30.34 -59.93 -34.60
C LEU F 64 30.89 -61.34 -34.73
N ASP F 65 32.17 -61.47 -35.06
CA ASP F 65 32.74 -62.80 -35.17
C ASP F 65 33.40 -63.20 -33.86
N ALA F 66 33.71 -62.21 -33.04
CA ALA F 66 34.35 -62.46 -31.75
C ALA F 66 33.39 -63.18 -30.80
N ILE F 67 33.66 -64.44 -30.54
CA ILE F 67 32.76 -65.16 -29.66
C ILE F 67 32.88 -64.78 -28.19
N TRP F 68 33.97 -64.14 -27.80
CA TRP F 68 34.13 -63.76 -26.40
C TRP F 68 33.81 -62.29 -26.23
N ARG F 69 33.22 -61.75 -27.28
CA ARG F 69 32.83 -60.37 -27.27
C ARG F 69 31.92 -60.17 -26.02
N GLY F 70 32.07 -59.03 -25.34
CA GLY F 70 31.27 -58.77 -24.15
C GLY F 70 31.84 -57.71 -23.24
N PHE F 71 31.22 -57.48 -22.09
CA PHE F 71 31.72 -56.45 -21.18
C PHE F 71 32.43 -57.15 -20.03
N TYR F 72 33.71 -56.86 -19.87
CA TYR F 72 34.47 -57.52 -18.83
C TYR F 72 34.51 -56.72 -17.53
N ILE F 73 34.35 -57.44 -16.42
CA ILE F 73 34.41 -56.88 -15.07
C ILE F 73 35.09 -57.89 -14.16
N ALA F 74 35.08 -57.62 -12.86
CA ALA F 74 35.72 -58.51 -11.90
C ALA F 74 35.25 -58.27 -10.47
N GLY F 75 35.00 -59.35 -9.76
CA GLY F 75 34.59 -59.21 -8.38
C GLY F 75 35.68 -58.66 -7.47
N ASP F 76 36.94 -58.86 -7.85
CA ASP F 76 38.05 -58.38 -7.03
C ASP F 76 38.56 -57.06 -7.59
N PRO F 77 38.26 -55.95 -6.91
CA PRO F 77 38.70 -54.65 -7.40
C PRO F 77 40.14 -54.62 -7.87
N ALA F 78 40.99 -55.43 -7.27
CA ALA F 78 42.39 -55.44 -7.67
C ALA F 78 42.54 -55.89 -9.12
N LEU F 79 41.69 -56.76 -9.63
CA LEU F 79 41.84 -57.18 -11.01
C LEU F 79 41.26 -56.13 -11.92
N ALA F 80 40.22 -55.46 -11.47
CA ALA F 80 39.63 -54.43 -12.31
C ALA F 80 40.62 -53.26 -12.35
N TYR F 81 41.24 -53.02 -11.19
CA TYR F 81 42.18 -51.92 -11.04
C TYR F 81 43.30 -51.92 -12.06
N GLY F 82 43.72 -53.09 -12.49
CA GLY F 82 44.77 -53.14 -13.48
C GLY F 82 44.43 -52.42 -14.77
N TYR F 83 43.14 -52.34 -15.11
CA TYR F 83 42.73 -51.69 -16.34
C TYR F 83 42.25 -50.27 -16.16
N ALA F 84 42.38 -49.74 -14.96
CA ALA F 84 41.92 -48.38 -14.73
C ALA F 84 42.94 -47.33 -15.12
N GLN F 85 43.37 -47.34 -16.38
CA GLN F 85 44.35 -46.36 -16.84
C GLN F 85 44.24 -46.21 -18.35
N ASP F 86 44.92 -45.20 -18.91
CA ASP F 86 44.93 -45.02 -20.34
C ASP F 86 45.71 -46.20 -20.85
N GLN F 87 45.60 -46.52 -22.12
CA GLN F 87 46.38 -47.63 -22.61
C GLN F 87 47.26 -47.28 -23.79
N GLU F 88 47.48 -45.97 -23.90
CA GLU F 88 48.34 -45.35 -24.89
C GLU F 88 48.53 -43.90 -24.48
N PRO F 89 49.75 -43.38 -24.64
CA PRO F 89 50.10 -42.00 -24.30
C PRO F 89 49.13 -40.92 -24.68
N ASP F 90 49.06 -39.93 -23.80
CA ASP F 90 48.20 -38.78 -23.89
C ASP F 90 48.90 -37.70 -24.68
N ALA F 91 48.26 -36.54 -24.78
CA ALA F 91 48.78 -35.39 -25.52
C ALA F 91 50.12 -34.87 -25.01
N ARG F 92 50.70 -35.57 -24.05
CA ARG F 92 51.98 -35.15 -23.49
C ARG F 92 52.79 -36.37 -23.06
N GLY F 93 52.66 -37.48 -23.79
CA GLY F 93 53.38 -38.68 -23.41
C GLY F 93 52.73 -39.22 -22.14
N ARG F 94 51.71 -38.48 -21.70
CA ARG F 94 50.93 -38.79 -20.51
C ARG F 94 50.25 -40.17 -20.56
N ILE F 95 49.96 -40.70 -19.38
CA ILE F 95 49.26 -41.96 -19.19
C ILE F 95 48.64 -41.78 -17.81
N ARG F 96 47.52 -41.06 -17.77
CA ARG F 96 46.84 -40.80 -16.51
C ARG F 96 46.05 -41.97 -15.93
N ASN F 97 45.81 -41.94 -14.64
CA ASN F 97 45.08 -43.00 -13.99
C ASN F 97 43.61 -42.95 -14.43
N GLY F 98 42.94 -44.08 -14.35
CA GLY F 98 41.55 -44.15 -14.74
C GLY F 98 40.71 -44.19 -13.49
N ALA F 99 39.55 -44.88 -13.57
CA ALA F 99 38.66 -45.00 -12.42
C ALA F 99 38.10 -46.40 -12.29
N LEU F 100 37.69 -46.73 -11.07
CA LEU F 100 37.09 -48.03 -10.78
C LEU F 100 35.55 -47.87 -10.75
N LEU F 101 34.86 -48.72 -11.51
CA LEU F 101 33.42 -48.67 -11.60
C LEU F 101 32.75 -49.90 -10.99
N ARG F 102 31.66 -49.66 -10.24
CA ARG F 102 30.88 -50.76 -9.67
C ARG F 102 29.76 -51.08 -10.65
N VAL F 103 29.72 -52.32 -11.12
CA VAL F 103 28.68 -52.76 -12.06
C VAL F 103 27.53 -53.53 -11.37
N TYR F 104 26.31 -53.06 -11.64
CA TYR F 104 25.08 -53.65 -11.09
C TYR F 104 24.20 -54.15 -12.23
N VAL F 105 23.51 -55.27 -12.02
CA VAL F 105 22.59 -55.77 -13.04
C VAL F 105 21.24 -55.93 -12.39
N PRO F 106 20.21 -56.11 -13.20
CA PRO F 106 18.91 -56.28 -12.57
C PRO F 106 18.98 -57.68 -11.99
N ARG F 107 18.54 -57.80 -10.74
CA ARG F 107 18.54 -59.07 -10.03
C ARG F 107 17.83 -60.14 -10.86
N SER F 108 16.87 -59.70 -11.66
CA SER F 108 16.14 -60.62 -12.51
C SER F 108 17.02 -61.23 -13.59
N SER F 109 18.31 -60.98 -13.56
CA SER F 109 19.17 -61.61 -14.57
C SER F 109 20.11 -62.60 -13.90
N LEU F 110 20.06 -62.66 -12.58
CA LEU F 110 20.91 -63.58 -11.87
C LEU F 110 20.84 -64.99 -12.39
N PRO F 111 19.68 -65.44 -12.87
CA PRO F 111 19.60 -66.81 -13.38
C PRO F 111 20.57 -67.12 -14.50
N GLY F 112 20.97 -66.09 -15.23
CA GLY F 112 21.87 -66.32 -16.35
C GLY F 112 23.34 -66.25 -16.02
N PHE F 113 23.68 -66.05 -14.75
CA PHE F 113 25.08 -65.98 -14.33
C PHE F 113 25.62 -67.37 -14.01
N TYR F 114 26.68 -67.78 -14.70
CA TYR F 114 27.30 -69.07 -14.46
C TYR F 114 28.76 -68.91 -14.11
N ARG F 115 29.41 -70.02 -13.74
CA ARG F 115 30.82 -70.02 -13.37
C ARG F 115 31.50 -71.32 -13.73
N THR F 116 32.80 -71.23 -14.02
CA THR F 116 33.63 -72.39 -14.37
C THR F 116 35.02 -72.26 -13.76
N SER F 117 35.76 -73.37 -13.69
CA SER F 117 37.10 -73.35 -13.15
C SER F 117 38.08 -73.20 -14.26
N LEU F 118 37.62 -73.47 -15.47
CA LEU F 118 38.47 -73.35 -16.63
C LEU F 118 38.83 -71.90 -16.83
N THR F 119 39.94 -71.67 -17.53
CA THR F 119 40.34 -70.31 -17.81
C THR F 119 39.44 -70.02 -19.00
N LEU F 120 39.42 -68.80 -19.50
CA LEU F 120 38.52 -68.50 -20.61
C LEU F 120 39.08 -68.54 -22.04
N ALA F 121 39.05 -67.41 -22.76
CA ALA F 121 39.52 -67.33 -24.16
C ALA F 121 40.29 -68.56 -24.64
N ALA F 122 39.58 -69.46 -25.31
CA ALA F 122 40.13 -70.70 -25.86
C ALA F 122 39.00 -71.70 -26.11
N PRO F 123 39.04 -72.44 -27.24
CA PRO F 123 37.99 -73.42 -27.55
C PRO F 123 37.67 -74.48 -26.47
N GLU F 124 38.62 -74.80 -25.60
CA GLU F 124 38.36 -75.80 -24.56
C GLU F 124 37.38 -75.22 -23.56
N ALA F 125 37.53 -73.93 -23.29
CA ALA F 125 36.65 -73.24 -22.37
C ALA F 125 35.39 -72.84 -23.12
N ALA F 126 35.52 -72.55 -24.41
CA ALA F 126 34.36 -72.16 -25.19
C ALA F 126 33.26 -73.21 -25.09
N GLY F 127 33.59 -74.44 -25.45
CA GLY F 127 32.61 -75.51 -25.39
C GLY F 127 31.98 -75.66 -24.00
N GLU F 128 32.78 -75.54 -22.95
CA GLU F 128 32.26 -75.71 -21.60
C GLU F 128 31.36 -74.55 -21.25
N VAL F 129 31.72 -73.35 -21.68
CA VAL F 129 30.86 -72.23 -21.36
C VAL F 129 29.54 -72.39 -22.09
N GLU F 130 29.60 -72.92 -23.30
CA GLU F 130 28.40 -73.13 -24.10
C GLU F 130 27.50 -74.18 -23.47
N ARG F 131 28.11 -75.19 -22.87
CA ARG F 131 27.36 -76.23 -22.19
C ARG F 131 26.50 -75.60 -21.10
N LEU F 132 27.11 -74.70 -20.33
CA LEU F 132 26.45 -74.03 -19.22
C LEU F 132 25.41 -73.00 -19.66
N ILE F 133 25.86 -72.10 -20.52
CA ILE F 133 25.08 -71.00 -21.08
C ILE F 133 23.81 -71.50 -21.78
N GLY F 134 23.93 -72.70 -22.35
CA GLY F 134 22.79 -73.31 -23.02
C GLY F 134 22.72 -72.99 -24.48
N HIS F 135 23.69 -72.26 -25.00
CA HIS F 135 23.67 -71.91 -26.41
C HIS F 135 25.06 -71.56 -26.87
N PRO F 136 25.27 -71.46 -28.19
CA PRO F 136 26.61 -71.12 -28.70
C PRO F 136 27.07 -69.71 -28.31
N LEU F 137 28.38 -69.50 -28.21
CA LEU F 137 28.91 -68.16 -27.90
C LEU F 137 28.56 -67.29 -29.11
N PRO F 138 28.58 -65.95 -28.95
CA PRO F 138 28.90 -65.17 -27.75
C PRO F 138 27.86 -65.27 -26.65
N LEU F 139 28.20 -64.74 -25.47
CA LEU F 139 27.28 -64.74 -24.35
C LEU F 139 26.27 -63.71 -24.79
N ARG F 140 25.02 -63.86 -24.38
CA ARG F 140 24.00 -62.89 -24.76
C ARG F 140 23.42 -62.35 -23.48
N LEU F 141 22.24 -62.84 -23.07
CA LEU F 141 21.63 -62.39 -21.83
C LEU F 141 22.13 -63.29 -20.70
N ASP F 142 23.45 -63.44 -20.61
CA ASP F 142 24.03 -64.31 -19.61
C ASP F 142 25.47 -63.92 -19.32
N ALA F 143 26.04 -64.50 -18.28
CA ALA F 143 27.41 -64.17 -17.93
C ALA F 143 28.16 -65.41 -17.49
N ILE F 144 29.49 -65.34 -17.57
CA ILE F 144 30.34 -66.44 -17.16
C ILE F 144 31.45 -65.87 -16.32
N THR F 145 31.83 -66.61 -15.28
CA THR F 145 32.90 -66.17 -14.43
C THR F 145 33.94 -67.29 -14.39
N GLY F 146 35.22 -66.94 -14.48
CA GLY F 146 36.26 -67.95 -14.44
C GLY F 146 37.62 -67.29 -14.36
N PRO F 147 38.68 -68.03 -14.03
CA PRO F 147 40.03 -67.46 -13.93
C PRO F 147 40.38 -66.72 -15.20
N GLU F 148 40.98 -65.54 -15.07
CA GLU F 148 41.34 -64.76 -16.24
C GLU F 148 42.33 -65.55 -17.06
N GLU F 149 43.11 -66.37 -16.36
CA GLU F 149 44.10 -67.25 -16.94
C GLU F 149 44.44 -68.24 -15.86
N GLU F 150 45.16 -69.30 -16.21
CA GLU F 150 45.53 -70.33 -15.25
C GLU F 150 46.02 -69.76 -13.90
N GLY F 151 45.36 -70.18 -12.83
CA GLY F 151 45.75 -69.74 -11.51
C GLY F 151 45.67 -68.26 -11.20
N GLY F 152 45.02 -67.49 -12.06
CA GLY F 152 44.91 -66.06 -11.82
C GLY F 152 43.61 -65.72 -11.14
N ARG F 153 43.28 -64.44 -11.09
CA ARG F 153 42.04 -63.99 -10.46
C ARG F 153 40.85 -64.19 -11.39
N LEU F 154 39.65 -64.08 -10.84
CA LEU F 154 38.43 -64.30 -11.60
C LEU F 154 37.88 -63.10 -12.33
N GLU F 155 37.56 -63.31 -13.60
CA GLU F 155 36.98 -62.24 -14.39
C GLU F 155 35.58 -62.69 -14.76
N THR F 156 34.67 -61.73 -14.84
CA THR F 156 33.30 -62.04 -15.20
C THR F 156 33.02 -61.33 -16.50
N ILE F 157 32.49 -62.07 -17.46
CA ILE F 157 32.14 -61.51 -18.77
C ILE F 157 30.62 -61.47 -18.96
N LEU F 158 29.99 -60.32 -18.83
CA LEU F 158 28.56 -60.25 -19.07
C LEU F 158 28.41 -60.08 -20.58
N GLY F 159 27.48 -60.81 -21.18
CA GLY F 159 27.26 -60.68 -22.60
C GLY F 159 26.74 -59.27 -22.84
N TRP F 160 26.89 -58.77 -24.06
CA TRP F 160 26.44 -57.43 -24.36
C TRP F 160 24.97 -57.13 -24.00
N PRO F 161 24.06 -58.03 -24.32
CA PRO F 161 22.70 -57.69 -23.96
C PRO F 161 22.62 -57.47 -22.44
N LEU F 162 23.17 -58.42 -21.69
CA LEU F 162 23.11 -58.30 -20.25
C LEU F 162 23.76 -57.01 -19.81
N ALA F 163 24.94 -56.75 -20.39
CA ALA F 163 25.74 -55.54 -20.10
C ALA F 163 24.99 -54.24 -20.21
N GLU F 164 24.25 -54.10 -21.30
CA GLU F 164 23.51 -52.89 -21.56
C GLU F 164 22.38 -52.74 -20.59
N ARG F 165 22.20 -53.76 -19.75
CA ARG F 165 21.13 -53.73 -18.80
C ARG F 165 21.69 -53.50 -17.45
N THR F 166 23.00 -53.24 -17.38
CA THR F 166 23.65 -52.97 -16.11
C THR F 166 23.33 -51.54 -15.72
N VAL F 167 23.80 -51.18 -14.53
CA VAL F 167 23.70 -49.83 -14.03
C VAL F 167 25.03 -49.76 -13.30
N VAL F 168 25.85 -48.79 -13.68
CA VAL F 168 27.15 -48.65 -13.07
C VAL F 168 27.30 -47.34 -12.34
N ILE F 169 27.89 -47.40 -11.16
CA ILE F 169 28.14 -46.21 -10.37
C ILE F 169 29.63 -46.17 -10.04
N PRO F 170 30.14 -45.04 -9.57
CA PRO F 170 31.56 -44.95 -9.24
C PRO F 170 31.95 -45.85 -8.07
N SER F 171 33.24 -46.10 -7.89
CA SER F 171 33.72 -46.87 -6.76
C SER F 171 34.28 -45.84 -5.82
N ALA F 172 34.32 -46.13 -4.53
CA ALA F 172 34.88 -45.20 -3.57
C ALA F 172 36.37 -45.49 -3.53
N ILE F 173 36.78 -46.50 -4.30
CA ILE F 173 38.19 -46.91 -4.40
C ILE F 173 38.90 -46.00 -5.41
N PRO F 174 39.89 -45.21 -4.96
CA PRO F 174 40.64 -44.29 -5.80
C PRO F 174 41.76 -44.96 -6.57
N THR F 175 42.14 -44.37 -7.70
CA THR F 175 43.25 -44.87 -8.48
C THR F 175 44.36 -43.87 -8.11
N ASP F 176 45.61 -44.27 -8.23
CA ASP F 176 46.72 -43.39 -7.85
C ASP F 176 47.20 -42.60 -9.05
N PRO F 177 47.08 -41.27 -9.00
CA PRO F 177 47.56 -40.48 -10.16
C PRO F 177 49.08 -40.43 -10.15
N ARG F 178 49.65 -40.66 -8.96
CA ARG F 178 51.09 -40.62 -8.77
C ARG F 178 51.75 -41.99 -8.76
N ASN F 179 51.02 -43.02 -9.18
CA ASN F 179 51.58 -44.37 -9.22
C ASN F 179 50.87 -45.22 -10.25
N VAL F 180 50.48 -44.62 -11.36
CA VAL F 180 49.80 -45.34 -12.42
C VAL F 180 50.56 -46.61 -12.78
N GLY F 181 49.95 -47.77 -12.60
CA GLY F 181 50.65 -49.00 -12.95
C GLY F 181 50.96 -49.85 -11.73
N GLY F 182 50.85 -49.24 -10.56
CA GLY F 182 51.08 -49.97 -9.34
C GLY F 182 49.90 -50.90 -9.09
N ASP F 183 50.02 -51.78 -8.11
CA ASP F 183 48.93 -52.70 -7.82
C ASP F 183 48.06 -52.03 -6.76
N LEU F 184 46.74 -52.25 -6.82
CA LEU F 184 45.81 -51.68 -5.85
C LEU F 184 46.21 -52.15 -4.45
N ASP F 185 46.45 -51.18 -3.58
CA ASP F 185 46.81 -51.47 -2.20
C ASP F 185 45.53 -51.66 -1.41
N PRO F 186 45.22 -52.90 -1.06
CA PRO F 186 44.02 -53.23 -0.31
C PRO F 186 43.72 -52.35 0.86
N SER F 187 44.67 -51.53 1.30
CA SER F 187 44.37 -50.68 2.43
C SER F 187 43.65 -49.43 1.95
N SER F 188 43.55 -49.26 0.64
CA SER F 188 42.88 -48.09 0.12
C SER F 188 41.43 -48.36 -0.24
N ILE F 189 40.97 -49.61 -0.02
CA ILE F 189 39.59 -50.00 -0.28
C ILE F 189 38.85 -49.54 0.96
N PRO F 190 37.84 -48.67 0.84
CA PRO F 190 37.13 -48.23 2.05
C PRO F 190 36.37 -49.39 2.68
N ASP F 191 36.60 -49.67 3.96
CA ASP F 191 35.93 -50.77 4.66
C ASP F 191 34.43 -50.85 4.39
N LYS F 192 33.79 -49.69 4.33
CA LYS F 192 32.36 -49.66 4.07
C LYS F 192 32.05 -50.13 2.66
N GLU F 193 32.87 -49.76 1.69
CA GLU F 193 32.59 -50.21 0.33
C GLU F 193 32.71 -51.72 0.29
N GLN F 194 33.71 -52.25 1.02
CA GLN F 194 33.94 -53.68 1.06
C GLN F 194 32.68 -54.41 1.55
N ALA F 195 32.09 -53.85 2.61
CA ALA F 195 30.89 -54.37 3.24
C ALA F 195 29.72 -54.56 2.29
N ILE F 196 29.69 -53.78 1.21
CA ILE F 196 28.57 -53.90 0.30
C ILE F 196 28.98 -54.52 -1.01
N SER F 197 30.15 -55.16 -1.01
CA SER F 197 30.66 -55.72 -2.24
C SER F 197 30.70 -57.23 -2.40
N ALA F 198 29.88 -57.94 -1.66
CA ALA F 198 29.87 -59.38 -1.83
C ALA F 198 29.24 -59.68 -3.16
N LEU F 199 29.57 -60.83 -3.72
CA LEU F 199 29.03 -61.21 -5.01
C LEU F 199 27.95 -62.28 -4.90
N PRO F 200 27.07 -62.32 -5.90
CA PRO F 200 25.99 -63.30 -5.94
C PRO F 200 26.69 -64.63 -6.09
N ASP F 201 26.03 -65.70 -5.66
CA ASP F 201 26.60 -67.04 -5.80
C ASP F 201 26.17 -67.54 -7.18
N TYR F 202 27.12 -67.80 -8.07
CA TYR F 202 26.77 -68.23 -9.43
C TYR F 202 26.63 -69.73 -9.60
N ALA F 203 25.68 -70.13 -10.44
CA ALA F 203 25.45 -71.54 -10.68
C ALA F 203 26.60 -72.17 -11.43
N SER F 204 26.91 -73.41 -11.10
CA SER F 204 28.01 -74.09 -11.77
C SER F 204 27.49 -75.16 -12.71
N GLN F 205 26.18 -75.38 -12.65
CA GLN F 205 25.52 -76.36 -13.49
C GLN F 205 24.62 -75.61 -14.44
N PRO F 206 24.44 -76.13 -15.66
CA PRO F 206 23.61 -75.53 -16.69
C PRO F 206 22.19 -75.28 -16.19
N GLY F 207 21.47 -74.38 -16.86
CA GLY F 207 20.11 -74.08 -16.46
C GLY F 207 19.20 -75.29 -16.38
PA TAD G . -23.95 -39.95 -8.80
O1A TAD G . -23.01 -40.10 -9.93
O2A TAD G . -25.40 -40.03 -9.07
O5B TAD G . -23.60 -38.57 -8.05
C5B TAD G . -24.47 -37.47 -8.32
C4B TAD G . -24.07 -36.25 -7.52
O4B TAD G . -25.09 -35.30 -7.91
C3B TAD G . -24.18 -36.44 -6.00
O3B TAD G . -23.20 -35.66 -5.31
C2B TAD G . -25.53 -35.81 -5.70
O2B TAD G . -25.47 -35.33 -4.36
C1B TAD G . -25.42 -34.64 -6.69
N9A TAD G . -26.67 -33.88 -6.87
C8A TAD G . -26.74 -32.57 -7.13
N7A TAD G . -28.01 -32.21 -7.24
C5A TAD G . -28.77 -33.29 -7.05
C6A TAD G . -30.14 -33.52 -7.04
N6A TAD G . -30.98 -32.49 -7.13
N1A TAD G . -30.57 -34.76 -6.79
C2A TAD G . -29.75 -35.78 -6.57
N3A TAD G . -28.44 -35.58 -6.57
C4A TAD G . -27.91 -34.36 -6.82
C3 TAD G . -23.52 -41.17 -7.55
PN TAD G . -21.82 -41.59 -7.99
O1N TAD G . -21.11 -40.30 -8.17
O2N TAD G . -21.88 -42.53 -9.13
O5D TAD G . -21.24 -42.33 -6.69
C5D TAD G . -21.56 -43.68 -6.37
C4D TAD G . -20.95 -44.09 -5.03
O4D TAD G . -21.32 -43.20 -3.97
C3D TAD G . -21.52 -45.44 -4.56
O3D TAD G . -20.81 -46.53 -5.15
C2D TAD G . -21.27 -45.39 -3.06
O2D TAD G . -20.17 -46.24 -2.72
C1D TAD G . -20.91 -43.92 -2.80
C2N TAD G . -21.65 -43.27 -1.64
N3N TAD G . -22.01 -41.98 -1.60
C4N TAD G . -22.64 -41.63 -0.47
C5N TAD G . -22.84 -42.58 0.45
S1N TAD G . -22.14 -44.00 -0.18
C6N TAD G . -23.05 -40.19 -0.23
O6N TAD G . -23.54 -39.84 0.86
N6N TAD G . -22.77 -39.34 -1.21
PA TAD H . -84.34 -23.23 7.28
O1A TAD H . -83.43 -23.33 6.13
O2A TAD H . -85.80 -23.31 7.05
O5B TAD H . -83.98 -21.85 8.03
C5B TAD H . -84.87 -20.76 7.82
C4B TAD H . -84.47 -19.54 8.64
O4B TAD H . -85.49 -18.61 8.30
C3B TAD H . -84.53 -19.77 10.16
O3B TAD H . -83.55 -19.00 10.86
C2B TAD H . -85.89 -19.16 10.49
O2B TAD H . -85.80 -18.70 11.85
C1B TAD H . -85.82 -17.97 9.54
N9A TAD H . -87.09 -17.23 9.39
C8A TAD H . -87.18 -15.92 9.15
N7A TAD H . -88.46 -15.57 9.06
C5A TAD H . -89.19 -16.66 9.25
C6A TAD H . -90.56 -16.90 9.30
N6A TAD H . -91.42 -15.88 9.23
N1A TAD H . -90.98 -18.17 9.52
C2A TAD H . -90.13 -19.17 9.72
N3A TAD H . -88.82 -18.94 9.69
C4A TAD H . -88.32 -17.72 9.46
C3 TAD H . -83.87 -24.46 8.51
PN TAD H . -82.18 -24.84 8.01
O1N TAD H . -81.47 -23.56 7.84
O2N TAD H . -82.24 -25.76 6.86
O5D TAD H . -81.56 -25.60 9.29
C5D TAD H . -81.87 -26.97 9.60
C4D TAD H . -81.22 -27.39 10.92
O4D TAD H . -81.58 -26.53 12.01
C3D TAD H . -81.75 -28.75 11.37
O3D TAD H . -81.03 -29.83 10.74
C2D TAD H . -81.47 -28.73 12.88
O2D TAD H . -80.34 -29.57 13.18
C1D TAD H . -81.11 -27.25 13.14
C2N TAD H . -81.83 -26.63 14.34
N3N TAD H . -82.21 -25.36 14.41
C4N TAD H . -82.81 -25.04 15.56
C5N TAD H . -82.97 -26.00 16.47
S1N TAD H . -82.25 -27.39 15.80
C6N TAD H . -83.23 -23.60 15.84
O6N TAD H . -83.71 -23.28 16.94
N6N TAD H . -82.99 -22.74 14.86
PA TAD I . 36.71 -53.91 -24.99
O1A TAD I . 37.62 -54.01 -26.15
O2A TAD I . 35.25 -54.02 -25.21
O5B TAD I . 37.07 -52.53 -24.23
C5B TAD I . 36.16 -51.46 -24.43
C4B TAD I . 36.56 -50.23 -23.61
O4B TAD I . 35.50 -49.32 -23.94
C3B TAD I . 36.52 -50.47 -22.10
O3B TAD I . 37.50 -49.68 -21.42
C2B TAD I . 35.15 -49.89 -21.74
O2B TAD I . 35.25 -49.44 -20.39
C1B TAD I . 35.20 -48.70 -22.69
N9A TAD I . 33.93 -47.96 -22.81
C8A TAD I . 33.81 -46.65 -23.03
N7A TAD I . 32.53 -46.32 -23.09
C5A TAD I . 31.81 -47.41 -22.90
C6A TAD I . 30.44 -47.67 -22.84
N6A TAD I . 29.59 -46.66 -22.89
N1A TAD I . 30.05 -48.93 -22.62
C2A TAD I . 30.91 -49.92 -22.45
N3A TAD I . 32.21 -49.70 -22.49
C4A TAD I . 32.70 -48.47 -22.72
C3 TAD I . 37.22 -55.14 -23.78
PN TAD I . 38.90 -55.51 -24.30
O1N TAD I . 39.59 -54.20 -24.48
O2N TAD I . 38.84 -56.42 -25.46
O5D TAD I . 39.54 -56.25 -23.02
C5D TAD I . 39.28 -57.63 -22.73
C4D TAD I . 39.95 -58.05 -21.43
O4D TAD I . 39.60 -57.20 -20.33
C3D TAD I . 39.44 -59.43 -20.96
O3D TAD I . 40.16 -60.49 -21.61
C2D TAD I . 39.75 -59.40 -19.47
O2D TAD I . 40.89 -60.23 -19.21
C1D TAD I . 40.08 -57.94 -19.19
C2N TAD I . 39.39 -57.31 -17.99
N3N TAD I . 38.99 -56.05 -17.90
C4N TAD I . 38.40 -55.75 -16.74
C5N TAD I . 38.25 -56.72 -15.84
S1N TAD I . 38.97 -58.11 -16.52
C6N TAD I . 37.97 -54.31 -16.45
O6N TAD I . 37.49 -53.99 -15.35
N6N TAD I . 38.19 -53.44 -17.43
#